data_6WX6
#
_entry.id   6WX6
#
_cell.length_a   1.00
_cell.length_b   1.00
_cell.length_c   1.00
_cell.angle_alpha   90.00
_cell.angle_beta   90.00
_cell.angle_gamma   90.00
#
_symmetry.space_group_name_H-M   'P 1'
#
loop_
_entity.id
_entity.type
_entity.pdbx_description
1 polymer 'Ferritin light chain'
2 non-polymer 'CALCIUM ION'
3 water water
#
_entity_poly.entity_id   1
_entity_poly.type   'polypeptide(L)'
_entity_poly.pdbx_seq_one_letter_code
;TGWSHPQFEKLKGGSSRGGGGGSGGSGGSGGSMSSQIRQNYSTDVEAAVNSLVNLYLQASYTYLSLGFYFDRDDVALEGV
SHFFRELAEEKREGYERLLKMQNQRGGRALFQDIKKPAEDEWGKTPDAMKAAMALEKKLNQALLDLHALGSARTDPHLCD
FLETHFLDEEVKLIKKMGDHLTNLHRLGGPEAGLGEYLFERLTLRHDGGSGGSGGSGGSGGGASGGS
;
_entity_poly.pdbx_strand_id   A,B,C,D,E,F,G,H,I,J,K,L,M,N,O,P,Q,R,S,T,U,V,W,X
#
# COMPACT_ATOMS: atom_id res chain seq x y z
N SER A 34 -44.90 -9.63 43.25
CA SER A 34 -45.18 -8.23 42.99
C SER A 34 -43.97 -7.58 42.33
N SER A 35 -43.73 -7.93 41.08
CA SER A 35 -42.57 -7.40 40.37
C SER A 35 -42.73 -5.90 40.16
N GLN A 36 -41.67 -5.15 40.47
CA GLN A 36 -41.73 -3.69 40.37
C GLN A 36 -41.92 -3.22 38.94
N ILE A 37 -41.43 -3.97 37.96
CA ILE A 37 -41.50 -3.56 36.56
C ILE A 37 -42.78 -4.01 35.86
N ARG A 38 -43.53 -4.92 36.46
CA ARG A 38 -44.66 -5.54 35.78
C ARG A 38 -45.76 -4.52 35.51
N GLN A 39 -46.19 -4.44 34.26
CA GLN A 39 -47.21 -3.49 33.86
C GLN A 39 -48.04 -4.11 32.75
N ASN A 40 -49.30 -4.41 33.07
CA ASN A 40 -50.27 -4.97 32.13
C ASN A 40 -49.75 -6.26 31.49
N TYR A 41 -49.24 -7.15 32.35
CA TYR A 41 -48.76 -8.47 31.95
C TYR A 41 -49.58 -9.52 32.67
N SER A 42 -50.53 -10.11 31.95
CA SER A 42 -51.46 -11.08 32.51
C SER A 42 -50.74 -12.34 33.00
N THR A 43 -51.25 -12.87 34.12
CA THR A 43 -50.76 -14.16 34.61
C THR A 43 -51.07 -15.28 33.63
N ASP A 44 -52.21 -15.19 32.93
CA ASP A 44 -52.51 -16.17 31.88
C ASP A 44 -51.47 -16.15 30.79
N VAL A 45 -51.04 -14.95 30.38
CA VAL A 45 -49.99 -14.83 29.37
C VAL A 45 -48.67 -15.35 29.93
N GLU A 46 -48.35 -15.01 31.17
CA GLU A 46 -47.12 -15.48 31.81
C GLU A 46 -47.05 -17.00 31.80
N ALA A 47 -48.16 -17.66 32.15
CA ALA A 47 -48.20 -19.12 32.17
C ALA A 47 -48.09 -19.69 30.77
N ALA A 48 -48.81 -19.12 29.80
CA ALA A 48 -48.76 -19.59 28.43
C ALA A 48 -47.37 -19.44 27.83
N VAL A 49 -46.63 -18.40 28.21
CA VAL A 49 -45.27 -18.25 27.74
C VAL A 49 -44.39 -19.38 28.26
N ASN A 50 -44.53 -19.71 29.55
CA ASN A 50 -43.74 -20.79 30.12
C ASN A 50 -44.08 -22.13 29.50
N SER A 51 -45.34 -22.35 29.15
CA SER A 51 -45.71 -23.57 28.43
C SER A 51 -45.10 -23.61 27.05
N LEU A 52 -45.05 -22.46 26.36
CA LEU A 52 -44.42 -22.39 25.06
C LEU A 52 -42.92 -22.59 25.15
N VAL A 53 -42.30 -22.13 26.24
CA VAL A 53 -40.89 -22.40 26.47
C VAL A 53 -40.65 -23.91 26.57
N ASN A 54 -41.54 -24.62 27.25
CA ASN A 54 -41.41 -26.07 27.36
C ASN A 54 -41.57 -26.75 26.01
N LEU A 55 -42.54 -26.31 25.21
CA LEU A 55 -42.75 -26.87 23.89
C LEU A 55 -41.54 -26.66 23.00
N TYR A 56 -40.87 -25.51 23.13
CA TYR A 56 -39.68 -25.24 22.33
C TYR A 56 -38.49 -26.05 22.83
N LEU A 57 -38.37 -26.22 24.15
CA LEU A 57 -37.35 -27.11 24.69
C LEU A 57 -37.54 -28.52 24.18
N GLN A 58 -38.79 -29.00 24.18
CA GLN A 58 -39.10 -30.32 23.65
C GLN A 58 -38.81 -30.41 22.15
N ALA A 59 -39.08 -29.33 21.42
CA ALA A 59 -38.83 -29.33 19.98
C ALA A 59 -37.34 -29.41 19.68
N SER A 60 -36.53 -28.63 20.40
CA SER A 60 -35.08 -28.69 20.24
C SER A 60 -34.57 -30.09 20.54
N TYR A 61 -35.11 -30.74 21.57
CA TYR A 61 -34.68 -32.07 21.96
C TYR A 61 -35.05 -33.10 20.90
N THR A 62 -36.22 -32.96 20.28
CA THR A 62 -36.61 -33.83 19.19
C THR A 62 -35.68 -33.69 18.00
N TYR A 63 -35.29 -32.46 17.66
CA TYR A 63 -34.39 -32.25 16.54
C TYR A 63 -32.98 -32.69 16.87
N LEU A 64 -32.60 -32.66 18.14
CA LEU A 64 -31.33 -33.27 18.55
C LEU A 64 -31.31 -34.75 18.20
N SER A 65 -32.37 -35.46 18.57
CA SER A 65 -32.45 -36.89 18.28
C SER A 65 -32.48 -37.16 16.79
N LEU A 66 -33.23 -36.35 16.04
CA LEU A 66 -33.27 -36.52 14.58
C LEU A 66 -31.90 -36.33 13.96
N GLY A 67 -31.17 -35.30 14.40
CA GLY A 67 -29.86 -35.04 13.83
C GLY A 67 -28.86 -36.14 14.05
N PHE A 68 -28.87 -36.74 15.24
CA PHE A 68 -27.94 -37.80 15.57
C PHE A 68 -28.39 -39.16 15.03
N TYR A 69 -29.68 -39.33 14.77
CA TYR A 69 -30.14 -40.53 14.09
C TYR A 69 -29.61 -40.59 12.66
N PHE A 70 -29.64 -39.47 11.95
CA PHE A 70 -29.13 -39.42 10.58
C PHE A 70 -27.61 -39.32 10.52
N ASP A 71 -26.94 -39.19 11.66
CA ASP A 71 -25.49 -39.34 11.77
C ASP A 71 -25.07 -40.79 12.06
N ARG A 72 -26.03 -41.69 12.31
CA ARG A 72 -25.72 -43.09 12.50
C ARG A 72 -25.05 -43.68 11.25
N ASP A 73 -24.19 -44.67 11.47
CA ASP A 73 -23.47 -45.28 10.37
C ASP A 73 -24.40 -46.02 9.42
N ASP A 74 -25.49 -46.56 9.94
CA ASP A 74 -26.47 -47.29 9.14
C ASP A 74 -27.61 -46.42 8.62
N VAL A 75 -27.48 -45.09 8.73
CA VAL A 75 -28.40 -44.16 8.08
C VAL A 75 -27.58 -43.28 7.14
N ALA A 76 -26.62 -42.55 7.72
CA ALA A 76 -25.53 -41.92 6.98
C ALA A 76 -26.04 -40.95 5.90
N LEU A 77 -26.76 -39.93 6.37
CA LEU A 77 -27.24 -38.84 5.53
C LEU A 77 -26.82 -37.54 6.20
N GLU A 78 -25.68 -37.02 5.77
CA GLU A 78 -25.02 -35.93 6.48
C GLU A 78 -25.82 -34.64 6.37
N GLY A 79 -26.31 -34.33 5.17
CA GLY A 79 -27.10 -33.12 4.99
C GLY A 79 -28.39 -33.14 5.78
N VAL A 80 -28.99 -34.30 5.95
CA VAL A 80 -30.22 -34.41 6.74
C VAL A 80 -29.92 -34.17 8.21
N SER A 81 -28.84 -34.76 8.72
CA SER A 81 -28.44 -34.53 10.11
C SER A 81 -28.17 -33.05 10.36
N HIS A 82 -27.46 -32.39 9.44
CA HIS A 82 -27.15 -30.98 9.60
C HIS A 82 -28.41 -30.13 9.55
N PHE A 83 -29.37 -30.50 8.71
CA PHE A 83 -30.64 -29.79 8.61
C PHE A 83 -31.36 -29.78 9.94
N PHE A 84 -31.47 -30.94 10.58
CA PHE A 84 -32.17 -31.04 11.86
C PHE A 84 -31.34 -30.48 13.00
N ARG A 85 -30.01 -30.56 12.92
CA ARG A 85 -29.18 -29.97 13.96
C ARG A 85 -29.29 -28.45 13.95
N GLU A 86 -29.41 -27.85 12.76
CA GLU A 86 -29.60 -26.40 12.68
C GLU A 86 -30.94 -26.00 13.27
N LEU A 87 -31.96 -26.84 13.08
CA LEU A 87 -33.28 -26.51 13.62
C LEU A 87 -33.30 -26.59 15.15
N ALA A 88 -32.54 -27.51 15.73
CA ALA A 88 -32.45 -27.58 17.18
C ALA A 88 -31.89 -26.28 17.75
N GLU A 89 -30.94 -25.67 17.05
CA GLU A 89 -30.41 -24.38 17.48
C GLU A 89 -31.43 -23.27 17.29
N GLU A 90 -32.20 -23.32 16.21
CA GLU A 90 -33.25 -22.32 16.01
C GLU A 90 -34.30 -22.38 17.10
N LYS A 91 -34.70 -23.60 17.51
CA LYS A 91 -35.63 -23.73 18.62
C LYS A 91 -35.00 -23.27 19.92
N ARG A 92 -33.67 -23.44 20.05
CA ARG A 92 -32.99 -22.98 21.26
C ARG A 92 -33.01 -21.47 21.37
N GLU A 93 -32.72 -20.78 20.27
CA GLU A 93 -32.84 -19.33 20.22
C GLU A 93 -34.29 -18.88 20.44
N GLY A 94 -35.25 -19.73 20.12
CA GLY A 94 -36.64 -19.47 20.40
C GLY A 94 -36.96 -19.34 21.88
N TYR A 95 -36.71 -20.39 22.67
CA TYR A 95 -37.06 -20.32 24.08
C TYR A 95 -36.16 -19.36 24.84
N GLU A 96 -34.95 -19.11 24.37
CA GLU A 96 -34.11 -18.10 24.99
C GLU A 96 -34.69 -16.71 24.80
N ARG A 97 -35.20 -16.42 23.60
CA ARG A 97 -35.89 -15.16 23.36
C ARG A 97 -37.13 -15.03 24.22
N LEU A 98 -37.90 -16.12 24.36
CA LEU A 98 -39.08 -16.12 25.21
C LEU A 98 -38.72 -15.85 26.67
N LEU A 99 -37.66 -16.49 27.16
CA LEU A 99 -37.25 -16.30 28.55
C LEU A 99 -36.74 -14.89 28.79
N LYS A 100 -36.03 -14.31 27.83
CA LYS A 100 -35.61 -12.91 27.92
C LYS A 100 -36.84 -11.99 28.02
N MET A 101 -37.83 -12.23 27.17
CA MET A 101 -39.05 -11.41 27.20
C MET A 101 -39.79 -11.57 28.52
N GLN A 102 -39.85 -12.79 29.03
CA GLN A 102 -40.53 -13.05 30.30
C GLN A 102 -39.92 -12.20 31.42
N ASN A 103 -38.60 -12.10 31.45
CA ASN A 103 -37.93 -11.29 32.46
C ASN A 103 -38.11 -9.80 32.19
N GLN A 104 -38.10 -9.40 30.91
CA GLN A 104 -38.32 -8.00 30.56
C GLN A 104 -39.67 -7.49 31.06
N ARG A 105 -40.69 -8.34 31.02
CA ARG A 105 -42.05 -7.97 31.40
C ARG A 105 -42.35 -8.22 32.87
N GLY A 106 -41.37 -8.66 33.65
CA GLY A 106 -41.60 -8.94 35.04
C GLY A 106 -42.26 -10.26 35.34
N GLY A 107 -42.33 -11.16 34.37
CA GLY A 107 -42.80 -12.51 34.61
C GLY A 107 -41.70 -13.40 35.15
N ARG A 108 -42.10 -14.58 35.59
CA ARG A 108 -41.21 -15.51 36.27
C ARG A 108 -41.21 -16.85 35.56
N ALA A 109 -40.03 -17.26 35.10
CA ALA A 109 -39.89 -18.53 34.42
C ALA A 109 -40.12 -19.69 35.38
N LEU A 110 -40.91 -20.65 34.93
CA LEU A 110 -41.18 -21.88 35.68
C LEU A 110 -40.89 -23.05 34.74
N PHE A 111 -39.83 -23.78 35.04
CA PHE A 111 -39.36 -24.85 34.19
C PHE A 111 -39.94 -26.18 34.64
N GLN A 112 -40.41 -26.95 33.67
CA GLN A 112 -40.94 -28.29 33.89
C GLN A 112 -40.06 -29.30 33.17
N ASP A 113 -40.34 -30.58 33.45
CA ASP A 113 -39.61 -31.65 32.80
C ASP A 113 -39.81 -31.61 31.29
N ILE A 114 -38.74 -31.89 30.55
CA ILE A 114 -38.76 -31.90 29.09
C ILE A 114 -38.98 -33.34 28.65
N LYS A 115 -40.10 -33.60 28.00
CA LYS A 115 -40.43 -34.94 27.56
C LYS A 115 -39.47 -35.40 26.47
N LYS A 116 -39.15 -36.69 26.49
CA LYS A 116 -38.31 -37.25 25.46
C LYS A 116 -39.02 -37.22 24.11
N PRO A 117 -38.28 -37.35 23.01
CA PRO A 117 -38.93 -37.42 21.70
C PRO A 117 -39.83 -38.65 21.58
N ALA A 118 -40.85 -38.52 20.73
CA ALA A 118 -41.84 -39.57 20.57
C ALA A 118 -41.27 -40.84 19.96
N GLU A 119 -40.15 -40.73 19.24
CA GLU A 119 -39.52 -41.86 18.59
C GLU A 119 -38.03 -41.89 18.90
N ASP A 120 -37.49 -43.10 18.96
CA ASP A 120 -36.06 -43.31 19.03
C ASP A 120 -35.44 -43.46 17.64
N GLU A 121 -36.16 -44.12 16.73
CA GLU A 121 -35.76 -44.27 15.34
C GLU A 121 -36.76 -43.55 14.46
N TRP A 122 -36.25 -42.74 13.53
CA TRP A 122 -37.07 -41.84 12.72
C TRP A 122 -37.24 -42.29 11.28
N GLY A 123 -36.88 -43.53 10.96
CA GLY A 123 -37.12 -44.06 9.63
C GLY A 123 -36.28 -43.36 8.58
N LYS A 124 -36.89 -43.12 7.44
CA LYS A 124 -36.24 -42.50 6.29
C LYS A 124 -36.55 -41.00 6.25
N THR A 125 -35.86 -40.30 5.35
CA THR A 125 -35.97 -38.85 5.29
C THR A 125 -37.40 -38.34 5.08
N PRO A 126 -38.24 -38.95 4.24
CA PRO A 126 -39.64 -38.49 4.17
C PRO A 126 -40.38 -38.62 5.48
N ASP A 127 -40.17 -39.72 6.21
CA ASP A 127 -40.84 -39.91 7.49
C ASP A 127 -40.37 -38.88 8.52
N ALA A 128 -39.08 -38.59 8.52
CA ALA A 128 -38.52 -37.62 9.46
C ALA A 128 -39.01 -36.21 9.14
N MET A 129 -39.01 -35.84 7.86
CA MET A 129 -39.48 -34.50 7.48
C MET A 129 -40.96 -34.33 7.80
N LYS A 130 -41.76 -35.38 7.65
CA LYS A 130 -43.16 -35.30 8.00
C LYS A 130 -43.35 -35.09 9.50
N ALA A 131 -42.52 -35.74 10.32
CA ALA A 131 -42.59 -35.53 11.76
C ALA A 131 -42.16 -34.12 12.14
N ALA A 132 -41.11 -33.61 11.50
CA ALA A 132 -40.67 -32.24 11.74
C ALA A 132 -41.74 -31.25 11.29
N MET A 133 -42.43 -31.56 10.19
CA MET A 133 -43.54 -30.73 9.73
C MET A 133 -44.64 -30.66 10.77
N ALA A 134 -45.04 -31.81 11.31
CA ALA A 134 -46.09 -31.85 12.32
C ALA A 134 -45.67 -31.12 13.58
N LEU A 135 -44.39 -31.19 13.93
CA LEU A 135 -43.90 -30.48 15.11
C LEU A 135 -43.97 -28.98 14.93
N GLU A 136 -43.53 -28.48 13.77
CA GLU A 136 -43.56 -27.04 13.52
C GLU A 136 -44.99 -26.52 13.45
N LYS A 137 -45.91 -27.31 12.91
CA LYS A 137 -47.32 -26.91 12.90
C LYS A 137 -47.89 -26.83 14.31
N LYS A 138 -47.49 -27.76 15.19
CA LYS A 138 -47.90 -27.70 16.58
C LYS A 138 -47.35 -26.45 17.26
N LEU A 139 -46.08 -26.13 17.01
CA LEU A 139 -45.50 -24.90 17.54
C LEU A 139 -46.21 -23.68 16.99
N ASN A 140 -46.53 -23.69 15.70
CA ASN A 140 -47.22 -22.56 15.09
C ASN A 140 -48.60 -22.37 15.70
N GLN A 141 -49.31 -23.47 15.97
CA GLN A 141 -50.63 -23.36 16.57
C GLN A 141 -50.55 -22.82 17.99
N ALA A 142 -49.50 -23.17 18.72
CA ALA A 142 -49.31 -22.63 20.06
C ALA A 142 -48.99 -21.14 19.99
N LEU A 143 -48.19 -20.71 19.02
CA LEU A 143 -47.88 -19.31 18.85
C LEU A 143 -49.14 -18.50 18.53
N LEU A 144 -49.97 -19.02 17.61
CA LEU A 144 -51.19 -18.33 17.24
C LEU A 144 -52.17 -18.26 18.40
N ASP A 145 -52.23 -19.31 19.20
CA ASP A 145 -53.08 -19.30 20.39
C ASP A 145 -52.59 -18.28 21.41
N LEU A 146 -51.27 -18.17 21.59
CA LEU A 146 -50.73 -17.18 22.51
C LEU A 146 -50.99 -15.77 22.02
N HIS A 147 -50.86 -15.54 20.71
CA HIS A 147 -51.21 -14.24 20.14
C HIS A 147 -52.68 -13.92 20.37
N ALA A 148 -53.55 -14.90 20.17
CA ALA A 148 -54.97 -14.69 20.42
C ALA A 148 -55.24 -14.40 21.90
N LEU A 149 -54.50 -15.05 22.79
CA LEU A 149 -54.63 -14.76 24.21
C LEU A 149 -54.16 -13.36 24.53
N GLY A 150 -53.01 -12.96 23.98
CA GLY A 150 -52.52 -11.62 24.22
C GLY A 150 -53.45 -10.54 23.69
N SER A 151 -54.08 -10.80 22.55
CA SER A 151 -55.06 -9.86 22.02
C SER A 151 -56.27 -9.76 22.92
N ALA A 152 -56.77 -10.90 23.41
CA ALA A 152 -57.91 -10.88 24.32
C ALA A 152 -57.58 -10.16 25.62
N ARG A 153 -56.34 -10.29 26.10
CA ARG A 153 -55.88 -9.62 27.30
C ARG A 153 -55.31 -8.23 27.02
N THR A 154 -55.30 -7.78 25.77
CA THR A 154 -54.82 -6.46 25.40
C THR A 154 -53.36 -6.28 25.80
N ASP A 155 -52.50 -7.11 25.20
CA ASP A 155 -51.06 -7.12 25.45
C ASP A 155 -50.34 -6.90 24.11
N PRO A 156 -50.22 -5.64 23.67
CA PRO A 156 -49.63 -5.42 22.34
C PRO A 156 -48.14 -5.69 22.25
N HIS A 157 -47.39 -5.52 23.33
CA HIS A 157 -45.97 -5.89 23.30
C HIS A 157 -45.78 -7.36 22.99
N LEU A 158 -46.57 -8.23 23.65
CA LEU A 158 -46.49 -9.65 23.38
C LEU A 158 -46.84 -9.96 21.94
N CYS A 159 -47.96 -9.41 21.47
CA CYS A 159 -48.43 -9.69 20.11
C CYS A 159 -47.41 -9.28 19.07
N ASP A 160 -46.81 -8.10 19.23
CA ASP A 160 -45.78 -7.66 18.29
C ASP A 160 -44.49 -8.45 18.45
N PHE A 161 -44.20 -8.90 19.66
CA PHE A 161 -43.02 -9.72 19.91
C PHE A 161 -43.09 -11.03 19.13
N LEU A 162 -44.26 -11.68 19.16
CA LEU A 162 -44.45 -12.91 18.40
C LEU A 162 -44.44 -12.65 16.91
N GLU A 163 -45.06 -11.54 16.48
CA GLU A 163 -45.10 -11.19 15.07
C GLU A 163 -43.70 -10.93 14.53
N THR A 164 -42.85 -10.32 15.34
CA THR A 164 -41.53 -9.91 14.87
C THR A 164 -40.55 -11.07 14.80
N HIS A 165 -40.64 -12.00 15.75
CA HIS A 165 -39.59 -12.99 15.97
C HIS A 165 -40.00 -14.43 15.69
N PHE A 166 -41.29 -14.75 15.72
CA PHE A 166 -41.75 -16.14 15.69
C PHE A 166 -42.66 -16.47 14.51
N LEU A 167 -43.70 -15.67 14.25
CA LEU A 167 -44.75 -16.08 13.34
C LEU A 167 -44.25 -16.24 11.91
N ASP A 168 -43.45 -15.29 11.42
CA ASP A 168 -42.93 -15.40 10.06
C ASP A 168 -41.88 -16.47 9.96
N GLU A 169 -41.07 -16.67 11.01
CA GLU A 169 -40.09 -17.73 11.02
C GLU A 169 -40.74 -19.10 10.83
N GLU A 170 -41.88 -19.33 11.50
CA GLU A 170 -42.55 -20.61 11.38
C GLU A 170 -43.18 -20.79 10.00
N VAL A 171 -43.79 -19.73 9.47
CA VAL A 171 -44.39 -19.79 8.14
C VAL A 171 -43.34 -20.12 7.10
N LYS A 172 -42.16 -19.49 7.20
CA LYS A 172 -41.09 -19.75 6.26
C LYS A 172 -40.59 -21.18 6.37
N LEU A 173 -40.42 -21.67 7.61
CA LEU A 173 -39.89 -23.00 7.83
C LEU A 173 -40.88 -24.07 7.36
N ILE A 174 -42.17 -23.87 7.65
CA ILE A 174 -43.17 -24.83 7.21
C ILE A 174 -43.24 -24.88 5.69
N LYS A 175 -43.03 -23.74 5.03
CA LYS A 175 -42.98 -23.69 3.58
C LYS A 175 -41.79 -24.51 3.05
N LYS A 176 -40.62 -24.33 3.66
CA LYS A 176 -39.44 -25.05 3.21
C LYS A 176 -39.59 -26.55 3.41
N MET A 177 -40.15 -26.98 4.54
CA MET A 177 -40.38 -28.40 4.77
C MET A 177 -41.37 -28.96 3.77
N GLY A 178 -42.41 -28.19 3.44
CA GLY A 178 -43.35 -28.61 2.42
C GLY A 178 -42.69 -28.77 1.06
N ASP A 179 -41.78 -27.86 0.73
CA ASP A 179 -41.02 -27.98 -0.51
C ASP A 179 -40.17 -29.24 -0.50
N HIS A 180 -39.51 -29.52 0.62
CA HIS A 180 -38.69 -30.73 0.74
C HIS A 180 -39.54 -31.98 0.58
N LEU A 181 -40.72 -32.02 1.21
CA LEU A 181 -41.58 -33.19 1.11
C LEU A 181 -42.08 -33.41 -0.31
N THR A 182 -42.35 -32.34 -1.05
CA THR A 182 -42.79 -32.47 -2.44
C THR A 182 -41.68 -33.05 -3.29
N ASN A 183 -40.45 -32.57 -3.13
CA ASN A 183 -39.33 -33.09 -3.88
C ASN A 183 -39.01 -34.53 -3.49
N LEU A 184 -39.13 -34.86 -2.20
CA LEU A 184 -38.90 -36.23 -1.76
C LEU A 184 -39.95 -37.18 -2.34
N HIS A 185 -41.20 -36.73 -2.42
CA HIS A 185 -42.24 -37.53 -3.05
C HIS A 185 -41.99 -37.66 -4.55
N ARG A 186 -41.49 -36.60 -5.18
CA ARG A 186 -41.12 -36.65 -6.58
C ARG A 186 -40.00 -37.64 -6.82
N LEU A 187 -39.07 -37.74 -5.88
CA LEU A 187 -37.94 -38.66 -5.94
C LEU A 187 -38.25 -40.03 -5.35
N GLY A 188 -39.53 -40.33 -5.11
CA GLY A 188 -39.91 -41.60 -4.53
C GLY A 188 -39.95 -42.71 -5.54
N GLY A 189 -40.68 -43.76 -5.20
CA GLY A 189 -40.86 -44.90 -6.07
C GLY A 189 -39.86 -46.00 -5.76
N PRO A 190 -39.64 -46.93 -6.70
CA PRO A 190 -38.67 -48.00 -6.46
C PRO A 190 -37.23 -47.52 -6.43
N GLU A 191 -36.95 -46.31 -6.92
CA GLU A 191 -35.64 -45.68 -6.79
C GLU A 191 -35.54 -44.77 -5.57
N ALA A 192 -36.27 -45.11 -4.50
CA ALA A 192 -36.35 -44.23 -3.34
C ALA A 192 -34.99 -44.02 -2.69
N GLY A 193 -34.19 -45.08 -2.58
CA GLY A 193 -32.86 -44.94 -2.01
C GLY A 193 -31.99 -44.00 -2.83
N LEU A 194 -32.00 -44.17 -4.14
CA LEU A 194 -31.31 -43.24 -5.02
C LEU A 194 -31.84 -41.82 -4.85
N GLY A 195 -33.16 -41.67 -4.77
CA GLY A 195 -33.74 -40.36 -4.55
C GLY A 195 -33.32 -39.75 -3.23
N GLU A 196 -33.27 -40.57 -2.18
CA GLU A 196 -32.86 -40.09 -0.87
C GLU A 196 -31.42 -39.58 -0.89
N TYR A 197 -30.53 -40.30 -1.57
CA TYR A 197 -29.15 -39.88 -1.70
C TYR A 197 -29.04 -38.56 -2.47
N LEU A 198 -29.74 -38.45 -3.59
CA LEU A 198 -29.64 -37.25 -4.41
C LEU A 198 -30.23 -36.03 -3.70
N PHE A 199 -31.32 -36.21 -2.96
CA PHE A 199 -31.89 -35.11 -2.20
C PHE A 199 -30.88 -34.58 -1.18
N GLU A 200 -30.24 -35.48 -0.45
CA GLU A 200 -29.26 -35.07 0.55
C GLU A 200 -28.06 -34.40 -0.09
N ARG A 201 -27.63 -34.90 -1.25
CA ARG A 201 -26.45 -34.37 -1.92
C ARG A 201 -26.72 -33.01 -2.56
N LEU A 202 -27.86 -32.84 -3.23
CA LEU A 202 -28.08 -31.70 -4.10
C LEU A 202 -29.04 -30.65 -3.56
N THR A 203 -29.84 -30.95 -2.54
CA THR A 203 -30.68 -29.96 -1.87
C THR A 203 -30.18 -29.61 -0.48
N LEU A 204 -29.84 -30.60 0.34
CA LEU A 204 -29.47 -30.39 1.73
C LEU A 204 -27.98 -30.33 1.98
N ARG A 205 -27.15 -30.61 0.97
CA ARG A 205 -25.71 -30.72 1.15
C ARG A 205 -25.37 -31.79 2.18
N SER B 34 9.92 6.96 61.90
CA SER B 34 10.32 5.56 61.80
C SER B 34 9.75 4.96 60.52
N SER B 35 10.30 5.38 59.39
CA SER B 35 9.81 4.89 58.11
C SER B 35 10.09 3.40 57.97
N GLN B 36 9.06 2.65 57.55
CA GLN B 36 9.19 1.20 57.44
C GLN B 36 10.21 0.79 56.38
N ILE B 37 10.39 1.60 55.34
CA ILE B 37 11.29 1.25 54.25
C ILE B 37 12.72 1.71 54.47
N ARG B 38 12.96 2.58 55.45
CA ARG B 38 14.27 3.21 55.60
C ARG B 38 15.31 2.19 56.00
N GLN B 39 16.41 2.16 55.25
CA GLN B 39 17.48 1.21 55.49
C GLN B 39 18.80 1.87 55.14
N ASN B 40 19.62 2.13 56.16
CA ASN B 40 20.94 2.72 56.02
C ASN B 40 20.89 4.05 55.25
N TYR B 41 19.96 4.91 55.67
CA TYR B 41 19.79 6.25 55.12
C TYR B 41 20.00 7.26 56.25
N SER B 42 21.18 7.87 56.26
CA SER B 42 21.57 8.80 57.31
C SER B 42 20.69 10.03 57.33
N THR B 43 20.42 10.51 58.55
CA THR B 43 19.71 11.79 58.71
C THR B 43 20.53 12.94 58.18
N ASP B 44 21.86 12.87 58.28
CA ASP B 44 22.72 13.89 57.67
C ASP B 44 22.53 13.94 56.17
N VAL B 45 22.46 12.77 55.53
CA VAL B 45 22.22 12.71 54.09
C VAL B 45 20.83 13.22 53.77
N GLU B 46 19.83 12.82 54.56
CA GLU B 46 18.46 13.29 54.35
C GLU B 46 18.39 14.81 54.38
N ALA B 47 19.05 15.43 55.35
CA ALA B 47 19.05 16.88 55.46
C ALA B 47 19.78 17.52 54.29
N ALA B 48 20.96 16.98 53.93
CA ALA B 48 21.74 17.52 52.82
C ALA B 48 20.97 17.43 51.50
N VAL B 49 20.18 16.38 51.32
CA VAL B 49 19.37 16.27 50.12
C VAL B 49 18.33 17.38 50.06
N ASN B 50 17.67 17.65 51.19
CA ASN B 50 16.67 18.72 51.22
C ASN B 50 17.30 20.09 50.99
N SER B 51 18.52 20.30 51.48
CA SER B 51 19.23 21.54 51.18
C SER B 51 19.57 21.65 49.71
N LEU B 52 19.95 20.54 49.09
CA LEU B 52 20.24 20.54 47.66
C LEU B 52 18.97 20.75 46.84
N VAL B 53 17.83 20.26 47.32
CA VAL B 53 16.55 20.54 46.67
C VAL B 53 16.29 22.04 46.68
N ASN B 54 16.58 22.72 47.79
CA ASN B 54 16.40 24.16 47.87
C ASN B 54 17.32 24.89 46.91
N LEU B 55 18.58 24.47 46.84
CA LEU B 55 19.52 25.09 45.93
C LEU B 55 19.09 24.94 44.48
N TYR B 56 18.50 23.79 44.14
CA TYR B 56 18.03 23.58 42.77
C TYR B 56 16.76 24.38 42.50
N LEU B 57 15.87 24.50 43.48
CA LEU B 57 14.71 25.37 43.35
C LEU B 57 15.15 26.82 43.12
N GLN B 58 16.15 27.26 43.89
CA GLN B 58 16.69 28.61 43.71
C GLN B 58 17.36 28.77 42.34
N ALA B 59 18.04 27.72 41.87
CA ALA B 59 18.69 27.80 40.57
C ALA B 59 17.67 27.90 39.44
N SER B 60 16.61 27.10 39.49
CA SER B 60 15.54 27.20 38.51
C SER B 60 14.93 28.59 38.49
N TYR B 61 14.73 29.18 39.68
CA TYR B 61 14.14 30.50 39.79
C TYR B 61 15.05 31.57 39.21
N THR B 62 16.36 31.43 39.40
CA THR B 62 17.32 32.36 38.82
C THR B 62 17.30 32.28 37.30
N TYR B 63 17.20 31.08 36.74
CA TYR B 63 17.15 30.92 35.30
C TYR B 63 15.82 31.37 34.73
N LEU B 64 14.75 31.29 35.52
CA LEU B 64 13.48 31.90 35.12
C LEU B 64 13.65 33.39 34.89
N SER B 65 14.27 34.08 35.85
CA SER B 65 14.49 35.52 35.74
C SER B 65 15.40 35.86 34.58
N LEU B 66 16.46 35.07 34.39
CA LEU B 66 17.37 35.30 33.26
C LEU B 66 16.64 35.16 31.93
N GLY B 67 15.81 34.12 31.79
CA GLY B 67 15.11 33.90 30.54
C GLY B 67 14.16 35.02 30.17
N PHE B 68 13.45 35.56 31.16
CA PHE B 68 12.48 36.63 30.91
C PHE B 68 13.14 37.99 30.80
N TYR B 69 14.33 38.15 31.38
CA TYR B 69 15.09 39.38 31.17
C TYR B 69 15.52 39.51 29.72
N PHE B 70 15.99 38.43 29.11
CA PHE B 70 16.40 38.44 27.71
C PHE B 70 15.22 38.37 26.74
N ASP B 71 14.00 38.19 27.25
CA ASP B 71 12.77 38.37 26.47
C ASP B 71 12.25 39.81 26.53
N ARG B 72 12.84 40.67 27.34
CA ARG B 72 12.46 42.07 27.37
C ARG B 72 12.66 42.73 26.00
N ASP B 73 11.83 43.72 25.71
CA ASP B 73 11.90 44.39 24.42
C ASP B 73 13.20 45.16 24.25
N ASP B 74 13.77 45.67 25.35
CA ASP B 74 15.01 46.42 25.32
C ASP B 74 16.24 45.55 25.54
N VAL B 75 16.10 44.22 25.49
CA VAL B 75 17.24 43.31 25.49
C VAL B 75 17.15 42.49 24.21
N ALA B 76 16.06 41.74 24.06
CA ALA B 76 15.64 41.16 22.79
C ALA B 76 16.71 40.24 22.19
N LEU B 77 17.02 39.19 22.94
CA LEU B 77 17.91 38.12 22.51
C LEU B 77 17.20 36.80 22.74
N GLU B 78 16.55 36.33 21.69
CA GLU B 78 15.62 35.21 21.80
C GLU B 78 16.34 33.91 22.13
N GLY B 79 17.46 33.65 21.46
CA GLY B 79 18.21 32.44 21.73
C GLY B 79 18.77 32.39 23.14
N VAL B 80 19.14 33.55 23.69
CA VAL B 80 19.65 33.60 25.06
C VAL B 80 18.53 33.30 26.05
N SER B 81 17.35 33.87 25.84
CA SER B 81 16.20 33.59 26.68
C SER B 81 15.86 32.10 26.67
N HIS B 82 15.85 31.50 25.48
CA HIS B 82 15.53 30.09 25.36
C HIS B 82 16.58 29.23 26.03
N PHE B 83 17.85 29.63 25.95
CA PHE B 83 18.93 28.89 26.58
C PHE B 83 18.72 28.81 28.09
N PHE B 84 18.40 29.95 28.72
CA PHE B 84 18.18 29.97 30.16
C PHE B 84 16.85 29.37 30.55
N ARG B 85 15.84 29.48 29.70
CA ARG B 85 14.55 28.85 30.01
C ARG B 85 14.68 27.33 29.99
N GLU B 86 15.48 26.79 29.08
CA GLU B 86 15.71 25.35 29.07
C GLU B 86 16.45 24.88 30.32
N LEU B 87 17.36 25.71 30.83
CA LEU B 87 18.10 25.36 32.03
C LEU B 87 17.20 25.35 33.26
N ALA B 88 16.23 26.27 33.32
CA ALA B 88 15.28 26.26 34.43
C ALA B 88 14.51 24.95 34.49
N GLU B 89 14.18 24.38 33.33
CA GLU B 89 13.51 23.09 33.30
C GLU B 89 14.46 21.97 33.71
N GLU B 90 15.73 22.05 33.31
CA GLU B 90 16.70 21.05 33.73
C GLU B 90 16.90 21.05 35.24
N LYS B 91 16.95 22.24 35.85
CA LYS B 91 17.03 22.31 37.30
C LYS B 91 15.75 21.80 37.95
N ARG B 92 14.61 21.97 37.27
CA ARG B 92 13.34 21.48 37.81
C ARG B 92 13.32 19.95 37.84
N GLU B 93 13.75 19.33 36.74
CA GLU B 93 13.90 17.88 36.72
C GLU B 93 14.93 17.40 37.74
N GLY B 94 15.89 18.25 38.10
CA GLY B 94 16.83 17.95 39.14
C GLY B 94 16.20 17.76 40.51
N TYR B 95 15.52 18.77 41.04
CA TYR B 95 14.96 18.62 42.37
C TYR B 95 13.80 17.65 42.41
N GLU B 96 13.11 17.44 41.29
CA GLU B 96 12.08 16.42 41.23
C GLU B 96 12.68 15.02 41.37
N ARG B 97 13.82 14.78 40.69
CA ARG B 97 14.53 13.52 40.86
C ARG B 97 15.01 13.34 42.29
N LEU B 98 15.52 14.40 42.91
CA LEU B 98 15.96 14.34 44.29
C LEU B 98 14.80 14.02 45.23
N LEU B 99 13.65 14.65 45.02
CA LEU B 99 12.50 14.41 45.89
C LEU B 99 11.95 12.99 45.70
N LYS B 100 11.97 12.47 44.48
CA LYS B 100 11.60 11.07 44.24
C LYS B 100 12.54 10.14 45.01
N MET B 101 13.85 10.39 44.94
CA MET B 101 14.81 9.56 45.65
C MET B 101 14.61 9.64 47.15
N GLN B 102 14.34 10.85 47.66
CA GLN B 102 14.11 11.03 49.09
C GLN B 102 12.97 10.14 49.58
N ASN B 103 11.89 10.06 48.81
CA ASN B 103 10.77 9.21 49.18
C ASN B 103 11.10 7.73 49.00
N GLN B 104 11.86 7.40 47.96
CA GLN B 104 12.27 6.00 47.75
C GLN B 104 13.05 5.46 48.93
N ARG B 105 13.88 6.29 49.55
CA ARG B 105 14.75 5.88 50.65
C ARG B 105 14.11 6.06 52.02
N GLY B 106 12.85 6.48 52.07
CA GLY B 106 12.19 6.69 53.34
C GLY B 106 12.54 7.99 54.03
N GLY B 107 13.16 8.94 53.33
CA GLY B 107 13.36 10.26 53.88
C GLY B 107 12.15 11.13 53.69
N ARG B 108 12.19 12.29 54.33
CA ARG B 108 11.05 13.19 54.39
C ARG B 108 11.46 14.57 53.88
N ALA B 109 10.78 15.03 52.83
CA ALA B 109 11.05 16.33 52.24
C ALA B 109 10.65 17.44 53.20
N LEU B 110 11.54 18.41 53.38
CA LEU B 110 11.28 19.59 54.18
C LEU B 110 11.59 20.81 53.32
N PHE B 111 10.55 21.54 52.96
CA PHE B 111 10.67 22.66 52.04
C PHE B 111 10.85 23.96 52.80
N GLN B 112 11.80 24.76 52.36
CA GLN B 112 12.08 26.08 52.91
C GLN B 112 11.78 27.14 51.85
N ASP B 113 11.83 28.40 52.29
CA ASP B 113 11.61 29.52 51.39
C ASP B 113 12.67 29.52 50.30
N ILE B 114 12.26 29.86 49.09
CA ILE B 114 13.14 29.94 47.93
C ILE B 114 13.55 31.39 47.78
N LYS B 115 14.84 31.67 47.94
CA LYS B 115 15.34 33.03 47.84
C LYS B 115 15.23 33.54 46.42
N LYS B 116 14.95 34.84 46.30
CA LYS B 116 14.87 35.47 45.00
C LYS B 116 16.25 35.49 44.35
N PRO B 117 16.31 35.67 43.03
CA PRO B 117 17.63 35.79 42.38
C PRO B 117 18.39 37.00 42.88
N ALA B 118 19.71 36.90 42.80
CA ALA B 118 20.59 37.94 43.32
C ALA B 118 20.47 39.25 42.54
N GLU B 119 20.03 39.19 41.29
CA GLU B 119 19.89 40.36 40.45
C GLU B 119 18.51 40.40 39.81
N ASP B 120 18.03 41.61 39.58
CA ASP B 120 16.82 41.84 38.79
C ASP B 120 17.17 42.06 37.32
N GLU B 121 18.26 42.75 37.05
CA GLU B 121 18.78 42.96 35.70
C GLU B 121 20.13 42.28 35.57
N TRP B 122 20.29 41.52 34.48
CA TRP B 122 21.43 40.64 34.28
C TRP B 122 22.42 41.16 33.25
N GLY B 123 22.32 42.42 32.84
CA GLY B 123 23.30 42.99 31.94
C GLY B 123 23.26 42.36 30.57
N LYS B 124 24.44 42.16 30.01
CA LYS B 124 24.62 41.60 28.67
C LYS B 124 24.90 40.10 28.76
N THR B 125 24.91 39.46 27.60
CA THR B 125 25.06 38.00 27.54
C THR B 125 26.33 37.50 28.21
N PRO B 126 27.50 38.13 28.07
CA PRO B 126 28.66 37.64 28.83
C PRO B 126 28.47 37.72 30.33
N ASP B 127 27.85 38.78 30.84
CA ASP B 127 27.62 38.89 32.27
C ASP B 127 26.65 37.83 32.76
N ALA B 128 25.61 37.56 31.98
CA ALA B 128 24.62 36.55 32.35
C ALA B 128 25.22 35.15 32.32
N MET B 129 25.99 34.84 31.29
CA MET B 129 26.61 33.52 31.20
C MET B 129 27.60 33.30 32.33
N LYS B 130 28.33 34.35 32.74
CA LYS B 130 29.24 34.23 33.86
C LYS B 130 28.50 33.95 35.15
N ALA B 131 27.33 34.58 35.34
CA ALA B 131 26.52 34.31 36.53
C ALA B 131 25.98 32.89 36.51
N ALA B 132 25.52 32.42 35.35
CA ALA B 132 25.07 31.05 35.22
C ALA B 132 26.20 30.06 35.45
N MET B 133 27.40 30.41 35.00
CA MET B 133 28.58 29.58 35.25
C MET B 133 28.83 29.45 36.74
N ALA B 134 28.82 30.57 37.46
CA ALA B 134 29.06 30.55 38.90
C ALA B 134 27.98 29.76 39.63
N LEU B 135 26.74 29.83 39.15
CA LEU B 135 25.65 29.10 39.77
C LEU B 135 25.85 27.59 39.59
N GLU B 136 26.18 27.15 38.38
CA GLU B 136 26.38 25.74 38.13
C GLU B 136 27.58 25.18 38.91
N LYS B 137 28.63 25.98 39.06
CA LYS B 137 29.77 25.56 39.88
C LYS B 137 29.37 25.41 41.34
N LYS B 138 28.52 26.30 41.85
CA LYS B 138 28.02 26.17 43.21
C LYS B 138 27.18 24.91 43.36
N LEU B 139 26.33 24.61 42.39
CA LEU B 139 25.55 23.38 42.40
C LEU B 139 26.47 22.17 42.33
N ASN B 140 27.50 22.23 41.49
CA ASN B 140 28.44 21.12 41.37
C ASN B 140 29.18 20.88 42.68
N GLN B 141 29.57 21.95 43.37
CA GLN B 141 30.27 21.80 44.63
C GLN B 141 29.37 21.19 45.69
N ALA B 142 28.09 21.54 45.67
CA ALA B 142 27.14 20.93 46.60
C ALA B 142 26.94 19.45 46.29
N LEU B 143 26.90 19.09 45.01
CA LEU B 143 26.77 17.68 44.63
C LEU B 143 27.98 16.88 45.08
N LEU B 144 29.18 17.43 44.87
CA LEU B 144 30.39 16.72 45.27
C LEU B 144 30.49 16.60 46.78
N ASP B 145 30.03 17.61 47.51
CA ASP B 145 30.01 17.53 48.97
C ASP B 145 29.02 16.48 49.44
N LEU B 146 27.86 16.38 48.79
CA LEU B 146 26.89 15.35 49.16
C LEU B 146 27.42 13.96 48.86
N HIS B 147 28.11 13.80 47.72
CA HIS B 147 28.74 12.52 47.41
C HIS B 147 29.78 12.16 48.47
N ALA B 148 30.58 13.14 48.88
CA ALA B 148 31.57 12.90 49.93
C ALA B 148 30.90 12.54 51.24
N LEU B 149 29.76 13.16 51.54
CA LEU B 149 29.03 12.80 52.75
C LEU B 149 28.48 11.38 52.66
N GLY B 150 27.91 11.03 51.51
CA GLY B 150 27.38 9.68 51.34
C GLY B 150 28.46 8.63 51.43
N SER B 151 29.63 8.92 50.90
CA SER B 151 30.76 8.00 51.02
C SER B 151 31.20 7.83 52.47
N ALA B 152 31.28 8.93 53.21
CA ALA B 152 31.64 8.88 54.62
C ALA B 152 30.61 8.10 55.42
N ARG B 153 29.33 8.22 55.07
CA ARG B 153 28.26 7.50 55.73
C ARG B 153 27.99 6.14 55.10
N THR B 154 28.74 5.75 54.07
CA THR B 154 28.60 4.45 53.42
C THR B 154 27.18 4.28 52.86
N ASP B 155 26.85 5.14 51.91
CA ASP B 155 25.54 5.17 51.24
C ASP B 155 25.77 5.02 49.73
N PRO B 156 25.96 3.79 49.25
CA PRO B 156 26.30 3.63 47.83
C PRO B 156 25.15 3.93 46.87
N HIS B 157 23.90 3.73 47.28
CA HIS B 157 22.78 4.11 46.42
C HIS B 157 22.78 5.60 46.13
N LEU B 158 23.01 6.41 47.17
CA LEU B 158 23.08 7.86 46.97
C LEU B 158 24.23 8.22 46.05
N CYS B 159 25.41 7.68 46.31
CA CYS B 159 26.60 8.02 45.52
C CYS B 159 26.41 7.67 44.06
N ASP B 160 25.85 6.49 43.77
CA ASP B 160 25.60 6.11 42.39
C ASP B 160 24.45 6.91 41.78
N PHE B 161 23.49 7.32 42.59
CA PHE B 161 22.38 8.14 42.12
C PHE B 161 22.89 9.48 41.61
N LEU B 162 23.79 10.12 42.35
CA LEU B 162 24.38 11.38 41.92
C LEU B 162 25.28 11.18 40.71
N GLU B 163 26.04 10.08 40.69
CA GLU B 163 26.92 9.80 39.56
C GLU B 163 26.13 9.60 38.28
N THR B 164 24.97 8.96 38.38
CA THR B 164 24.21 8.58 37.21
C THR B 164 23.44 9.75 36.62
N HIS B 165 22.93 10.64 37.47
CA HIS B 165 21.94 11.64 37.07
C HIS B 165 22.42 13.08 37.16
N PHE B 166 23.44 13.38 37.97
CA PHE B 166 23.80 14.76 38.28
C PHE B 166 25.23 15.13 37.90
N LEU B 167 26.22 14.33 38.27
CA LEU B 167 27.61 14.77 38.20
C LEU B 167 28.05 15.00 36.76
N ASP B 168 27.73 14.09 35.85
CA ASP B 168 28.13 14.26 34.46
C ASP B 168 27.32 15.36 33.78
N GLU B 169 26.06 15.52 34.16
CA GLU B 169 25.23 16.60 33.63
C GLU B 169 25.86 17.95 33.93
N GLU B 170 26.36 18.13 35.15
CA GLU B 170 26.96 19.41 35.53
C GLU B 170 28.28 19.64 34.80
N VAL B 171 29.10 18.60 34.69
CA VAL B 171 30.38 18.71 33.99
C VAL B 171 30.15 19.10 32.54
N LYS B 172 29.16 18.49 31.89
CA LYS B 172 28.85 18.81 30.50
C LYS B 172 28.36 20.25 30.37
N LEU B 173 27.49 20.67 31.28
CA LEU B 173 26.91 22.00 31.19
C LEU B 173 27.96 23.08 31.46
N ILE B 174 28.82 22.86 32.45
CA ILE B 174 29.88 23.81 32.75
C ILE B 174 30.84 23.93 31.58
N LYS B 175 31.09 22.82 30.87
CA LYS B 175 31.92 22.84 29.68
C LYS B 175 31.28 23.71 28.59
N LYS B 176 29.97 23.51 28.36
CA LYS B 176 29.28 24.27 27.33
C LYS B 176 29.26 25.77 27.64
N MET B 177 29.03 26.12 28.90
CA MET B 177 29.05 27.52 29.29
C MET B 177 30.44 28.12 29.11
N GLY B 178 31.48 27.35 29.43
CA GLY B 178 32.84 27.81 29.20
C GLY B 178 33.12 28.03 27.73
N ASP B 179 32.60 27.16 26.87
CA ASP B 179 32.74 27.35 25.43
C ASP B 179 32.03 28.61 24.99
N HIS B 180 30.83 28.86 25.50
CA HIS B 180 30.08 30.07 25.17
C HIS B 180 30.83 31.32 25.60
N LEU B 181 31.40 31.30 26.81
CA LEU B 181 32.13 32.46 27.30
C LEU B 181 33.38 32.74 26.47
N THR B 182 34.05 31.70 25.99
CA THR B 182 35.23 31.89 25.16
C THR B 182 34.85 32.53 23.83
N ASN B 183 33.77 32.05 23.21
CA ASN B 183 33.32 32.63 21.96
C ASN B 183 32.81 34.06 22.15
N LEU B 184 32.13 34.32 23.27
CA LEU B 184 31.66 35.68 23.55
C LEU B 184 32.84 36.63 23.75
N HIS B 185 33.89 36.16 24.42
CA HIS B 185 35.08 36.98 24.57
C HIS B 185 35.78 37.18 23.23
N ARG B 186 35.77 36.16 22.38
CA ARG B 186 36.32 36.28 21.03
C ARG B 186 35.54 37.30 20.22
N LEU B 187 34.23 37.37 20.42
CA LEU B 187 33.37 38.31 19.73
C LEU B 187 33.23 39.64 20.46
N GLY B 188 34.10 39.91 21.42
CA GLY B 188 34.04 41.14 22.18
C GLY B 188 34.67 42.30 21.45
N GLY B 189 35.04 43.33 22.21
CA GLY B 189 35.67 44.50 21.66
C GLY B 189 34.68 45.61 21.37
N PRO B 190 35.06 46.57 20.53
CA PRO B 190 34.11 47.65 20.19
C PRO B 190 32.94 47.19 19.32
N GLU B 191 33.03 46.00 18.71
CA GLU B 191 31.92 45.39 18.00
C GLU B 191 31.13 44.43 18.88
N ALA B 192 31.05 44.71 20.18
CA ALA B 192 30.45 43.77 21.12
C ALA B 192 28.97 43.56 20.82
N GLY B 193 28.25 44.62 20.47
CA GLY B 193 26.84 44.47 20.12
C GLY B 193 26.64 43.59 18.91
N LEU B 194 27.44 43.81 17.87
CA LEU B 194 27.43 42.94 16.71
C LEU B 194 27.77 41.51 17.10
N GLY B 195 28.78 41.33 17.95
CA GLY B 195 29.14 40.01 18.41
C GLY B 195 28.01 39.34 19.19
N GLU B 196 27.33 40.11 20.04
CA GLU B 196 26.22 39.58 20.82
C GLU B 196 25.10 39.09 19.91
N TYR B 197 24.78 39.87 18.87
CA TYR B 197 23.76 39.46 17.92
C TYR B 197 24.15 38.18 17.18
N LEU B 198 25.38 38.12 16.69
CA LEU B 198 25.82 36.96 15.92
C LEU B 198 25.88 35.69 16.79
N PHE B 199 26.31 35.83 18.04
CA PHE B 199 26.32 34.68 18.94
C PHE B 199 24.92 34.12 19.12
N GLU B 200 23.95 34.99 19.37
CA GLU B 200 22.58 34.56 19.57
C GLU B 200 22.01 33.94 18.30
N ARG B 201 22.35 34.49 17.14
CA ARG B 201 21.81 34.01 15.88
C ARG B 201 22.43 32.67 15.47
N LEU B 202 23.75 32.52 15.61
CA LEU B 202 24.47 31.43 14.99
C LEU B 202 24.92 30.33 15.94
N THR B 203 24.94 30.58 17.25
CA THR B 203 25.24 29.55 18.25
C THR B 203 24.01 29.14 19.04
N LEU B 204 23.23 30.09 19.54
CA LEU B 204 22.10 29.82 20.42
C LEU B 204 20.76 29.77 19.71
N ARG B 205 20.70 30.13 18.43
CA ARG B 205 19.44 30.24 17.72
C ARG B 205 18.53 31.27 18.40
N SER C 34 18.56 31.39 -51.44
CA SER C 34 17.13 31.41 -51.73
C SER C 34 16.44 30.32 -50.91
N SER C 35 16.36 30.55 -49.59
CA SER C 35 15.76 29.56 -48.72
C SER C 35 14.28 29.42 -49.03
N GLN C 36 13.82 28.17 -49.15
CA GLN C 36 12.43 27.91 -49.49
C GLN C 36 11.46 28.40 -48.42
N ILE C 37 11.87 28.39 -47.15
CA ILE C 37 10.99 28.78 -46.06
C ILE C 37 11.01 30.26 -45.76
N ARG C 38 11.98 31.00 -46.30
CA ARG C 38 12.17 32.39 -45.90
C ARG C 38 11.00 33.24 -46.34
N GLN C 39 10.44 34.00 -45.40
CA GLN C 39 9.28 34.84 -45.67
C GLN C 39 9.37 36.08 -44.80
N ASN C 40 9.61 37.22 -45.44
CA ASN C 40 9.67 38.52 -44.77
C ASN C 40 10.71 38.53 -43.66
N TYR C 41 11.90 38.01 -43.98
CA TYR C 41 13.05 37.99 -43.06
C TYR C 41 14.17 38.79 -43.70
N SER C 42 14.36 40.01 -43.22
CA SER C 42 15.34 40.93 -43.76
C SER C 42 16.77 40.42 -43.59
N THR C 43 17.60 40.69 -44.60
CA THR C 43 19.02 40.39 -44.49
C THR C 43 19.68 41.23 -43.41
N ASP C 44 19.22 42.47 -43.21
CA ASP C 44 19.71 43.28 -42.10
C ASP C 44 19.44 42.62 -40.76
N VAL C 45 18.24 42.06 -40.60
CA VAL C 45 17.91 41.35 -39.37
C VAL C 45 18.74 40.09 -39.25
N GLU C 46 18.90 39.35 -40.34
CA GLU C 46 19.71 38.13 -40.34
C GLU C 46 21.14 38.43 -39.88
N ALA C 47 21.73 39.51 -40.39
CA ALA C 47 23.08 39.87 -39.99
C ALA C 47 23.14 40.30 -38.54
N ALA C 48 22.17 41.13 -38.10
CA ALA C 48 22.15 41.59 -36.72
C ALA C 48 21.98 40.44 -35.74
N VAL C 49 21.23 39.41 -36.12
CA VAL C 49 21.09 38.23 -35.27
C VAL C 49 22.42 37.53 -35.11
N ASN C 50 23.17 37.36 -36.20
CA ASN C 50 24.47 36.71 -36.12
C ASN C 50 25.46 37.52 -35.30
N SER C 51 25.37 38.85 -35.37
CA SER C 51 26.21 39.69 -34.51
C SER C 51 25.84 39.53 -33.04
N LEU C 52 24.55 39.41 -32.75
CA LEU C 52 24.10 39.20 -31.39
C LEU C 52 24.50 37.82 -30.89
N VAL C 53 24.54 36.82 -31.76
CA VAL C 53 25.04 35.50 -31.41
C VAL C 53 26.50 35.61 -30.97
N ASN C 54 27.30 36.40 -31.69
CA ASN C 54 28.69 36.59 -31.33
C ASN C 54 28.83 37.28 -29.98
N LEU C 55 28.02 38.31 -29.74
CA LEU C 55 28.06 39.02 -28.46
C LEU C 55 27.70 38.11 -27.31
N TYR C 56 26.75 37.18 -27.52
CA TYR C 56 26.38 36.25 -26.48
C TYR C 56 27.44 35.18 -26.26
N LEU C 57 28.08 34.72 -27.35
CA LEU C 57 29.22 33.83 -27.21
C LEU C 57 30.33 34.48 -26.43
N GLN C 58 30.62 35.75 -26.71
CA GLN C 58 31.62 36.50 -25.98
C GLN C 58 31.22 36.69 -24.52
N ALA C 59 29.93 36.91 -24.27
CA ALA C 59 29.45 37.08 -22.90
C ALA C 59 29.61 35.80 -22.08
N SER C 60 29.23 34.66 -22.67
CA SER C 60 29.42 33.38 -22.01
C SER C 60 30.89 33.13 -21.68
N TYR C 61 31.78 33.49 -22.60
CA TYR C 61 33.20 33.30 -22.41
C TYR C 61 33.74 34.18 -21.30
N THR C 62 33.25 35.41 -21.20
CA THR C 62 33.63 36.30 -20.11
C THR C 62 33.20 35.75 -18.76
N TYR C 63 31.99 35.20 -18.69
CA TYR C 63 31.49 34.64 -17.44
C TYR C 63 32.20 33.33 -17.11
N LEU C 64 32.67 32.60 -18.12
CA LEU C 64 33.53 31.44 -17.86
C LEU C 64 34.79 31.87 -17.12
N SER C 65 35.45 32.92 -17.61
CA SER C 65 36.66 33.42 -16.97
C SER C 65 36.39 33.94 -15.56
N LEU C 66 35.29 34.66 -15.38
CA LEU C 66 34.93 35.16 -14.07
C LEU C 66 34.71 34.01 -13.08
N GLY C 67 34.00 32.98 -13.52
CA GLY C 67 33.69 31.86 -12.63
C GLY C 67 34.94 31.13 -12.15
N PHE C 68 35.91 30.93 -13.05
CA PHE C 68 37.12 30.22 -12.69
C PHE C 68 38.13 31.10 -11.99
N TYR C 69 38.04 32.42 -12.15
CA TYR C 69 38.86 33.33 -11.37
C TYR C 69 38.49 33.26 -9.89
N PHE C 70 37.20 33.23 -9.59
CA PHE C 70 36.73 33.15 -8.21
C PHE C 70 36.80 31.73 -7.65
N ASP C 71 37.16 30.74 -8.46
CA ASP C 71 37.52 29.40 -8.01
C ASP C 71 39.01 29.27 -7.71
N ARG C 72 39.81 30.29 -8.00
CA ARG C 72 41.23 30.27 -7.66
C ARG C 72 41.42 30.15 -6.15
N ASP C 73 42.52 29.52 -5.75
CA ASP C 73 42.78 29.31 -4.34
C ASP C 73 43.03 30.62 -3.60
N ASP C 74 43.58 31.61 -4.30
CA ASP C 74 43.86 32.92 -3.72
C ASP C 74 42.73 33.92 -3.90
N VAL C 75 41.55 33.47 -4.33
CA VAL C 75 40.34 34.29 -4.36
C VAL C 75 39.31 33.59 -3.49
N ALA C 76 38.93 32.37 -3.87
CA ALA C 76 38.23 31.43 -3.00
C ALA C 76 36.89 31.99 -2.52
N LEU C 77 36.02 32.28 -3.48
CA LEU C 77 34.65 32.72 -3.21
C LEU C 77 33.74 31.84 -4.05
N GLU C 78 33.25 30.78 -3.41
CA GLU C 78 32.56 29.71 -4.11
C GLU C 78 31.22 30.18 -4.67
N GLY C 79 30.45 30.92 -3.88
CA GLY C 79 29.17 31.42 -4.33
C GLY C 79 29.30 32.39 -5.49
N VAL C 80 30.38 33.16 -5.51
CA VAL C 80 30.59 34.11 -6.62
C VAL C 80 30.93 33.35 -7.90
N SER C 81 31.79 32.33 -7.79
CA SER C 81 32.10 31.50 -8.95
C SER C 81 30.85 30.84 -9.51
N HIS C 82 30.01 30.29 -8.64
CA HIS C 82 28.79 29.63 -9.08
C HIS C 82 27.83 30.62 -9.73
N PHE C 83 27.76 31.84 -9.20
CA PHE C 83 26.91 32.88 -9.76
C PHE C 83 27.28 33.16 -11.21
N PHE C 84 28.57 33.35 -11.47
CA PHE C 84 29.02 33.65 -12.82
C PHE C 84 29.01 32.42 -13.72
N ARG C 85 29.22 31.22 -13.17
CA ARG C 85 29.12 30.01 -13.97
C ARG C 85 27.69 29.77 -14.44
N GLU C 86 26.71 30.08 -13.60
CA GLU C 86 25.32 29.95 -14.00
C GLU C 86 24.98 30.93 -15.11
N LEU C 87 25.57 32.12 -15.08
CA LEU C 87 25.30 33.12 -16.11
C LEU C 87 25.90 32.71 -17.45
N ALA C 88 27.06 32.05 -17.44
CA ALA C 88 27.63 31.56 -18.67
C ALA C 88 26.70 30.58 -19.37
N GLU C 89 25.99 29.75 -18.58
CA GLU C 89 25.01 28.84 -19.15
C GLU C 89 23.80 29.58 -19.66
N GLU C 90 23.37 30.63 -18.96
CA GLU C 90 22.23 31.42 -19.43
C GLU C 90 22.56 32.10 -20.76
N LYS C 91 23.77 32.63 -20.90
CA LYS C 91 24.17 33.21 -22.18
C LYS C 91 24.28 32.14 -23.25
N ARG C 92 24.64 30.91 -22.87
CA ARG C 92 24.73 29.81 -23.83
C ARG C 92 23.35 29.46 -24.37
N GLU C 93 22.37 29.34 -23.48
CA GLU C 93 20.99 29.13 -23.91
C GLU C 93 20.47 30.30 -24.73
N GLY C 94 21.03 31.49 -24.54
CA GLY C 94 20.71 32.64 -25.36
C GLY C 94 21.07 32.48 -26.82
N TYR C 95 22.35 32.26 -27.13
CA TYR C 95 22.73 32.17 -28.53
C TYR C 95 22.23 30.89 -29.18
N GLU C 96 21.97 29.84 -28.40
CA GLU C 96 21.36 28.63 -28.95
C GLU C 96 19.93 28.91 -29.39
N ARG C 97 19.18 29.67 -28.58
CA ARG C 97 17.84 30.07 -28.98
C ARG C 97 17.87 30.96 -30.22
N LEU C 98 18.83 31.88 -30.29
CA LEU C 98 18.98 32.73 -31.46
C LEU C 98 19.28 31.92 -32.71
N LEU C 99 20.18 30.94 -32.59
CA LEU C 99 20.54 30.11 -33.75
C LEU C 99 19.39 29.23 -34.20
N LYS C 100 18.60 28.71 -33.25
CA LYS C 100 17.38 27.98 -33.60
C LYS C 100 16.42 28.87 -34.37
N MET C 101 16.21 30.11 -33.89
CA MET C 101 15.32 31.03 -34.58
C MET C 101 15.82 31.37 -35.97
N GLN C 102 17.14 31.57 -36.10
CA GLN C 102 17.74 31.89 -37.39
C GLN C 102 17.42 30.80 -38.42
N ASN C 103 17.50 29.53 -38.01
CA ASN C 103 17.18 28.44 -38.92
C ASN C 103 15.67 28.35 -39.17
N GLN C 104 14.86 28.61 -38.14
CA GLN C 104 13.41 28.58 -38.31
C GLN C 104 12.95 29.58 -39.38
N ARG C 105 13.60 30.74 -39.46
CA ARG C 105 13.22 31.80 -40.38
C ARG C 105 13.93 31.71 -41.72
N GLY C 106 14.73 30.68 -41.95
CA GLY C 106 15.46 30.54 -43.19
C GLY C 106 16.70 31.40 -43.30
N GLY C 107 17.19 31.95 -42.20
CA GLY C 107 18.46 32.62 -42.19
C GLY C 107 19.61 31.65 -42.02
N ARG C 108 20.82 32.17 -42.21
CA ARG C 108 22.03 31.35 -42.25
C ARG C 108 23.02 31.88 -41.22
N ALA C 109 23.39 31.02 -40.28
CA ALA C 109 24.35 31.37 -39.25
C ALA C 109 25.73 31.57 -39.85
N LEU C 110 26.38 32.67 -39.46
CA LEU C 110 27.74 32.98 -39.85
C LEU C 110 28.53 33.25 -38.59
N PHE C 111 29.45 32.35 -38.28
CA PHE C 111 30.20 32.41 -37.03
C PHE C 111 31.52 33.13 -37.25
N GLN C 112 31.84 34.04 -36.33
CA GLN C 112 33.09 34.78 -36.32
C GLN C 112 33.90 34.40 -35.09
N ASP C 113 35.14 34.87 -35.06
CA ASP C 113 36.00 34.63 -33.91
C ASP C 113 35.40 35.25 -32.65
N ILE C 114 35.53 34.53 -31.55
CA ILE C 114 35.04 34.97 -30.25
C ILE C 114 36.20 35.63 -29.52
N LYS C 115 36.07 36.93 -29.26
CA LYS C 115 37.12 37.67 -28.59
C LYS C 115 37.28 37.21 -27.15
N LYS C 116 38.52 37.20 -26.68
CA LYS C 116 38.80 36.84 -25.30
C LYS C 116 38.21 37.90 -24.35
N PRO C 117 38.03 37.56 -23.08
CA PRO C 117 37.56 38.56 -22.13
C PRO C 117 38.54 39.71 -21.98
N ALA C 118 38.00 40.87 -21.62
CA ALA C 118 38.80 42.08 -21.52
C ALA C 118 39.83 42.02 -20.41
N GLU C 119 39.62 41.18 -19.40
CA GLU C 119 40.52 41.04 -18.28
C GLU C 119 40.84 39.58 -18.03
N ASP C 120 42.05 39.33 -17.54
CA ASP C 120 42.45 38.03 -17.04
C ASP C 120 42.18 37.90 -15.54
N GLU C 121 42.38 38.97 -14.79
CA GLU C 121 42.08 39.05 -13.37
C GLU C 121 40.98 40.07 -13.14
N TRP C 122 39.97 39.68 -12.37
CA TRP C 122 38.75 40.45 -12.20
C TRP C 122 38.64 41.13 -10.85
N GLY C 123 39.72 41.19 -10.07
CA GLY C 123 39.72 41.92 -8.82
C GLY C 123 38.81 41.28 -7.79
N LYS C 124 38.11 42.12 -7.05
CA LYS C 124 37.21 41.70 -5.98
C LYS C 124 35.77 41.66 -6.50
N THR C 125 34.88 41.11 -5.65
CA THR C 125 33.50 40.90 -6.05
C THR C 125 32.79 42.16 -6.51
N PRO C 126 32.95 43.34 -5.88
CA PRO C 126 32.32 44.54 -6.45
C PRO C 126 32.83 44.88 -7.85
N ASP C 127 34.13 44.73 -8.10
CA ASP C 127 34.66 45.04 -9.42
C ASP C 127 34.12 44.06 -10.46
N ALA C 128 34.02 42.79 -10.10
CA ALA C 128 33.50 41.78 -11.02
C ALA C 128 32.03 42.00 -11.31
N MET C 129 31.23 42.28 -10.29
CA MET C 129 29.81 42.51 -10.49
C MET C 129 29.57 43.74 -11.35
N LYS C 130 30.40 44.77 -11.18
CA LYS C 130 30.28 45.97 -12.02
C LYS C 130 30.58 45.65 -13.49
N ALA C 131 31.57 44.79 -13.74
CA ALA C 131 31.88 44.40 -15.10
C ALA C 131 30.76 43.56 -15.69
N ALA C 132 30.19 42.65 -14.90
CA ALA C 132 29.05 41.87 -15.37
C ALA C 132 27.84 42.76 -15.62
N MET C 133 27.65 43.78 -14.79
CA MET C 133 26.58 44.75 -15.01
C MET C 133 26.75 45.45 -16.35
N ALA C 134 27.96 45.94 -16.63
CA ALA C 134 28.22 46.64 -17.88
C ALA C 134 28.03 45.71 -19.08
N LEU C 135 28.38 44.43 -18.92
CA LEU C 135 28.20 43.48 -20.00
C LEU C 135 26.73 43.25 -20.30
N GLU C 136 25.91 43.05 -19.26
CA GLU C 136 24.49 42.82 -19.46
C GLU C 136 23.81 44.04 -20.06
N LYS C 137 24.23 45.24 -19.67
CA LYS C 137 23.69 46.45 -20.27
C LYS C 137 24.03 46.55 -21.74
N LYS C 138 25.25 46.14 -22.12
CA LYS C 138 25.64 46.11 -23.53
C LYS C 138 24.78 45.11 -24.29
N LEU C 139 24.55 43.94 -23.71
CA LEU C 139 23.67 42.95 -24.34
C LEU C 139 22.25 43.49 -24.46
N ASN C 140 21.77 44.16 -23.41
CA ASN C 140 20.42 44.72 -23.43
C ASN C 140 20.29 45.78 -24.53
N GLN C 141 21.32 46.61 -24.69
CA GLN C 141 21.26 47.65 -25.72
C GLN C 141 21.27 47.03 -27.11
N ALA C 142 21.99 45.92 -27.30
CA ALA C 142 21.96 45.23 -28.58
C ALA C 142 20.60 44.61 -28.85
N LEU C 143 19.97 44.05 -27.81
CA LEU C 143 18.63 43.49 -27.96
C LEU C 143 17.62 44.56 -28.34
N LEU C 144 17.69 45.71 -27.68
CA LEU C 144 16.75 46.79 -27.97
C LEU C 144 16.97 47.36 -29.36
N ASP C 145 18.23 47.41 -29.81
CA ASP C 145 18.52 47.86 -31.16
C ASP C 145 18.00 46.88 -32.20
N LEU C 146 18.12 45.58 -31.92
CA LEU C 146 17.59 44.58 -32.84
C LEU C 146 16.07 44.64 -32.90
N HIS C 147 15.42 44.84 -31.76
CA HIS C 147 13.98 45.03 -31.74
C HIS C 147 13.57 46.24 -32.56
N ALA C 148 14.32 47.35 -32.41
CA ALA C 148 14.03 48.55 -33.19
C ALA C 148 14.25 48.30 -34.67
N LEU C 149 15.26 47.50 -35.02
CA LEU C 149 15.47 47.15 -36.42
C LEU C 149 14.33 46.29 -36.94
N GLY C 150 13.90 45.29 -36.17
CA GLY C 150 12.80 44.45 -36.59
C GLY C 150 11.51 45.21 -36.76
N SER C 151 11.26 46.19 -35.89
CA SER C 151 10.09 47.03 -36.03
C SER C 151 10.16 47.89 -37.30
N ALA C 152 11.33 48.46 -37.58
CA ALA C 152 11.50 49.25 -38.79
C ALA C 152 11.32 48.40 -40.04
N ARG C 153 11.76 47.14 -39.99
CA ARG C 153 11.61 46.21 -41.09
C ARG C 153 10.30 45.44 -41.05
N THR C 154 9.44 45.70 -40.06
CA THR C 154 8.14 45.04 -39.94
C THR C 154 8.30 43.53 -39.84
N ASP C 155 8.96 43.10 -38.77
CA ASP C 155 9.24 41.69 -38.48
C ASP C 155 8.66 41.36 -37.10
N PRO C 156 7.35 41.09 -37.02
CA PRO C 156 6.74 40.88 -35.70
C PRO C 156 7.15 39.58 -35.02
N HIS C 157 7.47 38.53 -35.76
CA HIS C 157 7.96 37.31 -35.14
C HIS C 157 9.26 37.56 -34.37
N LEU C 158 10.18 38.31 -34.98
CA LEU C 158 11.44 38.64 -34.31
C LEU C 158 11.16 39.46 -33.06
N CYS C 159 10.36 40.50 -33.18
CA CYS C 159 10.08 41.40 -32.06
C CYS C 159 9.46 40.65 -30.90
N ASP C 160 8.49 39.77 -31.17
CA ASP C 160 7.88 39.00 -30.10
C ASP C 160 8.83 37.94 -29.56
N PHE C 161 9.72 37.42 -30.41
CA PHE C 161 10.70 36.44 -29.97
C PHE C 161 11.64 37.04 -28.93
N LEU C 162 12.12 38.26 -29.18
CA LEU C 162 12.97 38.94 -28.21
C LEU C 162 12.20 39.32 -26.95
N GLU C 163 10.95 39.75 -27.11
CA GLU C 163 10.12 40.12 -25.97
C GLU C 163 9.87 38.92 -25.07
N THR C 164 9.69 37.74 -25.66
CA THR C 164 9.30 36.56 -24.91
C THR C 164 10.47 35.94 -24.16
N HIS C 165 11.66 35.96 -24.78
CA HIS C 165 12.78 35.16 -24.32
C HIS C 165 13.97 35.95 -23.80
N PHE C 166 14.12 37.22 -24.18
CA PHE C 166 15.34 37.97 -23.91
C PHE C 166 15.13 39.23 -23.09
N LEU C 167 14.16 40.09 -23.45
CA LEU C 167 14.10 41.44 -22.89
C LEU C 167 13.81 41.41 -21.40
N ASP C 168 12.85 40.60 -20.95
CA ASP C 168 12.54 40.54 -19.53
C ASP C 168 13.64 39.84 -18.75
N GLU C 169 14.28 38.84 -19.36
CA GLU C 169 15.39 38.15 -18.72
C GLU C 169 16.51 39.13 -18.37
N GLU C 170 16.82 40.05 -19.30
CA GLU C 170 17.89 41.01 -19.07
C GLU C 170 17.48 42.03 -18.01
N VAL C 171 16.25 42.50 -18.05
CA VAL C 171 15.76 43.46 -17.06
C VAL C 171 15.84 42.86 -15.67
N LYS C 172 15.43 41.59 -15.53
CA LYS C 172 15.48 40.93 -14.23
C LYS C 172 16.91 40.76 -13.75
N LEU C 173 17.81 40.36 -14.65
CA LEU C 173 19.19 40.13 -14.27
C LEU C 173 19.91 41.42 -13.90
N ILE C 174 19.66 42.49 -14.66
CA ILE C 174 20.27 43.77 -14.35
C ILE C 174 19.78 44.28 -13.00
N LYS C 175 18.51 44.02 -12.67
CA LYS C 175 17.97 44.38 -11.36
C LYS C 175 18.69 43.63 -10.25
N LYS C 176 18.88 42.32 -10.43
CA LYS C 176 19.54 41.51 -9.41
C LYS C 176 20.98 41.94 -9.20
N MET C 177 21.69 42.23 -10.29
CA MET C 177 23.07 42.72 -10.16
C MET C 177 23.12 44.06 -9.45
N GLY C 178 22.16 44.94 -9.76
CA GLY C 178 22.09 46.20 -9.04
C GLY C 178 21.83 46.03 -7.56
N ASP C 179 20.99 45.06 -7.20
CA ASP C 179 20.76 44.74 -5.80
C ASP C 179 22.04 44.25 -5.15
N HIS C 180 22.78 43.37 -5.83
CA HIS C 180 24.04 42.86 -5.32
C HIS C 180 25.04 43.99 -5.09
N LEU C 181 25.15 44.91 -6.06
CA LEU C 181 26.10 46.00 -5.93
C LEU C 181 25.75 46.93 -4.78
N THR C 182 24.45 47.14 -4.52
CA THR C 182 24.04 47.99 -3.41
C THR C 182 24.41 47.34 -2.08
N ASN C 183 24.17 46.04 -1.95
CA ASN C 183 24.54 45.34 -0.72
C ASN C 183 26.06 45.27 -0.56
N LEU C 184 26.79 45.08 -1.65
CA LEU C 184 28.25 45.05 -1.56
C LEU C 184 28.79 46.42 -1.14
N HIS C 185 28.19 47.50 -1.63
CA HIS C 185 28.59 48.83 -1.20
C HIS C 185 28.22 49.06 0.25
N ARG C 186 27.08 48.53 0.68
CA ARG C 186 26.67 48.62 2.07
C ARG C 186 27.65 47.87 2.97
N LEU C 187 28.19 46.75 2.49
CA LEU C 187 29.15 45.95 3.21
C LEU C 187 30.60 46.37 2.96
N GLY C 188 30.81 47.56 2.39
CA GLY C 188 32.14 48.04 2.10
C GLY C 188 32.81 48.63 3.31
N GLY C 189 33.82 49.46 3.05
CA GLY C 189 34.55 50.13 4.10
C GLY C 189 35.81 49.38 4.49
N PRO C 190 36.36 49.67 5.68
CA PRO C 190 37.56 48.93 6.11
C PRO C 190 37.29 47.47 6.45
N GLU C 191 36.03 47.09 6.63
CA GLU C 191 35.66 45.68 6.80
C GLU C 191 35.26 45.03 5.48
N ALA C 192 35.86 45.46 4.37
CA ALA C 192 35.43 45.00 3.06
C ALA C 192 35.64 43.50 2.89
N GLY C 193 36.76 42.97 3.39
CA GLY C 193 36.98 41.54 3.30
C GLY C 193 35.94 40.74 4.06
N LEU C 194 35.62 41.18 5.27
CA LEU C 194 34.54 40.58 6.04
C LEU C 194 33.22 40.69 5.28
N GLY C 195 32.95 41.86 4.71
CA GLY C 195 31.74 42.04 3.93
C GLY C 195 31.69 41.11 2.72
N GLU C 196 32.82 40.96 2.04
CA GLU C 196 32.89 40.08 0.88
C GLU C 196 32.57 38.64 1.25
N TYR C 197 33.13 38.18 2.38
CA TYR C 197 32.85 36.83 2.86
C TYR C 197 31.38 36.64 3.20
N LEU C 198 30.79 37.59 3.92
CA LEU C 198 29.40 37.46 4.34
C LEU C 198 28.45 37.52 3.15
N PHE C 199 28.74 38.36 2.16
CA PHE C 199 27.91 38.40 0.97
C PHE C 199 27.89 37.05 0.27
N GLU C 200 29.07 36.46 0.08
CA GLU C 200 29.16 35.17 -0.58
C GLU C 200 28.46 34.08 0.22
N ARG C 201 28.58 34.13 1.55
CA ARG C 201 28.00 33.11 2.40
C ARG C 201 26.47 33.23 2.48
N LEU C 202 25.94 34.44 2.64
CA LEU C 202 24.55 34.65 3.00
C LEU C 202 23.64 35.12 1.88
N THR C 203 24.19 35.64 0.78
CA THR C 203 23.40 36.00 -0.39
C THR C 203 23.62 35.05 -1.56
N LEU C 204 24.86 34.73 -1.89
CA LEU C 204 25.20 33.93 -3.06
C LEU C 204 25.41 32.46 -2.76
N ARG C 205 25.44 32.05 -1.50
CA ARG C 205 25.77 30.68 -1.13
C ARG C 205 27.17 30.32 -1.61
N SER D 34 16.42 -28.74 -53.70
CA SER D 34 17.74 -28.76 -53.07
C SER D 34 17.77 -27.72 -51.96
N SER D 35 17.05 -28.00 -50.86
CA SER D 35 16.99 -27.06 -49.76
C SER D 35 18.37 -26.94 -49.11
N GLN D 36 18.79 -25.69 -48.88
CA GLN D 36 20.12 -25.43 -48.30
C GLN D 36 20.24 -25.98 -46.89
N ILE D 37 19.15 -26.03 -46.13
CA ILE D 37 19.21 -26.47 -44.74
C ILE D 37 19.04 -27.97 -44.57
N ARG D 38 18.60 -28.68 -45.61
CA ARG D 38 18.23 -30.08 -45.48
C ARG D 38 19.45 -30.93 -45.18
N GLN D 39 19.34 -31.73 -44.13
CA GLN D 39 20.44 -32.57 -43.68
C GLN D 39 19.87 -33.85 -43.10
N ASN D 40 20.09 -34.96 -43.79
CA ASN D 40 19.65 -36.29 -43.37
C ASN D 40 18.15 -36.32 -43.10
N TYR D 41 17.37 -35.78 -44.04
CA TYR D 41 15.91 -35.78 -44.00
C TYR D 41 15.40 -36.54 -45.22
N SER D 42 14.98 -37.78 -44.99
CA SER D 42 14.53 -38.66 -46.06
C SER D 42 13.30 -38.12 -46.75
N THR D 43 13.23 -38.34 -48.07
CA THR D 43 12.02 -38.02 -48.82
C THR D 43 10.86 -38.90 -48.40
N ASP D 44 11.13 -40.15 -48.01
CA ASP D 44 10.08 -41.01 -47.47
C ASP D 44 9.48 -40.41 -46.19
N VAL D 45 10.33 -39.89 -45.32
CA VAL D 45 9.86 -39.24 -44.11
C VAL D 45 9.10 -37.97 -44.44
N GLU D 46 9.62 -37.18 -45.39
CA GLU D 46 8.94 -35.95 -45.82
C GLU D 46 7.54 -36.24 -46.31
N ALA D 47 7.37 -37.29 -47.12
CA ALA D 47 6.07 -37.66 -47.64
C ALA D 47 5.15 -38.15 -46.52
N ALA D 48 5.68 -39.01 -45.64
CA ALA D 48 4.89 -39.54 -44.54
C ALA D 48 4.41 -38.42 -43.59
N VAL D 49 5.23 -37.39 -43.41
CA VAL D 49 4.81 -36.26 -42.58
C VAL D 49 3.63 -35.54 -43.22
N ASN D 50 3.69 -35.31 -44.53
CA ASN D 50 2.59 -34.65 -45.23
C ASN D 50 1.32 -35.48 -45.19
N SER D 51 1.44 -36.81 -45.26
CA SER D 51 0.27 -37.66 -45.12
C SER D 51 -0.31 -37.58 -43.71
N LEU D 52 0.55 -37.50 -42.70
CA LEU D 52 0.09 -37.35 -41.32
C LEU D 52 -0.55 -35.99 -41.10
N VAL D 53 -0.07 -34.95 -41.79
CA VAL D 53 -0.71 -33.65 -41.75
C VAL D 53 -2.14 -33.74 -42.27
N ASN D 54 -2.33 -34.49 -43.35
CA ASN D 54 -3.66 -34.68 -43.91
C ASN D 54 -4.57 -35.43 -42.95
N LEU D 55 -4.05 -36.48 -42.31
CA LEU D 55 -4.83 -37.24 -41.35
C LEU D 55 -5.26 -36.39 -40.17
N TYR D 56 -4.38 -35.47 -39.74
CA TYR D 56 -4.72 -34.59 -38.62
C TYR D 56 -5.71 -33.52 -39.05
N LEU D 57 -5.58 -33.00 -40.28
CA LEU D 57 -6.59 -32.10 -40.82
C LEU D 57 -7.95 -32.77 -40.88
N GLN D 58 -7.98 -34.02 -41.34
CA GLN D 58 -9.22 -34.78 -41.38
C GLN D 58 -9.76 -35.04 -39.99
N ALA D 59 -8.87 -35.29 -39.01
CA ALA D 59 -9.32 -35.54 -37.65
C ALA D 59 -9.94 -34.30 -37.03
N SER D 60 -9.30 -33.14 -37.22
CA SER D 60 -9.87 -31.88 -36.75
C SER D 60 -11.25 -31.63 -37.35
N TYR D 61 -11.40 -31.93 -38.64
CA TYR D 61 -12.66 -31.72 -39.33
C TYR D 61 -13.75 -32.65 -38.80
N THR D 62 -13.39 -33.89 -38.49
CA THR D 62 -14.35 -34.82 -37.89
C THR D 62 -14.81 -34.35 -36.52
N TYR D 63 -13.88 -33.81 -35.71
CA TYR D 63 -14.26 -33.32 -34.40
C TYR D 63 -15.03 -32.02 -34.48
N LEU D 64 -14.82 -31.24 -35.54
CA LEU D 64 -15.68 -30.08 -35.80
C LEU D 64 -17.12 -30.52 -35.97
N SER D 65 -17.35 -31.53 -36.81
CA SER D 65 -18.69 -32.03 -37.05
C SER D 65 -19.30 -32.62 -35.79
N LEU D 66 -18.51 -33.37 -35.02
CA LEU D 66 -19.01 -33.94 -33.78
C LEU D 66 -19.43 -32.84 -32.81
N GLY D 67 -18.62 -31.80 -32.67
CA GLY D 67 -18.94 -30.73 -31.73
C GLY D 67 -20.23 -30.01 -32.07
N PHE D 68 -20.47 -29.75 -33.35
CA PHE D 68 -21.67 -29.03 -33.77
C PHE D 68 -22.89 -29.93 -33.85
N TYR D 69 -22.69 -31.24 -33.99
CA TYR D 69 -23.81 -32.17 -33.89
C TYR D 69 -24.39 -32.17 -32.48
N PHE D 70 -23.53 -32.18 -31.46
CA PHE D 70 -23.99 -32.16 -30.08
C PHE D 70 -24.40 -30.78 -29.61
N ASP D 71 -24.22 -29.75 -30.43
CA ASP D 71 -24.80 -28.42 -30.22
C ASP D 71 -26.18 -28.28 -30.86
N ARG D 72 -26.63 -29.27 -31.63
CA ARG D 72 -27.97 -29.25 -32.20
C ARG D 72 -29.03 -29.20 -31.10
N ASP D 73 -30.15 -28.57 -31.41
CA ASP D 73 -31.22 -28.41 -30.43
C ASP D 73 -31.84 -29.75 -30.05
N ASP D 74 -31.85 -30.70 -30.98
CA ASP D 74 -32.40 -32.03 -30.74
C ASP D 74 -31.36 -33.04 -30.25
N VAL D 75 -30.17 -32.59 -29.88
CA VAL D 75 -29.18 -33.43 -29.21
C VAL D 75 -28.87 -32.79 -27.86
N ALA D 76 -28.37 -31.56 -27.89
CA ALA D 76 -28.33 -30.66 -26.74
C ALA D 76 -27.55 -31.26 -25.57
N LEU D 77 -26.27 -31.53 -25.83
CA LEU D 77 -25.33 -31.99 -24.82
C LEU D 77 -24.11 -31.09 -24.89
N GLU D 78 -24.11 -30.08 -24.04
CA GLU D 78 -23.15 -28.98 -24.14
C GLU D 78 -21.74 -29.45 -23.82
N GLY D 79 -21.59 -30.23 -22.75
CA GLY D 79 -20.28 -30.73 -22.38
C GLY D 79 -19.68 -31.64 -23.42
N VAL D 80 -20.51 -32.41 -24.12
CA VAL D 80 -20.02 -33.29 -25.17
C VAL D 80 -19.53 -32.47 -26.36
N SER D 81 -20.29 -31.45 -26.75
CA SER D 81 -19.86 -30.57 -27.83
C SER D 81 -18.54 -29.89 -27.50
N HIS D 82 -18.39 -29.40 -26.27
CA HIS D 82 -17.16 -28.73 -25.86
C HIS D 82 -15.99 -29.71 -25.85
N PHE D 83 -16.24 -30.96 -25.44
CA PHE D 83 -15.20 -31.98 -25.43
C PHE D 83 -14.63 -32.20 -26.82
N PHE D 84 -15.50 -32.34 -27.82
CA PHE D 84 -15.05 -32.57 -29.18
C PHE D 84 -14.51 -31.30 -29.82
N ARG D 85 -15.04 -30.14 -29.45
CA ARG D 85 -14.50 -28.89 -29.99
C ARG D 85 -13.08 -28.65 -29.50
N GLU D 86 -12.79 -29.02 -28.25
CA GLU D 86 -11.44 -28.89 -27.74
C GLU D 86 -10.48 -29.82 -28.46
N LEU D 87 -10.96 -31.01 -28.83
CA LEU D 87 -10.11 -31.96 -29.54
C LEU D 87 -9.79 -31.48 -30.96
N ALA D 88 -10.74 -30.80 -31.61
CA ALA D 88 -10.47 -30.25 -32.93
C ALA D 88 -9.32 -29.24 -32.87
N GLU D 89 -9.24 -28.47 -31.79
CA GLU D 89 -8.13 -27.54 -31.62
C GLU D 89 -6.83 -28.28 -31.33
N GLU D 90 -6.89 -29.37 -30.56
CA GLU D 90 -5.70 -30.15 -30.30
C GLU D 90 -5.14 -30.77 -31.58
N LYS D 91 -6.02 -31.28 -32.45
CA LYS D 91 -5.57 -31.78 -33.74
C LYS D 91 -5.03 -30.66 -34.61
N ARG D 92 -5.57 -29.45 -34.46
CA ARG D 92 -5.08 -28.31 -35.23
C ARG D 92 -3.66 -27.95 -34.82
N GLU D 93 -3.39 -27.89 -33.52
CA GLU D 93 -2.05 -27.69 -33.03
C GLU D 93 -1.12 -28.82 -33.43
N GLY D 94 -1.66 -30.01 -33.66
CA GLY D 94 -0.91 -31.12 -34.19
C GLY D 94 -0.32 -30.89 -35.56
N TYR D 95 -1.16 -30.64 -36.56
CA TYR D 95 -0.63 -30.48 -37.91
C TYR D 95 0.14 -29.18 -38.06
N GLU D 96 -0.14 -28.17 -37.24
CA GLU D 96 0.67 -26.95 -37.26
C GLU D 96 2.08 -27.23 -36.76
N ARG D 97 2.21 -28.04 -35.71
CA ARG D 97 3.53 -28.44 -35.23
C ARG D 97 4.26 -29.27 -36.29
N LEU D 98 3.54 -30.17 -36.97
CA LEU D 98 4.14 -30.97 -38.03
C LEU D 98 4.63 -30.09 -39.17
N LEU D 99 3.83 -29.10 -39.57
CA LEU D 99 4.22 -28.22 -40.68
C LEU D 99 5.39 -27.34 -40.30
N LYS D 100 5.45 -26.88 -39.05
CA LYS D 100 6.62 -26.15 -38.57
C LYS D 100 7.88 -27.02 -38.65
N MET D 101 7.78 -28.28 -38.20
CA MET D 101 8.91 -29.18 -38.25
C MET D 101 9.34 -29.45 -39.69
N GLN D 102 8.38 -29.63 -40.58
CA GLN D 102 8.67 -29.87 -41.99
C GLN D 102 9.53 -28.74 -42.57
N ASN D 103 9.20 -27.50 -42.24
CA ASN D 103 9.99 -26.37 -42.71
C ASN D 103 11.33 -26.28 -42.01
N GLN D 104 11.38 -26.60 -40.72
CA GLN D 104 12.64 -26.61 -39.98
C GLN D 104 13.66 -27.55 -40.61
N ARG D 105 13.20 -28.69 -41.11
CA ARG D 105 14.07 -29.72 -41.66
C ARG D 105 14.30 -29.56 -43.16
N GLY D 106 13.78 -28.51 -43.78
CA GLY D 106 13.95 -28.31 -45.20
C GLY D 106 13.04 -29.13 -46.07
N GLY D 107 11.98 -29.72 -45.50
CA GLY D 107 10.97 -30.38 -46.30
C GLY D 107 9.94 -29.40 -46.80
N ARG D 108 9.09 -29.89 -47.70
CA ARG D 108 8.13 -29.06 -48.41
C ARG D 108 6.72 -29.61 -48.22
N ALA D 109 5.87 -28.79 -47.64
CA ALA D 109 4.48 -29.17 -47.41
C ALA D 109 3.73 -29.33 -48.73
N LEU D 110 3.00 -30.43 -48.84
CA LEU D 110 2.15 -30.70 -50.00
C LEU D 110 0.76 -31.02 -49.47
N PHE D 111 -0.18 -30.12 -49.72
CA PHE D 111 -1.52 -30.22 -49.19
C PHE D 111 -2.43 -30.91 -50.19
N GLN D 112 -3.22 -31.85 -49.68
CA GLN D 112 -4.22 -32.57 -50.46
C GLN D 112 -5.61 -32.24 -49.93
N ASP D 113 -6.61 -32.69 -50.68
CA ASP D 113 -8.00 -32.49 -50.27
C ASP D 113 -8.26 -33.17 -48.93
N ILE D 114 -9.05 -32.51 -48.09
CA ILE D 114 -9.42 -33.02 -46.77
C ILE D 114 -10.78 -33.69 -46.91
N LYS D 115 -10.80 -35.00 -46.68
CA LYS D 115 -12.04 -35.75 -46.81
C LYS D 115 -13.04 -35.35 -45.73
N LYS D 116 -14.31 -35.35 -46.10
CA LYS D 116 -15.36 -35.05 -45.15
C LYS D 116 -15.43 -36.15 -44.09
N PRO D 117 -16.07 -35.88 -42.95
CA PRO D 117 -16.24 -36.93 -41.95
C PRO D 117 -17.10 -38.07 -42.47
N ALA D 118 -16.87 -39.25 -41.91
CA ALA D 118 -17.55 -40.46 -42.37
C ALA D 118 -19.05 -40.43 -42.09
N GLU D 119 -19.48 -39.63 -41.12
CA GLU D 119 -20.88 -39.53 -40.75
C GLU D 119 -21.31 -38.08 -40.68
N ASP D 120 -22.57 -37.84 -41.00
CA ASP D 120 -23.22 -36.55 -40.78
C ASP D 120 -23.89 -36.49 -39.42
N GLU D 121 -24.50 -37.60 -38.99
CA GLU D 121 -25.10 -37.74 -37.67
C GLU D 121 -24.34 -38.79 -36.88
N TRP D 122 -24.00 -38.45 -35.64
CA TRP D 122 -23.11 -39.26 -34.81
C TRP D 122 -23.83 -39.99 -33.69
N GLY D 123 -25.15 -40.06 -33.72
CA GLY D 123 -25.89 -40.85 -32.75
C GLY D 123 -25.79 -40.27 -31.36
N LYS D 124 -25.65 -41.16 -30.38
CA LYS D 124 -25.58 -40.81 -28.97
C LYS D 124 -24.12 -40.75 -28.52
N THR D 125 -23.93 -40.26 -27.29
CA THR D 125 -22.58 -40.05 -26.77
C THR D 125 -21.71 -41.31 -26.77
N PRO D 126 -22.21 -42.51 -26.43
CA PRO D 126 -21.35 -43.69 -26.55
C PRO D 126 -20.91 -43.97 -27.98
N ASP D 127 -21.79 -43.78 -28.96
CA ASP D 127 -21.43 -44.01 -30.35
C ASP D 127 -20.39 -43.00 -30.81
N ALA D 128 -20.54 -41.75 -30.41
CA ALA D 128 -19.60 -40.70 -30.78
C ALA D 128 -18.23 -40.93 -30.15
N MET D 129 -18.21 -41.27 -28.86
CA MET D 129 -16.94 -41.52 -28.18
C MET D 129 -16.23 -42.72 -28.79
N LYS D 130 -16.97 -43.75 -29.20
CA LYS D 130 -16.35 -44.90 -29.84
C LYS D 130 -15.72 -44.51 -31.18
N ALA D 131 -16.38 -43.63 -31.94
CA ALA D 131 -15.82 -43.16 -33.19
C ALA D 131 -14.57 -42.31 -32.96
N ALA D 132 -14.61 -41.45 -31.95
CA ALA D 132 -13.42 -40.66 -31.60
C ALA D 132 -12.29 -41.57 -31.12
N MET D 133 -12.63 -42.63 -30.39
CA MET D 133 -11.63 -43.60 -29.97
C MET D 133 -10.95 -44.24 -31.17
N ALA D 134 -11.73 -44.69 -32.14
CA ALA D 134 -11.18 -45.32 -33.33
C ALA D 134 -10.34 -44.36 -34.13
N LEU D 135 -10.72 -43.08 -34.15
CA LEU D 135 -9.95 -42.07 -34.87
C LEU D 135 -8.59 -41.86 -34.21
N GLU D 136 -8.57 -41.72 -32.89
CA GLU D 136 -7.31 -41.50 -32.20
C GLU D 136 -6.38 -42.71 -32.31
N LYS D 137 -6.94 -43.92 -32.31
CA LYS D 137 -6.13 -45.11 -32.52
C LYS D 137 -5.52 -45.13 -33.91
N LYS D 138 -6.28 -44.70 -34.92
CA LYS D 138 -5.74 -44.59 -36.28
C LYS D 138 -4.62 -43.56 -36.34
N LEU D 139 -4.79 -42.42 -35.67
CA LEU D 139 -3.73 -41.43 -35.60
C LEU D 139 -2.52 -41.98 -34.88
N ASN D 140 -2.74 -42.71 -33.78
CA ASN D 140 -1.64 -43.28 -33.03
C ASN D 140 -0.87 -44.29 -33.86
N GLN D 141 -1.58 -45.11 -34.64
CA GLN D 141 -0.91 -46.09 -35.48
C GLN D 141 -0.08 -45.41 -36.57
N ALA D 142 -0.56 -44.29 -37.10
CA ALA D 142 0.20 -43.54 -38.08
C ALA D 142 1.45 -42.93 -37.45
N LEU D 143 1.33 -42.43 -36.21
CA LEU D 143 2.48 -41.88 -35.51
C LEU D 143 3.54 -42.95 -35.27
N LEU D 144 3.11 -44.13 -34.82
CA LEU D 144 4.05 -45.21 -34.53
C LEU D 144 4.70 -45.70 -35.82
N ASP D 145 3.97 -45.72 -36.93
CA ASP D 145 4.55 -46.11 -38.20
C ASP D 145 5.56 -45.08 -38.68
N LEU D 146 5.29 -43.79 -38.46
CA LEU D 146 6.25 -42.76 -38.84
C LEU D 146 7.50 -42.84 -37.98
N HIS D 147 7.35 -43.11 -36.68
CA HIS D 147 8.49 -43.31 -35.81
C HIS D 147 9.32 -44.50 -36.28
N ALA D 148 8.66 -45.59 -36.66
CA ALA D 148 9.37 -46.76 -37.17
C ALA D 148 10.09 -46.44 -38.47
N LEU D 149 9.47 -45.61 -39.32
CA LEU D 149 10.13 -45.19 -40.54
C LEU D 149 11.35 -44.33 -40.24
N GLY D 150 11.21 -43.38 -39.33
CA GLY D 150 12.34 -42.53 -38.96
C GLY D 150 13.48 -43.31 -38.36
N SER D 151 13.17 -44.32 -37.56
CA SER D 151 14.20 -45.19 -37.01
C SER D 151 14.92 -45.97 -38.10
N ALA D 152 14.17 -46.52 -39.05
CA ALA D 152 14.76 -47.25 -40.16
C ALA D 152 15.64 -46.35 -41.02
N ARG D 153 15.24 -45.09 -41.18
CA ARG D 153 16.01 -44.11 -41.93
C ARG D 153 17.02 -43.36 -41.08
N THR D 154 17.12 -43.67 -39.78
CA THR D 154 18.08 -43.04 -38.88
C THR D 154 17.87 -41.53 -38.82
N ASP D 155 16.69 -41.15 -38.34
CA ASP D 155 16.27 -39.75 -38.21
C ASP D 155 15.91 -39.49 -36.75
N PRO D 156 16.91 -39.24 -35.89
CA PRO D 156 16.60 -39.10 -34.46
C PRO D 156 15.84 -37.83 -34.10
N HIS D 157 16.02 -36.73 -34.85
CA HIS D 157 15.23 -35.54 -34.58
C HIS D 157 13.74 -35.81 -34.76
N LEU D 158 13.38 -36.51 -35.84
CA LEU D 158 11.97 -36.86 -36.05
C LEU D 158 11.45 -37.74 -34.93
N CYS D 159 12.19 -38.78 -34.59
CA CYS D 159 11.76 -39.73 -33.58
C CYS D 159 11.54 -39.05 -32.23
N ASP D 160 12.46 -38.18 -31.84
CA ASP D 160 12.30 -37.46 -30.58
C ASP D 160 11.20 -36.40 -30.66
N PHE D 161 11.00 -35.84 -31.86
CA PHE D 161 9.93 -34.86 -32.05
C PHE D 161 8.57 -35.50 -31.80
N LEU D 162 8.35 -36.69 -32.34
CA LEU D 162 7.10 -37.41 -32.11
C LEU D 162 6.97 -37.85 -30.66
N GLU D 163 8.07 -38.30 -30.06
CA GLU D 163 8.06 -38.73 -28.67
C GLU D 163 7.70 -37.57 -27.74
N THR D 164 8.18 -36.38 -28.05
CA THR D 164 8.03 -35.24 -27.16
C THR D 164 6.64 -34.63 -27.25
N HIS D 165 6.04 -34.61 -28.45
CA HIS D 165 4.86 -33.80 -28.71
C HIS D 165 3.61 -34.61 -29.04
N PHE D 166 3.74 -35.86 -29.51
CA PHE D 166 2.61 -36.60 -30.05
C PHE D 166 2.31 -37.90 -29.33
N LEU D 167 3.31 -38.75 -29.08
CA LEU D 167 3.05 -40.11 -28.64
C LEU D 167 2.37 -40.17 -27.28
N ASP D 168 2.87 -39.39 -26.32
CA ASP D 168 2.27 -39.40 -24.99
C ASP D 168 0.91 -38.71 -24.99
N GLU D 169 0.75 -37.68 -25.81
CA GLU D 169 -0.55 -37.01 -25.93
C GLU D 169 -1.62 -38.00 -26.38
N GLU D 170 -1.30 -38.86 -27.34
CA GLU D 170 -2.28 -39.81 -27.84
C GLU D 170 -2.58 -40.89 -26.81
N VAL D 171 -1.55 -41.38 -26.12
CA VAL D 171 -1.75 -42.39 -25.08
C VAL D 171 -2.65 -41.85 -23.97
N LYS D 172 -2.42 -40.60 -23.56
CA LYS D 172 -3.25 -39.99 -22.52
C LYS D 172 -4.69 -39.82 -23.00
N LEU D 173 -4.87 -39.38 -24.24
CA LEU D 173 -6.21 -39.12 -24.74
C LEU D 173 -6.98 -40.43 -24.93
N ILE D 174 -6.33 -41.46 -25.44
CA ILE D 174 -6.98 -42.75 -25.62
C ILE D 174 -7.38 -43.33 -24.27
N LYS D 175 -6.57 -43.10 -23.23
CA LYS D 175 -6.91 -43.53 -21.88
C LYS D 175 -8.16 -42.81 -21.38
N LYS D 176 -8.23 -41.50 -21.58
CA LYS D 176 -9.38 -40.73 -21.12
C LYS D 176 -10.65 -41.14 -21.84
N MET D 177 -10.58 -41.38 -23.15
CA MET D 177 -11.74 -41.84 -23.90
C MET D 177 -12.18 -43.21 -23.42
N GLY D 178 -11.22 -44.09 -23.13
CA GLY D 178 -11.57 -45.39 -22.57
C GLY D 178 -12.26 -45.29 -21.23
N ASP D 179 -11.80 -44.36 -20.39
CA ASP D 179 -12.47 -44.11 -19.12
C ASP D 179 -13.89 -43.62 -19.34
N HIS D 180 -14.08 -42.70 -20.29
CA HIS D 180 -15.42 -42.19 -20.61
C HIS D 180 -16.33 -43.31 -21.08
N LEU D 181 -15.83 -44.18 -21.95
CA LEU D 181 -16.65 -45.27 -22.48
C LEU D 181 -17.04 -46.26 -21.39
N THR D 182 -16.16 -46.50 -20.42
CA THR D 182 -16.48 -47.40 -19.32
C THR D 182 -17.58 -46.81 -18.45
N ASN D 183 -17.49 -45.52 -18.13
CA ASN D 183 -18.52 -44.87 -17.34
C ASN D 183 -19.84 -44.78 -18.12
N LEU D 184 -19.78 -44.53 -19.42
CA LEU D 184 -21.00 -44.49 -20.22
C LEU D 184 -21.67 -45.86 -20.27
N HIS D 185 -20.88 -46.93 -20.36
CA HIS D 185 -21.43 -48.27 -20.32
C HIS D 185 -22.01 -48.58 -18.94
N ARG D 186 -21.35 -48.09 -17.88
CA ARG D 186 -21.87 -48.24 -16.53
C ARG D 186 -23.19 -47.52 -16.37
N LEU D 187 -23.35 -46.37 -17.03
CA LEU D 187 -24.56 -45.58 -16.99
C LEU D 187 -25.57 -45.98 -18.07
N GLY D 188 -25.38 -47.13 -18.70
CA GLY D 188 -26.26 -47.58 -19.77
C GLY D 188 -27.52 -48.22 -19.22
N GLY D 189 -28.15 -49.01 -20.06
CA GLY D 189 -29.36 -49.72 -19.70
C GLY D 189 -30.61 -48.96 -20.10
N PRO D 190 -31.76 -49.29 -19.50
CA PRO D 190 -32.99 -48.57 -19.84
C PRO D 190 -33.01 -47.13 -19.34
N GLU D 191 -32.11 -46.76 -18.42
CA GLU D 191 -31.93 -45.38 -18.00
C GLU D 191 -30.83 -44.68 -18.79
N ALA D 192 -30.64 -45.05 -20.05
CA ALA D 192 -29.52 -44.54 -20.82
C ALA D 192 -29.60 -43.02 -21.02
N GLY D 193 -30.81 -42.51 -21.27
CA GLY D 193 -30.96 -41.07 -21.41
C GLY D 193 -30.59 -40.32 -20.14
N LEU D 194 -31.06 -40.82 -19.00
CA LEU D 194 -30.66 -40.27 -17.72
C LEU D 194 -29.15 -40.37 -17.53
N GLY D 195 -28.57 -41.51 -17.88
CA GLY D 195 -27.12 -41.66 -17.78
C GLY D 195 -26.38 -40.70 -18.68
N GLU D 196 -26.88 -40.49 -19.90
CA GLU D 196 -26.25 -39.56 -20.82
C GLU D 196 -26.25 -38.14 -20.27
N TYR D 197 -27.36 -37.72 -19.67
CA TYR D 197 -27.46 -36.40 -19.07
C TYR D 197 -26.48 -36.26 -17.91
N LEU D 198 -26.44 -37.24 -17.02
CA LEU D 198 -25.57 -37.15 -15.84
C LEU D 198 -24.09 -37.17 -16.23
N PHE D 199 -23.73 -37.96 -17.23
CA PHE D 199 -22.34 -37.97 -17.70
C PHE D 199 -21.93 -36.59 -18.19
N GLU D 200 -22.77 -35.97 -19.02
CA GLU D 200 -22.46 -34.64 -19.53
C GLU D 200 -22.41 -33.61 -18.42
N ARG D 201 -23.29 -33.72 -17.43
CA ARG D 201 -23.35 -32.74 -16.35
C ARG D 201 -22.17 -32.89 -15.39
N LEU D 202 -21.83 -34.12 -15.01
CA LEU D 202 -20.92 -34.35 -13.88
C LEU D 202 -19.52 -34.79 -14.26
N THR D 203 -19.29 -35.25 -15.49
CA THR D 203 -17.95 -35.57 -15.98
C THR D 203 -17.44 -34.57 -17.00
N LEU D 204 -18.25 -34.21 -17.98
CA LEU D 204 -17.83 -33.36 -19.09
C LEU D 204 -18.20 -31.89 -18.92
N ARG D 205 -18.98 -31.54 -17.90
CA ARG D 205 -19.49 -30.19 -17.73
C ARG D 205 -20.32 -29.78 -18.95
N SER E 34 -8.41 -58.19 -22.79
CA SER E 34 -8.59 -57.49 -24.05
C SER E 34 -8.91 -56.02 -23.74
N SER E 35 -7.91 -55.28 -23.27
CA SER E 35 -8.13 -53.89 -22.93
C SER E 35 -8.45 -53.08 -24.18
N GLN E 36 -9.49 -52.25 -24.08
CA GLN E 36 -9.94 -51.46 -25.22
C GLN E 36 -8.90 -50.45 -25.66
N ILE E 37 -8.08 -49.94 -24.73
CA ILE E 37 -7.11 -48.91 -25.06
C ILE E 37 -5.76 -49.47 -25.51
N ARG E 38 -5.52 -50.75 -25.32
CA ARG E 38 -4.19 -51.32 -25.55
C ARG E 38 -3.85 -51.27 -27.03
N GLN E 39 -2.67 -50.73 -27.32
CA GLN E 39 -2.22 -50.57 -28.70
C GLN E 39 -0.70 -50.71 -28.72
N ASN E 40 -0.23 -51.80 -29.32
CA ASN E 40 1.19 -52.08 -29.48
C ASN E 40 1.92 -52.06 -28.13
N TYR E 41 1.35 -52.75 -27.15
CA TYR E 41 1.93 -52.89 -25.82
C TYR E 41 2.16 -54.38 -25.57
N SER E 42 3.41 -54.80 -25.70
CA SER E 42 3.79 -56.20 -25.57
C SER E 42 3.52 -56.73 -24.17
N THR E 43 3.10 -58.00 -24.11
CA THR E 43 2.96 -58.68 -22.83
C THR E 43 4.31 -58.85 -22.14
N ASP E 44 5.38 -59.04 -22.91
CA ASP E 44 6.72 -59.08 -22.34
C ASP E 44 7.06 -57.78 -21.64
N VAL E 45 6.72 -56.65 -22.28
CA VAL E 45 6.96 -55.35 -21.66
C VAL E 45 6.09 -55.18 -20.43
N GLU E 46 4.81 -55.58 -20.52
CA GLU E 46 3.90 -55.49 -19.39
C GLU E 46 4.44 -56.25 -18.19
N ALA E 47 4.95 -57.46 -18.41
CA ALA E 47 5.50 -58.24 -17.32
C ALA E 47 6.78 -57.61 -16.76
N ALA E 48 7.66 -57.14 -17.63
CA ALA E 48 8.90 -56.51 -17.20
C ALA E 48 8.64 -55.25 -16.40
N VAL E 49 7.59 -54.50 -16.74
CA VAL E 49 7.23 -53.32 -15.96
C VAL E 49 6.82 -53.72 -14.55
N ASN E 50 5.99 -54.77 -14.43
CA ASN E 50 5.57 -55.22 -13.10
C ASN E 50 6.73 -55.73 -12.28
N SER E 51 7.71 -56.37 -12.91
CA SER E 51 8.91 -56.79 -12.19
C SER E 51 9.72 -55.59 -11.72
N LEU E 52 9.80 -54.54 -12.56
CA LEU E 52 10.50 -53.33 -12.17
C LEU E 52 9.76 -52.60 -11.04
N VAL E 53 8.43 -52.67 -11.03
CA VAL E 53 7.66 -52.13 -9.93
C VAL E 53 8.04 -52.83 -8.63
N ASN E 54 8.21 -54.15 -8.67
CA ASN E 54 8.61 -54.90 -7.48
C ASN E 54 10.00 -54.51 -7.02
N LEU E 55 10.93 -54.35 -7.96
CA LEU E 55 12.29 -53.95 -7.62
C LEU E 55 12.32 -52.58 -6.98
N TYR E 56 11.47 -51.67 -7.44
CA TYR E 56 11.40 -50.34 -6.85
C TYR E 56 10.73 -50.35 -5.49
N LEU E 57 9.70 -51.19 -5.31
CA LEU E 57 9.11 -51.38 -4.00
C LEU E 57 10.14 -51.93 -3.01
N GLN E 58 10.93 -52.89 -3.46
CA GLN E 58 12.00 -53.45 -2.62
C GLN E 58 13.07 -52.40 -2.33
N ALA E 59 13.37 -51.55 -3.30
CA ALA E 59 14.38 -50.51 -3.10
C ALA E 59 13.91 -49.48 -2.08
N SER E 60 12.66 -49.04 -2.17
CA SER E 60 12.10 -48.13 -1.18
C SER E 60 12.14 -48.73 0.21
N TYR E 61 11.84 -50.02 0.32
CA TYR E 61 11.84 -50.70 1.61
C TYR E 61 13.24 -50.80 2.20
N THR E 62 14.24 -51.03 1.34
CA THR E 62 15.62 -51.05 1.80
C THR E 62 16.05 -49.69 2.32
N TYR E 63 15.66 -48.62 1.64
CA TYR E 63 16.02 -47.28 2.09
C TYR E 63 15.24 -46.87 3.32
N LEU E 64 14.03 -47.43 3.52
CA LEU E 64 13.32 -47.24 4.77
C LEU E 64 14.15 -47.79 5.94
N SER E 65 14.65 -49.02 5.79
CA SER E 65 15.46 -49.63 6.83
C SER E 65 16.75 -48.86 7.07
N LEU E 66 17.40 -48.41 6.01
CA LEU E 66 18.63 -47.64 6.14
C LEU E 66 18.37 -46.34 6.90
N GLY E 67 17.28 -45.65 6.56
CA GLY E 67 16.99 -44.39 7.22
C GLY E 67 16.75 -44.51 8.70
N PHE E 68 16.04 -45.56 9.12
CA PHE E 68 15.73 -45.76 10.53
C PHE E 68 16.89 -46.40 11.29
N TYR E 69 17.78 -47.09 10.59
CA TYR E 69 19.00 -47.57 11.24
C TYR E 69 19.89 -46.41 11.67
N PHE E 70 20.04 -45.40 10.82
CA PHE E 70 20.84 -44.24 11.15
C PHE E 70 20.12 -43.24 12.05
N ASP E 71 18.84 -43.47 12.35
CA ASP E 71 18.11 -42.77 13.40
C ASP E 71 18.21 -43.46 14.75
N ARG E 72 18.83 -44.64 14.82
CA ARG E 72 19.06 -45.30 16.09
C ARG E 72 19.93 -44.45 17.00
N ASP E 73 19.71 -44.60 18.31
CA ASP E 73 20.46 -43.80 19.27
C ASP E 73 21.94 -44.15 19.28
N ASP E 74 22.28 -45.41 18.97
CA ASP E 74 23.66 -45.87 18.93
C ASP E 74 24.29 -45.76 17.55
N VAL E 75 23.65 -45.06 16.61
CA VAL E 75 24.25 -44.73 15.32
C VAL E 75 24.25 -43.20 15.21
N ALA E 76 23.06 -42.61 15.25
CA ALA E 76 22.88 -41.18 15.48
C ALA E 76 23.60 -40.32 14.45
N LEU E 77 23.20 -40.50 13.20
CA LEU E 77 23.67 -39.69 12.07
C LEU E 77 22.45 -39.19 11.32
N GLU E 78 22.04 -37.98 11.67
CA GLU E 78 20.75 -37.45 11.25
C GLU E 78 20.73 -37.18 9.74
N GLY E 79 21.80 -36.58 9.22
CA GLY E 79 21.87 -36.30 7.80
C GLY E 79 21.88 -37.56 6.96
N VAL E 80 22.49 -38.63 7.46
CA VAL E 80 22.51 -39.88 6.73
C VAL E 80 21.11 -40.51 6.69
N SER E 81 20.41 -40.48 7.82
CA SER E 81 19.03 -40.98 7.87
C SER E 81 18.14 -40.21 6.89
N HIS E 82 18.27 -38.89 6.87
CA HIS E 82 17.46 -38.06 5.98
C HIS E 82 17.79 -38.34 4.52
N PHE E 83 19.07 -38.58 4.23
CA PHE E 83 19.49 -38.89 2.87
C PHE E 83 18.79 -40.14 2.36
N PHE E 84 18.78 -41.20 3.16
CA PHE E 84 18.16 -42.44 2.75
C PHE E 84 16.64 -42.38 2.81
N ARG E 85 16.08 -41.59 3.73
CA ARG E 85 14.64 -41.42 3.78
C ARG E 85 14.12 -40.69 2.54
N GLU E 86 14.89 -39.72 2.04
CA GLU E 86 14.50 -39.03 0.82
C GLU E 86 14.55 -39.97 -0.38
N LEU E 87 15.50 -40.90 -0.39
CA LEU E 87 15.60 -41.85 -1.49
C LEU E 87 14.44 -42.83 -1.50
N ALA E 88 13.96 -43.23 -0.32
CA ALA E 88 12.79 -44.10 -0.26
C ALA E 88 11.58 -43.45 -0.91
N GLU E 89 11.45 -42.13 -0.75
CA GLU E 89 10.35 -41.41 -1.40
C GLU E 89 10.58 -41.32 -2.90
N GLU E 90 11.83 -41.15 -3.33
CA GLU E 90 12.13 -41.11 -4.76
C GLU E 90 11.80 -42.45 -5.41
N LYS E 91 12.14 -43.55 -4.76
CA LYS E 91 11.77 -44.86 -5.29
C LYS E 91 10.26 -45.06 -5.26
N ARG E 92 9.57 -44.45 -4.31
CA ARG E 92 8.12 -44.54 -4.25
C ARG E 92 7.48 -43.84 -5.43
N GLU E 93 7.93 -42.63 -5.73
CA GLU E 93 7.48 -41.92 -6.91
C GLU E 93 7.84 -42.67 -8.19
N GLY E 94 8.89 -43.48 -8.15
CA GLY E 94 9.25 -44.35 -9.25
C GLY E 94 8.19 -45.37 -9.60
N TYR E 95 7.85 -46.25 -8.66
CA TYR E 95 6.89 -47.30 -8.99
C TYR E 95 5.47 -46.75 -9.17
N GLU E 96 5.17 -45.60 -8.57
CA GLU E 96 3.89 -44.97 -8.82
C GLU E 96 3.80 -44.47 -10.25
N ARG E 97 4.88 -43.88 -10.77
CA ARG E 97 4.93 -43.48 -12.17
C ARG E 97 4.80 -44.69 -13.09
N LEU E 98 5.48 -45.78 -12.75
CA LEU E 98 5.39 -47.00 -13.54
C LEU E 98 3.97 -47.55 -13.56
N LEU E 99 3.30 -47.56 -12.40
CA LEU E 99 1.94 -48.08 -12.33
C LEU E 99 0.96 -47.20 -13.08
N LYS E 100 1.15 -45.88 -13.04
CA LYS E 100 0.35 -44.97 -13.85
C LYS E 100 0.52 -45.27 -15.33
N MET E 101 1.77 -45.45 -15.77
CA MET E 101 2.03 -45.76 -17.18
C MET E 101 1.41 -47.10 -17.57
N GLN E 102 1.51 -48.09 -16.70
CA GLN E 102 0.93 -49.40 -16.97
C GLN E 102 -0.56 -49.29 -17.27
N ASN E 103 -1.27 -48.48 -16.48
CA ASN E 103 -2.70 -48.29 -16.72
C ASN E 103 -2.96 -47.45 -17.97
N GLN E 104 -2.12 -46.45 -18.23
CA GLN E 104 -2.27 -45.63 -19.43
C GLN E 104 -2.19 -46.48 -20.69
N ARG E 105 -1.33 -47.50 -20.71
CA ARG E 105 -1.11 -48.34 -21.86
C ARG E 105 -2.03 -49.55 -21.92
N GLY E 106 -2.94 -49.69 -20.97
CA GLY E 106 -3.83 -50.84 -20.95
C GLY E 106 -3.23 -52.10 -20.38
N GLY E 107 -2.10 -52.00 -19.70
CA GLY E 107 -1.56 -53.12 -18.97
C GLY E 107 -2.17 -53.27 -17.61
N ARG E 108 -1.87 -54.39 -16.97
CA ARG E 108 -2.50 -54.77 -15.71
C ARG E 108 -1.43 -55.03 -14.67
N ALA E 109 -1.49 -54.26 -13.58
CA ALA E 109 -0.54 -54.42 -12.48
C ALA E 109 -0.74 -55.75 -11.78
N LEU E 110 0.35 -56.45 -11.54
CA LEU E 110 0.37 -57.70 -10.79
C LEU E 110 1.39 -57.56 -9.68
N PHE E 111 0.93 -57.50 -8.46
CA PHE E 111 1.76 -57.25 -7.31
C PHE E 111 2.20 -58.56 -6.68
N GLN E 112 3.49 -58.65 -6.36
CA GLN E 112 4.08 -59.79 -5.68
C GLN E 112 4.60 -59.36 -4.32
N ASP E 113 5.00 -60.35 -3.53
CA ASP E 113 5.56 -60.08 -2.21
C ASP E 113 6.83 -59.24 -2.33
N ILE E 114 6.99 -58.30 -1.41
CA ILE E 114 8.15 -57.42 -1.37
C ILE E 114 9.14 -58.03 -0.39
N LYS E 115 10.31 -58.43 -0.90
CA LYS E 115 11.32 -59.05 -0.06
C LYS E 115 11.89 -58.04 0.93
N LYS E 116 12.21 -58.54 2.12
CA LYS E 116 12.81 -57.70 3.14
C LYS E 116 14.22 -57.27 2.70
N PRO E 117 14.76 -56.22 3.30
CA PRO E 117 16.14 -55.84 2.97
C PRO E 117 17.13 -56.92 3.35
N ALA E 118 18.24 -56.94 2.62
CA ALA E 118 19.25 -57.97 2.78
C ALA E 118 19.93 -57.92 4.15
N GLU E 119 19.92 -56.76 4.80
CA GLU E 119 20.56 -56.57 6.10
C GLU E 119 19.59 -55.91 7.06
N ASP E 120 19.74 -56.25 8.33
CA ASP E 120 19.06 -55.56 9.42
C ASP E 120 19.91 -54.41 9.97
N GLU E 121 21.22 -54.62 10.05
CA GLU E 121 22.17 -53.60 10.45
C GLU E 121 23.09 -53.27 9.28
N TRP E 122 23.26 -51.98 9.02
CA TRP E 122 23.96 -51.50 7.83
C TRP E 122 25.35 -50.94 8.12
N GLY E 123 25.89 -51.17 9.31
CA GLY E 123 27.26 -50.77 9.59
C GLY E 123 27.40 -49.27 9.64
N LYS E 124 28.51 -48.79 9.09
CA LYS E 124 28.86 -47.38 9.06
C LYS E 124 28.47 -46.76 7.73
N THR E 125 28.58 -45.43 7.66
CA THR E 125 28.14 -44.69 6.48
C THR E 125 28.80 -45.15 5.18
N PRO E 126 30.12 -45.45 5.13
CA PRO E 126 30.66 -45.99 3.88
C PRO E 126 30.06 -47.31 3.47
N ASP E 127 29.79 -48.20 4.42
CA ASP E 127 29.18 -49.50 4.08
C ASP E 127 27.76 -49.31 3.58
N ALA E 128 27.01 -48.40 4.19
CA ALA E 128 25.64 -48.14 3.77
C ALA E 128 25.59 -47.50 2.39
N MET E 129 26.46 -46.52 2.14
CA MET E 129 26.48 -45.87 0.84
C MET E 129 26.88 -46.85 -0.27
N LYS E 130 27.79 -47.77 0.03
CA LYS E 130 28.18 -48.78 -0.94
C LYS E 130 27.00 -49.70 -1.27
N ALA E 131 26.21 -50.05 -0.27
CA ALA E 131 25.02 -50.88 -0.50
C ALA E 131 23.98 -50.13 -1.33
N ALA E 132 23.78 -48.85 -1.01
CA ALA E 132 22.87 -48.02 -1.80
C ALA E 132 23.36 -47.86 -3.23
N MET E 133 24.68 -47.75 -3.40
CA MET E 133 25.27 -47.68 -4.74
C MET E 133 24.95 -48.94 -5.54
N ALA E 134 25.17 -50.11 -4.93
CA ALA E 134 24.91 -51.37 -5.59
C ALA E 134 23.43 -51.53 -5.93
N LEU E 135 22.56 -51.03 -5.07
CA LEU E 135 21.12 -51.10 -5.32
C LEU E 135 20.74 -50.24 -6.52
N GLU E 136 21.24 -49.01 -6.57
CA GLU E 136 20.90 -48.13 -7.69
C GLU E 136 21.46 -48.65 -9.01
N LYS E 137 22.64 -49.28 -8.98
CA LYS E 137 23.18 -49.88 -10.19
C LYS E 137 22.31 -51.05 -10.66
N LYS E 138 21.79 -51.85 -9.72
CA LYS E 138 20.86 -52.91 -10.08
C LYS E 138 19.58 -52.36 -10.69
N LEU E 139 19.05 -51.29 -10.11
CA LEU E 139 17.88 -50.63 -10.70
C LEU E 139 18.19 -50.07 -12.07
N ASN E 140 19.37 -49.47 -12.24
CA ASN E 140 19.76 -48.91 -13.53
C ASN E 140 19.88 -50.02 -14.58
N GLN E 141 20.43 -51.17 -14.19
CA GLN E 141 20.57 -52.26 -15.14
C GLN E 141 19.21 -52.80 -15.56
N ALA E 142 18.26 -52.83 -14.62
CA ALA E 142 16.90 -53.26 -14.97
C ALA E 142 16.23 -52.25 -15.90
N LEU E 143 16.46 -50.96 -15.68
CA LEU E 143 15.90 -49.94 -16.56
C LEU E 143 16.46 -50.06 -17.97
N LEU E 144 17.78 -50.25 -18.08
CA LEU E 144 18.41 -50.38 -19.39
C LEU E 144 17.95 -51.64 -20.10
N ASP E 145 17.74 -52.72 -19.36
CA ASP E 145 17.23 -53.95 -19.95
C ASP E 145 15.80 -53.76 -20.44
N LEU E 146 14.97 -53.03 -19.68
CA LEU E 146 13.61 -52.77 -20.13
C LEU E 146 13.59 -51.89 -21.37
N HIS E 147 14.47 -50.88 -21.41
CA HIS E 147 14.60 -50.06 -22.61
C HIS E 147 15.00 -50.91 -23.80
N ALA E 148 15.96 -51.82 -23.62
CA ALA E 148 16.37 -52.70 -24.69
C ALA E 148 15.24 -53.61 -25.13
N LEU E 149 14.42 -54.07 -24.18
CA LEU E 149 13.26 -54.87 -24.54
C LEU E 149 12.24 -54.06 -25.32
N GLY E 150 11.97 -52.83 -24.87
CA GLY E 150 11.03 -51.98 -25.59
C GLY E 150 11.49 -51.65 -26.99
N SER E 151 12.79 -51.45 -27.17
CA SER E 151 13.34 -51.21 -28.50
C SER E 151 13.18 -52.44 -29.38
N ALA E 152 13.46 -53.62 -28.84
CA ALA E 152 13.30 -54.85 -29.62
C ALA E 152 11.85 -55.07 -30.00
N ARG E 153 10.92 -54.72 -29.12
CA ARG E 153 9.49 -54.83 -29.37
C ARG E 153 8.91 -53.60 -30.06
N THR E 154 9.72 -52.59 -30.36
CA THR E 154 9.27 -51.39 -31.06
C THR E 154 8.17 -50.68 -30.27
N ASP E 155 8.54 -50.24 -29.06
CA ASP E 155 7.66 -49.54 -28.13
C ASP E 155 8.27 -48.18 -27.80
N PRO E 156 8.08 -47.18 -28.66
CA PRO E 156 8.75 -45.89 -28.42
C PRO E 156 8.20 -45.10 -27.26
N HIS E 157 6.92 -45.24 -26.92
CA HIS E 157 6.39 -44.57 -25.74
C HIS E 157 7.09 -45.04 -24.48
N LEU E 158 7.29 -46.36 -24.35
CA LEU E 158 8.00 -46.90 -23.19
C LEU E 158 9.43 -46.36 -23.14
N CYS E 159 10.14 -46.44 -24.26
CA CYS E 159 11.53 -46.04 -24.31
C CYS E 159 11.70 -44.57 -23.94
N ASP E 160 10.83 -43.71 -24.46
CA ASP E 160 10.91 -42.29 -24.10
C ASP E 160 10.44 -42.04 -22.68
N PHE E 161 9.52 -42.86 -22.18
CA PHE E 161 9.06 -42.73 -20.81
C PHE E 161 10.21 -42.98 -19.82
N LEU E 162 11.00 -44.02 -20.07
CA LEU E 162 12.15 -44.30 -19.23
C LEU E 162 13.22 -43.24 -19.38
N GLU E 163 13.45 -42.78 -20.61
CA GLU E 163 14.44 -41.74 -20.86
C GLU E 163 14.09 -40.45 -20.14
N THR E 164 12.80 -40.12 -20.09
CA THR E 164 12.37 -38.84 -19.55
C THR E 164 12.39 -38.82 -18.02
N HIS E 165 12.03 -39.94 -17.40
CA HIS E 165 11.71 -39.98 -15.97
C HIS E 165 12.68 -40.80 -15.13
N PHE E 166 13.41 -41.75 -15.71
CA PHE E 166 14.19 -42.71 -14.94
C PHE E 166 15.68 -42.70 -15.24
N LEU E 167 16.09 -42.74 -16.51
CA LEU E 167 17.48 -43.02 -16.84
C LEU E 167 18.41 -41.92 -16.35
N ASP E 168 18.05 -40.65 -16.55
CA ASP E 168 18.91 -39.57 -16.10
C ASP E 168 18.89 -39.43 -14.59
N GLU E 169 17.74 -39.71 -13.96
CA GLU E 169 17.65 -39.69 -12.50
C GLU E 169 18.63 -40.66 -11.89
N GLU E 170 18.75 -41.86 -12.45
CA GLU E 170 19.66 -42.86 -11.90
C GLU E 170 21.12 -42.47 -12.13
N VAL E 171 21.43 -41.95 -13.32
CA VAL E 171 22.79 -41.51 -13.62
C VAL E 171 23.22 -40.42 -12.65
N LYS E 172 22.33 -39.46 -12.39
CA LYS E 172 22.65 -38.39 -11.45
C LYS E 172 22.84 -38.91 -10.04
N LEU E 173 21.98 -39.82 -9.61
CA LEU E 173 22.06 -40.34 -8.25
C LEU E 173 23.31 -41.19 -8.05
N ILE E 174 23.64 -42.02 -9.04
CA ILE E 174 24.83 -42.85 -8.94
C ILE E 174 26.08 -41.97 -8.90
N LYS E 175 26.07 -40.85 -9.62
CA LYS E 175 27.17 -39.90 -9.58
C LYS E 175 27.31 -39.30 -8.18
N LYS E 176 26.20 -38.89 -7.58
CA LYS E 176 26.24 -38.29 -6.25
C LYS E 176 26.73 -39.28 -5.21
N MET E 177 26.27 -40.53 -5.27
CA MET E 177 26.74 -41.55 -4.34
C MET E 177 28.23 -41.80 -4.52
N GLY E 178 28.70 -41.82 -5.76
CA GLY E 178 30.12 -41.96 -6.01
C GLY E 178 30.93 -40.82 -5.43
N ASP E 179 30.41 -39.60 -5.53
CA ASP E 179 31.05 -38.45 -4.91
C ASP E 179 31.11 -38.61 -3.40
N HIS E 180 30.00 -39.05 -2.79
CA HIS E 180 29.97 -39.28 -1.35
C HIS E 180 30.99 -40.33 -0.93
N LEU E 181 31.08 -41.43 -1.67
CA LEU E 181 32.02 -42.49 -1.34
C LEU E 181 33.46 -42.03 -1.43
N THR E 182 33.77 -41.16 -2.41
CA THR E 182 35.12 -40.65 -2.55
C THR E 182 35.48 -39.76 -1.36
N ASN E 183 34.56 -38.88 -0.96
CA ASN E 183 34.81 -38.03 0.20
C ASN E 183 34.89 -38.84 1.49
N LEU E 184 34.06 -39.88 1.62
CA LEU E 184 34.12 -40.73 2.81
C LEU E 184 35.44 -41.47 2.88
N HIS E 185 35.94 -41.93 1.73
CA HIS E 185 37.26 -42.57 1.69
C HIS E 185 38.36 -41.58 2.00
N ARG E 186 38.21 -40.33 1.54
CA ARG E 186 39.16 -39.27 1.85
C ARG E 186 39.16 -38.98 3.34
N LEU E 187 38.00 -39.06 3.99
CA LEU E 187 37.86 -38.84 5.41
C LEU E 187 38.07 -40.10 6.24
N GLY E 188 38.61 -41.15 5.66
CA GLY E 188 38.81 -42.41 6.34
C GLY E 188 40.06 -42.38 7.20
N GLY E 189 40.55 -43.57 7.53
CA GLY E 189 41.73 -43.73 8.33
C GLY E 189 41.43 -43.90 9.80
N PRO E 190 42.42 -43.68 10.67
CA PRO E 190 42.16 -43.81 12.11
C PRO E 190 41.24 -42.72 12.67
N GLU E 191 41.04 -41.63 11.93
CA GLU E 191 40.06 -40.61 12.29
C GLU E 191 38.71 -40.83 11.62
N ALA E 192 38.34 -42.09 11.38
CA ALA E 192 37.14 -42.40 10.62
C ALA E 192 35.88 -41.89 11.32
N GLY E 193 35.81 -42.03 12.64
CA GLY E 193 34.66 -41.53 13.36
C GLY E 193 34.51 -40.02 13.24
N LEU E 194 35.63 -39.31 13.39
CA LEU E 194 35.63 -37.87 13.15
C LEU E 194 35.21 -37.55 11.72
N GLY E 195 35.74 -38.31 10.76
CA GLY E 195 35.35 -38.10 9.37
C GLY E 195 33.87 -38.35 9.14
N GLU E 196 33.33 -39.40 9.76
CA GLU E 196 31.92 -39.71 9.62
C GLU E 196 31.05 -38.58 10.14
N TYR E 197 31.42 -38.02 11.29
CA TYR E 197 30.68 -36.89 11.87
C TYR E 197 30.73 -35.68 10.95
N LEU E 198 31.92 -35.34 10.45
CA LEU E 198 32.07 -34.15 9.61
C LEU E 198 31.33 -34.30 8.29
N PHE E 199 31.36 -35.50 7.71
CA PHE E 199 30.61 -35.72 6.46
C PHE E 199 29.12 -35.47 6.67
N GLU E 200 28.57 -36.03 7.76
CA GLU E 200 27.15 -35.86 8.04
C GLU E 200 26.81 -34.40 8.32
N ARG E 201 27.71 -33.70 9.02
CA ARG E 201 27.45 -32.31 9.39
C ARG E 201 27.57 -31.36 8.19
N LEU E 202 28.59 -31.53 7.35
CA LEU E 202 28.97 -30.54 6.35
C LEU E 202 28.60 -30.88 4.92
N THR E 203 28.31 -32.14 4.61
CA THR E 203 27.82 -32.54 3.30
C THR E 203 26.35 -32.92 3.29
N LEU E 204 25.91 -33.74 4.25
CA LEU E 204 24.55 -34.27 4.28
C LEU E 204 23.61 -33.50 5.19
N ARG E 205 24.11 -32.55 5.97
CA ARG E 205 23.30 -31.87 6.98
C ARG E 205 22.73 -32.87 7.98
N SER F 34 -56.14 -28.75 -0.89
CA SER F 34 -55.73 -29.17 0.45
C SER F 34 -54.22 -29.03 0.59
N SER F 35 -53.76 -27.79 0.66
CA SER F 35 -52.32 -27.54 0.75
C SER F 35 -51.78 -28.07 2.08
N GLN F 36 -50.67 -28.80 2.00
CA GLN F 36 -50.09 -29.42 3.19
C GLN F 36 -49.61 -28.38 4.20
N ILE F 37 -49.18 -27.20 3.73
CA ILE F 37 -48.63 -26.18 4.62
C ILE F 37 -49.69 -25.23 5.17
N ARG F 38 -50.90 -25.24 4.62
CA ARG F 38 -51.89 -24.24 4.97
C ARG F 38 -52.32 -24.40 6.42
N GLN F 39 -52.28 -23.30 7.17
CA GLN F 39 -52.62 -23.32 8.58
C GLN F 39 -53.25 -21.97 8.93
N ASN F 40 -54.54 -21.99 9.22
CA ASN F 40 -55.29 -20.81 9.63
C ASN F 40 -55.17 -19.68 8.59
N TYR F 41 -55.38 -20.04 7.32
CA TYR F 41 -55.38 -19.10 6.21
C TYR F 41 -56.74 -19.15 5.54
N SER F 42 -57.56 -18.14 5.83
CA SER F 42 -58.93 -18.08 5.34
C SER F 42 -58.97 -17.97 3.82
N THR F 43 -59.98 -18.64 3.25
CA THR F 43 -60.24 -18.49 1.81
C THR F 43 -60.66 -17.07 1.47
N ASP F 44 -61.37 -16.39 2.38
CA ASP F 44 -61.70 -14.97 2.17
C ASP F 44 -60.44 -14.14 2.06
N VAL F 45 -59.46 -14.40 2.93
CA VAL F 45 -58.19 -13.68 2.86
C VAL F 45 -57.45 -14.03 1.58
N GLU F 46 -57.43 -15.31 1.22
CA GLU F 46 -56.78 -15.75 -0.01
C GLU F 46 -57.33 -15.02 -1.22
N ALA F 47 -58.66 -14.91 -1.30
CA ALA F 47 -59.29 -14.22 -2.42
C ALA F 47 -58.98 -12.73 -2.40
N ALA F 48 -59.06 -12.10 -1.23
CA ALA F 48 -58.77 -10.68 -1.10
C ALA F 48 -57.33 -10.35 -1.47
N VAL F 49 -56.40 -11.26 -1.17
CA VAL F 49 -55.01 -11.06 -1.57
C VAL F 49 -54.89 -11.05 -3.09
N ASN F 50 -55.55 -12.00 -3.76
CA ASN F 50 -55.50 -12.05 -5.22
C ASN F 50 -56.13 -10.83 -5.85
N SER F 51 -57.19 -10.30 -5.25
CA SER F 51 -57.78 -9.05 -5.74
C SER F 51 -56.83 -7.88 -5.56
N LEU F 52 -56.11 -7.85 -4.44
CA LEU F 52 -55.12 -6.80 -4.22
C LEU F 52 -53.94 -6.93 -5.17
N VAL F 53 -53.57 -8.16 -5.53
CA VAL F 53 -52.55 -8.37 -6.54
C VAL F 53 -52.99 -7.74 -7.87
N ASN F 54 -54.26 -7.91 -8.23
CA ASN F 54 -54.78 -7.32 -9.46
C ASN F 54 -54.75 -5.80 -9.40
N LEU F 55 -55.15 -5.23 -8.27
CA LEU F 55 -55.15 -3.79 -8.10
C LEU F 55 -53.73 -3.22 -8.22
N TYR F 56 -52.74 -3.96 -7.71
CA TYR F 56 -51.36 -3.50 -7.82
C TYR F 56 -50.82 -3.67 -9.22
N LEU F 57 -51.20 -4.74 -9.92
CA LEU F 57 -50.87 -4.88 -11.33
C LEU F 57 -51.44 -3.74 -12.14
N GLN F 58 -52.70 -3.38 -11.88
CA GLN F 58 -53.34 -2.26 -12.54
C GLN F 58 -52.65 -0.94 -12.20
N ALA F 59 -52.21 -0.79 -10.95
CA ALA F 59 -51.54 0.43 -10.54
C ALA F 59 -50.20 0.59 -11.25
N SER F 60 -49.41 -0.48 -11.32
CA SER F 60 -48.15 -0.46 -12.05
C SER F 60 -48.37 -0.09 -13.50
N TYR F 61 -49.43 -0.63 -14.11
CA TYR F 61 -49.72 -0.36 -15.51
C TYR F 61 -50.12 1.09 -15.73
N THR F 62 -50.86 1.68 -14.79
CA THR F 62 -51.22 3.08 -14.86
C THR F 62 -49.98 3.97 -14.77
N TYR F 63 -49.04 3.62 -13.89
CA TYR F 63 -47.83 4.41 -13.76
C TYR F 63 -46.90 4.21 -14.95
N LEU F 64 -46.97 3.05 -15.60
CA LEU F 64 -46.25 2.86 -16.86
C LEU F 64 -46.73 3.88 -17.90
N SER F 65 -48.05 4.01 -18.05
CA SER F 65 -48.61 4.95 -19.00
C SER F 65 -48.27 6.38 -18.64
N LEU F 66 -48.34 6.72 -17.36
CA LEU F 66 -47.98 8.07 -16.92
C LEU F 66 -46.53 8.39 -17.23
N GLY F 67 -45.63 7.45 -16.97
CA GLY F 67 -44.21 7.69 -17.20
C GLY F 67 -43.88 7.94 -18.67
N PHE F 68 -44.51 7.19 -19.56
CA PHE F 68 -44.26 7.33 -20.99
C PHE F 68 -45.01 8.50 -21.61
N TYR F 69 -46.10 8.92 -21.00
CA TYR F 69 -46.78 10.14 -21.43
C TYR F 69 -45.89 11.36 -21.22
N PHE F 70 -45.22 11.45 -20.07
CA PHE F 70 -44.34 12.56 -19.77
C PHE F 70 -42.97 12.43 -20.44
N ASP F 71 -42.71 11.31 -21.11
CA ASP F 71 -41.57 11.15 -22.00
C ASP F 71 -41.89 11.55 -23.44
N ARG F 72 -43.15 11.86 -23.75
CA ARG F 72 -43.52 12.34 -25.08
C ARG F 72 -42.79 13.64 -25.39
N ASP F 73 -42.53 13.85 -26.68
CA ASP F 73 -41.80 15.03 -27.11
C ASP F 73 -42.60 16.31 -26.86
N ASP F 74 -43.92 16.22 -26.91
CA ASP F 74 -44.80 17.36 -26.69
C ASP F 74 -45.25 17.50 -25.24
N VAL F 75 -44.64 16.77 -24.31
CA VAL F 75 -44.84 16.95 -22.88
C VAL F 75 -43.49 17.27 -22.27
N ALA F 76 -42.55 16.33 -22.40
CA ALA F 76 -41.12 16.56 -22.19
C ALA F 76 -40.83 17.08 -20.77
N LEU F 77 -41.17 16.26 -19.79
CA LEU F 77 -40.87 16.51 -18.39
C LEU F 77 -40.21 15.25 -17.85
N GLU F 78 -38.88 15.27 -17.86
CA GLU F 78 -38.08 14.07 -17.61
C GLU F 78 -38.21 13.62 -16.16
N GLY F 79 -38.14 14.55 -15.22
CA GLY F 79 -38.26 14.20 -13.82
C GLY F 79 -39.62 13.64 -13.47
N VAL F 80 -40.67 14.11 -14.14
CA VAL F 80 -42.01 13.60 -13.89
C VAL F 80 -42.13 12.17 -14.40
N SER F 81 -41.60 11.91 -15.61
CA SER F 81 -41.60 10.56 -16.15
C SER F 81 -40.86 9.59 -15.23
N HIS F 82 -39.68 10.00 -14.74
CA HIS F 82 -38.90 9.16 -13.86
C HIS F 82 -39.62 8.91 -12.54
N PHE F 83 -40.32 9.92 -12.03
CA PHE F 83 -41.08 9.79 -10.80
C PHE F 83 -42.13 8.68 -10.92
N PHE F 84 -42.90 8.70 -12.01
CA PHE F 84 -43.94 7.70 -12.21
C PHE F 84 -43.36 6.36 -12.62
N ARG F 85 -42.23 6.34 -13.33
CA ARG F 85 -41.62 5.07 -13.68
C ARG F 85 -41.08 4.36 -12.43
N GLU F 86 -40.57 5.12 -11.47
CA GLU F 86 -40.12 4.50 -10.22
C GLU F 86 -41.29 3.93 -9.44
N LEU F 87 -42.45 4.59 -9.50
CA LEU F 87 -43.62 4.09 -8.79
C LEU F 87 -44.14 2.80 -9.41
N ALA F 88 -44.06 2.66 -10.73
CA ALA F 88 -44.47 1.42 -11.38
C ALA F 88 -43.64 0.24 -10.86
N GLU F 89 -42.36 0.47 -10.59
CA GLU F 89 -41.51 -0.57 -10.03
C GLU F 89 -41.88 -0.85 -8.58
N GLU F 90 -42.22 0.19 -7.82
CA GLU F 90 -42.64 -0.02 -6.44
C GLU F 90 -43.92 -0.84 -6.37
N LYS F 91 -44.88 -0.57 -7.25
CA LYS F 91 -46.09 -1.38 -7.31
C LYS F 91 -45.78 -2.80 -7.77
N ARG F 92 -44.75 -2.96 -8.61
CA ARG F 92 -44.37 -4.30 -9.05
C ARG F 92 -43.80 -5.12 -7.91
N GLU F 93 -42.91 -4.52 -7.11
CA GLU F 93 -42.43 -5.17 -5.91
C GLU F 93 -43.55 -5.44 -4.91
N GLY F 94 -44.62 -4.65 -4.96
CA GLY F 94 -45.79 -4.89 -4.15
C GLY F 94 -46.47 -6.21 -4.45
N TYR F 95 -46.94 -6.41 -5.68
CA TYR F 95 -47.67 -7.64 -5.98
C TYR F 95 -46.75 -8.86 -5.98
N GLU F 96 -45.46 -8.68 -6.22
CA GLU F 96 -44.52 -9.79 -6.09
C GLU F 96 -44.40 -10.24 -4.65
N ARG F 97 -44.34 -9.28 -3.71
CA ARG F 97 -44.33 -9.62 -2.29
C ARG F 97 -45.62 -10.31 -1.89
N LEU F 98 -46.76 -9.84 -2.40
CA LEU F 98 -48.04 -10.47 -2.12
C LEU F 98 -48.09 -11.90 -2.63
N LEU F 99 -47.59 -12.13 -3.85
CA LEU F 99 -47.62 -13.46 -4.43
C LEU F 99 -46.68 -14.40 -3.69
N LYS F 100 -45.53 -13.92 -3.24
CA LYS F 100 -44.64 -14.70 -2.40
C LYS F 100 -45.34 -15.12 -1.11
N MET F 101 -46.02 -14.17 -0.46
CA MET F 101 -46.74 -14.47 0.78
C MET F 101 -47.85 -15.48 0.54
N GLN F 102 -48.58 -15.32 -0.57
CA GLN F 102 -49.66 -16.24 -0.90
C GLN F 102 -49.15 -17.68 -0.97
N ASN F 103 -47.98 -17.89 -1.58
CA ASN F 103 -47.41 -19.22 -1.66
C ASN F 103 -46.87 -19.68 -0.32
N GLN F 104 -46.29 -18.77 0.47
CA GLN F 104 -45.79 -19.12 1.80
C GLN F 104 -46.91 -19.67 2.69
N ARG F 105 -48.12 -19.12 2.56
CA ARG F 105 -49.25 -19.50 3.40
C ARG F 105 -50.08 -20.64 2.81
N GLY F 106 -49.67 -21.19 1.68
CA GLY F 106 -50.42 -22.25 1.04
C GLY F 106 -51.62 -21.81 0.25
N GLY F 107 -51.73 -20.52 -0.05
CA GLY F 107 -52.75 -20.04 -0.94
C GLY F 107 -52.34 -20.19 -2.39
N ARG F 108 -53.31 -19.96 -3.28
CA ARG F 108 -53.14 -20.19 -4.70
C ARG F 108 -53.46 -18.93 -5.47
N ALA F 109 -52.48 -18.44 -6.22
CA ALA F 109 -52.65 -17.24 -7.02
C ALA F 109 -53.62 -17.49 -8.17
N LEU F 110 -54.55 -16.57 -8.35
CA LEU F 110 -55.52 -16.60 -9.44
C LEU F 110 -55.44 -15.26 -10.14
N PHE F 111 -54.94 -15.27 -11.36
CA PHE F 111 -54.69 -14.06 -12.11
C PHE F 111 -55.87 -13.74 -13.01
N GLN F 112 -56.29 -12.49 -13.02
CA GLN F 112 -57.35 -11.98 -13.86
C GLN F 112 -56.78 -10.95 -14.83
N ASP F 113 -57.62 -10.54 -15.78
CA ASP F 113 -57.23 -9.53 -16.74
C ASP F 113 -56.90 -8.22 -16.04
N ILE F 114 -55.87 -7.54 -16.53
CA ILE F 114 -55.42 -6.27 -15.98
C ILE F 114 -56.06 -5.17 -16.82
N LYS F 115 -56.91 -4.37 -16.21
CA LYS F 115 -57.60 -3.31 -16.92
C LYS F 115 -56.62 -2.23 -17.35
N LYS F 116 -56.88 -1.65 -18.51
CA LYS F 116 -56.05 -0.56 -19.00
C LYS F 116 -56.23 0.66 -18.11
N PRO F 117 -55.29 1.62 -18.18
CA PRO F 117 -55.46 2.85 -17.41
C PRO F 117 -56.68 3.62 -17.86
N ALA F 118 -57.24 4.40 -16.93
CA ALA F 118 -58.46 5.14 -17.18
C ALA F 118 -58.29 6.22 -18.22
N GLU F 119 -57.07 6.70 -18.44
CA GLU F 119 -56.78 7.75 -19.39
C GLU F 119 -55.62 7.35 -20.28
N ASP F 120 -55.66 7.84 -21.52
CA ASP F 120 -54.54 7.74 -22.44
C ASP F 120 -53.63 8.96 -22.35
N GLU F 121 -54.22 10.14 -22.16
CA GLU F 121 -53.50 11.38 -21.95
C GLU F 121 -53.79 11.90 -20.54
N TRP F 122 -52.73 12.28 -19.84
CA TRP F 122 -52.80 12.62 -18.43
C TRP F 122 -52.67 14.11 -18.15
N GLY F 123 -52.76 14.95 -19.17
CA GLY F 123 -52.76 16.39 -18.96
C GLY F 123 -51.42 16.89 -18.46
N LYS F 124 -51.49 17.83 -17.52
CA LYS F 124 -50.31 18.46 -16.94
C LYS F 124 -49.96 17.80 -15.61
N THR F 125 -48.79 18.18 -15.09
CA THR F 125 -48.27 17.55 -13.87
C THR F 125 -49.23 17.62 -12.68
N PRO F 126 -49.93 18.73 -12.41
CA PRO F 126 -50.92 18.69 -11.31
C PRO F 126 -52.02 17.69 -11.54
N ASP F 127 -52.52 17.56 -12.77
CA ASP F 127 -53.58 16.61 -13.04
C ASP F 127 -53.09 15.17 -12.87
N ALA F 128 -51.86 14.91 -13.31
CA ALA F 128 -51.29 13.57 -13.18
C ALA F 128 -51.04 13.21 -11.72
N MET F 129 -50.48 14.14 -10.95
CA MET F 129 -50.22 13.88 -9.54
C MET F 129 -51.51 13.65 -8.78
N LYS F 130 -52.58 14.37 -9.14
CA LYS F 130 -53.87 14.16 -8.49
C LYS F 130 -54.40 12.77 -8.78
N ALA F 131 -54.22 12.29 -10.02
CA ALA F 131 -54.66 10.94 -10.37
C ALA F 131 -53.84 9.89 -9.64
N ALA F 132 -52.53 10.10 -9.54
CA ALA F 132 -51.68 9.20 -8.77
C ALA F 132 -52.04 9.21 -7.30
N MET F 133 -52.41 10.38 -6.77
CA MET F 133 -52.87 10.48 -5.39
C MET F 133 -54.11 9.64 -5.17
N ALA F 134 -55.10 9.77 -6.06
CA ALA F 134 -56.34 9.02 -5.94
C ALA F 134 -56.08 7.52 -6.05
N LEU F 135 -55.13 7.13 -6.89
CA LEU F 135 -54.80 5.71 -7.04
C LEU F 135 -54.19 5.16 -5.76
N GLU F 136 -53.24 5.88 -5.17
CA GLU F 136 -52.60 5.41 -3.94
C GLU F 136 -53.59 5.36 -2.79
N LYS F 137 -54.53 6.29 -2.73
CA LYS F 137 -55.56 6.24 -1.69
C LYS F 137 -56.47 5.03 -1.88
N LYS F 138 -56.79 4.67 -3.13
CA LYS F 138 -57.56 3.46 -3.40
C LYS F 138 -56.80 2.22 -2.96
N LEU F 139 -55.50 2.17 -3.26
CA LEU F 139 -54.67 1.06 -2.80
C LEU F 139 -54.60 1.02 -1.29
N ASN F 140 -54.47 2.17 -0.64
CA ASN F 140 -54.41 2.23 0.81
C ASN F 140 -55.71 1.73 1.42
N GLN F 141 -56.85 2.10 0.83
CA GLN F 141 -58.13 1.65 1.36
C GLN F 141 -58.29 0.14 1.21
N ALA F 142 -57.77 -0.42 0.12
CA ALA F 142 -57.81 -1.87 -0.04
C ALA F 142 -56.91 -2.56 0.98
N LEU F 143 -55.75 -1.99 1.26
CA LEU F 143 -54.86 -2.55 2.26
C LEU F 143 -55.50 -2.54 3.64
N LEU F 144 -56.13 -1.42 4.01
CA LEU F 144 -56.77 -1.31 5.30
C LEU F 144 -57.96 -2.26 5.42
N ASP F 145 -58.69 -2.45 4.33
CA ASP F 145 -59.80 -3.40 4.33
C ASP F 145 -59.28 -4.83 4.48
N LEU F 146 -58.16 -5.17 3.83
CA LEU F 146 -57.60 -6.49 3.99
C LEU F 146 -57.10 -6.72 5.41
N HIS F 147 -56.47 -5.70 6.00
CA HIS F 147 -56.06 -5.80 7.40
C HIS F 147 -57.26 -6.02 8.30
N ALA F 148 -58.35 -5.30 8.06
CA ALA F 148 -59.56 -5.48 8.84
C ALA F 148 -60.14 -6.88 8.66
N LEU F 149 -60.05 -7.41 7.44
CA LEU F 149 -60.50 -8.77 7.20
C LEU F 149 -59.62 -9.77 7.93
N GLY F 150 -58.30 -9.59 7.87
CA GLY F 150 -57.40 -10.50 8.57
C GLY F 150 -57.60 -10.47 10.08
N SER F 151 -57.88 -9.29 10.62
CA SER F 151 -58.16 -9.19 12.05
C SER F 151 -59.46 -9.91 12.40
N ALA F 152 -60.49 -9.74 11.59
CA ALA F 152 -61.76 -10.44 11.83
C ALA F 152 -61.59 -11.94 11.75
N ARG F 153 -60.75 -12.41 10.84
CA ARG F 153 -60.46 -13.83 10.67
C ARG F 153 -59.31 -14.31 11.57
N THR F 154 -58.73 -13.43 12.37
CA THR F 154 -57.65 -13.79 13.30
C THR F 154 -56.46 -14.38 12.55
N ASP F 155 -55.87 -13.53 11.69
CA ASP F 155 -54.73 -13.87 10.86
C ASP F 155 -53.60 -12.89 11.17
N PRO F 156 -52.84 -13.12 12.24
CA PRO F 156 -51.82 -12.13 12.62
C PRO F 156 -50.63 -12.06 11.69
N HIS F 157 -50.26 -13.15 11.03
CA HIS F 157 -49.18 -13.08 10.05
C HIS F 157 -49.52 -12.12 8.91
N LEU F 158 -50.75 -12.20 8.40
CA LEU F 158 -51.18 -11.29 7.35
C LEU F 158 -51.15 -9.86 7.83
N CYS F 159 -51.74 -9.60 9.00
CA CYS F 159 -51.82 -8.24 9.53
C CYS F 159 -50.44 -7.63 9.72
N ASP F 160 -49.50 -8.39 10.27
CA ASP F 160 -48.15 -7.88 10.44
C ASP F 160 -47.41 -7.76 9.12
N PHE F 161 -47.74 -8.63 8.16
CA PHE F 161 -47.13 -8.56 6.84
C PHE F 161 -47.48 -7.24 6.14
N LEU F 162 -48.75 -6.85 6.22
CA LEU F 162 -49.18 -5.57 5.64
C LEU F 162 -48.58 -4.40 6.41
N GLU F 163 -48.53 -4.51 7.74
CA GLU F 163 -47.97 -3.44 8.56
C GLU F 163 -46.50 -3.22 8.25
N THR F 164 -45.77 -4.30 7.99
CA THR F 164 -44.32 -4.22 7.82
C THR F 164 -43.94 -3.70 6.44
N HIS F 165 -44.69 -4.07 5.41
CA HIS F 165 -44.27 -3.88 4.03
C HIS F 165 -45.12 -2.90 3.22
N PHE F 166 -46.36 -2.65 3.62
CA PHE F 166 -47.31 -1.91 2.78
C PHE F 166 -47.85 -0.64 3.43
N LEU F 167 -48.32 -0.71 4.68
CA LEU F 167 -49.11 0.39 5.24
C LEU F 167 -48.29 1.67 5.39
N ASP F 168 -47.06 1.56 5.91
CA ASP F 168 -46.23 2.75 6.08
C ASP F 168 -45.73 3.26 4.74
N GLU F 169 -45.46 2.36 3.79
CA GLU F 169 -45.05 2.76 2.45
C GLU F 169 -46.10 3.65 1.80
N GLU F 170 -47.37 3.29 1.95
CA GLU F 170 -48.44 4.08 1.34
C GLU F 170 -48.61 5.42 2.04
N VAL F 171 -48.53 5.43 3.37
CA VAL F 171 -48.65 6.67 4.13
C VAL F 171 -47.54 7.63 3.72
N LYS F 172 -46.32 7.14 3.58
CA LYS F 172 -45.20 7.98 3.18
C LYS F 172 -45.39 8.52 1.77
N LEU F 173 -45.85 7.67 0.85
CA LEU F 173 -46.00 8.07 -0.53
C LEU F 173 -47.13 9.08 -0.69
N ILE F 174 -48.25 8.86 0.00
CA ILE F 174 -49.37 9.80 -0.06
C ILE F 174 -48.95 11.15 0.51
N LYS F 175 -48.10 11.15 1.54
CA LYS F 175 -47.58 12.40 2.08
C LYS F 175 -46.73 13.13 1.05
N LYS F 176 -45.84 12.41 0.36
CA LYS F 176 -44.97 13.03 -0.63
C LYS F 176 -45.78 13.60 -1.79
N MET F 177 -46.79 12.87 -2.25
CA MET F 177 -47.65 13.38 -3.33
C MET F 177 -48.40 14.62 -2.88
N GLY F 178 -48.87 14.63 -1.64
CA GLY F 178 -49.52 15.81 -1.12
C GLY F 178 -48.59 17.01 -1.06
N ASP F 179 -47.33 16.77 -0.69
CA ASP F 179 -46.34 17.84 -0.70
C ASP F 179 -46.13 18.36 -2.12
N HIS F 180 -46.03 17.45 -3.10
CA HIS F 180 -45.86 17.85 -4.49
C HIS F 180 -47.04 18.68 -4.97
N LEU F 181 -48.27 18.26 -4.63
CA LEU F 181 -49.45 18.99 -5.07
C LEU F 181 -49.51 20.39 -4.46
N THR F 182 -49.07 20.54 -3.22
CA THR F 182 -49.06 21.85 -2.58
C THR F 182 -48.08 22.77 -3.27
N ASN F 183 -46.88 22.27 -3.57
CA ASN F 183 -45.89 23.08 -4.28
C ASN F 183 -46.33 23.40 -5.69
N LEU F 184 -46.98 22.44 -6.37
CA LEU F 184 -47.48 22.70 -7.72
C LEU F 184 -48.57 23.76 -7.70
N HIS F 185 -49.44 23.73 -6.69
CA HIS F 185 -50.46 24.77 -6.54
C HIS F 185 -49.82 26.12 -6.21
N ARG F 186 -48.76 26.10 -5.41
CA ARG F 186 -48.01 27.32 -5.11
C ARG F 186 -47.38 27.89 -6.37
N LEU F 187 -46.93 27.03 -7.26
CA LEU F 187 -46.31 27.43 -8.52
C LEU F 187 -47.33 27.60 -9.65
N GLY F 188 -48.61 27.66 -9.34
CA GLY F 188 -49.65 27.80 -10.33
C GLY F 188 -49.81 29.22 -10.79
N GLY F 189 -50.97 29.50 -11.37
CA GLY F 189 -51.30 30.82 -11.85
C GLY F 189 -51.00 30.99 -13.32
N PRO F 190 -50.89 32.24 -13.79
CA PRO F 190 -50.57 32.45 -15.21
C PRO F 190 -49.15 32.05 -15.58
N GLU F 191 -48.26 31.87 -14.59
CA GLU F 191 -46.93 31.33 -14.82
C GLU F 191 -46.86 29.82 -14.62
N ALA F 192 -47.96 29.12 -14.92
CA ALA F 192 -48.04 27.70 -14.63
C ALA F 192 -47.00 26.89 -15.40
N GLY F 193 -46.77 27.24 -16.67
CA GLY F 193 -45.76 26.55 -17.45
C GLY F 193 -44.37 26.72 -16.87
N LEU F 194 -44.04 27.95 -16.48
CA LEU F 194 -42.79 28.21 -15.79
C LEU F 194 -42.71 27.42 -14.48
N GLY F 195 -43.82 27.40 -13.72
CA GLY F 195 -43.85 26.63 -12.50
C GLY F 195 -43.67 25.15 -12.73
N GLU F 196 -44.29 24.62 -13.79
CA GLU F 196 -44.16 23.21 -14.11
C GLU F 196 -42.72 22.85 -14.43
N TYR F 197 -42.03 23.71 -15.19
CA TYR F 197 -40.62 23.48 -15.52
C TYR F 197 -39.76 23.50 -14.27
N LEU F 198 -39.95 24.50 -13.41
CA LEU F 198 -39.11 24.62 -12.21
C LEU F 198 -39.35 23.47 -11.24
N PHE F 199 -40.60 23.02 -11.10
CA PHE F 199 -40.88 21.88 -10.24
C PHE F 199 -40.12 20.65 -10.71
N GLU F 200 -40.18 20.37 -12.02
CA GLU F 200 -39.49 19.21 -12.57
C GLU F 200 -37.98 19.34 -12.42
N ARG F 201 -37.45 20.55 -12.60
CA ARG F 201 -36.01 20.76 -12.53
C ARG F 201 -35.48 20.68 -11.10
N LEU F 202 -36.18 21.30 -10.15
CA LEU F 202 -35.63 21.53 -8.81
C LEU F 202 -36.19 20.64 -7.71
N THR F 203 -37.33 19.97 -7.93
CA THR F 203 -37.86 18.99 -6.98
C THR F 203 -37.73 17.57 -7.48
N LEU F 204 -38.10 17.30 -8.73
CA LEU F 204 -38.14 15.95 -9.27
C LEU F 204 -36.91 15.57 -10.08
N ARG F 205 -36.00 16.50 -10.35
CA ARG F 205 -34.86 16.25 -11.23
C ARG F 205 -35.35 15.84 -12.61
N SER G 34 19.49 59.04 -10.53
CA SER G 34 20.40 58.39 -11.45
C SER G 34 20.50 56.90 -11.08
N SER G 35 19.43 56.16 -11.34
CA SER G 35 19.42 54.75 -11.00
C SER G 35 20.43 54.00 -11.84
N GLN G 36 21.21 53.15 -11.18
CA GLN G 36 22.28 52.40 -11.86
C GLN G 36 21.72 51.43 -12.89
N ILE G 37 20.52 50.89 -12.66
CA ILE G 37 19.94 49.89 -13.55
C ILE G 37 19.14 50.49 -14.69
N ARG G 38 18.81 51.78 -14.62
CA ARG G 38 17.87 52.37 -15.57
C ARG G 38 18.47 52.40 -16.96
N GLN G 39 17.72 51.88 -17.92
CA GLN G 39 18.18 51.79 -19.31
C GLN G 39 16.99 51.95 -20.23
N ASN G 40 16.94 53.08 -20.93
CA ASN G 40 15.89 53.39 -21.90
C ASN G 40 14.50 53.32 -21.26
N TYR G 41 14.37 53.95 -20.10
CA TYR G 41 13.10 54.05 -19.37
C TYR G 41 12.75 55.53 -19.25
N SER G 42 11.81 55.97 -20.08
CA SER G 42 11.41 57.37 -20.14
C SER G 42 10.78 57.84 -18.83
N THR G 43 11.06 59.08 -18.48
CA THR G 43 10.39 59.70 -17.33
C THR G 43 8.91 59.87 -17.58
N ASP G 44 8.51 60.11 -18.83
CA ASP G 44 7.09 60.15 -19.18
C ASP G 44 6.41 58.81 -18.89
N VAL G 45 7.08 57.71 -19.23
CA VAL G 45 6.55 56.38 -18.95
C VAL G 45 6.52 56.14 -17.45
N GLU G 46 7.58 56.53 -16.75
CA GLU G 46 7.65 56.38 -15.29
C GLU G 46 6.47 57.08 -14.61
N ALA G 47 6.18 58.31 -15.04
CA ALA G 47 5.07 59.05 -14.47
C ALA G 47 3.73 58.41 -14.81
N ALA G 48 3.55 58.01 -16.07
CA ALA G 48 2.31 57.38 -16.49
C ALA G 48 2.06 56.06 -15.75
N VAL G 49 3.10 55.32 -15.42
CA VAL G 49 2.95 54.11 -14.65
C VAL G 49 2.44 54.43 -13.25
N ASN G 50 2.99 55.46 -12.61
CA ASN G 50 2.55 55.84 -11.28
C ASN G 50 1.10 56.33 -11.29
N SER G 51 0.69 57.02 -12.35
CA SER G 51 -0.70 57.42 -12.48
C SER G 51 -1.61 56.21 -12.64
N LEU G 52 -1.16 55.21 -13.39
CA LEU G 52 -1.94 53.98 -13.56
C LEU G 52 -2.00 53.19 -12.26
N VAL G 53 -0.95 53.24 -11.46
CA VAL G 53 -0.98 52.63 -10.12
C VAL G 53 -2.08 53.28 -9.28
N ASN G 54 -2.21 54.61 -9.36
CA ASN G 54 -3.25 55.31 -8.62
C ASN G 54 -4.64 54.91 -9.10
N LEU G 55 -4.81 54.82 -10.41
CA LEU G 55 -6.10 54.42 -10.98
C LEU G 55 -6.49 53.02 -10.54
N TYR G 56 -5.52 52.12 -10.44
CA TYR G 56 -5.79 50.76 -9.99
C TYR G 56 -6.08 50.70 -8.49
N LEU G 57 -5.37 51.52 -7.71
CA LEU G 57 -5.68 51.64 -6.29
C LEU G 57 -7.11 52.15 -6.10
N GLN G 58 -7.49 53.15 -6.88
CA GLN G 58 -8.85 53.69 -6.83
C GLN G 58 -9.87 52.64 -7.28
N ALA G 59 -9.52 51.84 -8.28
CA ALA G 59 -10.43 50.81 -8.77
C ALA G 59 -10.66 49.73 -7.72
N SER G 60 -9.59 49.27 -7.06
CA SER G 60 -9.71 48.31 -5.98
C SER G 60 -10.60 48.85 -4.87
N TYR G 61 -10.43 50.12 -4.54
CA TYR G 61 -11.21 50.74 -3.48
C TYR G 61 -12.69 50.84 -3.84
N THR G 62 -12.98 51.12 -5.10
CA THR G 62 -14.37 51.14 -5.57
C THR G 62 -15.00 49.76 -5.48
N TYR G 63 -14.26 48.72 -5.84
CA TYR G 63 -14.80 47.37 -5.76
C TYR G 63 -14.91 46.89 -4.32
N LEU G 64 -14.07 47.41 -3.41
CA LEU G 64 -14.24 47.17 -1.99
C LEU G 64 -15.62 47.67 -1.53
N SER G 65 -15.95 48.90 -1.89
CA SER G 65 -17.22 49.49 -1.51
C SER G 65 -18.39 48.73 -2.13
N LEU G 66 -18.27 48.34 -3.39
CA LEU G 66 -19.32 47.58 -4.06
C LEU G 66 -19.54 46.25 -3.36
N GLY G 67 -18.47 45.55 -3.00
CA GLY G 67 -18.61 44.25 -2.37
C GLY G 67 -19.30 44.31 -1.03
N PHE G 68 -19.00 45.32 -0.23
CA PHE G 68 -19.60 45.46 1.10
C PHE G 68 -20.98 46.07 1.05
N TYR G 69 -21.31 46.81 -0.02
CA TYR G 69 -22.67 47.28 -0.21
C TYR G 69 -23.62 46.12 -0.44
N PHE G 70 -23.21 45.15 -1.26
CA PHE G 70 -24.04 43.98 -1.54
C PHE G 70 -23.98 42.94 -0.43
N ASP G 71 -23.14 43.14 0.59
CA ASP G 71 -23.17 42.38 1.82
C ASP G 71 -24.08 43.00 2.88
N ARG G 72 -24.63 44.19 2.63
CA ARG G 72 -25.59 44.80 3.54
C ARG G 72 -26.82 43.91 3.70
N ASP G 73 -27.43 43.99 4.88
CA ASP G 73 -28.60 43.16 5.17
C ASP G 73 -29.79 43.54 4.31
N ASP G 74 -29.89 44.81 3.92
CA ASP G 74 -30.97 45.29 3.07
C ASP G 74 -30.66 45.26 1.59
N VAL G 75 -29.57 44.60 1.19
CA VAL G 75 -29.27 44.34 -0.21
C VAL G 75 -29.18 42.82 -0.38
N ALA G 76 -28.24 42.20 0.33
CA ALA G 76 -28.22 40.76 0.58
C ALA G 76 -28.16 39.95 -0.73
N LEU G 77 -27.08 40.19 -1.49
CA LEU G 77 -26.79 39.45 -2.70
C LEU G 77 -25.35 38.96 -2.59
N GLU G 78 -25.21 37.73 -2.12
CA GLU G 78 -23.92 37.20 -1.72
C GLU G 78 -23.01 37.00 -2.92
N GLY G 79 -23.54 36.44 -4.01
CA GLY G 79 -22.74 36.23 -5.19
C GLY G 79 -22.26 37.52 -5.82
N VAL G 80 -23.07 38.58 -5.72
CA VAL G 80 -22.67 39.87 -6.27
C VAL G 80 -21.53 40.47 -5.44
N SER G 81 -21.64 40.38 -4.11
CA SER G 81 -20.57 40.86 -3.23
C SER G 81 -19.27 40.12 -3.51
N HIS G 82 -19.34 38.80 -3.66
CA HIS G 82 -18.15 38.01 -3.92
C HIS G 82 -17.53 38.36 -5.28
N PHE G 83 -18.39 38.62 -6.28
CA PHE G 83 -17.92 39.00 -7.60
C PHE G 83 -17.07 40.27 -7.54
N PHE G 84 -17.57 41.29 -6.84
CA PHE G 84 -16.84 42.54 -6.72
C PHE G 84 -15.65 42.44 -5.78
N ARG G 85 -15.75 41.60 -4.74
CA ARG G 85 -14.62 41.42 -3.84
C ARG G 85 -13.45 40.74 -4.56
N GLU G 86 -13.75 39.81 -5.46
CA GLU G 86 -12.70 39.17 -6.25
C GLU G 86 -12.03 40.16 -7.18
N LEU G 87 -12.80 41.11 -7.72
CA LEU G 87 -12.23 42.10 -8.62
C LEU G 87 -11.32 43.06 -7.88
N ALA G 88 -11.65 43.39 -6.63
CA ALA G 88 -10.77 44.25 -5.84
C ALA G 88 -9.40 43.60 -5.67
N GLU G 89 -9.36 42.29 -5.52
CA GLU G 89 -8.09 41.58 -5.42
C GLU G 89 -7.37 41.57 -6.76
N GLU G 90 -8.11 41.42 -7.87
CA GLU G 90 -7.49 41.46 -9.19
C GLU G 90 -6.85 42.82 -9.46
N LYS G 91 -7.54 43.91 -9.08
CA LYS G 91 -6.95 45.23 -9.22
C LYS G 91 -5.75 45.40 -8.30
N ARG G 92 -5.76 44.74 -7.14
CA ARG G 92 -4.63 44.81 -6.21
C ARG G 92 -3.40 44.15 -6.81
N GLU G 93 -3.57 42.96 -7.38
CA GLU G 93 -2.49 42.30 -8.09
C GLU G 93 -2.03 43.11 -9.29
N GLY G 94 -2.91 43.94 -9.86
CA GLY G 94 -2.54 44.86 -10.90
C GLY G 94 -1.50 45.88 -10.50
N TYR G 95 -1.80 46.71 -9.50
CA TYR G 95 -0.86 47.76 -9.14
C TYR G 95 0.39 47.20 -8.48
N GLU G 96 0.29 46.02 -7.85
CA GLU G 96 1.48 45.37 -7.32
C GLU G 96 2.42 44.94 -8.44
N ARG G 97 1.87 44.40 -9.52
CA ARG G 97 2.68 44.05 -10.68
C ARG G 97 3.31 45.31 -11.30
N LEU G 98 2.55 46.39 -11.38
CA LEU G 98 3.08 47.64 -11.90
C LEU G 98 4.22 48.17 -11.04
N LEU G 99 4.06 48.12 -9.72
CA LEU G 99 5.09 48.62 -8.82
C LEU G 99 6.35 47.76 -8.87
N LYS G 100 6.18 46.44 -9.01
CA LYS G 100 7.33 45.55 -9.22
C LYS G 100 8.07 45.93 -10.51
N MET G 101 7.33 46.15 -11.59
CA MET G 101 7.95 46.53 -12.86
C MET G 101 8.67 47.86 -12.75
N GLN G 102 8.05 48.82 -12.05
CA GLN G 102 8.66 50.13 -11.87
C GLN G 102 10.03 50.02 -11.22
N ASN G 103 10.15 49.16 -10.21
CA ASN G 103 11.43 48.96 -9.54
C ASN G 103 12.41 48.17 -10.42
N GLN G 104 11.90 47.20 -11.19
CA GLN G 104 12.75 46.43 -12.09
C GLN G 104 13.43 47.34 -13.12
N ARG G 105 12.73 48.37 -13.59
CA ARG G 105 13.24 49.26 -14.62
C ARG G 105 13.98 50.47 -14.04
N GLY G 106 14.16 50.55 -12.74
CA GLY G 106 14.84 51.68 -12.13
C GLY G 106 14.00 52.92 -11.97
N GLY G 107 12.68 52.81 -12.11
CA GLY G 107 11.79 53.91 -11.81
C GLY G 107 11.47 53.98 -10.34
N ARG G 108 10.83 55.08 -9.96
CA ARG G 108 10.57 55.38 -8.56
C ARG G 108 9.08 55.62 -8.35
N ALA G 109 8.50 54.80 -7.48
CA ALA G 109 7.08 54.92 -7.16
C ALA G 109 6.80 56.21 -6.42
N LEU G 110 5.77 56.92 -6.85
CA LEU G 110 5.29 58.13 -6.20
C LEU G 110 3.81 57.96 -5.94
N PHE G 111 3.44 57.83 -4.67
CA PHE G 111 2.09 57.54 -4.26
C PHE G 111 1.34 58.83 -3.96
N GLN G 112 0.12 58.92 -4.48
CA GLN G 112 -0.78 60.03 -4.25
C GLN G 112 -2.01 59.55 -3.48
N ASP G 113 -2.81 60.51 -3.05
CA ASP G 113 -4.05 60.19 -2.34
C ASP G 113 -4.97 59.38 -3.24
N ILE G 114 -5.65 58.40 -2.64
CA ILE G 114 -6.58 57.54 -3.33
C ILE G 114 -7.97 58.12 -3.12
N LYS G 115 -8.61 58.55 -4.20
CA LYS G 115 -9.92 59.15 -4.11
C LYS G 115 -10.96 58.11 -3.70
N LYS G 116 -11.93 58.55 -2.91
CA LYS G 116 -13.02 57.68 -2.52
C LYS G 116 -13.87 57.29 -3.72
N PRO G 117 -14.65 56.23 -3.62
CA PRO G 117 -15.56 55.88 -4.72
C PRO G 117 -16.58 56.97 -4.97
N ALA G 118 -17.05 57.03 -6.22
CA ALA G 118 -17.97 58.07 -6.63
C ALA G 118 -19.33 57.96 -5.95
N GLU G 119 -19.69 56.78 -5.48
CA GLU G 119 -20.97 56.54 -4.83
C GLU G 119 -20.77 55.81 -3.51
N ASP G 120 -21.66 56.09 -2.57
CA ASP G 120 -21.74 55.34 -1.33
C ASP G 120 -22.74 54.19 -1.44
N GLU G 121 -23.84 54.41 -2.16
CA GLU G 121 -24.83 53.39 -2.46
C GLU G 121 -24.86 53.13 -3.96
N TRP G 122 -24.82 51.86 -4.33
CA TRP G 122 -24.66 51.44 -5.72
C TRP G 122 -25.93 50.89 -6.34
N GLY G 123 -27.08 51.08 -5.71
CA GLY G 123 -28.34 50.69 -6.32
C GLY G 123 -28.46 49.18 -6.44
N LYS G 124 -29.02 48.75 -7.56
CA LYS G 124 -29.26 47.34 -7.86
C LYS G 124 -28.14 46.78 -8.72
N THR G 125 -28.17 45.46 -8.90
CA THR G 125 -27.09 44.78 -9.62
C THR G 125 -26.86 45.30 -11.03
N PRO G 126 -27.88 45.63 -11.84
CA PRO G 126 -27.59 46.23 -13.15
C PRO G 126 -26.86 47.56 -13.04
N ASP G 127 -27.24 48.41 -12.09
CA ASP G 127 -26.57 49.69 -11.93
C ASP G 127 -25.13 49.51 -11.50
N ALA G 128 -24.87 48.57 -10.60
CA ALA G 128 -23.52 48.30 -10.13
C ALA G 128 -22.65 47.73 -11.23
N MET G 129 -23.18 46.77 -11.99
CA MET G 129 -22.41 46.18 -13.08
C MET G 129 -22.08 47.22 -14.15
N LYS G 130 -23.01 48.14 -14.41
CA LYS G 130 -22.74 49.21 -15.38
C LYS G 130 -21.62 50.12 -14.90
N ALA G 131 -21.59 50.41 -13.60
CA ALA G 131 -20.51 51.22 -13.05
C ALA G 131 -19.18 50.50 -13.12
N ALA G 132 -19.18 49.20 -12.81
CA ALA G 132 -17.96 48.41 -12.93
C ALA G 132 -17.51 48.31 -14.38
N MET G 133 -18.46 48.22 -15.31
CA MET G 133 -18.13 48.23 -16.73
C MET G 133 -17.42 49.53 -17.11
N ALA G 134 -17.98 50.66 -16.71
CA ALA G 134 -17.38 51.95 -17.03
C ALA G 134 -16.01 52.10 -16.41
N LEU G 135 -15.81 51.54 -15.22
CA LEU G 135 -14.51 51.60 -14.55
C LEU G 135 -13.47 50.80 -15.32
N GLU G 136 -13.82 49.57 -15.73
CA GLU G 136 -12.87 48.74 -16.45
C GLU G 136 -12.53 49.34 -17.81
N LYS G 137 -13.50 49.99 -18.48
CA LYS G 137 -13.22 50.66 -19.74
C LYS G 137 -12.26 51.83 -19.54
N LYS G 138 -12.42 52.56 -18.43
CA LYS G 138 -11.49 53.64 -18.11
C LYS G 138 -10.08 53.09 -17.87
N LEU G 139 -9.98 51.98 -17.14
CA LEU G 139 -8.69 51.34 -16.94
C LEU G 139 -8.11 50.85 -18.25
N ASN G 140 -8.95 50.27 -19.11
CA ASN G 140 -8.48 49.79 -20.40
C ASN G 140 -7.96 50.93 -21.27
N GLN G 141 -8.65 52.07 -21.24
CA GLN G 141 -8.20 53.22 -22.03
C GLN G 141 -6.88 53.75 -21.51
N ALA G 142 -6.67 53.72 -20.20
CA ALA G 142 -5.39 54.13 -19.65
C ALA G 142 -4.27 53.17 -20.04
N LEU G 143 -4.57 51.87 -20.05
CA LEU G 143 -3.59 50.88 -20.47
C LEU G 143 -3.19 51.09 -21.92
N LEU G 144 -4.18 51.31 -22.80
CA LEU G 144 -3.91 51.50 -24.21
C LEU G 144 -3.14 52.78 -24.46
N ASP G 145 -3.42 53.83 -23.67
CA ASP G 145 -2.68 55.07 -23.79
C ASP G 145 -1.23 54.89 -23.34
N LEU G 146 -1.01 54.10 -22.27
CA LEU G 146 0.34 53.85 -21.82
C LEU G 146 1.11 53.02 -22.84
N HIS G 147 0.46 52.03 -23.45
CA HIS G 147 1.08 51.27 -24.52
C HIS G 147 1.46 52.18 -25.68
N ALA G 148 0.56 53.08 -26.06
CA ALA G 148 0.86 54.02 -27.13
C ALA G 148 2.02 54.94 -26.76
N LEU G 149 2.10 55.33 -25.49
CA LEU G 149 3.23 56.14 -25.04
C LEU G 149 4.53 55.35 -25.10
N GLY G 150 4.50 54.10 -24.63
CA GLY G 150 5.69 53.27 -24.68
C GLY G 150 6.17 53.02 -26.10
N SER G 151 5.23 52.83 -27.03
CA SER G 151 5.59 52.67 -28.43
C SER G 151 6.23 53.93 -28.98
N ALA G 152 5.67 55.09 -28.67
CA ALA G 152 6.23 56.35 -29.12
C ALA G 152 7.62 56.58 -28.55
N ARG G 153 7.85 56.16 -27.31
CA ARG G 153 9.15 56.27 -26.66
C ARG G 153 10.05 55.06 -26.92
N THR G 154 9.58 54.09 -27.69
CA THR G 154 10.38 52.90 -28.03
C THR G 154 10.80 52.14 -26.77
N ASP G 155 9.78 51.65 -26.05
CA ASP G 155 9.95 50.90 -24.81
C ASP G 155 9.28 49.53 -24.97
N PRO G 156 9.97 48.57 -25.60
CA PRO G 156 9.30 47.29 -25.87
C PRO G 156 9.06 46.43 -24.64
N HIS G 157 9.89 46.53 -23.60
CA HIS G 157 9.61 45.80 -22.38
C HIS G 157 8.28 46.22 -21.76
N LEU G 158 8.03 47.53 -21.72
CA LEU G 158 6.76 48.03 -21.19
C LEU G 158 5.60 47.52 -22.02
N CYS G 159 5.70 47.67 -23.34
CA CYS G 159 4.62 47.28 -24.23
C CYS G 159 4.28 45.81 -24.11
N ASP G 160 5.29 44.94 -24.04
CA ASP G 160 5.05 43.52 -23.88
C ASP G 160 4.56 43.20 -22.48
N PHE G 161 5.00 43.97 -21.48
CA PHE G 161 4.54 43.78 -20.11
C PHE G 161 3.04 44.00 -20.00
N LEU G 162 2.54 45.06 -20.61
CA LEU G 162 1.10 45.33 -20.62
C LEU G 162 0.35 44.29 -21.45
N GLU G 163 0.92 43.88 -22.58
CA GLU G 163 0.28 42.88 -23.42
C GLU G 163 0.15 41.55 -22.69
N THR G 164 1.16 41.19 -21.89
CA THR G 164 1.20 39.88 -21.26
C THR G 164 0.28 39.80 -20.05
N HIS G 165 0.17 40.88 -19.28
CA HIS G 165 -0.43 40.85 -17.97
C HIS G 165 -1.72 41.64 -17.83
N PHE G 166 -1.98 42.62 -18.69
CA PHE G 166 -3.07 43.57 -18.49
C PHE G 166 -4.09 43.59 -19.62
N LEU G 167 -3.65 43.70 -20.87
CA LEU G 167 -4.58 44.01 -21.96
C LEU G 167 -5.61 42.90 -22.18
N ASP G 168 -5.17 41.64 -22.19
CA ASP G 168 -6.12 40.55 -22.39
C ASP G 168 -7.00 40.35 -21.17
N GLU G 169 -6.46 40.58 -19.98
CA GLU G 169 -7.25 40.49 -18.76
C GLU G 169 -8.43 41.45 -18.80
N GLU G 170 -8.20 42.67 -19.27
CA GLU G 170 -9.27 43.66 -19.33
C GLU G 170 -10.30 43.31 -20.40
N VAL G 171 -9.83 42.85 -21.56
CA VAL G 171 -10.73 42.44 -22.63
C VAL G 171 -11.64 41.31 -22.17
N LYS G 172 -11.07 40.33 -21.47
CA LYS G 172 -11.87 39.21 -20.97
C LYS G 172 -12.87 39.68 -19.93
N LEU G 173 -12.45 40.56 -19.02
CA LEU G 173 -13.35 41.01 -17.96
C LEU G 173 -14.48 41.87 -18.51
N ILE G 174 -14.16 42.75 -19.46
CA ILE G 174 -15.19 43.59 -20.06
C ILE G 174 -16.20 42.73 -20.80
N LYS G 175 -15.74 41.65 -21.44
CA LYS G 175 -16.64 40.72 -22.10
C LYS G 175 -17.58 40.06 -21.10
N LYS G 176 -17.04 39.59 -19.96
CA LYS G 176 -17.86 38.93 -18.95
C LYS G 176 -18.89 39.88 -18.37
N MET G 177 -18.51 41.13 -18.09
CA MET G 177 -19.45 42.11 -17.59
C MET G 177 -20.54 42.39 -18.60
N GLY G 178 -20.17 42.48 -19.87
CA GLY G 178 -21.16 42.66 -20.92
C GLY G 178 -22.15 41.49 -20.99
N ASP G 179 -21.64 40.28 -20.81
CA ASP G 179 -22.52 39.11 -20.75
C ASP G 179 -23.47 39.20 -19.57
N HIS G 180 -22.95 39.60 -18.41
CA HIS G 180 -23.79 39.76 -17.23
C HIS G 180 -24.87 40.81 -17.44
N LEU G 181 -24.52 41.94 -18.05
CA LEU G 181 -25.50 42.99 -18.29
C LEU G 181 -26.58 42.56 -19.25
N THR G 182 -26.23 41.75 -20.25
CA THR G 182 -27.23 41.26 -21.20
C THR G 182 -28.21 40.32 -20.50
N ASN G 183 -27.71 39.41 -19.68
CA ASN G 183 -28.58 38.51 -18.93
C ASN G 183 -29.43 39.27 -17.92
N LEU G 184 -28.85 40.28 -17.26
CA LEU G 184 -29.62 41.07 -16.32
C LEU G 184 -30.73 41.84 -17.02
N HIS G 185 -30.47 42.35 -18.21
CA HIS G 185 -31.50 43.01 -19.00
C HIS G 185 -32.55 42.02 -19.46
N ARG G 186 -32.13 40.81 -19.80
CA ARG G 186 -33.07 39.75 -20.16
C ARG G 186 -33.96 39.38 -18.99
N LEU G 187 -33.42 39.41 -17.78
CA LEU G 187 -34.15 39.12 -16.56
C LEU G 187 -34.83 40.35 -15.96
N GLY G 188 -34.93 41.44 -16.70
CA GLY G 188 -35.53 42.66 -16.22
C GLY G 188 -37.04 42.61 -16.27
N GLY G 189 -37.64 43.80 -16.25
CA GLY G 189 -39.08 43.93 -16.32
C GLY G 189 -39.71 44.04 -14.95
N PRO G 190 -41.03 43.78 -14.86
CA PRO G 190 -41.68 43.84 -13.53
C PRO G 190 -41.27 42.72 -12.60
N GLU G 191 -40.64 41.65 -13.12
CA GLU G 191 -40.06 40.60 -12.30
C GLU G 191 -38.58 40.85 -12.01
N ALA G 192 -38.17 42.11 -11.92
CA ALA G 192 -36.75 42.44 -11.80
C ALA G 192 -36.15 41.87 -10.51
N GLY G 193 -36.88 41.95 -9.40
CA GLY G 193 -36.39 41.39 -8.15
C GLY G 193 -36.17 39.89 -8.24
N LEU G 194 -37.14 39.19 -8.82
CA LEU G 194 -36.99 37.77 -9.08
C LEU G 194 -35.79 37.50 -9.98
N GLY G 195 -35.64 38.31 -11.04
CA GLY G 195 -34.50 38.16 -11.92
C GLY G 195 -33.18 38.41 -11.22
N GLU G 196 -33.15 39.42 -10.34
CA GLU G 196 -31.93 39.71 -9.60
C GLU G 196 -31.54 38.54 -8.71
N TYR G 197 -32.50 37.93 -8.04
CA TYR G 197 -32.24 36.78 -7.19
C TYR G 197 -31.71 35.60 -8.00
N LEU G 198 -32.36 35.30 -9.13
CA LEU G 198 -31.95 34.15 -9.94
C LEU G 198 -30.58 34.36 -10.56
N PHE G 199 -30.26 35.58 -10.99
CA PHE G 199 -28.94 35.85 -11.52
C PHE G 199 -27.86 35.57 -10.48
N GLU G 200 -28.07 36.07 -9.26
CA GLU G 200 -27.10 35.86 -8.19
C GLU G 200 -26.99 34.38 -7.83
N ARG G 201 -28.11 33.66 -7.84
CA ARG G 201 -28.10 32.25 -7.45
C ARG G 201 -27.46 31.37 -8.53
N LEU G 202 -27.79 31.59 -9.80
CA LEU G 202 -27.47 30.65 -10.87
C LEU G 202 -26.32 31.06 -11.77
N THR G 203 -25.92 32.33 -11.79
CA THR G 203 -24.75 32.77 -12.54
C THR G 203 -23.58 33.14 -11.63
N LEU G 204 -23.81 33.90 -10.57
CA LEU G 204 -22.75 34.41 -9.71
C LEU G 204 -22.53 33.59 -8.46
N ARG G 205 -23.38 32.61 -8.16
CA ARG G 205 -23.31 31.86 -6.92
C ARG G 205 -23.48 32.80 -5.73
N SER H 34 45.04 27.91 34.20
CA SER H 34 43.91 28.28 35.05
C SER H 34 42.62 28.15 34.24
N SER H 35 42.23 26.91 33.97
CA SER H 35 41.03 26.68 33.17
C SER H 35 39.80 27.16 33.93
N GLN H 36 38.94 27.91 33.24
CA GLN H 36 37.75 28.47 33.88
C GLN H 36 36.78 27.40 34.35
N ILE H 37 36.74 26.25 33.66
CA ILE H 37 35.78 25.20 33.99
C ILE H 37 36.30 24.22 35.03
N ARG H 38 37.60 24.23 35.31
CA ARG H 38 38.21 23.20 36.14
C ARG H 38 37.69 23.28 37.57
N GLN H 39 37.22 22.15 38.08
CA GLN H 39 36.65 22.10 39.42
C GLN H 39 36.95 20.73 40.01
N ASN H 40 37.82 20.71 41.03
CA ASN H 40 38.20 19.50 41.74
C ASN H 40 38.74 18.43 40.80
N TYR H 41 39.65 18.84 39.92
CA TYR H 41 40.33 17.96 38.98
C TYR H 41 41.82 18.01 39.26
N SER H 42 42.32 16.98 39.94
CA SER H 42 43.71 16.92 40.37
C SER H 42 44.67 16.89 39.18
N THR H 43 45.81 17.55 39.35
CA THR H 43 46.87 17.47 38.36
C THR H 43 47.44 16.06 38.26
N ASP H 44 47.48 15.33 39.38
CA ASP H 44 47.88 13.93 39.35
C ASP H 44 46.95 13.10 38.47
N VAL H 45 45.64 13.34 38.58
CA VAL H 45 44.67 12.65 37.75
C VAL H 45 44.84 13.07 36.30
N GLU H 46 45.02 14.37 36.05
CA GLU H 46 45.23 14.88 34.70
C GLU H 46 46.42 14.19 34.02
N ALA H 47 47.52 14.06 34.76
CA ALA H 47 48.71 13.41 34.21
C ALA H 47 48.47 11.93 33.98
N ALA H 48 47.84 11.25 34.93
CA ALA H 48 47.56 9.83 34.79
C ALA H 48 46.63 9.54 33.62
N VAL H 49 45.70 10.44 33.33
CA VAL H 49 44.82 10.28 32.18
C VAL H 49 45.64 10.34 30.89
N ASN H 50 46.55 11.31 30.79
CA ASN H 50 47.39 11.44 29.61
C ASN H 50 48.29 10.23 29.41
N SER H 51 48.78 9.66 30.51
CA SER H 51 49.57 8.43 30.42
C SER H 51 48.72 7.26 29.93
N LEU H 52 47.47 7.19 30.40
CA LEU H 52 46.56 6.14 29.94
C LEU H 52 46.19 6.34 28.48
N VAL H 53 46.10 7.59 28.02
CA VAL H 53 45.88 7.85 26.60
C VAL H 53 47.03 7.29 25.78
N ASN H 54 48.26 7.45 26.26
CA ASN H 54 49.42 6.91 25.56
C ASN H 54 49.40 5.39 25.53
N LEU H 55 49.03 4.76 26.64
CA LEU H 55 48.95 3.31 26.70
C LEU H 55 47.90 2.78 25.74
N TYR H 56 46.79 3.50 25.58
CA TYR H 56 45.75 3.07 24.65
C TYR H 56 46.17 3.31 23.21
N LEU H 57 46.87 4.40 22.94
CA LEU H 57 47.44 4.62 21.62
C LEU H 57 48.41 3.50 21.26
N GLN H 58 49.26 3.12 22.21
CA GLN H 58 50.20 2.01 22.00
C GLN H 58 49.46 0.70 21.81
N ALA H 59 48.36 0.49 22.54
CA ALA H 59 47.59 -0.74 22.41
C ALA H 59 46.94 -0.84 21.04
N SER H 60 46.34 0.25 20.55
CA SER H 60 45.77 0.27 19.21
C SER H 60 46.82 -0.03 18.16
N TYR H 61 48.02 0.52 18.33
CA TYR H 61 49.11 0.31 17.38
C TYR H 61 49.57 -1.15 17.37
N THR H 62 49.61 -1.77 18.54
CA THR H 62 49.97 -3.18 18.63
C THR H 62 48.93 -4.05 17.93
N TYR H 63 47.65 -3.74 18.09
CA TYR H 63 46.61 -4.51 17.43
C TYR H 63 46.57 -4.24 15.94
N LEU H 64 47.00 -3.05 15.50
CA LEU H 64 47.18 -2.79 14.08
C LEU H 64 48.20 -3.77 13.49
N SER H 65 49.35 -3.91 14.15
CA SER H 65 50.38 -4.82 13.68
C SER H 65 49.92 -6.26 13.70
N LEU H 66 49.21 -6.66 14.75
CA LEU H 66 48.68 -8.03 14.83
C LEU H 66 47.71 -8.31 13.69
N GLY H 67 46.82 -7.36 13.40
CA GLY H 67 45.83 -7.57 12.36
C GLY H 67 46.44 -7.75 10.99
N PHE H 68 47.47 -6.97 10.68
CA PHE H 68 48.12 -7.04 9.37
C PHE H 68 49.12 -8.19 9.27
N TYR H 69 49.63 -8.66 10.40
CA TYR H 69 50.45 -9.86 10.40
C TYR H 69 49.63 -11.09 9.98
N PHE H 70 48.41 -11.22 10.51
CA PHE H 70 47.54 -12.32 10.16
C PHE H 70 46.84 -12.14 8.82
N ASP H 71 47.01 -10.98 8.18
CA ASP H 71 46.63 -10.78 6.78
C ASP H 71 47.77 -11.11 5.81
N ARG H 72 48.95 -11.42 6.30
CA ARG H 72 50.05 -11.85 5.44
C ARG H 72 49.68 -13.12 4.69
N ASP H 73 50.25 -13.27 3.49
CA ASP H 73 49.93 -14.42 2.66
C ASP H 73 50.44 -15.71 3.28
N ASP H 74 51.55 -15.65 4.03
CA ASP H 74 52.13 -16.81 4.69
C ASP H 74 51.62 -17.02 6.11
N VAL H 75 50.57 -16.31 6.51
CA VAL H 75 49.88 -16.58 7.77
C VAL H 75 48.42 -16.90 7.44
N ALA H 76 47.74 -15.94 6.81
CA ALA H 76 46.47 -16.17 6.12
C ALA H 76 45.40 -16.74 7.05
N LEU H 77 45.08 -15.97 8.08
CA LEU H 77 44.00 -16.27 9.01
C LEU H 77 43.12 -15.04 9.11
N GLU H 78 42.07 -15.03 8.30
CA GLU H 78 41.27 -13.84 8.08
C GLU H 78 40.49 -13.45 9.33
N GLY H 79 39.88 -14.43 9.99
CA GLY H 79 39.13 -14.14 11.21
C GLY H 79 40.01 -13.62 12.32
N VAL H 80 41.26 -14.08 12.39
CA VAL H 80 42.17 -13.59 13.42
C VAL H 80 42.55 -12.15 13.15
N SER H 81 42.84 -11.82 11.89
CA SER H 81 43.15 -10.45 11.51
C SER H 81 41.99 -9.51 11.84
N HIS H 82 40.77 -9.93 11.52
CA HIS H 82 39.59 -9.11 11.79
C HIS H 82 39.37 -8.93 13.29
N PHE H 83 39.65 -9.97 14.07
CA PHE H 83 39.51 -9.91 15.51
C PHE H 83 40.41 -8.82 16.09
N PHE H 84 41.68 -8.80 15.68
CA PHE H 84 42.62 -7.81 16.19
C PHE H 84 42.38 -6.44 15.57
N ARG H 85 41.90 -6.37 14.34
CA ARG H 85 41.60 -5.07 13.75
C ARG H 85 40.41 -4.41 14.45
N GLU H 86 39.44 -5.21 14.88
CA GLU H 86 38.32 -4.65 15.64
C GLU H 86 38.78 -4.12 16.99
N LEU H 87 39.75 -4.80 17.61
CA LEU H 87 40.26 -4.35 18.90
C LEU H 87 41.03 -3.04 18.77
N ALA H 88 41.75 -2.84 17.67
CA ALA H 88 42.44 -1.57 17.46
C ALA H 88 41.46 -0.42 17.43
N GLU H 89 40.27 -0.63 16.85
CA GLU H 89 39.24 0.39 16.85
C GLU H 89 38.66 0.61 18.24
N GLU H 90 38.50 -0.47 19.01
CA GLU H 90 38.01 -0.34 20.38
C GLU H 90 38.98 0.45 21.24
N LYS H 91 40.27 0.21 21.09
CA LYS H 91 41.26 1.01 21.81
C LYS H 91 41.27 2.45 21.32
N ARG H 92 40.95 2.67 20.04
CA ARG H 92 40.88 4.02 19.51
C ARG H 92 39.73 4.79 20.13
N GLU H 93 38.56 4.18 20.21
CA GLU H 93 37.43 4.79 20.91
C GLU H 93 37.73 4.99 22.39
N GLY H 94 38.63 4.20 22.96
CA GLY H 94 39.08 4.38 24.31
C GLY H 94 39.78 5.70 24.55
N TYR H 95 40.89 5.95 23.85
CA TYR H 95 41.63 7.18 24.11
C TYR H 95 40.88 8.41 23.61
N GLU H 96 39.99 8.26 22.64
CA GLU H 96 39.16 9.38 22.22
C GLU H 96 38.17 9.76 23.33
N ARG H 97 37.59 8.77 23.99
CA ARG H 97 36.73 9.04 25.14
C ARG H 97 37.51 9.69 26.27
N LEU H 98 38.73 9.22 26.52
CA LEU H 98 39.57 9.81 27.55
C LEU H 98 39.90 11.27 27.23
N LEU H 99 40.23 11.55 25.97
CA LEU H 99 40.58 12.92 25.58
C LEU H 99 39.38 13.85 25.64
N LYS H 100 38.19 13.34 25.29
CA LYS H 100 36.96 14.12 25.47
C LYS H 100 36.74 14.45 26.94
N MET H 101 36.92 13.47 27.83
CA MET H 101 36.75 13.70 29.26
C MET H 101 37.76 14.71 29.78
N GLN H 102 39.01 14.59 29.32
CA GLN H 102 40.06 15.51 29.74
C GLN H 102 39.67 16.95 29.45
N ASN H 103 39.10 17.21 28.27
CA ASN H 103 38.67 18.56 27.92
C ASN H 103 37.42 18.96 28.71
N GLN H 104 36.50 18.01 28.94
CA GLN H 104 35.31 18.32 29.72
C GLN H 104 35.65 18.80 31.12
N ARG H 105 36.71 18.25 31.72
CA ARG H 105 37.11 18.57 33.08
C ARG H 105 38.11 19.73 33.16
N GLY H 106 38.45 20.34 32.04
CA GLY H 106 39.41 21.41 32.04
C GLY H 106 40.85 20.98 32.09
N GLY H 107 41.14 19.71 31.86
CA GLY H 107 42.50 19.26 31.73
C GLY H 107 43.04 19.48 30.35
N ARG H 108 44.35 19.27 30.21
CA ARG H 108 45.06 19.58 28.98
C ARG H 108 45.80 18.35 28.49
N ALA H 109 45.47 17.90 27.28
CA ALA H 109 46.10 16.74 26.68
C ALA H 109 47.57 17.03 26.36
N LEU H 110 48.43 16.11 26.74
CA LEU H 110 49.86 16.17 26.44
C LEU H 110 50.24 14.86 25.77
N PHE H 111 50.56 14.93 24.49
CA PHE H 111 50.83 13.76 23.68
C PHE H 111 52.32 13.47 23.66
N GLN H 112 52.67 12.21 23.86
CA GLN H 112 54.04 11.73 23.79
C GLN H 112 54.18 10.75 22.64
N ASP H 113 55.43 10.38 22.36
CA ASP H 113 55.71 9.42 21.31
C ASP H 113 55.04 8.08 21.61
N ILE H 114 54.52 7.44 20.58
CA ILE H 114 53.85 6.15 20.69
C ILE H 114 54.88 5.08 20.34
N LYS H 115 55.22 4.24 21.31
CA LYS H 115 56.21 3.20 21.10
C LYS H 115 55.69 2.16 20.13
N LYS H 116 56.61 1.63 19.32
CA LYS H 116 56.26 0.58 18.39
C LYS H 116 55.88 -0.69 19.15
N PRO H 117 55.18 -1.62 18.49
CA PRO H 117 54.89 -2.90 19.15
C PRO H 117 56.15 -3.67 19.49
N ALA H 118 56.03 -4.49 20.52
CA ALA H 118 57.18 -5.24 21.03
C ALA H 118 57.69 -6.27 20.04
N GLU H 119 56.84 -6.72 19.11
CA GLU H 119 57.20 -7.73 18.13
C GLU H 119 56.80 -7.27 16.74
N ASP H 120 57.58 -7.69 15.76
CA ASP H 120 57.24 -7.54 14.35
C ASP H 120 56.47 -8.74 13.83
N GLU H 121 56.85 -9.95 14.28
CA GLU H 121 56.16 -11.19 13.95
C GLU H 121 55.56 -11.77 15.23
N TRP H 122 54.29 -12.16 15.14
CA TRP H 122 53.51 -12.56 16.31
C TRP H 122 53.26 -14.07 16.38
N GLY H 123 53.96 -14.86 15.57
CA GLY H 123 53.86 -16.31 15.68
C GLY H 123 52.49 -16.81 15.26
N LYS H 124 52.00 -17.79 16.00
CA LYS H 124 50.72 -18.43 15.73
C LYS H 124 49.63 -17.83 16.61
N THR H 125 48.39 -18.21 16.32
CA THR H 125 47.24 -17.63 17.01
C THR H 125 47.29 -17.77 18.53
N PRO H 126 47.71 -18.90 19.12
CA PRO H 126 47.84 -18.93 20.58
C PRO H 126 48.84 -17.93 21.12
N ASP H 127 49.98 -17.75 20.44
CA ASP H 127 50.98 -16.80 20.89
C ASP H 127 50.45 -15.38 20.80
N ALA H 128 49.74 -15.07 19.73
CA ALA H 128 49.18 -13.73 19.55
C ALA H 128 48.10 -13.44 20.58
N MET H 129 47.20 -14.40 20.81
CA MET H 129 46.14 -14.20 21.79
C MET H 129 46.72 -14.01 23.20
N LYS H 130 47.79 -14.74 23.52
CA LYS H 130 48.44 -14.57 24.82
C LYS H 130 49.03 -13.17 24.96
N ALA H 131 49.61 -12.64 23.88
CA ALA H 131 50.15 -11.29 23.94
C ALA H 131 49.04 -10.26 24.08
N ALA H 132 47.92 -10.45 23.37
CA ALA H 132 46.78 -9.57 23.51
C ALA H 132 46.19 -9.66 24.91
N MET H 133 46.18 -10.86 25.49
CA MET H 133 45.73 -11.03 26.86
C MET H 133 46.58 -10.22 27.82
N ALA H 134 47.90 -10.33 27.70
CA ALA H 134 48.81 -9.60 28.56
C ALA H 134 48.66 -8.09 28.39
N LEU H 135 48.38 -7.64 27.17
CA LEU H 135 48.19 -6.22 26.92
C LEU H 135 46.93 -5.72 27.60
N GLU H 136 45.83 -6.46 27.47
CA GLU H 136 44.58 -6.02 28.09
C GLU H 136 44.67 -6.03 29.62
N LYS H 137 45.40 -6.99 30.18
CA LYS H 137 45.62 -7.00 31.63
C LYS H 137 46.42 -5.79 32.07
N LYS H 138 47.42 -5.39 31.29
CA LYS H 138 48.19 -4.18 31.59
C LYS H 138 47.30 -2.94 31.53
N LEU H 139 46.43 -2.87 30.52
CA LEU H 139 45.47 -1.76 30.44
C LEU H 139 44.52 -1.78 31.61
N ASN H 140 44.04 -2.97 32.00
CA ASN H 140 43.13 -3.09 33.12
C ASN H 140 43.79 -2.64 34.42
N GLN H 141 45.06 -3.00 34.60
CA GLN H 141 45.75 -2.59 35.81
C GLN H 141 45.96 -1.09 35.85
N ALA H 142 46.19 -0.46 34.70
CA ALA H 142 46.29 0.99 34.66
C ALA H 142 44.96 1.66 34.97
N LEU H 143 43.86 1.08 34.47
CA LEU H 143 42.54 1.61 34.76
C LEU H 143 42.23 1.53 36.25
N LEU H 144 42.54 0.39 36.87
CA LEU H 144 42.26 0.20 38.28
C LEU H 144 43.13 1.12 39.14
N ASP H 145 44.37 1.36 38.71
CA ASP H 145 45.23 2.29 39.41
C ASP H 145 44.72 3.73 39.30
N LEU H 146 44.20 4.10 38.12
CA LEU H 146 43.64 5.44 37.96
C LEU H 146 42.38 5.60 38.80
N HIS H 147 41.54 4.57 38.86
CA HIS H 147 40.38 4.60 39.73
C HIS H 147 40.78 4.77 41.19
N ALA H 148 41.82 4.04 41.62
CA ALA H 148 42.31 4.17 42.98
C ALA H 148 42.87 5.56 43.24
N LEU H 149 43.51 6.15 42.24
CA LEU H 149 44.01 7.51 42.37
C LEU H 149 42.84 8.50 42.48
N GLY H 150 41.83 8.35 41.64
CA GLY H 150 40.68 9.22 41.70
C GLY H 150 39.93 9.12 43.02
N SER H 151 39.84 7.92 43.57
CA SER H 151 39.22 7.74 44.88
C SER H 151 40.03 8.43 45.96
N ALA H 152 41.36 8.29 45.93
CA ALA H 152 42.21 8.94 46.91
C ALA H 152 42.11 10.46 46.81
N ARG H 153 41.96 10.98 45.59
CA ARG H 153 41.81 12.40 45.36
C ARG H 153 40.36 12.86 45.40
N THR H 154 39.41 11.96 45.67
CA THR H 154 38.00 12.29 45.78
C THR H 154 37.48 12.92 44.48
N ASP H 155 37.53 12.13 43.41
CA ASP H 155 37.11 12.53 42.07
C ASP H 155 36.04 11.54 41.60
N PRO H 156 34.78 11.74 42.01
CA PRO H 156 33.75 10.75 41.67
C PRO H 156 33.36 10.74 40.20
N HIS H 157 33.45 11.86 39.50
CA HIS H 157 33.17 11.86 38.06
C HIS H 157 34.14 10.94 37.32
N LEU H 158 35.43 11.03 37.66
CA LEU H 158 36.41 10.16 37.03
C LEU H 158 36.12 8.71 37.33
N CYS H 159 35.90 8.39 38.60
CA CYS H 159 35.66 7.00 39.01
C CYS H 159 34.46 6.41 38.31
N ASP H 160 33.36 7.16 38.22
CA ASP H 160 32.19 6.66 37.53
C ASP H 160 32.39 6.62 36.03
N PHE H 161 33.21 7.52 35.49
CA PHE H 161 33.52 7.52 34.07
C PHE H 161 34.24 6.23 33.67
N LEU H 162 35.21 5.81 34.47
CA LEU H 162 35.91 4.56 34.21
C LEU H 162 35.00 3.36 34.41
N GLU H 163 34.16 3.41 35.44
CA GLU H 163 33.24 2.31 35.72
C GLU H 163 32.25 2.13 34.57
N THR H 164 31.81 3.23 33.98
CA THR H 164 30.74 3.19 32.98
C THR H 164 31.27 2.73 31.62
N HIS H 165 32.48 3.14 31.26
CA HIS H 165 32.98 3.02 29.90
C HIS H 165 34.15 2.06 29.72
N PHE H 166 34.92 1.77 30.77
CA PHE H 166 36.19 1.06 30.63
C PHE H 166 36.25 -0.25 31.41
N LEU H 167 35.89 -0.24 32.71
CA LEU H 167 36.20 -1.38 33.57
C LEU H 167 35.47 -2.64 33.14
N ASP H 168 34.18 -2.55 32.83
CA ASP H 168 33.43 -3.72 32.41
C ASP H 168 33.84 -4.17 31.02
N GLU H 169 34.17 -3.22 30.14
CA GLU H 169 34.65 -3.56 28.80
C GLU H 169 35.90 -4.43 28.87
N GLU H 170 36.82 -4.10 29.77
CA GLU H 170 38.06 -4.87 29.88
C GLU H 170 37.79 -6.24 30.49
N VAL H 171 36.93 -6.32 31.50
CA VAL H 171 36.59 -7.59 32.12
C VAL H 171 35.97 -8.53 31.09
N LYS H 172 35.06 -8.00 30.26
CA LYS H 172 34.42 -8.81 29.24
C LYS H 172 35.43 -9.28 28.20
N LEU H 173 36.33 -8.39 27.77
CA LEU H 173 37.29 -8.74 26.75
C LEU H 173 38.30 -9.76 27.24
N ILE H 174 38.77 -9.59 28.48
CA ILE H 174 39.72 -10.54 29.06
C ILE H 174 39.07 -11.91 29.20
N LYS H 175 37.78 -11.95 29.51
CA LYS H 175 37.05 -13.21 29.58
C LYS H 175 37.00 -13.88 28.21
N LYS H 176 36.68 -13.11 27.17
CA LYS H 176 36.59 -13.67 25.83
C LYS H 176 37.94 -14.20 25.35
N MET H 177 39.02 -13.47 25.62
CA MET H 177 40.36 -13.94 25.25
C MET H 177 40.71 -15.21 26.00
N GLY H 178 40.35 -15.28 27.28
CA GLY H 178 40.57 -16.50 28.04
C GLY H 178 39.81 -17.68 27.47
N ASP H 179 38.57 -17.45 27.02
CA ASP H 179 37.80 -18.49 26.36
C ASP H 179 38.49 -18.95 25.08
N HIS H 180 38.99 -17.99 24.29
CA HIS H 180 39.70 -18.32 23.05
C HIS H 180 40.94 -19.15 23.34
N LEU H 181 41.71 -18.77 24.36
CA LEU H 181 42.93 -19.50 24.69
C LEU H 181 42.64 -20.91 25.15
N THR H 182 41.54 -21.12 25.87
CA THR H 182 41.17 -22.44 26.32
C THR H 182 40.81 -23.33 25.13
N ASN H 183 40.03 -22.80 24.20
CA ASN H 183 39.66 -23.56 23.00
C ASN H 183 40.88 -23.81 22.12
N LEU H 184 41.79 -22.84 22.01
CA LEU H 184 42.99 -23.05 21.22
C LEU H 184 43.88 -24.13 21.84
N HIS H 185 43.96 -24.16 23.17
CA HIS H 185 44.71 -25.21 23.85
C HIS H 185 44.02 -26.56 23.67
N ARG H 186 42.70 -26.57 23.67
CA ARG H 186 41.93 -27.78 23.42
C ARG H 186 42.19 -28.30 22.00
N LEU H 187 42.34 -27.39 21.05
CA LEU H 187 42.61 -27.72 19.66
C LEU H 187 44.10 -27.85 19.36
N GLY H 188 44.95 -27.94 20.38
CA GLY H 188 46.37 -28.04 20.20
C GLY H 188 46.80 -29.46 19.86
N GLY H 189 48.09 -29.72 20.08
CA GLY H 189 48.65 -31.03 19.84
C GLY H 189 49.30 -31.12 18.47
N PRO H 190 49.51 -32.35 17.97
CA PRO H 190 50.10 -32.49 16.63
C PRO H 190 49.17 -32.06 15.50
N GLU H 191 47.88 -31.91 15.77
CA GLU H 191 46.93 -31.34 14.82
C GLU H 191 46.75 -29.84 15.01
N ALA H 192 47.79 -29.14 15.45
CA ALA H 192 47.66 -27.72 15.81
C ALA H 192 47.28 -26.88 14.59
N GLY H 193 47.86 -27.16 13.43
CA GLY H 193 47.50 -26.42 12.24
C GLY H 193 46.04 -26.60 11.86
N LEU H 194 45.56 -27.84 11.91
CA LEU H 194 44.15 -28.10 11.71
C LEU H 194 43.30 -27.38 12.74
N GLY H 195 43.72 -27.41 14.01
CA GLY H 195 43.01 -26.71 15.05
C GLY H 195 42.98 -25.20 14.81
N GLU H 196 44.10 -24.64 14.37
CA GLU H 196 44.17 -23.21 14.10
C GLU H 196 43.20 -22.82 12.99
N TYR H 197 43.12 -23.63 11.93
CA TYR H 197 42.19 -23.37 10.84
C TYR H 197 40.74 -23.43 11.32
N LEU H 198 40.40 -24.47 12.08
CA LEU H 198 39.02 -24.64 12.53
C LEU H 198 38.60 -23.54 13.50
N PHE H 199 39.51 -23.11 14.37
CA PHE H 199 39.20 -22.01 15.29
C PHE H 199 38.87 -20.74 14.50
N GLU H 200 39.68 -20.42 13.51
CA GLU H 200 39.45 -19.22 12.71
C GLU H 200 38.15 -19.33 11.92
N ARG H 201 37.85 -20.52 11.41
CA ARG H 201 36.66 -20.72 10.59
C ARG H 201 35.38 -20.69 11.43
N LEU H 202 35.38 -21.36 12.58
CA LEU H 202 34.14 -21.66 13.31
C LEU H 202 33.92 -20.82 14.55
N THR H 203 34.95 -20.16 15.09
CA THR H 203 34.79 -19.23 16.21
C THR H 203 34.97 -17.78 15.80
N LEU H 204 36.00 -17.46 15.04
CA LEU H 204 36.34 -16.09 14.69
C LEU H 204 35.83 -15.66 13.33
N ARG H 205 35.29 -16.57 12.52
CA ARG H 205 34.90 -16.26 11.16
C ARG H 205 36.11 -15.79 10.35
N SER I 34 44.03 -21.14 39.87
CA SER I 34 44.84 -20.11 39.24
C SER I 34 44.21 -19.73 37.90
N SER I 35 43.08 -19.04 37.97
CA SER I 35 42.37 -18.66 36.74
C SER I 35 43.20 -17.66 35.96
N GLN I 36 43.33 -17.90 34.66
CA GLN I 36 44.14 -17.05 33.80
C GLN I 36 43.60 -15.63 33.71
N ILE I 37 42.28 -15.46 33.81
CA ILE I 37 41.66 -14.14 33.66
C ILE I 37 41.58 -13.36 34.97
N ARG I 38 41.80 -14.01 36.10
CA ARG I 38 41.54 -13.38 37.39
C ARG I 38 42.51 -12.23 37.63
N GLN I 39 41.96 -11.08 37.97
CA GLN I 39 42.76 -9.88 38.18
C GLN I 39 42.09 -9.04 39.27
N ASN I 40 42.74 -8.97 40.42
CA ASN I 40 42.28 -8.17 41.55
C ASN I 40 40.85 -8.56 41.97
N TYR I 41 40.63 -9.86 42.10
CA TYR I 41 39.36 -10.42 42.54
C TYR I 41 39.61 -11.22 43.82
N SER I 42 39.25 -10.61 44.95
CA SER I 42 39.50 -11.20 46.26
C SER I 42 38.73 -12.50 46.45
N THR I 43 39.36 -13.44 47.14
CA THR I 43 38.69 -14.67 47.54
C THR I 43 37.55 -14.39 48.52
N ASP I 44 37.70 -13.38 49.38
CA ASP I 44 36.62 -12.96 50.25
C ASP I 44 35.41 -12.51 49.45
N VAL I 45 35.65 -11.74 48.39
CA VAL I 45 34.56 -11.30 47.52
C VAL I 45 33.95 -12.49 46.79
N GLU I 46 34.80 -13.39 46.28
CA GLU I 46 34.33 -14.58 45.59
C GLU I 46 33.40 -15.40 46.48
N ALA I 47 33.78 -15.59 47.74
CA ALA I 47 32.95 -16.35 48.67
C ALA I 47 31.65 -15.61 48.97
N ALA I 48 31.73 -14.31 49.22
CA ALA I 48 30.54 -13.52 49.52
C ALA I 48 29.56 -13.51 48.36
N VAL I 49 30.06 -13.53 47.13
CA VAL I 49 29.17 -13.60 45.97
C VAL I 49 28.42 -14.93 45.96
N ASN I 50 29.11 -16.03 46.23
CA ASN I 50 28.47 -17.34 46.26
C ASN I 50 27.44 -17.43 47.38
N SER I 51 27.69 -16.79 48.51
CA SER I 51 26.70 -16.74 49.59
C SER I 51 25.49 -15.93 49.17
N LEU I 52 25.71 -14.83 48.45
CA LEU I 52 24.60 -14.03 47.95
C LEU I 52 23.80 -14.77 46.89
N VAL I 53 24.47 -15.60 46.09
CA VAL I 53 23.77 -16.46 45.14
C VAL I 53 22.82 -17.39 45.88
N ASN I 54 23.29 -17.96 46.99
CA ASN I 54 22.44 -18.85 47.79
C ASN I 54 21.24 -18.11 48.37
N LEU I 55 21.47 -16.90 48.88
CA LEU I 55 20.39 -16.10 49.44
C LEU I 55 19.35 -15.76 48.39
N TYR I 56 19.78 -15.51 47.16
CA TYR I 56 18.85 -15.21 46.08
C TYR I 56 18.11 -16.46 45.62
N LEU I 57 18.79 -17.61 45.59
CA LEU I 57 18.12 -18.87 45.32
C LEU I 57 17.05 -19.16 46.37
N GLN I 58 17.38 -18.92 47.63
CA GLN I 58 16.41 -19.09 48.71
C GLN I 58 15.26 -18.10 48.59
N ALA I 59 15.55 -16.87 48.16
CA ALA I 59 14.51 -15.87 48.01
C ALA I 59 13.54 -16.23 46.90
N SER I 60 14.06 -16.69 45.75
CA SER I 60 13.22 -17.16 44.66
C SER I 60 12.33 -18.31 45.10
N TYR I 61 12.88 -19.22 45.89
CA TYR I 61 12.12 -20.37 46.37
C TYR I 61 11.01 -19.96 47.33
N THR I 62 11.28 -18.97 48.17
CA THR I 62 10.26 -18.45 49.07
C THR I 62 9.12 -17.80 48.28
N TYR I 63 9.45 -17.05 47.23
CA TYR I 63 8.41 -16.42 46.43
C TYR I 63 7.67 -17.44 45.58
N LEU I 64 8.31 -18.55 45.21
CA LEU I 64 7.60 -19.65 44.58
C LEU I 64 6.49 -20.17 45.49
N SER I 65 6.82 -20.42 46.76
CA SER I 65 5.84 -20.91 47.72
C SER I 65 4.73 -19.89 47.95
N LEU I 66 5.08 -18.61 48.06
CA LEU I 66 4.08 -17.57 48.25
C LEU I 66 3.12 -17.51 47.07
N GLY I 67 3.65 -17.59 45.85
CA GLY I 67 2.81 -17.51 44.67
C GLY I 67 1.80 -18.63 44.57
N PHE I 68 2.22 -19.85 44.92
CA PHE I 68 1.33 -21.01 44.82
C PHE I 68 0.41 -21.13 46.02
N TYR I 69 0.79 -20.53 47.15
CA TYR I 69 -0.13 -20.46 48.28
C TYR I 69 -1.35 -19.60 47.95
N PHE I 70 -1.14 -18.46 47.30
CA PHE I 70 -2.22 -17.58 46.91
C PHE I 70 -2.96 -18.05 45.66
N ASP I 71 -2.47 -19.11 45.01
CA ASP I 71 -3.21 -19.82 43.96
C ASP I 71 -4.07 -20.96 44.52
N ARG I 72 -3.98 -21.25 45.81
CA ARG I 72 -4.83 -22.25 46.43
C ARG I 72 -6.30 -21.85 46.31
N ASP I 73 -7.17 -22.86 46.25
CA ASP I 73 -8.59 -22.60 46.08
C ASP I 73 -9.18 -21.92 47.30
N ASP I 74 -8.64 -22.18 48.49
CA ASP I 74 -9.10 -21.57 49.73
C ASP I 74 -8.36 -20.29 50.09
N VAL I 75 -7.58 -19.73 49.18
CA VAL I 75 -6.99 -18.41 49.34
C VAL I 75 -7.47 -17.54 48.19
N ALA I 76 -7.14 -17.96 46.96
CA ALA I 76 -7.78 -17.47 45.74
C ALA I 76 -7.65 -15.96 45.58
N LEU I 77 -6.40 -15.52 45.50
CA LEU I 77 -6.05 -14.12 45.23
C LEU I 77 -5.06 -14.12 44.07
N GLU I 78 -5.59 -13.95 42.88
CA GLU I 78 -4.82 -14.17 41.65
C GLU I 78 -3.74 -13.11 41.49
N GLY I 79 -4.08 -11.85 41.73
CA GLY I 79 -3.10 -10.78 41.61
C GLY I 79 -1.96 -10.90 42.60
N VAL I 80 -2.25 -11.43 43.79
CA VAL I 80 -1.21 -11.62 44.80
C VAL I 80 -0.27 -12.74 44.37
N SER I 81 -0.81 -13.83 43.86
CA SER I 81 0.01 -14.92 43.36
C SER I 81 0.92 -14.46 42.23
N HIS I 82 0.37 -13.68 41.29
CA HIS I 82 1.15 -13.18 40.18
C HIS I 82 2.24 -12.23 40.65
N PHE I 83 1.94 -11.41 41.65
CA PHE I 83 2.92 -10.49 42.21
C PHE I 83 4.14 -11.23 42.74
N PHE I 84 3.91 -12.28 43.52
CA PHE I 84 5.01 -13.05 44.08
C PHE I 84 5.68 -13.94 43.04
N ARG I 85 4.94 -14.44 42.06
CA ARG I 85 5.54 -15.23 41.00
C ARG I 85 6.48 -14.39 40.16
N GLU I 86 6.14 -13.13 39.92
CA GLU I 86 7.02 -12.24 39.18
C GLU I 86 8.30 -11.96 39.96
N LEU I 87 8.20 -11.88 41.29
CA LEU I 87 9.37 -11.63 42.12
C LEU I 87 10.31 -12.82 42.11
N ALA I 88 9.77 -14.04 42.08
CA ALA I 88 10.62 -15.22 42.00
C ALA I 88 11.47 -15.19 40.73
N GLU I 89 10.92 -14.69 39.64
CA GLU I 89 11.70 -14.56 38.41
C GLU I 89 12.73 -13.45 38.53
N GLU I 90 12.39 -12.35 39.20
CA GLU I 90 13.36 -11.28 39.41
C GLU I 90 14.54 -11.77 40.25
N LYS I 91 14.28 -12.54 41.30
CA LYS I 91 15.36 -13.12 42.08
C LYS I 91 16.16 -14.12 41.25
N ARG I 92 15.52 -14.80 40.32
CA ARG I 92 16.22 -15.75 39.45
C ARG I 92 17.19 -15.03 38.54
N GLU I 93 16.74 -13.94 37.91
CA GLU I 93 17.63 -13.11 37.12
C GLU I 93 18.74 -12.50 37.97
N GLY I 94 18.51 -12.33 39.27
CA GLY I 94 19.52 -11.89 40.18
C GLY I 94 20.70 -12.83 40.30
N TYR I 95 20.46 -14.07 40.73
CA TYR I 95 21.59 -14.98 40.92
C TYR I 95 22.21 -15.41 39.61
N GLU I 96 21.45 -15.38 38.50
CA GLU I 96 22.04 -15.64 37.20
C GLU I 96 23.02 -14.54 36.81
N ARG I 97 22.67 -13.29 37.07
CA ARG I 97 23.60 -12.19 36.83
C ARG I 97 24.84 -12.31 37.70
N LEU I 98 24.66 -12.69 38.97
CA LEU I 98 25.79 -12.90 39.87
C LEU I 98 26.70 -14.01 39.38
N LEU I 99 26.12 -15.12 38.92
CA LEU I 99 26.92 -16.24 38.44
C LEU I 99 27.66 -15.89 37.16
N LYS I 100 27.03 -15.12 36.27
CA LYS I 100 27.72 -14.62 35.08
C LYS I 100 28.92 -13.75 35.47
N MET I 101 28.72 -12.85 36.43
CA MET I 101 29.81 -11.98 36.88
C MET I 101 30.94 -12.80 37.52
N GLN I 102 30.58 -13.81 38.31
CA GLN I 102 31.57 -14.66 38.96
C GLN I 102 32.49 -15.30 37.92
N ASN I 103 31.92 -15.77 36.81
CA ASN I 103 32.73 -16.38 35.76
C ASN I 103 33.51 -15.31 34.99
N GLN I 104 32.93 -14.14 34.77
CA GLN I 104 33.63 -13.06 34.08
C GLN I 104 34.91 -12.67 34.83
N ARG I 105 34.89 -12.70 36.16
CA ARG I 105 36.01 -12.28 36.98
C ARG I 105 36.96 -13.42 37.32
N GLY I 106 36.73 -14.62 36.80
CA GLY I 106 37.56 -15.76 37.10
C GLY I 106 37.30 -16.41 38.44
N GLY I 107 36.18 -16.11 39.08
CA GLY I 107 35.77 -16.82 40.27
C GLY I 107 35.06 -18.11 39.93
N ARG I 108 34.83 -18.91 40.97
CA ARG I 108 34.29 -20.25 40.81
C ARG I 108 33.04 -20.40 41.67
N ALA I 109 31.93 -20.71 41.02
CA ALA I 109 30.66 -20.90 41.70
C ALA I 109 30.71 -22.16 42.57
N LEU I 110 30.24 -22.02 43.81
CA LEU I 110 30.13 -23.13 44.74
C LEU I 110 28.69 -23.13 45.27
N PHE I 111 27.94 -24.13 44.88
CA PHE I 111 26.53 -24.22 45.20
C PHE I 111 26.32 -25.03 46.46
N GLN I 112 25.47 -24.51 47.34
CA GLN I 112 25.08 -25.17 48.58
C GLN I 112 23.59 -25.48 48.54
N ASP I 113 23.15 -26.26 49.53
CA ASP I 113 21.74 -26.59 49.65
C ASP I 113 20.90 -25.34 49.82
N ILE I 114 19.74 -25.32 49.17
CA ILE I 114 18.81 -24.21 49.25
C ILE I 114 17.79 -24.54 50.32
N LYS I 115 17.76 -23.75 51.38
CA LYS I 115 16.85 -23.99 52.48
C LYS I 115 15.40 -23.75 52.05
N LYS I 116 14.51 -24.55 52.59
CA LYS I 116 13.09 -24.38 52.32
C LYS I 116 12.59 -23.06 52.89
N PRO I 117 11.45 -22.57 52.43
CA PRO I 117 10.89 -21.36 53.02
C PRO I 117 10.53 -21.56 54.49
N ALA I 118 10.56 -20.47 55.23
CA ALA I 118 10.33 -20.52 56.67
C ALA I 118 8.90 -20.92 57.02
N GLU I 119 7.95 -20.73 56.11
CA GLU I 119 6.56 -21.06 56.33
C GLU I 119 6.02 -21.87 55.17
N ASP I 120 5.07 -22.75 55.49
CA ASP I 120 4.29 -23.46 54.49
C ASP I 120 3.01 -22.71 54.14
N GLU I 121 2.39 -22.09 55.14
CA GLU I 121 1.21 -21.24 54.96
C GLU I 121 1.57 -19.81 55.34
N TRP I 122 1.19 -18.87 54.47
CA TRP I 122 1.61 -17.48 54.58
C TRP I 122 0.49 -16.55 55.03
N GLY I 123 -0.61 -17.08 55.53
CA GLY I 123 -1.66 -16.24 56.08
C GLY I 123 -2.34 -15.40 55.02
N LYS I 124 -2.63 -14.16 55.39
CA LYS I 124 -3.31 -13.20 54.53
C LYS I 124 -2.31 -12.29 53.86
N THR I 125 -2.81 -11.49 52.91
CA THR I 125 -1.94 -10.64 52.10
C THR I 125 -1.08 -9.68 52.92
N PRO I 126 -1.56 -9.04 53.99
CA PRO I 126 -0.65 -8.22 54.80
C PRO I 126 0.47 -9.02 55.43
N ASP I 127 0.20 -10.22 55.91
CA ASP I 127 1.23 -11.04 56.52
C ASP I 127 2.27 -11.47 55.49
N ALA I 128 1.81 -11.81 54.28
CA ALA I 128 2.71 -12.23 53.22
C ALA I 128 3.58 -11.07 52.74
N MET I 129 2.98 -9.90 52.55
CA MET I 129 3.74 -8.74 52.11
C MET I 129 4.78 -8.34 53.15
N LYS I 130 4.45 -8.47 54.43
CA LYS I 130 5.42 -8.16 55.49
C LYS I 130 6.59 -9.13 55.45
N ALA I 131 6.33 -10.41 55.17
CA ALA I 131 7.41 -11.39 55.05
C ALA I 131 8.27 -11.09 53.83
N ALA I 132 7.65 -10.74 52.71
CA ALA I 132 8.40 -10.37 51.52
C ALA I 132 9.22 -9.10 51.76
N MET I 133 8.67 -8.16 52.52
CA MET I 133 9.40 -6.96 52.89
C MET I 133 10.66 -7.32 53.68
N ALA I 134 10.51 -8.16 54.70
CA ALA I 134 11.65 -8.56 55.51
C ALA I 134 12.69 -9.30 54.70
N LEU I 135 12.25 -10.09 53.72
CA LEU I 135 13.18 -10.82 52.86
C LEU I 135 13.99 -9.86 51.99
N GLU I 136 13.32 -8.89 51.37
CA GLU I 136 14.03 -7.95 50.52
C GLU I 136 14.99 -7.08 51.32
N LYS I 137 14.64 -6.72 52.55
CA LYS I 137 15.55 -5.98 53.41
C LYS I 137 16.78 -6.81 53.76
N LYS I 138 16.59 -8.11 53.99
CA LYS I 138 17.73 -8.99 54.23
C LYS I 138 18.63 -9.08 53.01
N LEU I 139 18.03 -9.18 51.82
CA LEU I 139 18.81 -9.17 50.59
C LEU I 139 19.54 -7.85 50.40
N ASN I 140 18.86 -6.74 50.70
CA ASN I 140 19.46 -5.42 50.58
C ASN I 140 20.65 -5.27 51.52
N GLN I 141 20.51 -5.79 52.75
CA GLN I 141 21.61 -5.68 53.70
C GLN I 141 22.80 -6.52 53.26
N ALA I 142 22.55 -7.67 52.63
CA ALA I 142 23.64 -8.48 52.10
C ALA I 142 24.32 -7.77 50.93
N LEU I 143 23.55 -7.11 50.08
CA LEU I 143 24.13 -6.36 48.97
C LEU I 143 25.01 -5.22 49.47
N LEU I 144 24.52 -4.48 50.47
CA LEU I 144 25.28 -3.37 51.00
C LEU I 144 26.55 -3.85 51.71
N ASP I 145 26.48 -5.00 52.37
CA ASP I 145 27.66 -5.57 52.99
C ASP I 145 28.67 -6.02 51.95
N LEU I 146 28.21 -6.59 50.84
CA LEU I 146 29.13 -6.98 49.78
C LEU I 146 29.77 -5.77 49.13
N HIS I 147 28.99 -4.70 48.93
CA HIS I 147 29.57 -3.46 48.42
C HIS I 147 30.63 -2.92 49.36
N ALA I 148 30.36 -2.95 50.67
CA ALA I 148 31.33 -2.50 51.64
C ALA I 148 32.58 -3.37 51.63
N LEU I 149 32.41 -4.67 51.41
CA LEU I 149 33.55 -5.56 51.30
C LEU I 149 34.36 -5.25 50.04
N GLY I 150 33.67 -5.05 48.91
CA GLY I 150 34.38 -4.72 47.69
C GLY I 150 35.13 -3.41 47.77
N SER I 151 34.55 -2.43 48.46
CA SER I 151 35.24 -1.16 48.67
C SER I 151 36.48 -1.35 49.53
N ALA I 152 36.36 -2.13 50.61
CA ALA I 152 37.52 -2.39 51.47
C ALA I 152 38.61 -3.13 50.72
N ARG I 153 38.24 -4.03 49.82
CA ARG I 153 39.19 -4.78 48.99
C ARG I 153 39.55 -4.05 47.70
N THR I 154 39.00 -2.87 47.46
CA THR I 154 39.31 -2.07 46.27
C THR I 154 38.96 -2.85 45.00
N ASP I 155 37.65 -3.14 44.86
CA ASP I 155 37.10 -3.87 43.73
C ASP I 155 36.03 -3.01 43.08
N PRO I 156 36.42 -2.06 42.21
CA PRO I 156 35.41 -1.15 41.65
C PRO I 156 34.47 -1.78 40.66
N HIS I 157 34.88 -2.81 39.93
CA HIS I 157 33.96 -3.50 39.03
C HIS I 157 32.81 -4.12 39.81
N LEU I 158 33.10 -4.76 40.94
CA LEU I 158 32.05 -5.34 41.77
C LEU I 158 31.11 -4.26 42.27
N CYS I 159 31.68 -3.19 42.84
CA CYS I 159 30.88 -2.13 43.42
C CYS I 159 29.95 -1.49 42.39
N ASP I 160 30.46 -1.23 41.18
CA ASP I 160 29.61 -0.67 40.15
C ASP I 160 28.61 -1.69 39.61
N PHE I 161 28.99 -2.97 39.63
CA PHE I 161 28.08 -4.02 39.19
C PHE I 161 26.84 -4.09 40.09
N LEU I 162 27.04 -4.01 41.40
CA LEU I 162 25.93 -3.99 42.33
C LEU I 162 25.12 -2.70 42.22
N GLU I 163 25.80 -1.58 42.03
CA GLU I 163 25.12 -0.31 41.89
C GLU I 163 24.23 -0.28 40.65
N THR I 164 24.70 -0.90 39.57
CA THR I 164 24.00 -0.82 38.30
C THR I 164 22.80 -1.74 38.24
N HIS I 165 22.90 -2.93 38.86
CA HIS I 165 21.94 -4.01 38.64
C HIS I 165 21.12 -4.38 39.86
N PHE I 166 21.58 -4.09 41.08
CA PHE I 166 20.96 -4.61 42.29
C PHE I 166 20.46 -3.54 43.25
N LEU I 167 21.27 -2.54 43.58
CA LEU I 167 20.96 -1.65 44.70
C LEU I 167 19.70 -0.84 44.43
N ASP I 168 19.55 -0.27 43.24
CA ASP I 168 18.37 0.53 42.95
C ASP I 168 17.13 -0.35 42.78
N GLU I 169 17.32 -1.56 42.24
CA GLU I 169 16.21 -2.50 42.11
C GLU I 169 15.61 -2.80 43.48
N GLU I 170 16.45 -3.01 44.49
CA GLU I 170 15.95 -3.33 45.82
C GLU I 170 15.27 -2.13 46.46
N VAL I 171 15.85 -0.94 46.31
CA VAL I 171 15.26 0.27 46.85
C VAL I 171 13.88 0.50 46.26
N LYS I 172 13.73 0.31 44.95
CA LYS I 172 12.45 0.48 44.30
C LYS I 172 11.44 -0.54 44.78
N LEU I 173 11.87 -1.80 44.92
CA LEU I 173 10.95 -2.86 45.32
C LEU I 173 10.51 -2.69 46.77
N ILE I 174 11.43 -2.32 47.65
CA ILE I 174 11.09 -2.10 49.04
C ILE I 174 10.11 -0.94 49.17
N LYS I 175 10.26 0.08 48.33
CA LYS I 175 9.33 1.20 48.31
C LYS I 175 7.93 0.73 47.90
N LYS I 176 7.85 -0.08 46.85
CA LYS I 176 6.56 -0.56 46.38
C LYS I 176 5.88 -1.44 47.41
N MET I 177 6.62 -2.31 48.08
CA MET I 177 6.05 -3.14 49.13
C MET I 177 5.56 -2.29 50.29
N GLY I 178 6.32 -1.25 50.64
CA GLY I 178 5.87 -0.34 51.68
C GLY I 178 4.58 0.38 51.30
N ASP I 179 4.45 0.77 50.03
CA ASP I 179 3.21 1.36 49.55
C ASP I 179 2.06 0.38 49.66
N HIS I 180 2.30 -0.88 49.27
CA HIS I 180 1.27 -1.91 49.38
C HIS I 180 0.84 -2.12 50.82
N LEU I 181 1.79 -2.17 51.75
CA LEU I 181 1.45 -2.38 53.15
C LEU I 181 0.66 -1.22 53.73
N THR I 182 0.95 0.01 53.30
CA THR I 182 0.20 1.16 53.77
C THR I 182 -1.25 1.10 53.29
N ASN I 183 -1.45 0.77 52.01
CA ASN I 183 -2.79 0.64 51.49
C ASN I 183 -3.54 -0.53 52.11
N LEU I 184 -2.85 -1.64 52.37
CA LEU I 184 -3.49 -2.78 53.02
C LEU I 184 -3.90 -2.43 54.44
N HIS I 185 -3.08 -1.67 55.15
CA HIS I 185 -3.45 -1.21 56.48
C HIS I 185 -4.61 -0.22 56.41
N ARG I 186 -4.63 0.62 55.39
CA ARG I 186 -5.74 1.54 55.18
C ARG I 186 -7.03 0.77 54.92
N LEU I 187 -6.95 -0.35 54.20
CA LEU I 187 -8.08 -1.19 53.90
C LEU I 187 -8.36 -2.25 54.97
N GLY I 188 -7.76 -2.11 56.14
CA GLY I 188 -7.94 -3.07 57.21
C GLY I 188 -9.22 -2.86 57.97
N GLY I 189 -9.27 -3.39 59.18
CA GLY I 189 -10.41 -3.25 60.05
C GLY I 189 -11.36 -4.44 59.94
N PRO I 190 -12.61 -4.27 60.37
CA PRO I 190 -13.57 -5.39 60.25
C PRO I 190 -13.96 -5.70 58.82
N GLU I 191 -13.70 -4.81 57.87
CA GLU I 191 -13.90 -5.07 56.45
C GLU I 191 -12.61 -5.57 55.78
N ALA I 192 -11.78 -6.30 56.51
CA ALA I 192 -10.47 -6.69 56.00
C ALA I 192 -10.59 -7.60 54.79
N GLY I 193 -11.55 -8.53 54.80
CA GLY I 193 -11.74 -9.40 53.65
C GLY I 193 -12.14 -8.62 52.41
N LEU I 194 -13.07 -7.68 52.58
CA LEU I 194 -13.44 -6.80 51.48
C LEU I 194 -12.23 -5.98 51.01
N GLY I 195 -11.45 -5.47 51.96
CA GLY I 195 -10.25 -4.73 51.60
C GLY I 195 -9.25 -5.59 50.86
N GLU I 196 -9.08 -6.84 51.28
CA GLU I 196 -8.15 -7.75 50.62
C GLU I 196 -8.56 -8.00 49.18
N TYR I 197 -9.86 -8.20 48.95
CA TYR I 197 -10.38 -8.40 47.59
C TYR I 197 -10.15 -7.18 46.72
N LEU I 198 -10.46 -5.99 47.24
CA LEU I 198 -10.32 -4.77 46.45
C LEU I 198 -8.87 -4.46 46.14
N PHE I 199 -7.97 -4.71 47.09
CA PHE I 199 -6.54 -4.50 46.82
C PHE I 199 -6.07 -5.38 45.67
N GLU I 200 -6.44 -6.67 45.70
CA GLU I 200 -6.04 -7.59 44.65
C GLU I 200 -6.65 -7.20 43.31
N ARG I 201 -7.90 -6.74 43.33
CA ARG I 201 -8.58 -6.39 42.09
C ARG I 201 -8.06 -5.09 41.47
N LEU I 202 -7.84 -4.06 42.30
CA LEU I 202 -7.61 -2.71 41.80
C LEU I 202 -6.17 -2.21 41.87
N THR I 203 -5.31 -2.86 42.65
CA THR I 203 -3.89 -2.54 42.69
C THR I 203 -3.02 -3.60 42.04
N LEU I 204 -3.25 -4.88 42.35
CA LEU I 204 -2.41 -5.98 41.88
C LEU I 204 -2.96 -6.69 40.66
N ARG I 205 -4.18 -6.39 40.23
CA ARG I 205 -4.83 -7.13 39.15
C ARG I 205 -4.96 -8.59 39.52
N SER J 34 39.02 -47.53 -14.00
CA SER J 34 37.93 -48.34 -13.47
C SER J 34 37.03 -47.45 -12.60
N SER J 35 36.28 -46.57 -13.25
CA SER J 35 35.41 -45.66 -12.53
C SER J 35 34.31 -46.44 -11.83
N GLN J 36 34.09 -46.12 -10.54
CA GLN J 36 33.10 -46.83 -9.74
C GLN J 36 31.69 -46.62 -10.27
N ILE J 37 31.41 -45.47 -10.87
CA ILE J 37 30.06 -45.16 -11.32
C ILE J 37 29.77 -45.63 -12.75
N ARG J 38 30.80 -46.02 -13.50
CA ARG J 38 30.63 -46.30 -14.91
C ARG J 38 29.77 -47.53 -15.12
N GLN J 39 28.75 -47.39 -15.95
CA GLN J 39 27.81 -48.47 -16.20
C GLN J 39 27.33 -48.36 -17.65
N ASN J 40 27.74 -49.32 -18.47
CA ASN J 40 27.35 -49.40 -19.87
C ASN J 40 27.66 -48.10 -20.63
N TYR J 41 28.90 -47.63 -20.45
CA TYR J 41 29.42 -46.44 -21.13
C TYR J 41 30.63 -46.87 -21.95
N SER J 42 30.42 -47.00 -23.26
CA SER J 42 31.45 -47.47 -24.17
C SER J 42 32.63 -46.51 -24.23
N THR J 43 33.83 -47.09 -24.35
CA THR J 43 35.02 -46.29 -24.59
C THR J 43 34.97 -45.58 -25.93
N ASP J 44 34.35 -46.21 -26.94
CA ASP J 44 34.14 -45.55 -28.22
C ASP J 44 33.28 -44.29 -28.06
N VAL J 45 32.22 -44.38 -27.25
CA VAL J 45 31.38 -43.23 -26.98
C VAL J 45 32.15 -42.18 -26.20
N GLU J 46 32.92 -42.61 -25.20
CA GLU J 46 33.73 -41.69 -24.40
C GLU J 46 34.69 -40.89 -25.28
N ALA J 47 35.34 -41.57 -26.22
CA ALA J 47 36.28 -40.90 -27.12
C ALA J 47 35.53 -39.95 -28.06
N ALA J 48 34.42 -40.40 -28.63
CA ALA J 48 33.65 -39.56 -29.53
C ALA J 48 33.10 -38.31 -28.85
N VAL J 49 32.77 -38.41 -27.56
CA VAL J 49 32.32 -37.25 -26.83
C VAL J 49 33.45 -36.23 -26.70
N ASN J 50 34.66 -36.70 -26.38
CA ASN J 50 35.80 -35.81 -26.25
C ASN J 50 36.15 -35.14 -27.58
N SER J 51 35.99 -35.87 -28.69
CA SER J 51 36.19 -35.27 -30.00
C SER J 51 35.14 -34.20 -30.29
N LEU J 52 33.89 -34.46 -29.89
CA LEU J 52 32.84 -33.46 -30.07
C LEU J 52 33.06 -32.25 -29.18
N VAL J 53 33.63 -32.45 -27.99
CA VAL J 53 34.02 -31.32 -27.14
C VAL J 53 35.03 -30.44 -27.86
N ASN J 54 35.99 -31.06 -28.54
CA ASN J 54 37.00 -30.30 -29.29
C ASN J 54 36.37 -29.53 -30.44
N LEU J 55 35.44 -30.16 -31.16
CA LEU J 55 34.76 -29.51 -32.27
C LEU J 55 33.95 -28.31 -31.79
N TYR J 56 33.35 -28.42 -30.60
CA TYR J 56 32.58 -27.30 -30.06
C TYR J 56 33.49 -26.20 -29.55
N LEU J 57 34.63 -26.57 -28.96
CA LEU J 57 35.62 -25.57 -28.58
C LEU J 57 36.11 -24.81 -29.81
N GLN J 58 36.38 -25.53 -30.89
CA GLN J 58 36.80 -24.91 -32.15
C GLN J 58 35.70 -24.04 -32.72
N ALA J 59 34.44 -24.46 -32.59
CA ALA J 59 33.32 -23.68 -33.11
C ALA J 59 33.16 -22.37 -32.34
N SER J 60 33.25 -22.43 -31.02
CA SER J 60 33.19 -21.22 -30.21
C SER J 60 34.30 -20.26 -30.58
N TYR J 61 35.50 -20.79 -30.83
CA TYR J 61 36.64 -19.96 -31.19
C TYR J 61 36.46 -19.30 -32.55
N THR J 62 35.87 -20.02 -33.49
CA THR J 62 35.56 -19.45 -34.80
C THR J 62 34.55 -18.32 -34.69
N TYR J 63 33.54 -18.48 -33.85
CA TYR J 63 32.53 -17.44 -33.68
C TYR J 63 33.09 -16.26 -32.88
N LEU J 64 34.07 -16.50 -32.02
CA LEU J 64 34.78 -15.40 -31.38
C LEU J 64 35.45 -14.51 -32.44
N SER J 65 36.16 -15.13 -33.37
CA SER J 65 36.83 -14.38 -34.43
C SER J 65 35.84 -13.66 -35.32
N LEU J 66 34.74 -14.31 -35.66
CA LEU J 66 33.71 -13.68 -36.48
C LEU J 66 33.13 -12.46 -35.78
N GLY J 67 32.83 -12.57 -34.49
CA GLY J 67 32.24 -11.47 -33.76
C GLY J 67 33.13 -10.25 -33.69
N PHE J 68 34.42 -10.45 -33.50
CA PHE J 68 35.36 -9.34 -33.39
C PHE J 68 35.79 -8.81 -34.75
N TYR J 69 35.67 -9.60 -35.80
CA TYR J 69 35.88 -9.10 -37.15
C TYR J 69 34.83 -8.08 -37.52
N PHE J 70 33.57 -8.35 -37.20
CA PHE J 70 32.47 -7.43 -37.49
C PHE J 70 32.38 -6.29 -36.49
N ASP J 71 33.20 -6.29 -35.44
CA ASP J 71 33.41 -5.15 -34.56
C ASP J 71 34.55 -4.25 -35.03
N ARG J 72 35.28 -4.64 -36.07
CA ARG J 72 36.32 -3.78 -36.63
C ARG J 72 35.72 -2.48 -37.15
N ASP J 73 36.53 -1.42 -37.10
CA ASP J 73 36.06 -0.12 -37.53
C ASP J 73 35.78 -0.07 -39.02
N ASP J 74 36.50 -0.87 -39.80
CA ASP J 74 36.32 -0.93 -41.25
C ASP J 74 35.34 -2.02 -41.69
N VAL J 75 34.60 -2.62 -40.76
CA VAL J 75 33.50 -3.52 -41.09
C VAL J 75 32.25 -2.94 -40.47
N ALA J 76 32.24 -2.79 -39.15
CA ALA J 76 31.29 -1.95 -38.42
C ALA J 76 29.83 -2.39 -38.67
N LEU J 77 29.55 -3.63 -38.29
CA LEU J 77 28.20 -4.18 -38.33
C LEU J 77 27.92 -4.79 -36.96
N GLU J 78 27.28 -3.98 -36.12
CA GLU J 78 27.15 -4.29 -34.70
C GLU J 78 26.25 -5.49 -34.48
N GLY J 79 25.10 -5.54 -35.17
CA GLY J 79 24.20 -6.66 -35.03
C GLY J 79 24.80 -7.97 -35.48
N VAL J 80 25.66 -7.93 -36.49
CA VAL J 80 26.32 -9.14 -36.97
C VAL J 80 27.32 -9.64 -35.94
N SER J 81 28.11 -8.73 -35.36
CA SER J 81 29.05 -9.10 -34.31
C SER J 81 28.32 -9.72 -33.13
N HIS J 82 27.21 -9.12 -32.71
CA HIS J 82 26.45 -9.64 -31.57
C HIS J 82 25.86 -11.01 -31.89
N PHE J 83 25.42 -11.21 -33.13
CA PHE J 83 24.88 -12.50 -33.55
C PHE J 83 25.90 -13.60 -33.38
N PHE J 84 27.12 -13.38 -33.85
CA PHE J 84 28.17 -14.39 -33.75
C PHE J 84 28.72 -14.49 -32.33
N ARG J 85 28.74 -13.40 -31.57
CA ARG J 85 29.18 -13.48 -30.19
C ARG J 85 28.22 -14.31 -29.34
N GLU J 86 26.92 -14.20 -29.61
CA GLU J 86 25.95 -15.02 -28.91
C GLU J 86 26.13 -16.49 -29.24
N LEU J 87 26.49 -16.81 -30.49
CA LEU J 87 26.69 -18.19 -30.88
C LEU J 87 27.92 -18.79 -30.21
N ALA J 88 28.97 -17.99 -30.01
CA ALA J 88 30.15 -18.48 -29.29
C ALA J 88 29.78 -18.93 -27.89
N GLU J 89 28.86 -18.21 -27.24
CA GLU J 89 28.40 -18.61 -25.91
C GLU J 89 27.55 -19.85 -25.98
N GLU J 90 26.72 -19.99 -27.02
CA GLU J 90 25.92 -21.20 -27.18
C GLU J 90 26.81 -22.43 -27.37
N LYS J 91 27.87 -22.30 -28.17
CA LYS J 91 28.80 -23.41 -28.32
C LYS J 91 29.55 -23.68 -27.02
N ARG J 92 29.78 -22.64 -26.21
CA ARG J 92 30.43 -22.83 -24.92
C ARG J 92 29.57 -23.63 -23.98
N GLU J 93 28.28 -23.28 -23.89
CA GLU J 93 27.34 -24.08 -23.11
C GLU J 93 27.20 -25.50 -23.65
N GLY J 94 27.47 -25.69 -24.94
CA GLY J 94 27.51 -27.00 -25.54
C GLY J 94 28.57 -27.92 -24.96
N TYR J 95 29.84 -27.53 -25.06
CA TYR J 95 30.90 -28.42 -24.58
C TYR J 95 30.91 -28.51 -23.07
N GLU J 96 30.40 -27.50 -22.36
CA GLU J 96 30.27 -27.60 -20.91
C GLU J 96 29.24 -28.66 -20.54
N ARG J 97 28.11 -28.69 -21.25
CA ARG J 97 27.12 -29.74 -21.04
C ARG J 97 27.70 -31.12 -21.34
N LEU J 98 28.47 -31.23 -22.43
CA LEU J 98 29.11 -32.49 -22.77
C LEU J 98 30.08 -32.95 -21.69
N LEU J 99 30.89 -32.02 -21.17
CA LEU J 99 31.86 -32.36 -20.15
C LEU J 99 31.17 -32.76 -18.84
N LYS J 100 30.08 -32.10 -18.49
CA LYS J 100 29.27 -32.51 -17.33
C LYS J 100 28.76 -33.93 -17.51
N MET J 101 28.22 -34.24 -18.70
CA MET J 101 27.71 -35.59 -18.96
C MET J 101 28.83 -36.62 -18.90
N GLN J 102 30.00 -36.29 -19.45
CA GLN J 102 31.14 -37.19 -19.43
C GLN J 102 31.49 -37.60 -18.00
N ASN J 103 31.47 -36.64 -17.08
CA ASN J 103 31.76 -36.95 -15.68
C ASN J 103 30.61 -37.70 -15.02
N GLN J 104 29.36 -37.37 -15.37
CA GLN J 104 28.21 -38.08 -14.83
C GLN J 104 28.27 -39.56 -15.15
N ARG J 105 28.74 -39.92 -16.34
CA ARG J 105 28.79 -41.30 -16.80
C ARG J 105 30.09 -42.01 -16.45
N GLY J 106 30.99 -41.36 -15.72
CA GLY J 106 32.25 -41.98 -15.37
C GLY J 106 33.29 -41.96 -16.46
N GLY J 107 33.10 -41.17 -17.51
CA GLY J 107 34.12 -40.97 -18.51
C GLY J 107 35.11 -39.92 -18.09
N ARG J 108 36.19 -39.82 -18.86
CA ARG J 108 37.32 -38.96 -18.52
C ARG J 108 37.60 -38.02 -19.68
N ALA J 109 37.52 -36.72 -19.39
CA ALA J 109 37.80 -35.70 -20.39
C ALA J 109 39.26 -35.71 -20.79
N LEU J 110 39.50 -35.66 -22.09
CA LEU J 110 40.85 -35.57 -22.65
C LEU J 110 40.85 -34.39 -23.61
N PHE J 111 41.57 -33.34 -23.24
CA PHE J 111 41.58 -32.11 -23.99
C PHE J 111 42.76 -32.08 -24.96
N GLN J 112 42.47 -31.68 -26.18
CA GLN J 112 43.47 -31.52 -27.23
C GLN J 112 43.56 -30.05 -27.63
N ASP J 113 44.57 -29.75 -28.44
CA ASP J 113 44.75 -28.40 -28.94
C ASP J 113 43.54 -27.95 -29.75
N ILE J 114 43.16 -26.69 -29.59
CA ILE J 114 42.02 -26.11 -30.30
C ILE J 114 42.59 -25.39 -31.52
N LYS J 115 42.23 -25.86 -32.70
CA LYS J 115 42.72 -25.27 -33.94
C LYS J 115 42.17 -23.86 -34.12
N LYS J 116 42.99 -22.99 -34.70
CA LYS J 116 42.56 -21.65 -34.98
C LYS J 116 41.48 -21.66 -36.06
N PRO J 117 40.71 -20.57 -36.19
CA PRO J 117 39.73 -20.50 -37.27
C PRO J 117 40.39 -20.54 -38.63
N ALA J 118 39.63 -21.04 -39.60
CA ALA J 118 40.15 -21.23 -40.95
C ALA J 118 40.47 -19.91 -41.65
N GLU J 119 39.86 -18.81 -41.22
CA GLU J 119 40.07 -17.51 -41.81
C GLU J 119 40.36 -16.48 -40.73
N ASP J 120 41.17 -15.48 -41.09
CA ASP J 120 41.38 -14.31 -40.27
C ASP J 120 40.41 -13.20 -40.62
N GLU J 121 40.10 -13.05 -41.91
CA GLU J 121 39.11 -12.10 -42.41
C GLU J 121 37.95 -12.87 -43.03
N TRP J 122 36.73 -12.49 -42.66
CA TRP J 122 35.53 -13.23 -43.00
C TRP J 122 34.68 -12.55 -44.08
N GLY J 123 35.22 -11.54 -44.75
CA GLY J 123 34.50 -10.92 -45.86
C GLY J 123 33.26 -10.18 -45.40
N LYS J 124 32.21 -10.30 -46.18
CA LYS J 124 30.94 -9.63 -45.93
C LYS J 124 29.97 -10.59 -45.24
N THR J 125 28.84 -10.04 -44.80
CA THR J 125 27.87 -10.81 -44.02
C THR J 125 27.38 -12.06 -44.73
N PRO J 126 27.09 -12.07 -46.03
CA PRO J 126 26.72 -13.35 -46.67
C PRO J 126 27.82 -14.39 -46.61
N ASP J 127 29.08 -13.98 -46.79
CA ASP J 127 30.18 -14.94 -46.73
C ASP J 127 30.35 -15.50 -45.32
N ALA J 128 30.19 -14.64 -44.32
CA ALA J 128 30.31 -15.08 -42.93
C ALA J 128 29.17 -16.01 -42.54
N MET J 129 27.95 -15.67 -42.92
CA MET J 129 26.81 -16.52 -42.59
C MET J 129 26.93 -17.89 -43.27
N LYS J 130 27.46 -17.92 -44.49
CA LYS J 130 27.66 -19.19 -45.18
C LYS J 130 28.69 -20.05 -44.45
N ALA J 131 29.75 -19.43 -43.92
CA ALA J 131 30.75 -20.17 -43.17
C ALA J 131 30.17 -20.69 -41.86
N ALA J 132 29.36 -19.86 -41.19
CA ALA J 132 28.69 -20.31 -39.97
C ALA J 132 27.71 -21.43 -40.26
N MET J 133 27.02 -21.35 -41.40
CA MET J 133 26.13 -22.43 -41.82
C MET J 133 26.89 -23.73 -41.98
N ALA J 134 28.01 -23.70 -42.69
CA ALA J 134 28.81 -24.89 -42.91
C ALA J 134 29.34 -25.45 -41.60
N LEU J 135 29.68 -24.58 -40.65
CA LEU J 135 30.17 -25.02 -39.36
C LEU J 135 29.07 -25.75 -38.59
N GLU J 136 27.88 -25.18 -38.55
CA GLU J 136 26.78 -25.80 -37.81
C GLU J 136 26.38 -27.13 -38.43
N LYS J 137 26.44 -27.23 -39.76
CA LYS J 137 26.15 -28.51 -40.42
C LYS J 137 27.19 -29.56 -40.06
N LYS J 138 28.46 -29.15 -39.96
CA LYS J 138 29.51 -30.07 -39.52
C LYS J 138 29.27 -30.54 -38.08
N LEU J 139 28.89 -29.62 -37.21
CA LEU J 139 28.53 -29.98 -35.84
C LEU J 139 27.33 -30.91 -35.81
N ASN J 140 26.32 -30.61 -36.63
CA ASN J 140 25.14 -31.45 -36.68
C ASN J 140 25.47 -32.86 -37.15
N GLN J 141 26.35 -32.97 -38.15
CA GLN J 141 26.73 -34.30 -38.64
C GLN J 141 27.50 -35.07 -37.59
N ALA J 142 28.32 -34.39 -36.79
CA ALA J 142 29.01 -35.07 -35.70
C ALA J 142 28.04 -35.52 -34.62
N LEU J 143 27.02 -34.71 -34.33
CA LEU J 143 26.01 -35.10 -33.35
C LEU J 143 25.25 -36.33 -33.82
N LEU J 144 24.84 -36.34 -35.09
CA LEU J 144 24.08 -37.46 -35.62
C LEU J 144 24.93 -38.73 -35.67
N ASP J 145 26.23 -38.59 -35.95
CA ASP J 145 27.13 -39.74 -35.93
C ASP J 145 27.30 -40.27 -34.52
N LEU J 146 27.38 -39.38 -33.52
CA LEU J 146 27.50 -39.83 -32.14
C LEU J 146 26.22 -40.53 -31.69
N HIS J 147 25.06 -40.00 -32.08
CA HIS J 147 23.79 -40.66 -31.79
C HIS J 147 23.75 -42.05 -32.42
N ALA J 148 24.20 -42.17 -33.67
CA ALA J 148 24.24 -43.46 -34.33
C ALA J 148 25.20 -44.41 -33.62
N LEU J 149 26.32 -43.89 -33.12
CA LEU J 149 27.24 -44.71 -32.36
C LEU J 149 26.61 -45.17 -31.05
N GLY J 150 25.95 -44.26 -30.34
CA GLY J 150 25.30 -44.63 -29.09
C GLY J 150 24.20 -45.66 -29.29
N SER J 151 23.46 -45.55 -30.38
CA SER J 151 22.44 -46.54 -30.70
C SER J 151 23.07 -47.90 -30.98
N ALA J 152 24.16 -47.93 -31.75
CA ALA J 152 24.85 -49.18 -32.05
C ALA J 152 25.40 -49.82 -30.77
N ARG J 153 25.88 -48.99 -29.85
CA ARG J 153 26.40 -49.46 -28.57
C ARG J 153 25.33 -49.59 -27.49
N THR J 154 24.07 -49.29 -27.82
CA THR J 154 22.95 -49.41 -26.88
C THR J 154 23.18 -48.54 -25.64
N ASP J 155 23.25 -47.23 -25.89
CA ASP J 155 23.48 -46.21 -24.86
C ASP J 155 22.31 -45.23 -24.90
N PRO J 156 21.18 -45.56 -24.27
CA PRO J 156 20.00 -44.68 -24.40
C PRO J 156 20.13 -43.36 -23.65
N HIS J 157 20.89 -43.30 -22.55
CA HIS J 157 21.10 -42.02 -21.89
C HIS J 157 21.80 -41.04 -22.80
N LEU J 158 22.83 -41.48 -23.51
CA LEU J 158 23.53 -40.62 -24.46
C LEU J 158 22.58 -40.15 -25.55
N CYS J 159 21.85 -41.08 -26.16
CA CYS J 159 20.97 -40.75 -27.27
C CYS J 159 19.91 -39.73 -26.86
N ASP J 160 19.31 -39.92 -25.68
CA ASP J 160 18.32 -38.96 -25.21
C ASP J 160 18.95 -37.65 -24.79
N PHE J 161 20.20 -37.70 -24.31
CA PHE J 161 20.91 -36.48 -23.93
C PHE J 161 21.13 -35.58 -25.14
N LEU J 162 21.54 -36.17 -26.26
CA LEU J 162 21.71 -35.41 -27.49
C LEU J 162 20.38 -34.92 -28.04
N GLU J 163 19.36 -35.76 -27.97
CA GLU J 163 18.03 -35.39 -28.44
C GLU J 163 17.47 -34.21 -27.66
N THR J 164 17.73 -34.18 -26.35
CA THR J 164 17.12 -33.18 -25.48
C THR J 164 17.82 -31.83 -25.60
N HIS J 165 19.14 -31.83 -25.76
CA HIS J 165 19.95 -30.63 -25.60
C HIS J 165 20.62 -30.13 -26.86
N PHE J 166 20.83 -30.98 -27.86
CA PHE J 166 21.66 -30.63 -29.01
C PHE J 166 20.95 -30.69 -30.35
N LEU J 167 20.22 -31.78 -30.65
CA LEU J 167 19.75 -32.01 -32.01
C LEU J 167 18.74 -30.96 -32.46
N ASP J 168 17.78 -30.61 -31.61
CA ASP J 168 16.80 -29.62 -31.99
C ASP J 168 17.40 -28.22 -32.02
N GLU J 169 18.36 -27.95 -31.13
CA GLU J 169 19.05 -26.66 -31.13
C GLU J 169 19.75 -26.42 -32.46
N GLU J 170 20.39 -27.45 -33.01
CA GLU J 170 21.10 -27.30 -34.28
C GLU J 170 20.12 -27.14 -35.44
N VAL J 171 19.04 -27.90 -35.43
CA VAL J 171 18.02 -27.80 -36.48
C VAL J 171 17.44 -26.38 -36.51
N LYS J 172 17.14 -25.83 -35.33
CA LYS J 172 16.59 -24.49 -35.25
C LYS J 172 17.59 -23.46 -35.74
N LEU J 173 18.86 -23.60 -35.34
CA LEU J 173 19.86 -22.62 -35.72
C LEU J 173 20.16 -22.67 -37.21
N ILE J 174 20.23 -23.87 -37.78
CA ILE J 174 20.47 -24.00 -39.21
C ILE J 174 19.32 -23.40 -40.00
N LYS J 175 18.10 -23.54 -39.49
CA LYS J 175 16.95 -22.92 -40.12
C LYS J 175 17.06 -21.40 -40.11
N LYS J 176 17.44 -20.82 -38.97
CA LYS J 176 17.56 -19.37 -38.85
C LYS J 176 18.65 -18.84 -39.77
N MET J 177 19.79 -19.54 -39.85
CA MET J 177 20.85 -19.11 -40.75
C MET J 177 20.40 -19.18 -42.20
N GLY J 178 19.66 -20.23 -42.55
CA GLY J 178 19.12 -20.32 -43.89
C GLY J 178 18.16 -19.19 -44.21
N ASP J 179 17.35 -18.79 -43.23
CA ASP J 179 16.46 -17.64 -43.41
C ASP J 179 17.28 -16.36 -43.63
N HIS J 180 18.35 -16.18 -42.84
CA HIS J 180 19.21 -15.02 -43.00
C HIS J 180 19.85 -14.98 -44.37
N LEU J 181 20.34 -16.13 -44.85
CA LEU J 181 20.98 -16.18 -46.16
C LEU J 181 20.01 -15.88 -47.28
N THR J 182 18.76 -16.30 -47.15
CA THR J 182 17.76 -16.01 -48.17
C THR J 182 17.46 -14.52 -48.22
N ASN J 183 17.31 -13.88 -47.07
CA ASN J 183 17.08 -12.45 -47.02
C ASN J 183 18.29 -11.67 -47.51
N LEU J 184 19.49 -12.13 -47.17
CA LEU J 184 20.70 -11.46 -47.65
C LEU J 184 20.83 -11.56 -49.16
N HIS J 185 20.46 -12.71 -49.73
CA HIS J 185 20.45 -12.86 -51.18
C HIS J 185 19.38 -11.99 -51.81
N ARG J 186 18.23 -11.87 -51.15
CA ARG J 186 17.17 -10.98 -51.61
C ARG J 186 17.62 -9.53 -51.61
N LEU J 187 18.43 -9.15 -50.62
CA LEU J 187 18.97 -7.80 -50.49
C LEU J 187 20.29 -7.62 -51.24
N GLY J 188 20.65 -8.55 -52.12
CA GLY J 188 21.89 -8.47 -52.86
C GLY J 188 21.79 -7.54 -54.04
N GLY J 189 22.72 -7.73 -54.99
CA GLY J 189 22.74 -6.95 -56.20
C GLY J 189 23.69 -5.77 -56.08
N PRO J 190 23.54 -4.75 -56.96
CA PRO J 190 24.41 -3.58 -56.86
C PRO J 190 24.16 -2.73 -55.64
N GLU J 191 23.02 -2.91 -54.95
CA GLU J 191 22.74 -2.25 -53.68
C GLU J 191 23.13 -3.12 -52.50
N ALA J 192 24.17 -3.95 -52.65
CA ALA J 192 24.52 -4.92 -51.62
C ALA J 192 24.91 -4.25 -50.31
N GLY J 193 25.67 -3.15 -50.40
CA GLY J 193 26.05 -2.43 -49.19
C GLY J 193 24.86 -1.88 -48.45
N LEU J 194 23.93 -1.29 -49.18
CA LEU J 194 22.67 -0.84 -48.60
C LEU J 194 21.90 -2.02 -48.00
N GLY J 195 21.85 -3.14 -48.71
CA GLY J 195 21.19 -4.31 -48.18
C GLY J 195 21.85 -4.83 -46.92
N GLU J 196 23.18 -4.82 -46.89
CA GLU J 196 23.91 -5.28 -45.71
C GLU J 196 23.59 -4.41 -44.49
N TYR J 197 23.53 -3.10 -44.68
CA TYR J 197 23.19 -2.18 -43.60
C TYR J 197 21.78 -2.43 -43.10
N LEU J 198 20.81 -2.56 -44.01
CA LEU J 198 19.42 -2.75 -43.61
C LEU J 198 19.20 -4.07 -42.91
N PHE J 199 19.87 -5.14 -43.37
CA PHE J 199 19.76 -6.43 -42.70
C PHE J 199 20.24 -6.33 -41.25
N GLU J 200 21.39 -5.70 -41.04
CA GLU J 200 21.93 -5.56 -39.70
C GLU J 200 21.02 -4.69 -38.83
N ARG J 201 20.44 -3.64 -39.41
CA ARG J 201 19.61 -2.72 -38.65
C ARG J 201 18.25 -3.33 -38.29
N LEU J 202 17.61 -4.02 -39.24
CA LEU J 202 16.21 -4.39 -39.12
C LEU J 202 15.95 -5.86 -38.82
N THR J 203 16.93 -6.75 -39.03
CA THR J 203 16.82 -8.16 -38.65
C THR J 203 17.69 -8.51 -37.46
N LEU J 204 18.95 -8.10 -37.46
CA LEU J 204 19.91 -8.49 -36.43
C LEU J 204 20.09 -7.46 -35.32
N ARG J 205 19.50 -6.28 -35.45
CA ARG J 205 19.73 -5.20 -34.51
C ARG J 205 21.21 -4.83 -34.46
N SER K 34 -23.59 48.73 -32.38
CA SER K 34 -23.06 49.48 -31.26
C SER K 34 -22.84 48.55 -30.07
N SER K 35 -21.83 47.69 -30.19
CA SER K 35 -21.55 46.73 -29.13
C SER K 35 -21.11 47.45 -27.87
N GLN K 36 -21.69 47.07 -26.74
CA GLN K 36 -21.39 47.74 -25.47
C GLN K 36 -19.95 47.53 -25.05
N ILE K 37 -19.34 46.40 -25.41
CA ILE K 37 -17.97 46.09 -24.99
C ILE K 37 -16.91 46.63 -25.93
N ARG K 38 -17.29 47.06 -27.13
CA ARG K 38 -16.31 47.40 -28.15
C ARG K 38 -15.51 48.63 -27.74
N GLN K 39 -14.20 48.51 -27.79
CA GLN K 39 -13.31 49.59 -27.39
C GLN K 39 -12.06 49.54 -28.25
N ASN K 40 -11.91 50.53 -29.13
CA ASN K 40 -10.75 50.67 -30.00
C ASN K 40 -10.54 49.42 -30.86
N TYR K 41 -11.63 48.96 -31.47
CA TYR K 41 -11.61 47.81 -32.38
C TYR K 41 -12.10 48.28 -33.74
N SER K 42 -11.16 48.48 -34.66
CA SER K 42 -11.45 49.01 -35.98
C SER K 42 -12.33 48.07 -36.78
N THR K 43 -13.23 48.67 -37.57
CA THR K 43 -14.03 47.90 -38.51
C THR K 43 -13.17 47.25 -39.58
N ASP K 44 -12.08 47.92 -39.99
CA ASP K 44 -11.13 47.30 -40.92
C ASP K 44 -10.53 46.04 -40.34
N VAL K 45 -10.16 46.08 -39.06
CA VAL K 45 -9.63 44.89 -38.39
C VAL K 45 -10.70 43.82 -38.27
N GLU K 46 -11.93 44.22 -37.91
CA GLU K 46 -13.04 43.27 -37.79
C GLU K 46 -13.26 42.54 -39.11
N ALA K 47 -13.25 43.26 -40.23
CA ALA K 47 -13.44 42.64 -41.53
C ALA K 47 -12.27 41.73 -41.88
N ALA K 48 -11.04 42.19 -41.65
CA ALA K 48 -9.86 41.38 -41.95
C ALA K 48 -9.83 40.10 -41.13
N VAL K 49 -10.32 40.14 -39.90
CA VAL K 49 -10.39 38.92 -39.09
C VAL K 49 -11.36 37.93 -39.71
N ASN K 50 -12.52 38.40 -40.16
CA ASN K 50 -13.50 37.51 -40.78
C ASN K 50 -12.97 36.93 -42.09
N SER K 51 -12.20 37.69 -42.84
CA SER K 51 -11.56 37.16 -44.04
C SER K 51 -10.53 36.10 -43.69
N LEU K 52 -9.77 36.30 -42.61
CA LEU K 52 -8.81 35.31 -42.17
C LEU K 52 -9.50 34.05 -41.65
N VAL K 53 -10.67 34.20 -41.03
CA VAL K 53 -11.46 33.05 -40.63
C VAL K 53 -11.84 32.22 -41.85
N ASN K 54 -12.22 32.88 -42.95
CA ASN K 54 -12.56 32.17 -44.18
C ASN K 54 -11.35 31.44 -44.76
N LEU K 55 -10.19 32.10 -44.76
CA LEU K 55 -8.97 31.48 -45.26
C LEU K 55 -8.60 30.26 -44.45
N TYR K 56 -8.82 30.30 -43.13
CA TYR K 56 -8.51 29.16 -42.29
C TYR K 56 -9.53 28.04 -42.48
N LEU K 57 -10.80 28.39 -42.67
CA LEU K 57 -11.80 27.39 -43.01
C LEU K 57 -11.46 26.70 -44.32
N GLN K 58 -11.03 27.48 -45.31
CA GLN K 58 -10.61 26.92 -46.59
C GLN K 58 -9.36 26.05 -46.44
N ALA K 59 -8.44 26.46 -45.56
CA ALA K 59 -7.23 25.68 -45.34
C ALA K 59 -7.53 24.34 -44.69
N SER K 60 -8.40 24.33 -43.67
CA SER K 60 -8.82 23.08 -43.05
C SER K 60 -9.47 22.16 -44.06
N TYR K 61 -10.29 22.71 -44.95
CA TYR K 61 -10.98 21.92 -45.96
C TYR K 61 -10.01 21.32 -46.96
N THR K 62 -8.98 22.07 -47.34
CA THR K 62 -7.95 21.56 -48.23
C THR K 62 -7.18 20.41 -47.58
N TYR K 63 -6.87 20.53 -46.30
CA TYR K 63 -6.17 19.46 -45.60
C TYR K 63 -7.06 18.26 -45.35
N LEU K 64 -8.38 18.47 -45.25
CA LEU K 64 -9.31 17.35 -45.22
C LEU K 64 -9.20 16.52 -46.49
N SER K 65 -9.22 17.20 -47.65
CA SER K 65 -9.11 16.51 -48.92
C SER K 65 -7.77 15.81 -49.07
N LEU K 66 -6.68 16.46 -48.66
CA LEU K 66 -5.37 15.84 -48.72
C LEU K 66 -5.30 14.59 -47.87
N GLY K 67 -5.85 14.64 -46.65
CA GLY K 67 -5.79 13.50 -45.77
C GLY K 67 -6.52 12.29 -46.30
N PHE K 68 -7.68 12.50 -46.92
CA PHE K 68 -8.48 11.40 -47.44
C PHE K 68 -7.99 10.93 -48.80
N TYR K 69 -7.29 11.78 -49.54
CA TYR K 69 -6.64 11.34 -50.77
C TYR K 69 -5.55 10.31 -50.48
N PHE K 70 -4.74 10.55 -49.46
CA PHE K 70 -3.68 9.64 -49.07
C PHE K 70 -4.19 8.44 -48.27
N ASP K 71 -5.48 8.41 -47.92
CA ASP K 71 -6.14 7.23 -47.39
C ASP K 71 -6.76 6.37 -48.50
N ARG K 72 -6.74 6.82 -49.74
CA ARG K 72 -7.22 6.01 -50.85
C ARG K 72 -6.41 4.73 -50.97
N ASP K 73 -7.07 3.68 -51.46
CA ASP K 73 -6.42 2.38 -51.58
C ASP K 73 -5.30 2.41 -52.61
N ASP K 74 -5.42 3.25 -53.64
CA ASP K 74 -4.42 3.38 -54.69
C ASP K 74 -3.38 4.47 -54.40
N VAL K 75 -3.35 5.00 -53.18
CA VAL K 75 -2.29 5.91 -52.75
C VAL K 75 -1.64 5.27 -51.52
N ALA K 76 -2.43 5.07 -50.47
CA ALA K 76 -2.08 4.18 -49.36
C ALA K 76 -0.78 4.61 -48.67
N LEU K 77 -0.80 5.83 -48.14
CA LEU K 77 0.29 6.37 -47.33
C LEU K 77 -0.31 6.90 -46.04
N GLU K 78 -0.29 6.05 -45.02
CA GLU K 78 -1.03 6.29 -43.80
C GLU K 78 -0.46 7.46 -43.02
N GLY K 79 0.86 7.53 -42.90
CA GLY K 79 1.49 8.62 -42.19
C GLY K 79 1.25 9.97 -42.85
N VAL K 80 1.17 9.99 -44.18
CA VAL K 80 0.92 11.23 -44.90
C VAL K 80 -0.52 11.69 -44.65
N SER K 81 -1.47 10.76 -44.70
CA SER K 81 -2.86 11.10 -44.40
C SER K 81 -3.01 11.66 -42.99
N HIS K 82 -2.35 11.03 -42.02
CA HIS K 82 -2.43 11.49 -40.64
C HIS K 82 -1.79 12.85 -40.48
N PHE K 83 -0.70 13.11 -41.20
CA PHE K 83 -0.03 14.39 -41.14
C PHE K 83 -0.97 15.51 -41.57
N PHE K 84 -1.67 15.33 -42.69
CA PHE K 84 -2.58 16.35 -43.18
C PHE K 84 -3.87 16.40 -42.38
N ARG K 85 -4.31 15.28 -41.84
CA ARG K 85 -5.50 15.29 -40.99
C ARG K 85 -5.25 16.06 -39.70
N GLU K 86 -4.05 15.95 -39.15
CA GLU K 86 -3.70 16.72 -37.96
C GLU K 86 -3.67 18.22 -38.26
N LEU K 87 -3.22 18.59 -39.46
CA LEU K 87 -3.17 19.99 -39.84
C LEU K 87 -4.57 20.59 -40.00
N ALA K 88 -5.51 19.80 -40.52
CA ALA K 88 -6.89 20.26 -40.63
C ALA K 88 -7.45 20.64 -39.26
N GLU K 89 -7.09 19.88 -38.23
CA GLU K 89 -7.51 20.20 -36.87
C GLU K 89 -6.81 21.45 -36.35
N GLU K 90 -5.54 21.61 -36.68
CA GLU K 90 -4.82 22.82 -36.28
C GLU K 90 -5.42 24.06 -36.91
N LYS K 91 -5.79 23.99 -38.18
CA LYS K 91 -6.47 25.11 -38.81
C LYS K 91 -7.84 25.33 -38.21
N ARG K 92 -8.49 24.27 -37.74
CA ARG K 92 -9.80 24.40 -37.10
C ARG K 92 -9.68 25.16 -35.78
N GLU K 93 -8.71 24.79 -34.97
CA GLU K 93 -8.43 25.53 -33.74
C GLU K 93 -8.02 26.97 -34.03
N GLY K 94 -7.47 27.22 -35.21
CA GLY K 94 -7.16 28.56 -35.65
C GLY K 94 -8.37 29.46 -35.78
N TYR K 95 -9.32 29.10 -36.65
CA TYR K 95 -10.46 29.98 -36.84
C TYR K 95 -11.38 30.01 -35.64
N GLU K 96 -11.39 28.96 -34.82
CA GLU K 96 -12.14 29.00 -33.58
C GLU K 96 -11.55 30.01 -32.60
N ARG K 97 -10.23 30.07 -32.50
CA ARG K 97 -9.58 31.09 -31.69
C ARG K 97 -9.88 32.49 -32.22
N LEU K 98 -9.85 32.65 -33.55
CA LEU K 98 -10.17 33.95 -34.15
C LEU K 98 -11.61 34.36 -33.85
N LEU K 99 -12.55 33.43 -33.95
CA LEU K 99 -13.95 33.74 -33.70
C LEU K 99 -14.19 34.06 -32.23
N LYS K 100 -13.50 33.37 -31.32
CA LYS K 100 -13.57 33.72 -29.90
C LYS K 100 -13.07 35.15 -29.67
N MET K 101 -11.94 35.49 -30.28
CA MET K 101 -11.38 36.83 -30.12
C MET K 101 -12.33 37.88 -30.70
N GLN K 102 -12.93 37.59 -31.85
CA GLN K 102 -13.87 38.52 -32.47
C GLN K 102 -15.01 38.86 -31.52
N ASN K 103 -15.54 37.87 -30.82
CA ASN K 103 -16.61 38.11 -29.86
C ASN K 103 -16.10 38.82 -28.61
N GLN K 104 -14.89 38.48 -28.17
CA GLN K 104 -14.30 39.15 -27.01
C GLN K 104 -14.17 40.65 -27.22
N ARG K 105 -13.85 41.07 -28.44
CA ARG K 105 -13.63 42.47 -28.78
C ARG K 105 -14.89 43.19 -29.24
N GLY K 106 -16.04 42.52 -29.23
CA GLY K 106 -17.26 43.13 -29.67
C GLY K 106 -17.45 43.18 -31.18
N GLY K 107 -16.65 42.44 -31.93
CA GLY K 107 -16.87 42.30 -33.35
C GLY K 107 -17.90 41.24 -33.66
N ARG K 108 -18.30 41.20 -34.92
CA ARG K 108 -19.40 40.34 -35.37
C ARG K 108 -18.92 39.45 -36.51
N ALA K 109 -19.01 38.14 -36.28
CA ALA K 109 -18.60 37.17 -37.29
C ALA K 109 -19.54 37.21 -38.49
N LEU K 110 -18.96 37.24 -39.69
CA LEU K 110 -19.70 37.19 -40.94
C LEU K 110 -19.11 36.06 -41.77
N PHE K 111 -19.89 35.01 -41.94
CA PHE K 111 -19.42 33.80 -42.61
C PHE K 111 -19.78 33.84 -44.08
N GLN K 112 -18.82 33.50 -44.91
CA GLN K 112 -18.99 33.39 -46.35
C GLN K 112 -18.81 31.95 -46.79
N ASP K 113 -19.11 31.70 -48.06
CA ASP K 113 -18.95 30.37 -48.63
C ASP K 113 -17.49 29.96 -48.57
N ILE K 114 -17.26 28.68 -48.28
CA ILE K 114 -15.92 28.11 -48.20
C ILE K 114 -15.63 27.45 -49.54
N LYS K 115 -14.63 27.97 -50.25
CA LYS K 115 -14.28 27.45 -51.56
C LYS K 115 -13.71 26.04 -51.43
N LYS K 116 -14.01 25.22 -52.43
CA LYS K 116 -13.47 23.87 -52.47
C LYS K 116 -11.96 23.91 -52.68
N PRO K 117 -11.26 22.83 -52.37
CA PRO K 117 -9.82 22.79 -52.64
C PRO K 117 -9.53 22.90 -54.13
N ALA K 118 -8.35 23.44 -54.43
CA ALA K 118 -7.96 23.69 -55.81
C ALA K 118 -7.79 22.42 -56.62
N GLU K 119 -7.54 21.29 -55.97
CA GLU K 119 -7.33 20.01 -56.62
C GLU K 119 -8.19 18.95 -55.98
N ASP K 120 -8.62 17.98 -56.80
CA ASP K 120 -9.26 16.77 -56.31
C ASP K 120 -8.24 15.66 -56.07
N GLU K 121 -7.23 15.56 -56.91
CA GLU K 121 -6.13 14.63 -56.76
C GLU K 121 -4.83 15.41 -56.54
N TRP K 122 -4.07 14.99 -55.53
CA TRP K 122 -2.91 15.73 -55.05
C TRP K 122 -1.58 15.08 -55.43
N GLY K 123 -1.59 14.11 -56.34
CA GLY K 123 -0.35 13.53 -56.82
C GLY K 123 0.38 12.75 -55.74
N LYS K 124 1.69 12.90 -55.73
CA LYS K 124 2.57 12.20 -54.81
C LYS K 124 2.92 13.11 -53.62
N THR K 125 3.57 12.51 -52.63
CA THR K 125 3.87 13.23 -51.38
C THR K 125 4.66 14.51 -51.60
N PRO K 126 5.68 14.57 -52.48
CA PRO K 126 6.33 15.88 -52.70
C PRO K 126 5.40 16.93 -53.27
N ASP K 127 4.51 16.55 -54.19
CA ASP K 127 3.58 17.52 -54.75
C ASP K 127 2.60 18.02 -53.70
N ALA K 128 2.13 17.11 -52.84
CA ALA K 128 1.20 17.49 -51.78
C ALA K 128 1.85 18.39 -50.74
N MET K 129 3.07 18.05 -50.33
CA MET K 129 3.77 18.87 -49.34
C MET K 129 4.06 20.25 -49.90
N LYS K 130 4.37 20.35 -51.19
CA LYS K 130 4.60 21.66 -51.80
C LYS K 130 3.33 22.50 -51.80
N ALA K 131 2.18 21.87 -52.04
CA ALA K 131 0.91 22.59 -52.00
C ALA K 131 0.59 23.04 -50.58
N ALA K 132 0.83 22.17 -49.60
CA ALA K 132 0.64 22.55 -48.20
C ALA K 132 1.59 23.67 -47.80
N MET K 133 2.82 23.64 -48.31
CA MET K 133 3.77 24.71 -48.06
C MET K 133 3.24 26.04 -48.58
N ALA K 134 2.76 26.06 -49.82
CA ALA K 134 2.24 27.27 -50.42
C ALA K 134 1.02 27.78 -49.66
N LEU K 135 0.20 26.87 -49.15
CA LEU K 135 -0.98 27.25 -48.39
C LEU K 135 -0.58 27.93 -47.08
N GLU K 136 0.37 27.34 -46.36
CA GLU K 136 0.79 27.91 -45.09
C GLU K 136 1.47 29.26 -45.28
N LYS K 137 2.22 29.43 -46.37
CA LYS K 137 2.82 30.72 -46.67
C LYS K 137 1.75 31.77 -46.96
N LYS K 138 0.68 31.39 -47.65
CA LYS K 138 -0.43 32.30 -47.89
C LYS K 138 -1.10 32.69 -46.58
N LEU K 139 -1.31 31.72 -45.69
CA LEU K 139 -1.86 32.03 -44.37
C LEU K 139 -0.92 32.93 -43.58
N ASN K 140 0.39 32.66 -43.65
CA ASN K 140 1.36 33.48 -42.93
C ASN K 140 1.35 34.91 -43.45
N GLN K 141 1.23 35.08 -44.77
CA GLN K 141 1.20 36.43 -45.33
C GLN K 141 -0.06 37.18 -44.91
N ALA K 142 -1.17 36.47 -44.80
CA ALA K 142 -2.39 37.10 -44.31
C ALA K 142 -2.27 37.50 -42.85
N LEU K 143 -1.62 36.66 -42.04
CA LEU K 143 -1.40 36.99 -40.63
C LEU K 143 -0.52 38.22 -40.49
N LEU K 144 0.56 38.28 -41.26
CA LEU K 144 1.47 39.43 -41.19
C LEU K 144 0.79 40.70 -41.67
N ASP K 145 -0.06 40.59 -42.69
CA ASP K 145 -0.82 41.75 -43.15
C ASP K 145 -1.81 42.22 -42.10
N LEU K 146 -2.46 41.29 -41.40
CA LEU K 146 -3.38 41.68 -40.34
C LEU K 146 -2.64 42.33 -39.18
N HIS K 147 -1.46 41.80 -38.83
CA HIS K 147 -0.64 42.44 -37.80
C HIS K 147 -0.26 43.85 -38.22
N ALA K 148 0.14 44.03 -39.48
CA ALA K 148 0.48 45.36 -39.97
C ALA K 148 -0.72 46.28 -39.95
N LEU K 149 -1.91 45.75 -40.23
CA LEU K 149 -3.12 46.56 -40.14
C LEU K 149 -3.42 46.95 -38.70
N GLY K 150 -3.29 45.99 -37.77
CA GLY K 150 -3.52 46.31 -36.38
C GLY K 150 -2.55 47.32 -35.83
N SER K 151 -1.30 47.25 -36.27
CA SER K 151 -0.31 48.24 -35.86
C SER K 151 -0.65 49.62 -36.39
N ALA K 152 -1.07 49.69 -37.67
CA ALA K 152 -1.46 50.97 -38.25
C ALA K 152 -2.68 51.55 -37.54
N ARG K 153 -3.61 50.70 -37.12
CA ARG K 153 -4.80 51.12 -36.39
C ARG K 153 -4.57 51.18 -34.88
N THR K 154 -3.37 50.88 -34.40
CA THR K 154 -3.04 50.94 -32.98
C THR K 154 -3.95 50.02 -32.17
N ASP K 155 -3.84 48.71 -32.46
CA ASP K 155 -4.61 47.66 -31.81
C ASP K 155 -3.64 46.66 -31.20
N PRO K 156 -3.12 46.95 -30.00
CA PRO K 156 -2.10 46.05 -29.44
C PRO K 156 -2.63 44.71 -28.97
N HIS K 157 -3.88 44.61 -28.56
CA HIS K 157 -4.44 43.31 -28.21
C HIS K 157 -4.43 42.37 -29.41
N LEU K 158 -4.83 42.87 -30.58
CA LEU K 158 -4.82 42.05 -31.78
C LEU K 158 -3.40 41.61 -32.11
N CYS K 159 -2.46 42.56 -32.11
CA CYS K 159 -1.09 42.27 -32.50
C CYS K 159 -0.46 41.23 -31.58
N ASP K 160 -0.69 41.35 -30.27
CA ASP K 160 -0.18 40.35 -29.34
C ASP K 160 -0.91 39.03 -29.45
N PHE K 161 -2.19 39.08 -29.80
CA PHE K 161 -2.97 37.86 -29.99
C PHE K 161 -2.42 37.02 -31.12
N LEU K 162 -2.08 37.66 -32.24
CA LEU K 162 -1.48 36.96 -33.36
C LEU K 162 -0.07 36.47 -33.02
N GLU K 163 0.70 37.30 -32.31
CA GLU K 163 2.05 36.92 -31.92
C GLU K 163 2.04 35.71 -31.01
N THR K 164 1.05 35.62 -30.12
CA THR K 164 1.04 34.58 -29.11
C THR K 164 0.57 33.25 -29.68
N HIS K 165 -0.39 33.27 -30.60
CA HIS K 165 -1.13 32.08 -31.00
C HIS K 165 -0.90 31.64 -32.44
N PHE K 166 -0.47 32.53 -33.33
CA PHE K 166 -0.45 32.27 -34.76
C PHE K 166 0.93 32.37 -35.40
N LEU K 167 1.67 33.45 -35.16
CA LEU K 167 2.86 33.75 -35.96
C LEU K 167 3.94 32.70 -35.76
N ASP K 168 4.21 32.30 -34.52
CA ASP K 168 5.25 31.30 -34.28
C ASP K 168 4.80 29.92 -34.73
N GLU K 169 3.50 29.62 -34.60
CA GLU K 169 2.97 28.35 -35.07
C GLU K 169 3.22 28.18 -36.57
N GLU K 170 3.01 29.24 -37.35
CA GLU K 170 3.21 29.16 -38.79
C GLU K 170 4.69 29.03 -39.14
N VAL K 171 5.55 29.79 -38.45
CA VAL K 171 6.98 29.71 -38.69
C VAL K 171 7.49 28.29 -38.42
N LYS K 172 7.02 27.69 -37.33
CA LYS K 172 7.44 26.33 -36.99
C LYS K 172 6.95 25.33 -38.03
N LEU K 173 5.70 25.48 -38.47
CA LEU K 173 5.13 24.54 -39.42
C LEU K 173 5.78 24.65 -40.78
N ILE K 174 6.04 25.88 -41.23
CA ILE K 174 6.70 26.09 -42.51
C ILE K 174 8.12 25.50 -42.48
N LYS K 175 8.79 25.60 -41.34
CA LYS K 175 10.10 24.99 -41.18
C LYS K 175 10.02 23.47 -41.31
N LYS K 176 9.04 22.86 -40.64
CA LYS K 176 8.90 21.41 -40.69
C LYS K 176 8.58 20.92 -42.11
N MET K 177 7.71 21.64 -42.81
CA MET K 177 7.40 21.27 -44.19
C MET K 177 8.63 21.41 -45.08
N GLY K 178 9.42 22.45 -44.86
CA GLY K 178 10.65 22.60 -45.61
C GLY K 178 11.63 21.47 -45.34
N ASP K 179 11.70 21.01 -44.09
CA ASP K 179 12.53 19.86 -43.76
C ASP K 179 12.02 18.61 -44.48
N HIS K 180 10.71 18.40 -44.50
CA HIS K 180 10.13 17.26 -45.18
C HIS K 180 10.43 17.30 -46.67
N LEU K 181 10.31 18.48 -47.30
CA LEU K 181 10.57 18.60 -48.72
C LEU K 181 12.03 18.32 -49.06
N THR K 182 12.95 18.72 -48.18
CA THR K 182 14.37 18.46 -48.41
C THR K 182 14.66 16.98 -48.35
N ASN K 183 14.10 16.28 -47.35
CA ASN K 183 14.28 14.84 -47.26
C ASN K 183 13.62 14.11 -48.40
N LEU K 184 12.44 14.57 -48.84
CA LEU K 184 11.77 13.94 -49.97
C LEU K 184 12.58 14.11 -51.25
N HIS K 185 13.19 15.29 -51.43
CA HIS K 185 14.06 15.50 -52.58
C HIS K 185 15.32 14.64 -52.47
N ARG K 186 15.84 14.47 -51.26
CA ARG K 186 16.98 13.59 -51.04
C ARG K 186 16.63 12.15 -51.39
N LEU K 187 15.41 11.74 -51.09
CA LEU K 187 14.91 10.40 -51.38
C LEU K 187 14.31 10.27 -52.77
N GLY K 188 14.53 11.24 -53.64
CA GLY K 188 13.98 11.22 -54.98
C GLY K 188 14.79 10.34 -55.91
N GLY K 189 14.61 10.58 -57.21
CA GLY K 189 15.32 9.85 -58.23
C GLY K 189 14.51 8.68 -58.77
N PRO K 190 15.17 7.72 -59.41
CA PRO K 190 14.43 6.56 -59.92
C PRO K 190 13.91 5.63 -58.82
N GLU K 191 14.42 5.77 -57.60
CA GLU K 191 13.89 5.05 -56.43
C GLU K 191 12.85 5.88 -55.68
N ALA K 192 12.10 6.73 -56.38
CA ALA K 192 11.19 7.65 -55.72
C ALA K 192 10.10 6.93 -54.95
N GLY K 193 9.55 5.84 -55.52
CA GLY K 193 8.54 5.08 -54.81
C GLY K 193 9.07 4.48 -53.53
N LEU K 194 10.26 3.90 -53.59
CA LEU K 194 10.93 3.41 -52.39
C LEU K 194 11.15 4.54 -51.40
N GLY K 195 11.62 5.69 -51.89
CA GLY K 195 11.80 6.84 -51.02
C GLY K 195 10.52 7.31 -50.38
N GLU K 196 9.42 7.31 -51.14
CA GLU K 196 8.13 7.73 -50.61
C GLU K 196 7.68 6.80 -49.49
N TYR K 197 7.86 5.50 -49.68
CA TYR K 197 7.49 4.53 -48.64
C TYR K 197 8.32 4.73 -47.38
N LEU K 198 9.64 4.89 -47.53
CA LEU K 198 10.51 5.03 -46.37
C LEU K 198 10.24 6.33 -45.61
N PHE K 199 9.97 7.42 -46.34
CA PHE K 199 9.63 8.67 -45.67
C PHE K 199 8.39 8.51 -44.80
N GLU K 200 7.35 7.90 -45.36
CA GLU K 200 6.12 7.71 -44.61
C GLU K 200 6.33 6.79 -43.41
N ARG K 201 7.15 5.75 -43.58
CA ARG K 201 7.39 4.79 -42.51
C ARG K 201 8.25 5.36 -41.39
N LEU K 202 9.32 6.08 -41.73
CA LEU K 202 10.36 6.43 -40.77
C LEU K 202 10.37 7.88 -40.31
N THR K 203 9.70 8.79 -41.03
CA THR K 203 9.55 10.17 -40.60
C THR K 203 8.13 10.49 -40.15
N LEU K 204 7.12 10.10 -40.93
CA LEU K 204 5.73 10.46 -40.65
C LEU K 204 4.94 9.38 -39.92
N ARG K 205 5.51 8.19 -39.73
CA ARG K 205 4.77 7.07 -39.16
C ARG K 205 3.56 6.73 -40.02
N SER L 34 -59.46 19.98 6.50
CA SER L 34 -59.71 18.98 5.46
C SER L 34 -58.40 18.65 4.75
N SER L 35 -57.52 17.94 5.46
CA SER L 35 -56.22 17.61 4.89
C SER L 35 -56.40 16.66 3.71
N GLN L 36 -55.72 16.96 2.61
CA GLN L 36 -55.85 16.17 1.39
C GLN L 36 -55.34 14.74 1.58
N ILE L 37 -54.35 14.55 2.44
CA ILE L 37 -53.74 13.23 2.62
C ILE L 37 -54.44 12.39 3.69
N ARG L 38 -55.30 12.99 4.50
CA ARG L 38 -55.86 12.30 5.65
C ARG L 38 -56.77 11.16 5.21
N GLN L 39 -56.51 9.97 5.75
CA GLN L 39 -57.26 8.78 5.40
C GLN L 39 -57.36 7.89 6.62
N ASN L 40 -58.58 7.76 7.16
CA ASN L 40 -58.87 6.91 8.30
C ASN L 40 -57.98 7.26 9.49
N TYR L 41 -57.89 8.55 9.80
CA TYR L 41 -57.15 9.07 10.95
C TYR L 41 -58.13 9.81 11.85
N SER L 42 -58.51 9.14 12.94
CA SER L 42 -59.50 9.67 13.87
C SER L 42 -59.02 10.95 14.54
N THR L 43 -59.96 11.87 14.76
CA THR L 43 -59.67 13.07 15.54
C THR L 43 -59.34 12.73 16.98
N ASP L 44 -59.97 11.68 17.53
CA ASP L 44 -59.61 11.20 18.87
C ASP L 44 -58.16 10.77 18.93
N VAL L 45 -57.69 10.05 17.91
CA VAL L 45 -56.30 9.64 17.84
C VAL L 45 -55.40 10.85 17.67
N GLU L 46 -55.79 11.79 16.80
CA GLU L 46 -55.01 13.01 16.59
C GLU L 46 -54.81 13.77 17.89
N ALA L 47 -55.88 13.91 18.68
CA ALA L 47 -55.78 14.60 19.95
C ALA L 47 -54.91 13.84 20.94
N ALA L 48 -55.10 12.52 21.03
CA ALA L 48 -54.32 11.70 21.95
C ALA L 48 -52.82 11.73 21.60
N VAL L 49 -52.49 11.82 20.32
CA VAL L 49 -51.09 11.93 19.93
C VAL L 49 -50.51 13.24 20.43
N ASN L 50 -51.24 14.34 20.29
CA ASN L 50 -50.75 15.64 20.76
C ASN L 50 -50.60 15.66 22.27
N SER L 51 -51.48 14.97 22.99
CA SER L 51 -51.33 14.86 24.44
C SER L 51 -50.10 14.05 24.80
N LEU L 52 -49.83 12.98 24.04
CA LEU L 52 -48.62 12.20 24.26
C LEU L 52 -47.36 12.97 23.93
N VAL L 53 -47.43 13.84 22.92
CA VAL L 53 -46.31 14.74 22.62
C VAL L 53 -46.01 15.63 23.83
N ASN L 54 -47.06 16.14 24.48
CA ASN L 54 -46.87 16.98 25.65
C ASN L 54 -46.25 16.20 26.80
N LEU L 55 -46.72 14.97 27.02
CA LEU L 55 -46.18 14.12 28.08
C LEU L 55 -44.70 13.82 27.85
N TYR L 56 -44.31 13.64 26.58
CA TYR L 56 -42.91 13.38 26.27
C TYR L 56 -42.07 14.64 26.40
N LEU L 57 -42.62 15.79 26.02
CA LEU L 57 -41.93 17.06 26.27
C LEU L 57 -41.70 17.26 27.75
N GLN L 58 -42.72 16.98 28.56
CA GLN L 58 -42.60 17.08 30.01
C GLN L 58 -41.59 16.09 30.55
N ALA L 59 -41.55 14.89 29.98
CA ALA L 59 -40.60 13.87 30.43
C ALA L 59 -39.16 14.28 30.14
N SER L 60 -38.91 14.79 28.93
CA SER L 60 -37.59 15.30 28.59
C SER L 60 -37.15 16.40 29.54
N TYR L 61 -38.09 17.29 29.88
CA TYR L 61 -37.78 18.41 30.76
C TYR L 61 -37.46 17.94 32.17
N THR L 62 -38.17 16.91 32.65
CA THR L 62 -37.87 16.33 33.96
C THR L 62 -36.49 15.70 33.98
N TYR L 63 -36.10 15.02 32.91
CA TYR L 63 -34.78 14.40 32.85
C TYR L 63 -33.68 15.45 32.66
N LEU L 64 -34.01 16.58 32.04
CA LEU L 64 -33.08 17.70 32.01
C LEU L 64 -32.74 18.16 33.42
N SER L 65 -33.77 18.35 34.25
CA SER L 65 -33.56 18.78 35.63
C SER L 65 -32.80 17.74 36.44
N LEU L 66 -33.13 16.47 36.25
CA LEU L 66 -32.42 15.41 36.95
C LEU L 66 -30.95 15.39 36.58
N GLY L 67 -30.64 15.53 35.29
CA GLY L 67 -29.26 15.48 34.85
C GLY L 67 -28.41 16.60 35.42
N PHE L 68 -28.97 17.80 35.50
CA PHE L 68 -28.23 18.95 36.01
C PHE L 68 -28.21 19.01 37.52
N TYR L 69 -29.17 18.36 38.19
CA TYR L 69 -29.11 18.23 39.63
C TYR L 69 -27.93 17.37 40.05
N PHE L 70 -27.70 16.25 39.35
CA PHE L 70 -26.57 15.37 39.66
C PHE L 70 -25.25 15.89 39.11
N ASP L 71 -25.25 16.99 38.36
CA ASP L 71 -24.06 17.74 37.99
C ASP L 71 -23.71 18.82 39.00
N ARG L 72 -24.57 19.06 40.00
CA ARG L 72 -24.26 20.03 41.05
C ARG L 72 -23.01 19.60 41.82
N ASP L 73 -22.29 20.60 42.32
CA ASP L 73 -21.06 20.33 43.04
C ASP L 73 -21.29 19.58 44.34
N ASP L 74 -22.45 19.79 44.96
CA ASP L 74 -22.81 19.13 46.21
C ASP L 74 -23.60 17.84 46.00
N VAL L 75 -23.67 17.34 44.78
CA VAL L 75 -24.22 16.01 44.49
C VAL L 75 -23.13 15.21 43.82
N ALA L 76 -22.66 15.67 42.66
CA ALA L 76 -21.41 15.25 42.04
C ALA L 76 -21.40 13.73 41.76
N LEU L 77 -22.36 13.32 40.93
CA LEU L 77 -22.44 11.94 40.44
C LEU L 77 -22.56 12.01 38.92
N GLU L 78 -21.40 11.89 38.28
CA GLU L 78 -21.29 12.17 36.85
C GLU L 78 -22.05 11.15 36.02
N GLY L 79 -21.89 9.86 36.35
CA GLY L 79 -22.59 8.82 35.62
C GLY L 79 -24.10 8.92 35.74
N VAL L 80 -24.58 9.38 36.89
CA VAL L 80 -26.02 9.53 37.08
C VAL L 80 -26.54 10.68 36.23
N SER L 81 -25.81 11.80 36.20
CA SER L 81 -26.20 12.93 35.35
C SER L 81 -26.24 12.52 33.88
N HIS L 82 -25.23 11.78 33.43
CA HIS L 82 -25.18 11.34 32.04
C HIS L 82 -26.32 10.39 31.72
N PHE L 83 -26.67 9.52 32.67
CA PHE L 83 -27.77 8.59 32.49
C PHE L 83 -29.07 9.33 32.21
N PHE L 84 -29.37 10.34 33.02
CA PHE L 84 -30.61 11.09 32.86
C PHE L 84 -30.53 12.05 31.66
N ARG L 85 -29.35 12.56 31.35
CA ARG L 85 -29.22 13.42 30.17
C ARG L 85 -29.46 12.63 28.89
N GLU L 86 -29.00 11.38 28.85
CA GLU L 86 -29.27 10.54 27.69
C GLU L 86 -30.75 10.25 27.55
N LEU L 87 -31.46 10.09 28.66
CA LEU L 87 -32.90 9.84 28.60
C LEU L 87 -33.66 11.04 28.09
N ALA L 88 -33.23 12.25 28.45
CA ALA L 88 -33.88 13.45 27.93
C ALA L 88 -33.81 13.48 26.41
N GLU L 89 -32.70 13.03 25.83
CA GLU L 89 -32.59 12.96 24.38
C GLU L 89 -33.47 11.87 23.81
N GLU L 90 -33.58 10.74 24.50
CA GLU L 90 -34.47 9.67 24.04
C GLU L 90 -35.92 10.13 24.02
N LYS L 91 -36.35 10.86 25.06
CA LYS L 91 -37.70 11.41 25.05
C LYS L 91 -37.86 12.46 23.96
N ARG L 92 -36.79 13.18 23.63
CA ARG L 92 -36.85 14.17 22.57
C ARG L 92 -37.07 13.52 21.22
N GLU L 93 -36.32 12.45 20.93
CA GLU L 93 -36.54 11.67 19.73
C GLU L 93 -37.93 11.03 19.72
N GLY L 94 -38.51 10.80 20.89
CA GLY L 94 -39.87 10.33 20.99
C GLY L 94 -40.90 11.29 20.42
N TYR L 95 -40.99 12.50 20.97
CA TYR L 95 -42.02 13.42 20.49
C TYR L 95 -41.73 13.92 19.09
N GLU L 96 -40.47 13.92 18.66
CA GLU L 96 -40.16 14.27 17.28
C GLU L 96 -40.70 13.21 16.32
N ARG L 97 -40.55 11.93 16.69
CA ARG L 97 -41.13 10.86 15.89
C ARG L 97 -42.65 10.96 15.86
N LEU L 98 -43.27 11.28 16.99
CA LEU L 98 -44.72 11.46 17.05
C LEU L 98 -45.18 12.60 16.16
N LEU L 99 -44.45 13.73 16.18
CA LEU L 99 -44.83 14.87 15.38
C LEU L 99 -44.64 14.60 13.90
N LYS L 100 -43.60 13.87 13.52
CA LYS L 100 -43.43 13.43 12.14
C LYS L 100 -44.61 12.57 11.69
N MET L 101 -45.01 11.61 12.53
CA MET L 101 -46.14 10.75 12.20
C MET L 101 -47.43 11.55 12.07
N GLN L 102 -47.64 12.50 12.97
CA GLN L 102 -48.83 13.34 12.93
C GLN L 102 -48.96 14.05 11.58
N ASN L 103 -47.85 14.57 11.06
CA ASN L 103 -47.87 15.23 9.76
C ASN L 103 -48.03 14.22 8.63
N GLN L 104 -47.41 13.05 8.75
CA GLN L 104 -47.55 12.01 7.73
C GLN L 104 -49.01 11.61 7.54
N ARG L 105 -49.78 11.57 8.61
CA ARG L 105 -51.17 11.13 8.58
C ARG L 105 -52.16 12.27 8.34
N GLY L 106 -51.67 13.49 8.13
CA GLY L 106 -52.54 14.61 7.92
C GLY L 106 -53.13 15.21 9.17
N GLY L 107 -52.61 14.86 10.34
CA GLY L 107 -53.02 15.51 11.57
C GLY L 107 -52.26 16.79 11.79
N ARG L 108 -52.71 17.54 12.78
CA ARG L 108 -52.20 18.89 13.05
C ARG L 108 -51.72 18.98 14.49
N ALA L 109 -50.44 19.30 14.65
CA ALA L 109 -49.84 19.44 15.96
C ALA L 109 -50.42 20.66 16.68
N LEU L 110 -50.79 20.45 17.95
CA LEU L 110 -51.27 21.51 18.81
C LEU L 110 -50.44 21.46 20.09
N PHE L 111 -49.62 22.48 20.28
CA PHE L 111 -48.68 22.53 21.38
C PHE L 111 -49.28 23.28 22.56
N GLN L 112 -49.13 22.71 23.74
CA GLN L 112 -49.56 23.30 25.00
C GLN L 112 -48.34 23.60 25.87
N ASP L 113 -48.60 24.31 26.96
CA ASP L 113 -47.54 24.63 27.91
C ASP L 113 -46.96 23.34 28.50
N ILE L 114 -45.64 23.34 28.67
CA ILE L 114 -44.92 22.22 29.24
C ILE L 114 -44.74 22.48 30.73
N LYS L 115 -45.35 21.64 31.55
CA LYS L 115 -45.27 21.81 32.99
C LYS L 115 -43.86 21.58 33.50
N LYS L 116 -43.47 22.33 34.51
CA LYS L 116 -42.18 22.15 35.12
C LYS L 116 -42.11 20.80 35.82
N PRO L 117 -40.90 20.31 36.12
CA PRO L 117 -40.79 19.06 36.87
C PRO L 117 -41.38 19.20 38.27
N ALA L 118 -41.84 18.07 38.79
CA ALA L 118 -42.51 18.05 40.09
C ALA L 118 -41.59 18.42 41.24
N GLU L 119 -40.27 18.25 41.06
CA GLU L 119 -39.30 18.54 42.10
C GLU L 119 -38.19 19.41 41.52
N ASP L 120 -37.63 20.25 42.39
CA ASP L 120 -36.41 21.00 42.09
C ASP L 120 -35.17 20.24 42.54
N GLU L 121 -35.26 19.57 43.68
CA GLU L 121 -34.20 18.72 44.21
C GLU L 121 -34.69 17.27 44.23
N TRP L 122 -33.85 16.37 43.72
CA TRP L 122 -34.23 14.98 43.48
C TRP L 122 -33.59 14.01 44.47
N GLY L 123 -33.01 14.51 45.56
CA GLY L 123 -32.49 13.62 46.59
C GLY L 123 -31.30 12.82 46.11
N LYS L 124 -31.26 11.56 46.52
CA LYS L 124 -30.19 10.63 46.20
C LYS L 124 -30.58 9.77 45.02
N THR L 125 -29.60 9.01 44.52
CA THR L 125 -29.80 8.20 43.32
C THR L 125 -30.95 7.23 43.41
N PRO L 126 -31.20 6.52 44.53
CA PRO L 126 -32.41 5.68 44.59
C PRO L 126 -33.70 6.47 44.45
N ASP L 127 -33.78 7.64 45.07
CA ASP L 127 -34.99 8.45 44.97
C ASP L 127 -35.20 8.95 43.54
N ALA L 128 -34.13 9.34 42.87
CA ALA L 128 -34.21 9.81 41.50
C ALA L 128 -34.61 8.70 40.54
N MET L 129 -33.99 7.52 40.69
CA MET L 129 -34.32 6.39 39.84
C MET L 129 -35.77 5.97 40.02
N LYS L 130 -36.28 6.03 41.25
CA LYS L 130 -37.68 5.69 41.50
C LYS L 130 -38.61 6.67 40.81
N ALA L 131 -38.25 7.96 40.81
CA ALA L 131 -39.06 8.96 40.11
C ALA L 131 -39.02 8.75 38.61
N ALA L 132 -37.84 8.43 38.07
CA ALA L 132 -37.73 8.12 36.65
C ALA L 132 -38.51 6.87 36.30
N MET L 133 -38.51 5.88 37.19
CA MET L 133 -39.30 4.67 36.99
C MET L 133 -40.78 5.00 36.88
N ALA L 134 -41.28 5.80 37.82
CA ALA L 134 -42.69 6.18 37.81
C ALA L 134 -43.05 6.98 36.57
N LEU L 135 -42.12 7.81 36.09
CA LEU L 135 -42.36 8.58 34.88
C LEU L 135 -42.48 7.68 33.66
N GLU L 136 -41.56 6.73 33.52
CA GLU L 136 -41.60 5.83 32.36
C GLU L 136 -42.83 4.95 32.39
N LYS L 137 -43.28 4.53 33.58
CA LYS L 137 -44.51 3.75 33.68
C LYS L 137 -45.72 4.59 33.26
N LYS L 138 -45.74 5.88 33.61
CA LYS L 138 -46.80 6.76 33.17
C LYS L 138 -46.79 6.91 31.65
N LEU L 139 -45.61 7.08 31.06
CA LEU L 139 -45.50 7.13 29.61
C LEU L 139 -45.94 5.82 28.98
N ASN L 140 -45.55 4.70 29.57
CA ASN L 140 -45.95 3.40 29.04
C ASN L 140 -47.46 3.22 29.08
N GLN L 141 -48.09 3.67 30.17
CA GLN L 141 -49.54 3.55 30.26
C GLN L 141 -50.25 4.43 29.24
N ALA L 142 -49.68 5.59 28.94
CA ALA L 142 -50.25 6.44 27.90
C ALA L 142 -50.09 5.81 26.53
N LEU L 143 -48.95 5.16 26.27
CA LEU L 143 -48.74 4.48 25.01
C LEU L 143 -49.72 3.34 24.83
N LEU L 144 -49.92 2.54 25.88
CA LEU L 144 -50.84 1.41 25.80
C LEU L 144 -52.28 1.88 25.63
N ASP L 145 -52.64 2.99 26.26
CA ASP L 145 -53.97 3.56 26.07
C ASP L 145 -54.16 4.07 24.65
N LEU L 146 -53.13 4.69 24.07
CA LEU L 146 -53.23 5.15 22.69
C LEU L 146 -53.34 3.97 21.73
N HIS L 147 -52.59 2.90 21.98
CA HIS L 147 -52.72 1.70 21.18
C HIS L 147 -54.12 1.12 21.27
N ALA L 148 -54.68 1.08 22.48
CA ALA L 148 -56.04 0.60 22.65
C ALA L 148 -57.04 1.50 21.94
N LEU L 149 -56.79 2.81 21.93
CA LEU L 149 -57.66 3.72 21.19
C LEU L 149 -57.56 3.48 19.69
N GLY L 150 -56.33 3.32 19.19
CA GLY L 150 -56.16 3.06 17.77
C GLY L 150 -56.79 1.75 17.33
N SER L 151 -56.72 0.73 18.18
CA SER L 151 -57.38 -0.53 17.87
C SER L 151 -58.89 -0.37 17.83
N ALA L 152 -59.46 0.36 18.80
CA ALA L 152 -60.89 0.60 18.81
C ALA L 152 -61.33 1.40 17.59
N ARG L 153 -60.51 2.33 17.13
CA ARG L 153 -60.79 3.12 15.95
C ARG L 153 -60.29 2.48 14.66
N THR L 154 -59.70 1.29 14.74
CA THR L 154 -59.21 0.56 13.57
C THR L 154 -58.18 1.38 12.80
N ASP L 155 -57.06 1.65 13.47
CA ASP L 155 -55.95 2.44 12.93
C ASP L 155 -54.69 1.59 13.02
N PRO L 156 -54.47 0.69 12.05
CA PRO L 156 -53.32 -0.22 12.16
C PRO L 156 -51.97 0.45 11.96
N HIS L 157 -51.89 1.52 11.17
CA HIS L 157 -50.62 2.24 11.04
C HIS L 157 -50.17 2.80 12.39
N LEU L 158 -51.10 3.40 13.14
CA LEU L 158 -50.76 3.91 14.46
C LEU L 158 -50.29 2.79 15.37
N CYS L 159 -51.06 1.71 15.44
CA CYS L 159 -50.76 0.61 16.33
C CYS L 159 -49.38 0.01 16.04
N ASP L 160 -49.07 -0.18 14.76
CA ASP L 160 -47.75 -0.71 14.40
C ASP L 160 -46.66 0.32 14.62
N PHE L 161 -46.98 1.60 14.47
CA PHE L 161 -46.01 2.66 14.72
C PHE L 161 -45.56 2.66 16.18
N LEU L 162 -46.51 2.52 17.10
CA LEU L 162 -46.17 2.44 18.51
C LEU L 162 -45.43 1.16 18.84
N GLU L 163 -45.85 0.05 18.24
CA GLU L 163 -45.20 -1.23 18.47
C GLU L 163 -43.75 -1.21 18.01
N THR L 164 -43.48 -0.53 16.90
CA THR L 164 -42.16 -0.56 16.29
C THR L 164 -41.18 0.35 17.02
N HIS L 165 -41.64 1.49 17.49
CA HIS L 165 -40.77 2.57 17.94
C HIS L 165 -40.84 2.88 19.44
N PHE L 166 -41.93 2.54 20.12
CA PHE L 166 -42.17 2.99 21.49
C PHE L 166 -42.33 1.88 22.50
N LEU L 167 -43.16 0.86 22.22
CA LEU L 167 -43.57 -0.08 23.26
C LEU L 167 -42.39 -0.90 23.78
N ASP L 168 -41.56 -1.42 22.89
CA ASP L 168 -40.42 -2.22 23.32
C ASP L 168 -39.34 -1.35 23.97
N GLU L 169 -39.18 -0.11 23.48
CA GLU L 169 -38.23 0.81 24.09
C GLU L 169 -38.57 1.06 25.55
N GLU L 170 -39.85 1.22 25.87
CA GLU L 170 -40.25 1.48 27.24
C GLU L 170 -40.08 0.24 28.11
N VAL L 171 -40.43 -0.93 27.58
CA VAL L 171 -40.27 -2.18 28.32
C VAL L 171 -38.80 -2.40 28.67
N LYS L 172 -37.90 -2.15 27.71
CA LYS L 172 -36.47 -2.32 27.95
C LYS L 172 -35.98 -1.33 28.99
N LEU L 173 -36.42 -0.07 28.90
CA LEU L 173 -35.95 0.94 29.82
C LEU L 173 -36.46 0.71 31.22
N ILE L 174 -37.72 0.31 31.36
CA ILE L 174 -38.28 0.02 32.68
C ILE L 174 -37.55 -1.16 33.31
N LYS L 175 -37.15 -2.14 32.49
CA LYS L 175 -36.37 -3.26 33.00
C LYS L 175 -35.02 -2.80 33.52
N LYS L 176 -34.34 -1.94 32.76
CA LYS L 176 -33.02 -1.47 33.18
C LYS L 176 -33.10 -0.65 34.47
N MET L 177 -34.13 0.21 34.58
CA MET L 177 -34.31 0.98 35.80
C MET L 177 -34.60 0.07 36.99
N GLY L 178 -35.39 -0.98 36.77
CA GLY L 178 -35.63 -1.94 37.83
C GLY L 178 -34.38 -2.66 38.26
N ASP L 179 -33.50 -2.98 37.30
CA ASP L 179 -32.21 -3.59 37.63
C ASP L 179 -31.38 -2.62 38.46
N HIS L 180 -31.35 -1.35 38.07
CA HIS L 180 -30.60 -0.34 38.82
C HIS L 180 -31.12 -0.21 40.24
N LEU L 181 -32.44 -0.18 40.40
CA LEU L 181 -33.02 -0.04 41.74
C LEU L 181 -32.71 -1.24 42.63
N THR L 182 -32.66 -2.44 42.05
CA THR L 182 -32.32 -3.63 42.82
C THR L 182 -30.89 -3.56 43.30
N ASN L 183 -29.96 -3.18 42.42
CA ASN L 183 -28.57 -3.04 42.81
C ASN L 183 -28.36 -1.92 43.81
N LEU L 184 -29.09 -0.81 43.65
CA LEU L 184 -28.99 0.29 44.61
C LEU L 184 -29.50 -0.13 45.98
N HIS L 185 -30.57 -0.92 46.01
CA HIS L 185 -31.07 -1.44 47.28
C HIS L 185 -30.08 -2.44 47.89
N ARG L 186 -29.43 -3.24 47.04
CA ARG L 186 -28.40 -4.16 47.48
C ARG L 186 -27.23 -3.40 48.08
N LEU L 187 -26.89 -2.25 47.52
CA LEU L 187 -25.81 -1.40 47.98
C LEU L 187 -26.24 -0.41 49.06
N GLY L 188 -27.43 -0.59 49.64
CA GLY L 188 -27.94 0.32 50.64
C GLY L 188 -27.35 0.04 52.00
N GLY L 189 -28.06 0.52 53.02
CA GLY L 189 -27.64 0.33 54.40
C GLY L 189 -26.85 1.51 54.92
N PRO L 190 -26.10 1.30 56.01
CA PRO L 190 -25.28 2.41 56.54
C PRO L 190 -24.11 2.78 55.65
N GLU L 191 -23.74 1.93 54.69
CA GLU L 191 -22.73 2.26 53.69
C GLU L 191 -23.37 2.81 52.41
N ALA L 192 -24.49 3.52 52.53
CA ALA L 192 -25.24 3.95 51.36
C ALA L 192 -24.42 4.91 50.50
N GLY L 193 -23.68 5.82 51.13
CA GLY L 193 -22.86 6.74 50.37
C GLY L 193 -21.78 6.02 49.58
N LEU L 194 -21.12 5.06 50.22
CA LEU L 194 -20.16 4.21 49.52
C LEU L 194 -20.83 3.45 48.39
N GLY L 195 -22.02 2.90 48.65
CA GLY L 195 -22.75 2.20 47.61
C GLY L 195 -23.12 3.11 46.45
N GLU L 196 -23.53 4.34 46.76
CA GLU L 196 -23.89 5.30 45.71
C GLU L 196 -22.70 5.60 44.82
N TYR L 197 -21.52 5.80 45.42
CA TYR L 197 -20.31 6.05 44.66
C TYR L 197 -19.96 4.87 43.77
N LEU L 198 -19.99 3.65 44.31
CA LEU L 198 -19.61 2.48 43.55
C LEU L 198 -20.59 2.21 42.40
N PHE L 199 -21.88 2.43 42.63
CA PHE L 199 -22.86 2.25 41.56
C PHE L 199 -22.56 3.19 40.40
N GLU L 200 -22.31 4.47 40.71
CA GLU L 200 -22.01 5.44 39.66
C GLU L 200 -20.71 5.10 38.95
N ARG L 201 -19.71 4.62 39.68
CA ARG L 201 -18.41 4.32 39.09
C ARG L 201 -18.45 3.06 38.22
N LEU L 202 -19.10 2.00 38.70
CA LEU L 202 -18.96 0.67 38.11
C LEU L 202 -20.15 0.20 37.28
N THR L 203 -21.32 0.82 37.42
CA THR L 203 -22.48 0.52 36.57
C THR L 203 -22.79 1.63 35.59
N LEU L 204 -22.82 2.88 36.04
CA LEU L 204 -23.23 4.01 35.21
C LEU L 204 -22.08 4.78 34.59
N ARG L 205 -20.83 4.48 34.96
CA ARG L 205 -19.68 5.25 34.52
C ARG L 205 -19.81 6.70 34.96
N SER M 34 46.03 -0.03 -43.11
CA SER M 34 45.97 1.41 -42.90
C SER M 34 44.64 1.78 -42.25
N SER M 35 44.48 1.41 -40.98
CA SER M 35 43.24 1.68 -40.29
C SER M 35 43.04 3.18 -40.13
N GLN M 36 41.83 3.65 -40.45
CA GLN M 36 41.54 5.08 -40.39
C GLN M 36 41.62 5.62 -38.97
N ILE M 37 41.31 4.80 -37.96
CA ILE M 37 41.28 5.26 -36.58
C ILE M 37 42.63 5.14 -35.88
N ARG M 38 43.58 4.42 -36.46
CA ARG M 38 44.82 4.10 -35.75
C ARG M 38 45.64 5.36 -35.53
N GLN M 39 46.04 5.56 -34.28
CA GLN M 39 46.80 6.74 -33.91
C GLN M 39 47.76 6.36 -32.78
N ASN M 40 49.06 6.37 -33.10
CA ASN M 40 50.11 6.07 -32.15
C ASN M 40 49.92 4.71 -31.48
N TYR M 41 49.64 3.70 -32.30
CA TYR M 41 49.47 2.32 -31.86
C TYR M 41 50.54 1.48 -32.56
N SER M 42 51.58 1.14 -31.83
CA SER M 42 52.71 0.41 -32.36
C SER M 42 52.31 -0.99 -32.82
N THR M 43 52.93 -1.43 -33.92
CA THR M 43 52.76 -2.81 -34.37
C THR M 43 53.33 -3.81 -33.36
N ASP M 44 54.41 -3.43 -32.67
CA ASP M 44 54.94 -4.27 -31.60
C ASP M 44 53.91 -4.47 -30.50
N VAL M 45 53.21 -3.40 -30.13
CA VAL M 45 52.16 -3.50 -29.12
C VAL M 45 51.01 -4.33 -29.65
N GLU M 46 50.61 -4.10 -30.90
CA GLU M 46 49.54 -4.87 -31.51
C GLU M 46 49.82 -6.37 -31.47
N ALA M 47 51.06 -6.75 -31.81
CA ALA M 47 51.43 -8.16 -31.79
C ALA M 47 51.45 -8.71 -30.37
N ALA M 48 52.02 -7.95 -29.42
CA ALA M 48 52.08 -8.38 -28.03
C ALA M 48 50.70 -8.55 -27.43
N VAL M 49 49.73 -7.73 -27.84
CA VAL M 49 48.36 -7.88 -27.36
C VAL M 49 47.79 -9.20 -27.86
N ASN M 50 47.99 -9.53 -29.14
CA ASN M 50 47.48 -10.77 -29.68
C ASN M 50 48.12 -11.99 -29.02
N SER M 51 49.40 -11.89 -28.66
CA SER M 51 50.05 -12.97 -27.92
C SER M 51 49.46 -13.11 -26.53
N LEU M 52 49.15 -11.98 -25.88
CA LEU M 52 48.51 -12.03 -24.57
C LEU M 52 47.10 -12.58 -24.65
N VAL M 53 46.40 -12.31 -25.75
CA VAL M 53 45.08 -12.92 -25.98
C VAL M 53 45.21 -14.44 -26.03
N ASN M 54 46.24 -14.93 -26.70
CA ASN M 54 46.46 -16.38 -26.77
C ASN M 54 46.76 -16.96 -25.39
N LEU M 55 47.60 -16.28 -24.61
CA LEU M 55 47.94 -16.74 -23.27
C LEU M 55 46.71 -16.80 -22.38
N TYR M 56 45.79 -15.83 -22.54
CA TYR M 56 44.57 -15.84 -21.75
C TYR M 56 43.60 -16.92 -22.22
N LEU M 57 43.53 -17.15 -23.53
CA LEU M 57 42.75 -18.26 -24.04
C LEU M 57 43.26 -19.58 -23.50
N GLN M 58 44.58 -19.75 -23.48
CA GLN M 58 45.20 -20.94 -22.93
C GLN M 58 44.93 -21.05 -21.43
N ALA M 59 44.94 -19.93 -20.72
CA ALA M 59 44.69 -19.94 -19.29
C ALA M 59 43.26 -20.36 -18.97
N SER M 60 42.29 -19.82 -19.71
CA SER M 60 40.90 -20.22 -19.55
C SER M 60 40.73 -21.70 -19.81
N TYR M 61 41.41 -22.23 -20.81
CA TYR M 61 41.31 -23.64 -21.16
C TYR M 61 41.90 -24.52 -20.08
N THR M 62 43.00 -24.09 -19.47
CA THR M 62 43.59 -24.82 -18.35
C THR M 62 42.65 -24.86 -17.16
N TYR M 63 41.99 -23.75 -16.87
CA TYR M 63 41.06 -23.72 -15.74
C TYR M 63 39.78 -24.48 -16.05
N LEU M 64 39.40 -24.60 -17.33
CA LEU M 64 38.32 -25.48 -17.72
C LEU M 64 38.64 -26.92 -17.32
N SER M 65 39.85 -27.38 -17.67
CA SER M 65 40.27 -28.74 -17.35
C SER M 65 40.35 -28.96 -15.84
N LEU M 66 40.88 -27.98 -15.12
CA LEU M 66 40.97 -28.08 -13.67
C LEU M 66 39.58 -28.20 -13.05
N GLY M 67 38.64 -27.39 -13.51
CA GLY M 67 37.30 -27.41 -12.94
C GLY M 67 36.59 -28.74 -13.13
N PHE M 68 36.74 -29.35 -14.29
CA PHE M 68 36.08 -30.61 -14.59
C PHE M 68 36.83 -31.81 -14.02
N TYR M 69 38.13 -31.66 -13.75
CA TYR M 69 38.87 -32.70 -13.05
C TYR M 69 38.36 -32.84 -11.62
N PHE M 70 38.12 -31.73 -10.93
CA PHE M 70 37.61 -31.76 -9.57
C PHE M 70 36.11 -32.02 -9.50
N ASP M 71 35.43 -32.08 -10.64
CA ASP M 71 34.05 -32.58 -10.74
C ASP M 71 33.99 -34.08 -11.00
N ARG M 72 35.13 -34.74 -11.22
CA ARG M 72 35.16 -36.18 -11.37
C ARG M 72 34.64 -36.88 -10.10
N ASP M 73 34.04 -38.05 -10.29
CA ASP M 73 33.48 -38.77 -9.17
C ASP M 73 34.55 -39.26 -8.20
N ASP M 74 35.75 -39.54 -8.71
CA ASP M 74 36.87 -39.99 -7.90
C ASP M 74 37.76 -38.87 -7.41
N VAL M 75 37.33 -37.62 -7.54
CA VAL M 75 38.00 -36.47 -6.94
C VAL M 75 37.00 -35.78 -6.02
N ALA M 76 35.90 -35.32 -6.60
CA ALA M 76 34.69 -34.94 -5.87
C ALA M 76 34.95 -33.84 -4.84
N LEU M 77 35.41 -32.70 -5.33
CA LEU M 77 35.62 -31.50 -4.53
C LEU M 77 34.92 -30.36 -5.24
N GLU M 78 33.68 -30.11 -4.81
CA GLU M 78 32.77 -29.22 -5.54
C GLU M 78 33.26 -27.77 -5.47
N GLY M 79 33.66 -27.32 -4.28
CA GLY M 79 34.14 -25.96 -4.14
C GLY M 79 35.40 -25.69 -4.94
N VAL M 80 36.26 -26.69 -5.08
CA VAL M 80 37.48 -26.53 -5.86
C VAL M 80 37.14 -26.41 -7.35
N SER M 81 36.23 -27.25 -7.83
CA SER M 81 35.79 -27.15 -9.22
C SER M 81 35.18 -25.79 -9.52
N HIS M 82 34.33 -25.29 -8.62
CA HIS M 82 33.70 -23.99 -8.81
C HIS M 82 34.73 -22.87 -8.80
N PHE M 83 35.74 -22.99 -7.94
CA PHE M 83 36.81 -21.99 -7.87
C PHE M 83 37.52 -21.85 -9.21
N PHE M 84 37.89 -22.97 -9.81
CA PHE M 84 38.59 -22.95 -11.08
C PHE M 84 37.66 -22.62 -12.24
N ARG M 85 36.39 -23.02 -12.15
CA ARG M 85 35.44 -22.66 -13.21
C ARG M 85 35.20 -21.16 -13.24
N GLU M 86 35.17 -20.51 -12.07
CA GLU M 86 35.01 -19.07 -12.03
C GLU M 86 36.23 -18.37 -12.63
N LEU M 87 37.42 -18.94 -12.43
CA LEU M 87 38.62 -18.34 -12.99
C LEU M 87 38.66 -18.44 -14.50
N ALA M 88 38.14 -19.54 -15.05
CA ALA M 88 38.07 -19.66 -16.51
C ALA M 88 37.23 -18.55 -17.12
N GLU M 89 36.15 -18.15 -16.42
CA GLU M 89 35.33 -17.04 -16.89
C GLU M 89 36.06 -15.71 -16.73
N GLU M 90 36.83 -15.56 -15.65
CA GLU M 90 37.61 -14.34 -15.48
C GLU M 90 38.65 -14.18 -16.58
N LYS M 91 39.32 -15.27 -16.95
CA LYS M 91 40.26 -15.22 -18.06
C LYS M 91 39.54 -14.97 -19.37
N ARG M 92 38.31 -15.43 -19.50
CA ARG M 92 37.53 -15.18 -20.71
C ARG M 92 37.21 -13.70 -20.86
N GLU M 93 36.75 -13.08 -19.78
CA GLU M 93 36.53 -11.63 -19.78
C GLU M 93 37.82 -10.87 -20.01
N GLY M 94 38.96 -11.46 -19.67
CA GLY M 94 40.25 -10.89 -19.97
C GLY M 94 40.53 -10.73 -21.45
N TYR M 95 40.53 -11.83 -22.20
CA TYR M 95 40.87 -11.72 -23.62
C TYR M 95 39.77 -11.02 -24.42
N GLU M 96 38.53 -11.05 -23.93
CA GLU M 96 37.48 -10.28 -24.58
C GLU M 96 37.72 -8.79 -24.43
N ARG M 97 38.15 -8.35 -23.24
CA ARG M 97 38.51 -6.96 -23.03
C ARG M 97 39.70 -6.56 -23.91
N LEU M 98 40.69 -7.45 -24.02
CA LEU M 98 41.84 -7.19 -24.87
C LEU M 98 41.44 -7.05 -26.33
N LEU M 99 40.56 -7.94 -26.81
CA LEU M 99 40.13 -7.89 -28.20
C LEU M 99 39.29 -6.65 -28.49
N LYS M 100 38.46 -6.23 -27.53
CA LYS M 100 37.74 -4.96 -27.67
C LYS M 100 38.70 -3.80 -27.79
N MET M 101 39.73 -3.76 -26.93
CA MET M 101 40.72 -2.68 -26.99
C MET M 101 41.47 -2.71 -28.31
N GLN M 102 41.83 -3.89 -28.79
CA GLN M 102 42.54 -4.02 -30.05
C GLN M 102 41.76 -3.37 -31.19
N ASN M 103 40.44 -3.58 -31.22
CA ASN M 103 39.61 -2.97 -32.25
C ASN M 103 39.44 -1.48 -32.02
N GLN M 104 39.33 -1.05 -30.76
CA GLN M 104 39.21 0.37 -30.45
C GLN M 104 40.41 1.15 -30.97
N ARG M 105 41.60 0.58 -30.90
CA ARG M 105 42.83 1.24 -31.30
C ARG M 105 43.19 1.03 -32.77
N GLY M 106 42.35 0.35 -33.53
CA GLY M 106 42.64 0.09 -34.92
C GLY M 106 43.60 -1.04 -35.18
N GLY M 107 43.87 -1.88 -34.18
CA GLY M 107 44.63 -3.08 -34.39
C GLY M 107 43.78 -4.20 -34.90
N ARG M 108 44.45 -5.28 -35.30
CA ARG M 108 43.81 -6.41 -35.95
C ARG M 108 44.11 -7.69 -35.21
N ALA M 109 43.07 -8.35 -34.73
CA ALA M 109 43.21 -9.61 -34.02
C ALA M 109 43.71 -10.71 -34.95
N LEU M 110 44.72 -11.44 -34.48
CA LEU M 110 45.26 -12.59 -35.19
C LEU M 110 45.26 -13.77 -34.23
N PHE M 111 44.39 -14.74 -34.50
CA PHE M 111 44.18 -15.87 -33.61
C PHE M 111 45.07 -17.04 -34.02
N GLN M 112 45.71 -17.64 -33.03
CA GLN M 112 46.54 -18.82 -33.21
C GLN M 112 45.92 -20.00 -32.47
N ASP M 113 46.49 -21.18 -32.71
CA ASP M 113 46.03 -22.38 -32.03
C ASP M 113 46.21 -22.24 -30.52
N ILE M 114 45.23 -22.74 -29.77
CA ILE M 114 45.26 -22.71 -28.32
C ILE M 114 45.80 -24.05 -27.85
N LYS M 115 46.95 -24.02 -27.19
CA LYS M 115 47.57 -25.24 -26.70
C LYS M 115 46.76 -25.87 -25.60
N LYS M 116 46.75 -27.20 -25.58
CA LYS M 116 46.07 -27.92 -24.53
C LYS M 116 46.75 -27.69 -23.18
N PRO M 117 46.05 -27.95 -22.08
CA PRO M 117 46.69 -27.83 -20.77
C PRO M 117 47.85 -28.81 -20.62
N ALA M 118 48.81 -28.42 -19.79
CA ALA M 118 50.02 -29.20 -19.60
C ALA M 118 49.76 -30.55 -18.96
N GLU M 119 48.66 -30.69 -18.23
CA GLU M 119 48.30 -31.92 -17.53
C GLU M 119 46.87 -32.30 -17.85
N ASP M 120 46.62 -33.62 -17.86
CA ASP M 120 45.27 -34.15 -17.94
C ASP M 120 44.71 -34.41 -16.54
N GLU M 121 45.56 -34.86 -15.61
CA GLU M 121 45.20 -35.05 -14.22
C GLU M 121 46.01 -34.09 -13.36
N TRP M 122 45.32 -33.40 -12.45
CA TRP M 122 45.89 -32.30 -11.67
C TRP M 122 46.16 -32.66 -10.22
N GLY M 123 46.11 -33.95 -9.86
CA GLY M 123 46.46 -34.36 -8.51
C GLY M 123 45.47 -33.86 -7.48
N LYS M 124 46.01 -33.45 -6.35
CA LYS M 124 45.23 -32.95 -5.22
C LYS M 124 45.18 -31.44 -5.23
N THR M 125 44.34 -30.89 -4.34
CA THR M 125 44.11 -29.45 -4.31
C THR M 125 45.38 -28.62 -4.13
N PRO M 126 46.34 -28.99 -3.27
CA PRO M 126 47.58 -28.21 -3.23
C PRO M 126 48.35 -28.20 -4.54
N ASP M 127 48.40 -29.34 -5.23
CA ASP M 127 49.10 -29.40 -6.51
C ASP M 127 48.40 -28.54 -7.56
N ALA M 128 47.08 -28.57 -7.57
CA ALA M 128 46.31 -27.77 -8.53
C ALA M 128 46.46 -26.28 -8.25
N MET M 129 46.37 -25.89 -6.99
CA MET M 129 46.50 -24.48 -6.64
C MET M 129 47.90 -23.97 -6.98
N LYS M 130 48.92 -24.79 -6.80
CA LYS M 130 50.28 -24.40 -7.16
C LYS M 130 50.41 -24.18 -8.67
N ALA M 131 49.75 -25.03 -9.47
CA ALA M 131 49.78 -24.87 -10.91
C ALA M 131 49.03 -23.60 -11.32
N ALA M 132 47.88 -23.34 -10.70
CA ALA M 132 47.15 -22.11 -10.96
C ALA M 132 47.96 -20.88 -10.55
N MET M 133 48.69 -20.99 -9.44
CA MET M 133 49.56 -19.91 -9.01
C MET M 133 50.62 -19.61 -10.06
N ALA M 134 51.29 -20.65 -10.56
CA ALA M 134 52.32 -20.48 -11.57
C ALA M 134 51.75 -19.89 -12.86
N LEU M 135 50.52 -20.27 -13.20
CA LEU M 135 49.88 -19.75 -14.40
C LEU M 135 49.60 -18.25 -14.26
N GLU M 136 49.05 -17.85 -13.11
CA GLU M 136 48.74 -16.44 -12.91
C GLU M 136 50.01 -15.58 -12.86
N LYS M 137 51.09 -16.12 -12.29
CA LYS M 137 52.36 -15.40 -12.31
C LYS M 137 52.89 -15.23 -13.72
N LYS M 138 52.73 -16.26 -14.57
CA LYS M 138 53.12 -16.14 -15.97
C LYS M 138 52.28 -15.07 -16.68
N LEU M 139 50.98 -15.05 -16.43
CA LEU M 139 50.12 -14.01 -16.99
C LEU M 139 50.53 -12.63 -16.48
N ASN M 140 50.84 -12.53 -15.19
CA ASN M 140 51.24 -11.25 -14.61
C ASN M 140 52.55 -10.77 -15.24
N GLN M 141 53.49 -11.68 -15.47
CA GLN M 141 54.75 -11.28 -16.08
C GLN M 141 54.55 -10.81 -17.51
N ALA M 142 53.62 -11.43 -18.24
CA ALA M 142 53.31 -10.97 -19.58
C ALA M 142 52.65 -9.60 -19.57
N LEU M 143 51.77 -9.35 -18.59
CA LEU M 143 51.14 -8.05 -18.46
C LEU M 143 52.16 -6.97 -18.17
N LEU M 144 53.09 -7.24 -17.25
CA LEU M 144 54.11 -6.27 -16.89
C LEU M 144 55.06 -6.01 -18.05
N ASP M 145 55.36 -7.04 -18.84
CA ASP M 145 56.19 -6.86 -20.02
C ASP M 145 55.48 -6.02 -21.07
N LEU M 146 54.16 -6.22 -21.25
CA LEU M 146 53.41 -5.42 -22.19
C LEU M 146 53.34 -3.97 -21.74
N HIS M 147 53.15 -3.74 -20.44
CA HIS M 147 53.19 -2.38 -19.90
C HIS M 147 54.53 -1.73 -20.15
N ALA M 148 55.62 -2.47 -19.94
CA ALA M 148 56.95 -1.95 -20.20
C ALA M 148 57.14 -1.64 -21.68
N LEU M 149 56.58 -2.47 -22.55
CA LEU M 149 56.64 -2.21 -23.98
C LEU M 149 55.86 -0.95 -24.33
N GLY M 150 54.65 -0.82 -23.78
CA GLY M 150 53.84 0.37 -24.06
C GLY M 150 54.50 1.65 -23.57
N SER M 151 55.16 1.58 -22.42
CA SER M 151 55.90 2.73 -21.91
C SER M 151 57.06 3.09 -22.83
N ALA M 152 57.81 2.09 -23.30
CA ALA M 152 58.91 2.33 -24.21
C ALA M 152 58.43 2.93 -25.53
N ARG M 153 57.26 2.50 -25.99
CA ARG M 153 56.66 3.01 -27.21
C ARG M 153 55.78 4.24 -26.97
N THR M 154 55.66 4.70 -25.73
CA THR M 154 54.88 5.89 -25.39
C THR M 154 53.41 5.70 -25.80
N ASP M 155 52.78 4.71 -25.17
CA ASP M 155 51.38 4.35 -25.41
C ASP M 155 50.63 4.44 -24.08
N PRO M 156 50.21 5.64 -23.67
CA PRO M 156 49.59 5.76 -22.35
C PRO M 156 48.20 5.15 -22.23
N HIS M 157 47.42 5.10 -23.33
CA HIS M 157 46.14 4.42 -23.27
C HIS M 157 46.30 2.95 -22.93
N LEU M 158 47.27 2.28 -23.57
CA LEU M 158 47.53 0.88 -23.26
C LEU M 158 47.94 0.71 -21.80
N CYS M 159 48.90 1.52 -21.36
CA CYS M 159 49.42 1.38 -20.00
C CYS M 159 48.32 1.58 -18.96
N ASP M 160 47.46 2.58 -19.15
CA ASP M 160 46.36 2.79 -18.23
C ASP M 160 45.29 1.71 -18.35
N PHE M 161 45.13 1.17 -19.55
CA PHE M 161 44.16 0.10 -19.76
C PHE M 161 44.53 -1.14 -18.95
N LEU M 162 45.82 -1.50 -18.98
CA LEU M 162 46.29 -2.63 -18.18
C LEU M 162 46.22 -2.33 -16.69
N GLU M 163 46.57 -1.10 -16.30
CA GLU M 163 46.52 -0.72 -14.90
C GLU M 163 45.10 -0.78 -14.36
N THR M 164 44.12 -0.40 -15.18
CA THR M 164 42.74 -0.29 -14.72
C THR M 164 42.07 -1.65 -14.61
N HIS M 165 42.37 -2.56 -15.55
CA HIS M 165 41.58 -3.78 -15.73
C HIS M 165 42.32 -5.07 -15.42
N PHE M 166 43.65 -5.08 -15.44
CA PHE M 166 44.42 -6.32 -15.37
C PHE M 166 45.38 -6.39 -14.19
N LEU M 167 46.20 -5.37 -13.95
CA LEU M 167 47.32 -5.50 -13.03
C LEU M 167 46.86 -5.74 -11.60
N ASP M 168 45.86 -4.98 -11.14
CA ASP M 168 45.39 -5.17 -9.77
C ASP M 168 44.61 -6.46 -9.63
N GLU M 169 43.88 -6.86 -10.67
CA GLU M 169 43.17 -8.14 -10.66
C GLU M 169 44.12 -9.29 -10.42
N GLU M 170 45.28 -9.27 -11.09
CA GLU M 170 46.24 -10.36 -10.95
C GLU M 170 46.89 -10.34 -9.56
N VAL M 171 47.23 -9.15 -9.06
CA VAL M 171 47.82 -9.03 -7.73
C VAL M 171 46.87 -9.57 -6.68
N LYS M 172 45.58 -9.23 -6.79
CA LYS M 172 44.60 -9.72 -5.84
C LYS M 172 44.45 -11.23 -5.91
N LEU M 173 44.40 -11.77 -7.13
CA LEU M 173 44.21 -13.21 -7.31
C LEU M 173 45.42 -14.00 -6.82
N ILE M 174 46.62 -13.52 -7.12
CA ILE M 174 47.82 -14.19 -6.66
C ILE M 174 47.89 -14.18 -5.14
N LYS M 175 47.42 -13.11 -4.51
CA LYS M 175 47.36 -13.04 -3.05
C LYS M 175 46.40 -14.09 -2.50
N LYS M 176 45.22 -14.21 -3.11
CA LYS M 176 44.23 -15.18 -2.64
C LYS M 176 44.73 -16.60 -2.79
N MET M 177 45.38 -16.92 -3.91
CA MET M 177 45.94 -18.25 -4.11
C MET M 177 47.03 -18.53 -3.09
N GLY M 178 47.86 -17.53 -2.79
CA GLY M 178 48.87 -17.69 -1.76
C GLY M 178 48.26 -17.96 -0.40
N ASP M 179 47.17 -17.28 -0.08
CA ASP M 179 46.45 -17.55 1.16
C ASP M 179 45.92 -18.97 1.19
N HIS M 180 45.34 -19.43 0.08
CA HIS M 180 44.83 -20.80 -0.01
C HIS M 180 45.95 -21.81 0.19
N LEU M 181 47.11 -21.59 -0.44
CA LEU M 181 48.22 -22.52 -0.32
C LEU M 181 48.75 -22.58 1.10
N THR M 182 48.76 -21.45 1.82
CA THR M 182 49.22 -21.44 3.19
C THR M 182 48.27 -22.25 4.08
N ASN M 183 46.97 -22.06 3.90
CA ASN M 183 45.99 -22.82 4.68
C ASN M 183 46.04 -24.30 4.32
N LEU M 184 46.23 -24.63 3.04
CA LEU M 184 46.33 -26.03 2.64
C LEU M 184 47.56 -26.68 3.25
N HIS M 185 48.67 -25.95 3.31
CA HIS M 185 49.87 -26.46 3.96
C HIS M 185 49.66 -26.61 5.45
N ARG M 186 48.92 -25.68 6.05
CA ARG M 186 48.57 -25.78 7.46
C ARG M 186 47.71 -27.01 7.74
N LEU M 187 46.82 -27.34 6.80
CA LEU M 187 45.95 -28.50 6.90
C LEU M 187 46.58 -29.77 6.34
N GLY M 188 47.88 -29.77 6.11
CA GLY M 188 48.56 -30.92 5.55
C GLY M 188 48.86 -31.96 6.60
N GLY M 189 49.82 -32.83 6.28
CA GLY M 189 50.24 -33.87 7.18
C GLY M 189 49.54 -35.19 6.90
N PRO M 190 49.55 -36.11 7.88
CA PRO M 190 48.85 -37.38 7.67
C PRO M 190 47.33 -37.25 7.63
N GLU M 191 46.78 -36.13 8.09
CA GLU M 191 45.36 -35.82 7.95
C GLU M 191 45.06 -35.01 6.70
N ALA M 192 45.84 -35.19 5.64
CA ALA M 192 45.72 -34.35 4.46
C ALA M 192 44.35 -34.49 3.80
N GLY M 193 43.82 -35.71 3.73
CA GLY M 193 42.49 -35.90 3.16
C GLY M 193 41.42 -35.17 3.95
N LEU M 194 41.47 -35.28 5.27
CA LEU M 194 40.58 -34.52 6.13
C LEU M 194 40.76 -33.03 5.92
N GLY M 195 42.02 -32.57 5.83
CA GLY M 195 42.27 -31.17 5.57
C GLY M 195 41.72 -30.72 4.22
N GLU M 196 41.87 -31.55 3.20
CA GLU M 196 41.36 -31.21 1.88
C GLU M 196 39.84 -31.05 1.91
N TYR M 197 39.15 -31.95 2.60
CA TYR M 197 37.69 -31.86 2.72
C TYR M 197 37.28 -30.59 3.45
N LEU M 198 37.93 -30.28 4.57
CA LEU M 198 37.56 -29.11 5.36
C LEU M 198 37.84 -27.81 4.61
N PHE M 199 38.94 -27.76 3.87
CA PHE M 199 39.24 -26.56 3.08
C PHE M 199 38.14 -26.31 2.06
N GLU M 200 37.74 -27.36 1.34
CA GLU M 200 36.69 -27.23 0.33
C GLU M 200 35.36 -26.83 0.98
N ARG M 201 35.06 -27.40 2.15
CA ARG M 201 33.78 -27.13 2.80
C ARG M 201 33.72 -25.73 3.39
N LEU M 202 34.79 -25.28 4.06
CA LEU M 202 34.74 -24.10 4.91
C LEU M 202 35.42 -22.86 4.32
N THR M 203 36.27 -23.00 3.32
CA THR M 203 36.87 -21.86 2.62
C THR M 203 36.30 -21.67 1.21
N LEU M 204 36.20 -22.74 0.42
CA LEU M 204 35.79 -22.66 -0.98
C LEU M 204 34.32 -22.96 -1.21
N ARG M 205 33.60 -23.41 -0.20
CA ARG M 205 32.21 -23.85 -0.37
C ARG M 205 32.15 -25.00 -1.36
N SER N 34 -11.05 2.71 -62.02
CA SER N 34 -11.12 1.26 -61.89
C SER N 34 -10.43 0.85 -60.60
N SER N 35 -11.07 1.15 -59.46
CA SER N 35 -10.47 0.83 -58.18
C SER N 35 -10.39 -0.68 -58.00
N GLN N 36 -9.23 -1.15 -57.56
CA GLN N 36 -9.01 -2.59 -57.40
C GLN N 36 -9.92 -3.19 -56.34
N ILE N 37 -10.28 -2.42 -55.31
CA ILE N 37 -11.08 -2.95 -54.21
C ILE N 37 -12.58 -2.84 -54.45
N ARG N 38 -13.01 -2.07 -55.45
CA ARG N 38 -14.42 -1.77 -55.61
C ARG N 38 -15.20 -3.03 -55.98
N GLN N 39 -16.26 -3.28 -55.23
CA GLN N 39 -17.08 -4.47 -55.44
C GLN N 39 -18.53 -4.13 -55.10
N ASN N 40 -19.37 -4.10 -56.13
CA ASN N 40 -20.80 -3.83 -55.99
C ASN N 40 -21.06 -2.51 -55.27
N TYR N 41 -20.36 -1.46 -55.72
CA TYR N 41 -20.52 -0.10 -55.20
C TYR N 41 -20.95 0.79 -56.35
N SER N 42 -22.24 1.11 -56.38
CA SER N 42 -22.84 1.89 -57.46
C SER N 42 -22.26 3.29 -57.51
N THR N 43 -22.10 3.79 -58.75
CA THR N 43 -21.72 5.19 -58.94
C THR N 43 -22.79 6.14 -58.43
N ASP N 44 -24.07 5.75 -58.54
CA ASP N 44 -25.14 6.56 -57.96
C ASP N 44 -24.98 6.68 -56.46
N VAL N 45 -24.63 5.59 -55.79
CA VAL N 45 -24.40 5.62 -54.35
C VAL N 45 -23.16 6.46 -54.05
N GLU N 46 -22.10 6.29 -54.82
CA GLU N 46 -20.87 7.07 -54.63
C GLU N 46 -21.16 8.57 -54.71
N ALA N 47 -21.95 8.99 -55.69
CA ALA N 47 -22.29 10.39 -55.84
C ALA N 47 -23.16 10.87 -54.69
N ALA N 48 -24.17 10.08 -54.31
CA ALA N 48 -25.06 10.45 -53.21
C ALA N 48 -24.30 10.58 -51.89
N VAL N 49 -23.28 9.75 -51.68
CA VAL N 49 -22.47 9.87 -50.47
C VAL N 49 -21.73 11.19 -50.46
N ASN N 50 -21.14 11.58 -51.60
CA ASN N 50 -20.42 12.85 -51.66
C ASN N 50 -21.36 14.04 -51.47
N SER N 51 -22.59 13.94 -51.95
CA SER N 51 -23.57 14.99 -51.70
C SER N 51 -23.93 15.06 -50.22
N LEU N 52 -24.04 13.91 -49.56
CA LEU N 52 -24.32 13.88 -48.14
C LEU N 52 -23.15 14.41 -47.33
N VAL N 53 -21.93 14.18 -47.80
CA VAL N 53 -20.75 14.78 -47.17
C VAL N 53 -20.84 16.30 -47.21
N ASN N 54 -21.29 16.85 -48.35
CA ASN N 54 -21.44 18.29 -48.47
C ASN N 54 -22.51 18.82 -47.53
N LEU N 55 -23.64 18.11 -47.43
CA LEU N 55 -24.71 18.52 -46.54
C LEU N 55 -24.26 18.51 -45.09
N TYR N 56 -23.42 17.56 -44.71
CA TYR N 56 -22.91 17.49 -43.35
C TYR N 56 -21.87 18.58 -43.09
N LEU N 57 -21.04 18.87 -44.09
CA LEU N 57 -20.11 20.00 -43.98
C LEU N 57 -20.88 21.30 -43.80
N GLN N 58 -21.95 21.49 -44.56
CA GLN N 58 -22.79 22.66 -44.43
C GLN N 58 -23.48 22.70 -43.07
N ALA N 59 -23.89 21.54 -42.56
CA ALA N 59 -24.55 21.49 -41.26
C ALA N 59 -23.60 21.87 -40.14
N SER N 60 -22.37 21.34 -40.17
CA SER N 60 -21.36 21.71 -39.19
C SER N 60 -21.10 23.21 -39.23
N TYR N 61 -21.04 23.78 -40.42
CA TYR N 61 -20.77 25.21 -40.57
C TYR N 61 -21.91 26.06 -40.02
N THR N 62 -23.15 25.61 -40.21
CA THR N 62 -24.31 26.30 -39.64
C THR N 62 -24.27 26.27 -38.12
N TYR N 63 -23.89 25.14 -37.53
CA TYR N 63 -23.82 25.04 -36.08
C TYR N 63 -22.62 25.81 -35.53
N LEU N 64 -21.56 25.96 -36.33
CA LEU N 64 -20.48 26.85 -35.94
C LEU N 64 -20.99 28.28 -35.76
N SER N 65 -21.75 28.76 -36.73
CA SER N 65 -22.30 30.11 -36.67
C SER N 65 -23.27 30.26 -35.50
N LEU N 66 -24.12 29.26 -35.28
CA LEU N 66 -25.06 29.30 -34.17
C LEU N 66 -24.33 29.37 -32.84
N GLY N 67 -23.27 28.57 -32.68
CA GLY N 67 -22.54 28.54 -31.42
C GLY N 67 -21.88 29.87 -31.09
N PHE N 68 -21.32 30.53 -32.09
CA PHE N 68 -20.64 31.80 -31.87
C PHE N 68 -21.59 32.98 -31.80
N TYR N 69 -22.78 32.84 -32.37
CA TYR N 69 -23.81 33.85 -32.20
C TYR N 69 -24.26 33.93 -30.75
N PHE N 70 -24.47 32.78 -30.11
CA PHE N 70 -24.88 32.74 -28.71
C PHE N 70 -23.72 32.97 -27.75
N ASP N 71 -22.48 33.08 -28.24
CA ASP N 71 -21.34 33.55 -27.48
C ASP N 71 -21.16 35.07 -27.58
N ARG N 72 -21.95 35.75 -28.41
CA ARG N 72 -21.89 37.20 -28.48
C ARG N 72 -22.26 37.83 -27.14
N ASP N 73 -21.69 38.99 -26.87
CA ASP N 73 -21.91 39.66 -25.60
C ASP N 73 -23.36 40.11 -25.44
N ASP N 74 -24.02 40.44 -26.56
CA ASP N 74 -25.41 40.87 -26.56
C ASP N 74 -26.40 39.73 -26.75
N VAL N 75 -25.95 38.48 -26.65
CA VAL N 75 -26.84 37.32 -26.63
C VAL N 75 -26.58 36.58 -25.33
N ALA N 76 -25.33 36.12 -25.15
CA ALA N 76 -24.80 35.69 -23.86
C ALA N 76 -25.61 34.56 -23.25
N LEU N 77 -25.67 33.45 -23.97
CA LEU N 77 -26.30 32.22 -23.50
C LEU N 77 -25.29 31.09 -23.70
N GLU N 78 -24.55 30.80 -22.63
CA GLU N 78 -23.38 29.94 -22.72
C GLU N 78 -23.79 28.50 -23.01
N GLY N 79 -24.81 28.00 -22.33
CA GLY N 79 -25.26 26.64 -22.56
C GLY N 79 -25.78 26.43 -23.96
N VAL N 80 -26.40 27.46 -24.54
CA VAL N 80 -26.91 27.34 -25.92
C VAL N 80 -25.75 27.29 -26.90
N SER N 81 -24.74 28.12 -26.70
CA SER N 81 -23.55 28.09 -27.55
C SER N 81 -22.87 26.73 -27.49
N HIS N 82 -22.72 26.18 -26.28
CA HIS N 82 -22.08 24.89 -26.12
C HIS N 82 -22.90 23.78 -26.78
N PHE N 83 -24.22 23.87 -26.69
CA PHE N 83 -25.09 22.89 -27.31
C PHE N 83 -24.87 22.83 -28.82
N PHE N 84 -24.83 23.98 -29.47
CA PHE N 84 -24.62 24.02 -30.91
C PHE N 84 -23.17 23.74 -31.30
N ARG N 85 -22.21 24.10 -30.46
CA ARG N 85 -20.82 23.78 -30.74
C ARG N 85 -20.59 22.28 -30.69
N GLU N 86 -21.25 21.59 -29.77
CA GLU N 86 -21.13 20.13 -29.70
C GLU N 86 -21.73 19.48 -30.94
N LEU N 87 -22.81 20.05 -31.48
CA LEU N 87 -23.43 19.50 -32.67
C LEU N 87 -22.55 19.68 -33.90
N ALA N 88 -21.82 20.79 -33.98
CA ALA N 88 -20.90 20.98 -35.09
C ALA N 88 -19.85 19.88 -35.12
N GLU N 89 -19.40 19.44 -33.94
CA GLU N 89 -18.45 18.34 -33.87
C GLU N 89 -19.11 17.01 -34.25
N GLU N 90 -20.36 16.81 -33.86
CA GLU N 90 -21.07 15.60 -34.24
C GLU N 90 -21.24 15.51 -35.75
N LYS N 91 -21.59 16.63 -36.39
CA LYS N 91 -21.67 16.64 -37.85
C LYS N 91 -20.30 16.43 -38.48
N ARG N 92 -19.23 16.89 -37.82
CA ARG N 92 -17.89 16.69 -38.34
C ARG N 92 -17.51 15.22 -38.32
N GLU N 93 -17.78 14.53 -37.22
CA GLU N 93 -17.59 13.09 -37.15
C GLU N 93 -18.48 12.35 -38.15
N GLY N 94 -19.60 12.95 -38.53
CA GLY N 94 -20.45 12.41 -39.57
C GLY N 94 -19.78 12.32 -40.92
N TYR N 95 -19.35 13.45 -41.48
CA TYR N 95 -18.78 13.41 -42.82
C TYR N 95 -17.41 12.74 -42.83
N GLU N 96 -16.71 12.72 -41.70
CA GLU N 96 -15.45 11.97 -41.62
C GLU N 96 -15.72 10.47 -41.71
N ARG N 97 -16.76 10.00 -41.04
CA ARG N 97 -17.15 8.60 -41.16
C ARG N 97 -17.57 8.26 -42.59
N LEU N 98 -18.32 9.16 -43.23
CA LEU N 98 -18.73 8.96 -44.61
C LEU N 98 -17.53 8.88 -45.54
N LEU N 99 -16.55 9.78 -45.35
CA LEU N 99 -15.38 9.79 -46.21
C LEU N 99 -14.51 8.55 -46.00
N LYS N 100 -14.41 8.07 -44.76
CA LYS N 100 -13.72 6.81 -44.49
C LYS N 100 -14.42 5.66 -45.22
N MET N 101 -15.75 5.59 -45.15
CA MET N 101 -16.48 4.54 -45.83
C MET N 101 -16.30 4.63 -47.34
N GLN N 102 -16.33 5.84 -47.89
CA GLN N 102 -16.14 6.04 -49.32
C GLN N 102 -14.82 5.43 -49.79
N ASN N 103 -13.75 5.63 -49.02
CA ASN N 103 -12.46 5.06 -49.37
C ASN N 103 -12.44 3.54 -49.15
N GLN N 104 -13.10 3.07 -48.10
CA GLN N 104 -13.17 1.62 -47.84
C GLN N 104 -13.80 0.88 -49.01
N ARG N 105 -14.80 1.48 -49.64
CA ARG N 105 -15.55 0.85 -50.73
C ARG N 105 -14.96 1.13 -52.11
N GLY N 106 -13.84 1.83 -52.19
CA GLY N 106 -13.24 2.16 -53.46
C GLY N 106 -13.87 3.32 -54.18
N GLY N 107 -14.69 4.11 -53.51
CA GLY N 107 -15.21 5.33 -54.08
C GLY N 107 -14.24 6.47 -53.92
N ARG N 108 -14.55 7.57 -54.60
CA ARG N 108 -13.64 8.72 -54.69
C ARG N 108 -14.37 9.97 -54.21
N ALA N 109 -13.82 10.60 -53.18
CA ALA N 109 -14.39 11.82 -52.64
C ALA N 109 -14.26 12.97 -53.63
N LEU N 110 -15.35 13.69 -53.82
CA LEU N 110 -15.38 14.88 -54.66
C LEU N 110 -15.97 16.01 -53.83
N PHE N 111 -15.13 16.98 -53.50
CA PHE N 111 -15.51 18.07 -52.61
C PHE N 111 -15.99 19.26 -53.41
N GLN N 112 -17.10 19.83 -52.97
CA GLN N 112 -17.67 21.03 -53.56
C GLN N 112 -17.64 22.16 -52.54
N ASP N 113 -17.97 23.36 -53.02
CA ASP N 113 -18.03 24.52 -52.14
C ASP N 113 -19.07 24.31 -51.05
N ILE N 114 -18.75 24.77 -49.84
CA ILE N 114 -19.64 24.68 -48.70
C ILE N 114 -20.37 26.00 -48.58
N LYS N 115 -21.69 25.95 -48.75
CA LYS N 115 -22.50 27.16 -48.69
C LYS N 115 -22.52 27.73 -47.28
N LYS N 116 -22.54 29.06 -47.20
CA LYS N 116 -22.63 29.71 -45.92
C LYS N 116 -23.98 29.42 -45.26
N PRO N 117 -24.09 29.64 -43.95
CA PRO N 117 -25.38 29.46 -43.30
C PRO N 117 -26.41 30.44 -43.82
N ALA N 118 -27.68 30.04 -43.74
CA ALA N 118 -28.77 30.83 -44.28
C ALA N 118 -28.97 32.14 -43.55
N GLU N 119 -28.52 32.23 -42.30
CA GLU N 119 -28.67 33.42 -41.48
C GLU N 119 -27.34 33.79 -40.85
N ASP N 120 -27.15 35.10 -40.66
CA ASP N 120 -26.05 35.63 -39.88
C ASP N 120 -26.44 35.81 -38.41
N GLU N 121 -27.67 36.22 -38.16
CA GLU N 121 -28.22 36.35 -36.82
C GLU N 121 -29.38 35.36 -36.66
N TRP N 122 -29.36 34.63 -35.56
CA TRP N 122 -30.26 33.50 -35.33
C TRP N 122 -31.35 33.80 -34.31
N GLY N 123 -31.54 35.07 -33.93
CA GLY N 123 -32.63 35.42 -33.05
C GLY N 123 -32.45 34.85 -31.66
N LYS N 124 -33.56 34.40 -31.09
CA LYS N 124 -33.60 33.85 -29.74
C LYS N 124 -33.53 32.32 -29.78
N THR N 125 -33.39 31.73 -28.60
CA THR N 125 -33.20 30.29 -28.50
C THR N 125 -34.30 29.48 -29.15
N PRO N 126 -35.60 29.82 -29.03
CA PRO N 126 -36.60 29.05 -29.77
C PRO N 126 -36.43 29.12 -31.28
N ASP N 127 -36.08 30.28 -31.82
CA ASP N 127 -35.87 30.41 -33.26
C ASP N 127 -34.68 29.60 -33.71
N ALA N 128 -33.61 29.59 -32.93
CA ALA N 128 -32.41 28.83 -33.27
C ALA N 128 -32.66 27.34 -33.21
N MET N 129 -33.34 26.88 -32.16
CA MET N 129 -33.64 25.46 -32.03
C MET N 129 -34.54 24.98 -33.15
N LYS N 130 -35.49 25.83 -33.58
CA LYS N 130 -36.35 25.46 -34.70
C LYS N 130 -35.55 25.32 -36.00
N ALA N 131 -34.56 26.20 -36.21
CA ALA N 131 -33.71 26.09 -37.38
C ALA N 131 -32.84 24.84 -37.33
N ALA N 132 -32.30 24.53 -36.15
CA ALA N 132 -31.53 23.30 -35.98
C ALA N 132 -32.41 22.08 -36.19
N MET N 133 -33.66 22.14 -35.74
CA MET N 133 -34.61 21.05 -35.96
C MET N 133 -34.81 20.82 -37.45
N ALA N 134 -35.06 21.89 -38.20
CA ALA N 134 -35.28 21.78 -39.64
C ALA N 134 -34.05 21.25 -40.35
N LEU N 135 -32.87 21.63 -39.87
CA LEU N 135 -31.63 21.14 -40.47
C LEU N 135 -31.47 19.64 -40.26
N GLU N 136 -31.70 19.17 -39.03
CA GLU N 136 -31.55 17.75 -38.74
C GLU N 136 -32.59 16.92 -39.51
N LYS N 137 -33.80 17.45 -39.68
CA LYS N 137 -34.80 16.74 -40.48
C LYS N 137 -34.38 16.65 -41.94
N LYS N 138 -33.75 17.70 -42.47
CA LYS N 138 -33.22 17.65 -43.83
C LYS N 138 -32.12 16.62 -43.95
N LEU N 139 -31.22 16.56 -42.96
CA LEU N 139 -30.19 15.54 -42.95
C LEU N 139 -30.79 14.14 -42.85
N ASN N 140 -31.81 13.99 -42.00
CA ASN N 140 -32.47 12.70 -41.84
C ASN N 140 -33.12 12.26 -43.15
N GLN N 141 -33.75 13.18 -43.86
CA GLN N 141 -34.39 12.83 -45.12
C GLN N 141 -33.36 12.43 -46.16
N ALA N 142 -32.19 13.07 -46.16
CA ALA N 142 -31.13 12.67 -47.07
C ALA N 142 -30.59 11.29 -46.72
N LEU N 143 -30.48 10.98 -45.43
CA LEU N 143 -30.02 9.66 -45.01
C LEU N 143 -31.01 8.59 -45.44
N LEU N 144 -32.31 8.83 -45.24
CA LEU N 144 -33.32 7.86 -45.61
C LEU N 144 -33.37 7.66 -47.12
N ASP N 145 -33.16 8.75 -47.88
CA ASP N 145 -33.12 8.62 -49.33
C ASP N 145 -31.91 7.82 -49.78
N LEU N 146 -30.76 8.02 -49.13
CA LEU N 146 -29.57 7.24 -49.47
C LEU N 146 -29.76 5.77 -49.13
N HIS N 147 -30.39 5.48 -48.00
CA HIS N 147 -30.72 4.11 -47.65
C HIS N 147 -31.63 3.48 -48.68
N ALA N 148 -32.64 4.22 -49.13
CA ALA N 148 -33.54 3.73 -50.16
C ALA N 148 -32.80 3.50 -51.47
N LEU N 149 -31.84 4.37 -51.79
CA LEU N 149 -31.04 4.16 -52.98
C LEU N 149 -30.18 2.91 -52.85
N GLY N 150 -29.54 2.73 -51.70
CA GLY N 150 -28.71 1.55 -51.49
C GLY N 150 -29.51 0.27 -51.55
N SER N 151 -30.74 0.29 -51.03
CA SER N 151 -31.61 -0.87 -51.12
C SER N 151 -31.98 -1.17 -52.55
N ALA N 152 -32.31 -0.14 -53.33
CA ALA N 152 -32.65 -0.32 -54.74
C ALA N 152 -31.46 -0.86 -55.53
N ARG N 153 -30.26 -0.43 -55.18
CA ARG N 153 -29.03 -0.90 -55.82
C ARG N 153 -28.45 -2.14 -55.15
N THR N 154 -29.10 -2.67 -54.11
CA THR N 154 -28.65 -3.88 -53.42
C THR N 154 -27.24 -3.70 -52.87
N ASP N 155 -27.13 -2.75 -51.94
CA ASP N 155 -25.87 -2.40 -51.28
C ASP N 155 -26.07 -2.56 -49.77
N PRO N 156 -25.95 -3.78 -49.24
CA PRO N 156 -26.25 -3.98 -47.82
C PRO N 156 -25.21 -3.38 -46.87
N HIS N 157 -23.94 -3.30 -47.28
CA HIS N 157 -22.95 -2.65 -46.44
C HIS N 157 -23.31 -1.18 -46.19
N LEU N 158 -23.72 -0.48 -47.25
CA LEU N 158 -24.13 0.91 -47.10
C LEU N 158 -25.33 1.02 -46.16
N CYS N 159 -26.34 0.21 -46.42
CA CYS N 159 -27.58 0.28 -45.64
C CYS N 159 -27.32 0.03 -44.16
N ASP N 160 -26.50 -0.97 -43.84
CA ASP N 160 -26.17 -1.25 -42.45
C ASP N 160 -25.26 -0.19 -41.87
N PHE N 161 -24.41 0.42 -42.70
CA PHE N 161 -23.53 1.49 -42.24
C PHE N 161 -24.33 2.68 -41.77
N LEU N 162 -25.36 3.07 -42.54
CA LEU N 162 -26.23 4.16 -42.13
C LEU N 162 -27.06 3.79 -40.91
N GLU N 163 -27.54 2.56 -40.86
CA GLU N 163 -28.34 2.11 -39.73
C GLU N 163 -27.53 2.12 -38.45
N THR N 164 -26.25 1.77 -38.54
CA THR N 164 -25.42 1.62 -37.34
C THR N 164 -24.96 2.96 -36.79
N HIS N 165 -24.66 3.91 -37.68
CA HIS N 165 -23.94 5.13 -37.30
C HIS N 165 -24.74 6.41 -37.43
N PHE N 166 -25.79 6.45 -38.24
CA PHE N 166 -26.47 7.70 -38.59
C PHE N 166 -27.95 7.74 -38.22
N LEU N 167 -28.72 6.70 -38.57
CA LEU N 167 -30.18 6.80 -38.50
C LEU N 167 -30.67 6.97 -37.07
N ASP N 168 -30.14 6.18 -36.13
CA ASP N 168 -30.58 6.30 -34.75
C ASP N 168 -30.06 7.57 -34.11
N GLU N 169 -28.86 8.01 -34.49
CA GLU N 169 -28.32 9.27 -33.99
C GLU N 169 -29.24 10.44 -34.32
N GLU N 170 -29.77 10.46 -35.55
CA GLU N 170 -30.63 11.55 -35.96
C GLU N 170 -31.98 11.48 -35.24
N VAL N 171 -32.53 10.28 -35.09
CA VAL N 171 -33.81 10.10 -34.40
C VAL N 171 -33.68 10.59 -32.96
N LYS N 172 -32.58 10.24 -32.30
CA LYS N 172 -32.37 10.66 -30.92
C LYS N 172 -32.23 12.17 -30.82
N LEU N 173 -31.47 12.77 -31.75
CA LEU N 173 -31.23 14.20 -31.70
C LEU N 173 -32.49 14.99 -32.00
N ILE N 174 -33.28 14.54 -32.98
CA ILE N 174 -34.53 15.21 -33.30
C ILE N 174 -35.49 15.14 -32.13
N LYS N 175 -35.48 14.02 -31.39
CA LYS N 175 -36.29 13.89 -30.19
C LYS N 175 -35.87 14.89 -29.13
N LYS N 176 -34.57 15.02 -28.90
CA LYS N 176 -34.07 15.95 -27.89
C LYS N 176 -34.40 17.40 -28.25
N MET N 177 -34.26 17.76 -29.52
CA MET N 177 -34.61 19.11 -29.95
C MET N 177 -36.10 19.37 -29.78
N GLY N 178 -36.93 18.37 -30.08
CA GLY N 178 -38.36 18.50 -29.86
C GLY N 178 -38.69 18.69 -28.39
N ASP N 179 -37.98 17.98 -27.51
CA ASP N 179 -38.16 18.18 -26.08
C ASP N 179 -37.77 19.59 -25.67
N HIS N 180 -36.66 20.09 -26.19
CA HIS N 180 -36.22 21.45 -25.89
C HIS N 180 -37.25 22.48 -26.36
N LEU N 181 -37.79 22.30 -27.57
CA LEU N 181 -38.76 23.24 -28.09
C LEU N 181 -40.05 23.24 -27.27
N THR N 182 -40.46 22.08 -26.75
CA THR N 182 -41.65 22.02 -25.93
C THR N 182 -41.44 22.77 -24.62
N ASN N 183 -40.28 22.56 -23.98
CA ASN N 183 -39.98 23.28 -22.75
C ASN N 183 -39.82 24.78 -22.99
N LEU N 184 -39.22 25.16 -24.11
CA LEU N 184 -39.08 26.58 -24.43
C LEU N 184 -40.44 27.22 -24.65
N HIS N 185 -41.35 26.51 -25.30
CA HIS N 185 -42.71 27.01 -25.48
C HIS N 185 -43.43 27.09 -24.15
N ARG N 186 -43.19 26.12 -23.27
CA ARG N 186 -43.76 26.14 -21.92
C ARG N 186 -43.25 27.34 -21.14
N LEU N 187 -41.98 27.71 -21.34
CA LEU N 187 -41.37 28.84 -20.68
C LEU N 187 -41.55 30.15 -21.45
N GLY N 188 -42.45 30.18 -22.41
CA GLY N 188 -42.69 31.37 -23.22
C GLY N 188 -43.56 32.37 -22.51
N GLY N 189 -44.16 33.26 -23.30
CA GLY N 189 -45.06 34.27 -22.78
C GLY N 189 -44.35 35.58 -22.52
N PRO N 190 -44.95 36.46 -21.70
CA PRO N 190 -44.28 37.74 -21.39
C PRO N 190 -43.05 37.58 -20.52
N GLU N 191 -42.86 36.42 -19.88
CA GLU N 191 -41.63 36.12 -19.15
C GLU N 191 -40.63 35.34 -20.01
N ALA N 192 -40.62 35.60 -21.32
CA ALA N 192 -39.81 34.80 -22.23
C ALA N 192 -38.32 34.95 -21.93
N GLY N 193 -37.87 36.16 -21.61
CA GLY N 193 -36.47 36.35 -21.27
C GLY N 193 -36.07 35.58 -20.03
N LEU N 194 -36.91 35.63 -19.00
CA LEU N 194 -36.70 34.82 -17.81
C LEU N 194 -36.69 33.34 -18.16
N GLY N 195 -37.63 32.91 -19.00
CA GLY N 195 -37.66 31.52 -19.42
C GLY N 195 -36.41 31.13 -20.19
N GLU N 196 -35.93 32.01 -21.06
CA GLU N 196 -34.72 31.73 -21.83
C GLU N 196 -33.52 31.54 -20.92
N TYR N 197 -33.40 32.39 -19.89
CA TYR N 197 -32.31 32.27 -18.93
C TYR N 197 -32.38 30.96 -18.16
N LEU N 198 -33.58 30.62 -17.67
CA LEU N 198 -33.72 29.41 -16.86
C LEU N 198 -33.49 28.15 -17.69
N PHE N 199 -33.93 28.14 -18.94
CA PHE N 199 -33.67 26.99 -19.81
C PHE N 199 -32.18 26.78 -19.98
N GLU N 200 -31.44 27.85 -20.26
CA GLU N 200 -30.00 27.73 -20.45
C GLU N 200 -29.31 27.31 -19.17
N ARG N 201 -29.78 27.80 -18.02
CA ARG N 201 -29.14 27.49 -16.74
C ARG N 201 -29.43 26.06 -16.30
N LEU N 202 -30.68 25.60 -16.42
CA LEU N 202 -31.13 24.37 -15.78
C LEU N 202 -31.31 23.17 -16.70
N THR N 203 -31.38 23.38 -18.02
CA THR N 203 -31.42 22.28 -18.97
C THR N 203 -30.12 22.15 -19.77
N LEU N 204 -29.59 23.25 -20.29
CA LEU N 204 -28.43 23.22 -21.17
C LEU N 204 -27.12 23.51 -20.46
N ARG N 205 -27.14 23.90 -19.20
CA ARG N 205 -25.94 24.33 -18.49
C ARG N 205 -25.30 25.53 -19.19
N SER O 34 -25.58 27.59 50.62
CA SER O 34 -24.20 27.96 50.89
C SER O 34 -23.27 27.04 50.10
N SER O 35 -23.24 27.23 48.79
CA SER O 35 -22.42 26.38 47.93
C SER O 35 -20.94 26.61 48.24
N GLN O 36 -20.21 25.51 48.39
CA GLN O 36 -18.79 25.59 48.75
C GLN O 36 -17.97 26.26 47.66
N ILE O 37 -18.37 26.13 46.39
CA ILE O 37 -17.59 26.67 45.29
C ILE O 37 -17.96 28.11 44.94
N ARG O 38 -19.08 28.62 45.45
CA ARG O 38 -19.59 29.90 45.02
C ARG O 38 -18.64 31.03 45.44
N GLN O 39 -18.28 31.86 44.47
CA GLN O 39 -17.35 32.95 44.72
C GLN O 39 -17.73 34.12 43.81
N ASN O 40 -18.22 35.19 44.42
CA ASN O 40 -18.59 36.41 43.72
C ASN O 40 -19.60 36.14 42.60
N TYR O 41 -20.64 35.38 42.94
CA TYR O 41 -21.75 35.06 42.04
C TYR O 41 -23.04 35.59 42.66
N SER O 42 -23.50 36.73 42.13
CA SER O 42 -24.67 37.41 42.66
C SER O 42 -25.92 36.56 42.50
N THR O 43 -26.80 36.66 43.51
CA THR O 43 -28.11 36.03 43.42
C THR O 43 -28.96 36.66 42.32
N ASP O 44 -28.79 37.97 42.07
CA ASP O 44 -29.47 38.61 40.95
C ASP O 44 -29.04 37.99 39.63
N VAL O 45 -27.74 37.73 39.47
CA VAL O 45 -27.24 37.08 38.26
C VAL O 45 -27.77 35.66 38.18
N GLU O 46 -27.75 34.93 39.29
CA GLU O 46 -28.25 33.56 39.33
C GLU O 46 -29.70 33.50 38.86
N ALA O 47 -30.53 34.42 39.35
CA ALA O 47 -31.93 34.45 38.94
C ALA O 47 -32.08 34.82 37.48
N ALA O 48 -31.34 35.83 37.03
CA ALA O 48 -31.41 36.24 35.62
C ALA O 48 -30.97 35.14 34.67
N VAL O 49 -30.00 34.32 35.08
CA VAL O 49 -29.59 33.19 34.26
C VAL O 49 -30.73 32.19 34.12
N ASN O 50 -31.41 31.88 35.23
CA ASN O 50 -32.52 30.94 35.17
C ASN O 50 -33.67 31.47 34.33
N SER O 51 -33.90 32.79 34.36
CA SER O 51 -34.91 33.38 33.48
C SER O 51 -34.50 33.27 32.02
N LEU O 52 -33.22 33.46 31.73
CA LEU O 52 -32.73 33.31 30.36
C LEU O 52 -32.79 31.85 29.91
N VAL O 53 -32.59 30.91 30.82
CA VAL O 53 -32.77 29.50 30.49
C VAL O 53 -34.22 29.25 30.06
N ASN O 54 -35.18 29.85 30.76
CA ASN O 54 -36.59 29.69 30.39
C ASN O 54 -36.88 30.29 29.02
N LEU O 55 -36.33 31.48 28.75
CA LEU O 55 -36.53 32.13 27.47
C LEU O 55 -35.96 31.29 26.33
N TYR O 56 -34.83 30.62 26.57
CA TYR O 56 -34.23 29.77 25.55
C TYR O 56 -35.02 28.48 25.38
N LEU O 57 -35.54 27.92 26.47
CA LEU O 57 -36.44 26.77 26.37
C LEU O 57 -37.67 27.12 25.56
N GLN O 58 -38.24 28.30 25.82
CA GLN O 58 -39.40 28.77 25.06
C GLN O 58 -39.04 29.00 23.59
N ALA O 59 -37.83 29.51 23.33
CA ALA O 59 -37.41 29.76 21.96
C ALA O 59 -37.26 28.46 21.19
N SER O 60 -36.63 27.45 21.79
CA SER O 60 -36.50 26.14 21.17
C SER O 60 -37.87 25.56 20.85
N TYR O 61 -38.83 25.72 21.77
CA TYR O 61 -40.16 25.18 21.59
C TYR O 61 -40.90 25.88 20.46
N THR O 62 -40.70 27.20 20.32
CA THR O 62 -41.29 27.94 19.21
C THR O 62 -40.72 27.47 17.88
N TYR O 63 -39.41 27.22 17.81
CA TYR O 63 -38.81 26.75 16.58
C TYR O 63 -39.18 25.31 16.28
N LEU O 64 -39.48 24.51 17.31
CA LEU O 64 -40.03 23.19 17.09
C LEU O 64 -41.35 23.28 16.34
N SER O 65 -42.24 24.15 16.80
CA SER O 65 -43.53 24.33 16.16
C SER O 65 -43.39 24.86 14.74
N LEU O 66 -42.48 25.82 14.54
CA LEU O 66 -42.24 26.36 13.20
C LEU O 66 -41.75 25.27 12.25
N GLY O 67 -40.83 24.43 12.71
CA GLY O 67 -40.28 23.41 11.85
C GLY O 67 -41.30 22.39 11.40
N PHE O 68 -42.20 21.99 12.30
CA PHE O 68 -43.22 21.01 11.98
C PHE O 68 -44.41 21.60 11.24
N TYR O 69 -44.62 22.91 11.38
CA TYR O 69 -45.64 23.58 10.57
C TYR O 69 -45.25 23.55 9.09
N PHE O 70 -43.98 23.83 8.79
CA PHE O 70 -43.51 23.81 7.41
C PHE O 70 -43.24 22.41 6.89
N ASP O 71 -43.37 21.38 7.74
CA ASP O 71 -43.40 19.99 7.32
C ASP O 71 -44.81 19.49 7.03
N ARG O 72 -45.84 20.31 7.30
CA ARG O 72 -47.21 19.94 6.96
C ARG O 72 -47.36 19.75 5.45
N ASP O 73 -48.28 18.86 5.08
CA ASP O 73 -48.48 18.55 3.67
C ASP O 73 -49.03 19.74 2.90
N ASP O 74 -49.79 20.60 3.56
CA ASP O 74 -50.37 21.79 2.95
C ASP O 74 -49.50 23.04 3.10
N VAL O 75 -48.26 22.89 3.54
CA VAL O 75 -47.28 23.97 3.54
C VAL O 75 -46.10 23.51 2.68
N ALA O 76 -45.46 22.42 3.10
CA ALA O 76 -44.55 21.65 2.27
C ALA O 76 -43.37 22.49 1.75
N LEU O 77 -42.60 23.01 2.70
CA LEU O 77 -41.37 23.74 2.42
C LEU O 77 -40.28 23.13 3.27
N GLU O 78 -39.55 22.19 2.67
CA GLU O 78 -38.63 21.34 3.40
C GLU O 78 -37.45 22.12 3.94
N GLY O 79 -36.87 23.00 3.12
CA GLY O 79 -35.74 23.80 3.57
C GLY O 79 -36.10 24.74 4.69
N VAL O 80 -37.33 25.24 4.70
CA VAL O 80 -37.76 26.14 5.77
C VAL O 80 -37.91 25.36 7.07
N SER O 81 -38.51 24.17 7.01
CA SER O 81 -38.63 23.32 8.18
C SER O 81 -37.26 22.99 8.76
N HIS O 82 -36.31 22.63 7.90
CA HIS O 82 -34.96 22.29 8.36
C HIS O 82 -34.27 23.49 8.97
N PHE O 83 -34.49 24.67 8.41
CA PHE O 83 -33.90 25.90 8.93
C PHE O 83 -34.34 26.13 10.38
N PHE O 84 -35.64 26.01 10.65
CA PHE O 84 -36.15 26.23 11.99
C PHE O 84 -35.84 25.07 12.92
N ARG O 85 -35.77 23.85 12.39
CA ARG O 85 -35.41 22.72 13.23
C ARG O 85 -33.95 22.82 13.70
N GLU O 86 -33.07 23.34 12.84
CA GLU O 86 -31.69 23.55 13.26
C GLU O 86 -31.59 24.62 14.34
N LEU O 87 -32.44 25.64 14.26
CA LEU O 87 -32.42 26.69 15.27
C LEU O 87 -32.90 26.20 16.62
N ALA O 88 -33.88 25.28 16.63
CA ALA O 88 -34.33 24.70 17.89
C ALA O 88 -33.19 23.98 18.60
N GLU O 89 -32.31 23.33 17.84
CA GLU O 89 -31.15 22.68 18.42
C GLU O 89 -30.14 23.71 18.92
N GLU O 90 -29.97 24.80 18.18
CA GLU O 90 -29.06 25.85 18.63
C GLU O 90 -29.53 26.47 19.93
N LYS O 91 -30.84 26.72 20.07
CA LYS O 91 -31.37 27.21 21.33
C LYS O 91 -31.23 26.17 22.44
N ARG O 92 -31.28 24.89 22.08
CA ARG O 92 -31.11 23.84 23.07
C ARG O 92 -29.69 23.83 23.63
N GLU O 93 -28.70 23.91 22.73
CA GLU O 93 -27.32 24.05 23.17
C GLU O 93 -27.10 25.33 23.96
N GLY O 94 -27.91 26.36 23.73
CA GLY O 94 -27.88 27.56 24.51
C GLY O 94 -28.19 27.35 25.98
N TYR O 95 -29.39 26.86 26.30
CA TYR O 95 -29.75 26.72 27.71
C TYR O 95 -28.95 25.61 28.39
N GLU O 96 -28.46 24.63 27.64
CA GLU O 96 -27.58 23.62 28.22
C GLU O 96 -26.25 24.24 28.65
N ARG O 97 -25.70 25.13 27.81
CA ARG O 97 -24.49 25.85 28.19
C ARG O 97 -24.74 26.74 29.41
N LEU O 98 -25.88 27.40 29.47
CA LEU O 98 -26.24 28.23 30.61
C LEU O 98 -26.35 27.40 31.88
N LEU O 99 -26.98 26.23 31.80
CA LEU O 99 -27.15 25.38 32.97
C LEU O 99 -25.82 24.81 33.44
N LYS O 100 -24.93 24.46 32.51
CA LYS O 100 -23.58 24.05 32.87
C LYS O 100 -22.85 25.17 33.62
N MET O 101 -22.93 26.39 33.11
CA MET O 101 -22.29 27.53 33.76
C MET O 101 -22.87 27.77 35.15
N GLN O 102 -24.19 27.67 35.27
CA GLN O 102 -24.85 27.87 36.56
C GLN O 102 -24.28 26.92 37.61
N ASN O 103 -24.07 25.66 37.25
CA ASN O 103 -23.50 24.69 38.18
C ASN O 103 -22.02 24.96 38.43
N GLN O 104 -21.29 25.38 37.39
CA GLN O 104 -19.87 25.70 37.56
C GLN O 104 -19.67 26.81 38.59
N ARG O 105 -20.57 27.78 38.63
CA ARG O 105 -20.45 28.93 39.52
C ARG O 105 -21.12 28.72 40.88
N GLY O 106 -21.67 27.54 41.13
CA GLY O 106 -22.34 27.27 42.37
C GLY O 106 -23.75 27.80 42.47
N GLY O 107 -24.35 28.19 41.35
CA GLY O 107 -25.74 28.54 41.33
C GLY O 107 -26.63 27.32 41.20
N ARG O 108 -27.93 27.56 41.38
CA ARG O 108 -28.92 26.49 41.43
C ARG O 108 -30.00 26.73 40.40
N ALA O 109 -30.15 25.78 39.48
CA ALA O 109 -31.16 25.87 38.44
C ALA O 109 -32.55 25.76 39.04
N LEU O 110 -33.44 26.66 38.62
CA LEU O 110 -34.84 26.66 39.02
C LEU O 110 -35.67 26.70 37.75
N PHE O 111 -36.35 25.60 37.46
CA PHE O 111 -37.09 25.44 36.23
C PHE O 111 -38.54 25.84 36.42
N GLN O 112 -39.06 26.62 35.49
CA GLN O 112 -40.45 27.04 35.46
C GLN O 112 -41.14 26.45 34.23
N ASP O 113 -42.45 26.62 34.19
CA ASP O 113 -43.24 26.15 33.06
C ASP O 113 -42.79 26.86 31.78
N ILE O 114 -42.75 26.10 30.70
CA ILE O 114 -42.37 26.61 29.38
C ILE O 114 -43.65 26.96 28.64
N LYS O 115 -43.82 28.24 28.34
CA LYS O 115 -45.02 28.69 27.65
C LYS O 115 -45.06 28.17 26.23
N LYS O 116 -46.27 27.86 25.76
CA LYS O 116 -46.44 27.41 24.40
C LYS O 116 -46.11 28.54 23.43
N PRO O 117 -45.86 28.21 22.15
CA PRO O 117 -45.63 29.27 21.17
C PRO O 117 -46.86 30.14 21.00
N ALA O 118 -46.61 31.39 20.60
CA ALA O 118 -47.66 32.38 20.47
C ALA O 118 -48.65 32.05 19.36
N GLU O 119 -48.24 31.25 18.38
CA GLU O 119 -49.08 30.87 17.26
C GLU O 119 -49.04 29.37 17.06
N ASP O 120 -50.16 28.84 16.58
CA ASP O 120 -50.25 27.46 16.11
C ASP O 120 -49.94 27.35 14.62
N GLU O 121 -50.39 28.33 13.84
CA GLU O 121 -50.11 28.43 12.42
C GLU O 121 -49.28 29.68 12.16
N TRP O 122 -48.20 29.51 11.39
CA TRP O 122 -47.20 30.56 11.20
C TRP O 122 -47.25 31.20 9.82
N GLY O 123 -48.31 30.97 9.06
CA GLY O 123 -48.47 31.65 7.79
C GLY O 123 -47.44 31.21 6.77
N LYS O 124 -46.95 32.18 6.01
CA LYS O 124 -45.97 31.96 4.96
C LYS O 124 -44.56 32.26 5.45
N THR O 125 -43.58 31.91 4.63
CA THR O 125 -42.18 32.04 5.03
C THR O 125 -41.79 33.45 5.45
N PRO O 126 -42.22 34.53 4.78
CA PRO O 126 -41.89 35.87 5.32
C PRO O 126 -42.47 36.12 6.70
N ASP O 127 -43.69 35.67 6.96
CA ASP O 127 -44.29 35.88 8.28
C ASP O 127 -43.54 35.09 9.35
N ALA O 128 -43.14 33.87 9.03
CA ALA O 128 -42.40 33.03 9.97
C ALA O 128 -41.02 33.60 10.25
N MET O 129 -40.31 34.03 9.21
CA MET O 129 -38.99 34.60 9.40
C MET O 129 -39.05 35.88 10.23
N LYS O 130 -40.10 36.68 10.03
CA LYS O 130 -40.26 37.89 10.84
C LYS O 130 -40.48 37.56 12.30
N ALA O 131 -41.25 36.50 12.59
CA ALA O 131 -41.46 36.07 13.96
C ALA O 131 -40.16 35.54 14.58
N ALA O 132 -39.41 34.77 13.81
CA ALA O 132 -38.11 34.29 14.28
C ALA O 132 -37.14 35.45 14.52
N MET O 133 -37.21 36.47 13.66
CA MET O 133 -36.39 37.66 13.85
C MET O 133 -36.73 38.34 15.16
N ALA O 134 -38.01 38.54 15.44
CA ALA O 134 -38.43 39.18 16.67
C ALA O 134 -38.04 38.37 17.89
N LEU O 135 -38.07 37.05 17.77
CA LEU O 135 -37.68 36.18 18.88
C LEU O 135 -36.19 36.32 19.18
N GLU O 136 -35.36 36.29 18.14
CA GLU O 136 -33.92 36.40 18.35
C GLU O 136 -33.54 37.77 18.91
N LYS O 137 -34.24 38.82 18.48
CA LYS O 137 -33.99 40.14 19.04
C LYS O 137 -34.36 40.20 20.52
N LYS O 138 -35.45 39.53 20.91
CA LYS O 138 -35.82 39.45 22.32
C LYS O 138 -34.76 38.69 23.11
N LEU O 139 -34.25 37.58 22.57
CA LEU O 139 -33.17 36.86 23.21
C LEU O 139 -31.92 37.72 23.31
N ASN O 140 -31.60 38.46 22.25
CA ASN O 140 -30.42 39.32 22.25
C ASN O 140 -30.55 40.41 23.31
N GLN O 141 -31.75 40.98 23.45
CA GLN O 141 -31.94 42.02 24.45
C GLN O 141 -31.80 41.47 25.86
N ALA O 142 -32.24 40.22 26.07
CA ALA O 142 -32.06 39.59 27.38
C ALA O 142 -30.59 39.32 27.66
N LEU O 143 -29.84 38.90 26.64
CA LEU O 143 -28.41 38.67 26.80
C LEU O 143 -27.68 39.96 27.15
N LEU O 144 -28.01 41.05 26.45
CA LEU O 144 -27.35 42.32 26.71
C LEU O 144 -27.72 42.86 28.09
N ASP O 145 -28.95 42.63 28.53
CA ASP O 145 -29.35 43.04 29.87
C ASP O 145 -28.61 42.22 30.93
N LEU O 146 -28.42 40.92 30.69
CA LEU O 146 -27.67 40.11 31.64
C LEU O 146 -26.21 40.53 31.69
N HIS O 147 -25.63 40.84 30.55
CA HIS O 147 -24.26 41.36 30.52
C HIS O 147 -24.17 42.66 31.30
N ALA O 148 -25.14 43.55 31.13
CA ALA O 148 -25.14 44.81 31.87
C ALA O 148 -25.30 44.56 33.36
N LEU O 149 -26.10 43.56 33.74
CA LEU O 149 -26.22 43.20 35.14
C LEU O 149 -24.92 42.65 35.69
N GLY O 150 -24.27 41.76 34.93
CA GLY O 150 -22.99 41.21 35.38
C GLY O 150 -21.92 42.26 35.53
N SER O 151 -21.91 43.24 34.63
CA SER O 151 -20.96 44.34 34.74
C SER O 151 -21.24 45.19 35.98
N ALA O 152 -22.51 45.48 36.24
CA ALA O 152 -22.87 46.24 37.44
C ALA O 152 -22.50 45.50 38.71
N ARG O 153 -22.63 44.17 38.70
CA ARG O 153 -22.27 43.33 39.83
C ARG O 153 -20.81 42.89 39.80
N THR O 154 -20.04 43.32 38.80
CA THR O 154 -18.62 42.98 38.70
C THR O 154 -18.41 41.46 38.64
N ASP O 155 -18.96 40.86 37.58
CA ASP O 155 -18.90 39.43 37.33
C ASP O 155 -18.25 39.20 35.96
N PRO O 156 -16.91 39.24 35.89
CA PRO O 156 -16.27 39.13 34.58
C PRO O 156 -16.36 37.77 33.93
N HIS O 157 -16.42 36.69 34.70
CA HIS O 157 -16.61 35.37 34.11
C HIS O 157 -17.93 35.29 33.35
N LEU O 158 -19.00 35.81 33.94
CA LEU O 158 -20.30 35.83 33.26
C LEU O 158 -20.23 36.64 31.98
N CYS O 159 -19.68 37.86 32.08
CA CYS O 159 -19.62 38.75 30.93
C CYS O 159 -18.83 38.15 29.79
N ASP O 160 -17.70 37.53 30.07
CA ASP O 160 -16.92 36.89 29.03
C ASP O 160 -17.59 35.61 28.52
N PHE O 161 -18.32 34.93 29.39
CA PHE O 161 -19.06 33.74 28.99
C PHE O 161 -20.11 34.07 27.93
N LEU O 162 -20.85 35.15 28.14
CA LEU O 162 -21.84 35.59 27.16
C LEU O 162 -21.18 36.09 25.89
N GLU O 163 -20.06 36.82 26.03
CA GLU O 163 -19.34 37.33 24.87
C GLU O 163 -18.81 36.20 24.01
N THR O 164 -18.36 35.12 24.64
CA THR O 164 -17.69 34.04 23.92
C THR O 164 -18.69 33.14 23.20
N HIS O 165 -19.85 32.89 23.81
CA HIS O 165 -20.76 31.84 23.38
C HIS O 165 -22.10 32.32 22.84
N PHE O 166 -22.55 33.52 23.18
CA PHE O 166 -23.91 33.97 22.90
C PHE O 166 -23.99 35.22 22.04
N LEU O 167 -23.25 36.28 22.38
CA LEU O 167 -23.50 37.59 21.78
C LEU O 167 -23.22 37.59 20.28
N ASP O 168 -22.10 37.01 19.86
CA ASP O 168 -21.77 36.99 18.44
C ASP O 168 -22.66 36.02 17.68
N GLU O 169 -23.05 34.92 18.32
CA GLU O 169 -23.98 33.98 17.70
C GLU O 169 -25.30 34.67 17.34
N GLU O 170 -25.81 35.51 18.24
CA GLU O 170 -27.08 36.17 17.98
C GLU O 170 -26.92 37.24 16.89
N VAL O 171 -25.82 37.99 16.92
CA VAL O 171 -25.58 39.01 15.90
C VAL O 171 -25.50 38.37 14.52
N LYS O 172 -24.81 37.23 14.42
CA LYS O 172 -24.70 36.53 13.14
C LYS O 172 -26.06 36.02 12.68
N LEU O 173 -26.83 35.46 13.58
CA LEU O 173 -28.12 34.88 13.22
C LEU O 173 -29.11 35.96 12.81
N ILE O 174 -29.14 37.08 13.53
CA ILE O 174 -30.03 38.18 13.19
C ILE O 174 -29.66 38.75 11.83
N LYS O 175 -28.36 38.78 11.50
CA LYS O 175 -27.92 39.22 10.19
C LYS O 175 -28.43 38.29 9.10
N LYS O 176 -28.31 36.98 9.31
CA LYS O 176 -28.76 36.01 8.32
C LYS O 176 -30.27 36.08 8.10
N MET O 177 -31.04 36.23 9.18
CA MET O 177 -32.48 36.37 9.05
C MET O 177 -32.84 37.64 8.30
N GLY O 178 -32.12 38.73 8.57
CA GLY O 178 -32.34 39.96 7.83
C GLY O 178 -32.05 39.80 6.35
N ASP O 179 -31.00 39.06 6.02
CA ASP O 179 -30.70 38.77 4.62
C ASP O 179 -31.82 37.96 3.99
N HIS O 180 -32.33 36.95 4.70
CA HIS O 180 -33.44 36.15 4.19
C HIS O 180 -34.68 36.99 3.95
N LEU O 181 -35.00 37.89 4.89
CA LEU O 181 -36.18 38.73 4.74
C LEU O 181 -36.05 39.69 3.56
N THR O 182 -34.85 40.19 3.29
CA THR O 182 -34.65 41.07 2.16
C THR O 182 -34.85 40.33 0.85
N ASN O 183 -34.31 39.11 0.74
CA ASN O 183 -34.49 38.30 -0.46
C ASN O 183 -35.94 37.87 -0.61
N LEU O 184 -36.63 37.56 0.48
CA LEU O 184 -38.03 37.18 0.40
C LEU O 184 -38.89 38.37 -0.06
N HIS O 185 -38.56 39.57 0.41
CA HIS O 185 -39.25 40.76 -0.06
C HIS O 185 -38.94 41.04 -1.53
N ARG O 186 -37.70 40.78 -1.95
CA ARG O 186 -37.33 40.91 -3.35
C ARG O 186 -38.10 39.93 -4.21
N LEU O 187 -38.36 38.73 -3.69
CA LEU O 187 -39.11 37.69 -4.39
C LEU O 187 -40.61 37.79 -4.15
N GLY O 188 -41.09 38.91 -3.62
CA GLY O 188 -42.51 39.07 -3.32
C GLY O 188 -43.30 39.46 -4.56
N GLY O 189 -44.47 40.03 -4.32
CA GLY O 189 -45.34 40.47 -5.38
C GLY O 189 -46.38 39.43 -5.75
N PRO O 190 -46.98 39.56 -6.94
CA PRO O 190 -47.97 38.55 -7.35
C PRO O 190 -47.38 37.18 -7.65
N GLU O 191 -46.05 37.09 -7.82
CA GLU O 191 -45.36 35.82 -7.95
C GLU O 191 -44.83 35.32 -6.62
N ALA O 192 -45.51 35.63 -5.52
CA ALA O 192 -44.99 35.32 -4.19
C ALA O 192 -44.84 33.82 -3.98
N GLY O 193 -45.81 33.02 -4.46
CA GLY O 193 -45.69 31.58 -4.33
C GLY O 193 -44.49 31.03 -5.07
N LEU O 194 -44.28 31.50 -6.30
CA LEU O 194 -43.09 31.14 -7.04
C LEU O 194 -41.83 31.59 -6.30
N GLY O 195 -41.83 32.80 -5.76
CA GLY O 195 -40.70 33.27 -4.99
C GLY O 195 -40.44 32.43 -3.75
N GLU O 196 -41.51 32.03 -3.07
CA GLU O 196 -41.37 31.19 -1.88
C GLU O 196 -40.73 29.85 -2.22
N TYR O 197 -41.15 29.25 -3.33
CA TYR O 197 -40.56 27.99 -3.77
C TYR O 197 -39.09 28.14 -4.11
N LEU O 198 -38.74 29.18 -4.86
CA LEU O 198 -37.35 29.37 -5.28
C LEU O 198 -36.44 29.68 -4.10
N PHE O 199 -36.93 30.46 -3.13
CA PHE O 199 -36.14 30.73 -1.94
C PHE O 199 -35.81 29.44 -1.19
N GLU O 200 -36.81 28.59 -1.00
CA GLU O 200 -36.60 27.34 -0.30
C GLU O 200 -35.66 26.42 -1.07
N ARG O 201 -35.78 26.41 -2.40
CA ARG O 201 -34.97 25.53 -3.23
C ARG O 201 -33.52 26.00 -3.31
N LEU O 202 -33.29 27.30 -3.50
CA LEU O 202 -31.99 27.81 -3.88
C LEU O 202 -31.21 28.52 -2.78
N THR O 203 -31.87 28.92 -1.69
CA THR O 203 -31.19 29.49 -0.52
C THR O 203 -31.19 28.55 0.67
N LEU O 204 -32.32 27.95 1.00
CA LEU O 204 -32.47 27.13 2.20
C LEU O 204 -32.32 25.64 1.95
N ARG O 205 -32.25 25.21 0.69
CA ARG O 205 -32.25 23.79 0.36
C ARG O 205 -33.54 23.13 0.87
N SER P 34 -9.39 -30.27 54.53
CA SER P 34 -10.65 -30.63 53.90
C SER P 34 -10.94 -29.66 52.76
N SER P 35 -10.18 -29.79 51.68
CA SER P 35 -10.33 -28.90 50.54
C SER P 35 -11.70 -29.11 49.91
N GLN P 36 -12.40 -28.01 49.63
CA GLN P 36 -13.74 -28.08 49.06
C GLN P 36 -13.74 -28.69 47.67
N ILE P 37 -12.66 -28.51 46.90
CA ILE P 37 -12.61 -28.99 45.53
C ILE P 37 -12.09 -30.41 45.40
N ARG P 38 -11.50 -30.96 46.46
CA ARG P 38 -10.81 -32.24 46.36
C ARG P 38 -11.79 -33.35 46.08
N GLN P 39 -11.50 -34.15 45.05
CA GLN P 39 -12.37 -35.23 44.63
C GLN P 39 -11.51 -36.36 44.08
N ASN P 40 -11.46 -37.46 44.82
CA ASN P 40 -10.73 -38.66 44.43
C ASN P 40 -9.25 -38.35 44.15
N TYR P 41 -8.64 -37.62 45.08
CA TYR P 41 -7.22 -37.28 45.03
C TYR P 41 -6.55 -37.86 46.27
N SER P 42 -5.85 -38.97 46.08
CA SER P 42 -5.21 -39.69 47.17
C SER P 42 -4.12 -38.86 47.84
N THR P 43 -4.03 -39.02 49.16
CA THR P 43 -2.92 -38.41 49.90
C THR P 43 -1.58 -39.01 49.50
N ASP P 44 -1.55 -40.30 49.14
CA ASP P 44 -0.33 -40.89 48.61
C ASP P 44 0.11 -40.21 47.33
N VAL P 45 -0.84 -39.92 46.44
CA VAL P 45 -0.52 -39.21 45.21
C VAL P 45 -0.08 -37.79 45.52
N GLU P 46 -0.77 -37.12 46.43
CA GLU P 46 -0.41 -35.76 46.83
C GLU P 46 1.03 -35.70 47.32
N ALA P 47 1.42 -36.65 48.16
CA ALA P 47 2.78 -36.68 48.68
C ALA P 47 3.78 -36.98 47.58
N ALA P 48 3.49 -37.96 46.72
CA ALA P 48 4.39 -38.32 45.63
C ALA P 48 4.58 -37.16 44.66
N VAL P 49 3.55 -36.35 44.44
CA VAL P 49 3.69 -35.18 43.59
C VAL P 49 4.67 -34.19 44.20
N ASN P 50 4.56 -33.94 45.51
CA ASN P 50 5.46 -33.02 46.17
C ASN P 50 6.90 -33.53 46.16
N SER P 51 7.09 -34.84 46.27
CA SER P 51 8.43 -35.40 46.14
C SER P 51 8.97 -35.22 44.74
N LEU P 52 8.11 -35.38 43.73
CA LEU P 52 8.54 -35.15 42.35
C LEU P 52 8.85 -33.69 42.09
N VAL P 53 8.12 -32.78 42.74
CA VAL P 53 8.44 -31.36 42.65
C VAL P 53 9.85 -31.11 43.18
N ASN P 54 10.22 -31.76 44.29
CA ASN P 54 11.56 -31.61 44.85
C ASN P 54 12.62 -32.15 43.90
N LEU P 55 12.36 -33.31 43.30
CA LEU P 55 13.30 -33.91 42.36
C LEU P 55 13.51 -33.01 41.15
N TYR P 56 12.45 -32.34 40.70
CA TYR P 56 12.58 -31.42 39.56
C TYR P 56 13.29 -30.14 39.95
N LEU P 57 13.04 -29.64 41.16
CA LEU P 57 13.80 -28.51 41.67
C LEU P 57 15.29 -28.84 41.75
N GLN P 58 15.60 -30.03 42.25
CA GLN P 58 16.99 -30.49 42.31
C GLN P 58 17.59 -30.65 40.91
N ALA P 59 16.79 -31.12 39.95
CA ALA P 59 17.27 -31.30 38.59
C ALA P 59 17.59 -29.96 37.94
N SER P 60 16.71 -28.98 38.10
CA SER P 60 16.96 -27.64 37.58
C SER P 60 18.23 -27.06 38.18
N TYR P 61 18.45 -27.28 39.48
CA TYR P 61 19.63 -26.76 40.16
C TYR P 61 20.90 -27.42 39.66
N THR P 62 20.85 -28.71 39.36
CA THR P 62 21.99 -29.42 38.80
C THR P 62 22.33 -28.88 37.41
N TYR P 63 21.31 -28.61 36.59
CA TYR P 63 21.57 -28.08 35.27
C TYR P 63 22.01 -26.61 35.31
N LEU P 64 21.62 -25.88 36.35
CA LEU P 64 22.18 -24.55 36.57
C LEU P 64 23.69 -24.63 36.75
N SER P 65 24.14 -25.54 37.62
CA SER P 65 25.57 -25.71 37.87
C SER P 65 26.30 -26.18 36.63
N LEU P 66 25.72 -27.10 35.88
CA LEU P 66 26.34 -27.57 34.64
C LEU P 66 26.49 -26.45 33.64
N GLY P 67 25.46 -25.62 33.48
CA GLY P 67 25.51 -24.53 32.51
C GLY P 67 26.60 -23.51 32.82
N PHE P 68 26.77 -23.18 34.09
CA PHE P 68 27.76 -22.19 34.49
C PHE P 68 29.16 -22.77 34.58
N TYR P 69 29.28 -24.08 34.77
CA TYR P 69 30.58 -24.73 34.69
C TYR P 69 31.16 -24.63 33.28
N PHE P 70 30.33 -24.87 32.26
CA PHE P 70 30.78 -24.78 30.89
C PHE P 70 30.86 -23.35 30.37
N ASP P 71 30.42 -22.37 31.17
CA ASP P 71 30.68 -20.96 30.92
C ASP P 71 31.98 -20.48 31.55
N ARG P 72 32.65 -21.32 32.35
CA ARG P 72 33.95 -20.95 32.90
C ARG P 72 34.96 -20.69 31.80
N ASP P 73 35.91 -19.81 32.10
CA ASP P 73 36.91 -19.43 31.11
C ASP P 73 37.83 -20.60 30.77
N ASP P 74 38.06 -21.51 31.72
CA ASP P 74 38.91 -22.67 31.52
C ASP P 74 38.14 -23.91 31.06
N VAL P 75 36.88 -23.76 30.66
CA VAL P 75 36.11 -24.82 30.03
C VAL P 75 35.68 -24.31 28.67
N ALA P 76 34.89 -23.23 28.67
CA ALA P 76 34.65 -22.40 27.49
C ALA P 76 34.03 -23.21 26.34
N LEU P 77 32.85 -23.76 26.61
CA LEU P 77 32.05 -24.46 25.61
C LEU P 77 30.65 -23.86 25.67
N GLU P 78 30.41 -22.89 24.79
CA GLU P 78 29.23 -22.06 24.86
C GLU P 78 27.96 -22.84 24.55
N GLY P 79 28.01 -23.68 23.51
CA GLY P 79 26.86 -24.48 23.16
C GLY P 79 26.47 -25.48 24.23
N VAL P 80 27.47 -26.00 24.95
CA VAL P 80 27.20 -26.95 26.02
C VAL P 80 26.51 -26.23 27.19
N SER P 81 27.01 -25.05 27.55
CA SER P 81 26.39 -24.26 28.60
C SER P 81 24.94 -23.92 28.26
N HIS P 82 24.69 -23.51 27.02
CA HIS P 82 23.34 -23.17 26.60
C HIS P 82 22.43 -24.40 26.61
N PHE P 83 22.96 -25.56 26.24
CA PHE P 83 22.20 -26.80 26.25
C PHE P 83 21.69 -27.10 27.66
N PHE P 84 22.57 -27.02 28.66
CA PHE P 84 22.18 -27.31 30.03
C PHE P 84 21.35 -26.17 30.64
N ARG P 85 21.60 -24.93 30.23
CA ARG P 85 20.77 -23.83 30.74
C ARG P 85 19.34 -23.95 30.23
N GLU P 86 19.15 -24.40 29.00
CA GLU P 86 17.80 -24.61 28.49
C GLU P 86 17.10 -25.72 29.25
N LEU P 87 17.83 -26.76 29.65
CA LEU P 87 17.23 -27.86 30.39
C LEU P 87 16.81 -27.42 31.79
N ALA P 88 17.57 -26.53 32.42
CA ALA P 88 17.16 -26.01 33.73
C ALA P 88 15.81 -25.32 33.64
N GLU P 89 15.55 -24.61 32.54
CA GLU P 89 14.26 -23.97 32.35
C GLU P 89 13.17 -25.01 32.09
N GLU P 90 13.49 -26.06 31.34
CA GLU P 90 12.51 -27.12 31.11
C GLU P 90 12.12 -27.81 32.40
N LYS P 91 13.08 -28.07 33.29
CA LYS P 91 12.76 -28.64 34.59
C LYS P 91 11.98 -27.65 35.44
N ARG P 92 12.22 -26.35 35.25
CA ARG P 92 11.46 -25.34 35.99
C ARG P 92 10.01 -25.33 35.58
N GLU P 93 9.74 -25.37 34.27
CA GLU P 93 8.38 -25.49 33.78
C GLU P 93 7.74 -26.81 34.22
N GLY P 94 8.55 -27.83 34.48
CA GLY P 94 8.08 -29.08 35.03
C GLY P 94 7.44 -28.94 36.41
N TYR P 95 8.20 -28.48 37.40
CA TYR P 95 7.64 -28.40 38.74
C TYR P 95 6.59 -27.32 38.86
N GLU P 96 6.62 -26.30 38.01
CA GLU P 96 5.56 -25.31 38.00
C GLU P 96 4.25 -25.93 37.52
N ARG P 97 4.32 -26.77 36.48
CA ARG P 97 3.13 -27.49 36.02
C ARG P 97 2.61 -28.43 37.10
N LEU P 98 3.52 -29.11 37.80
CA LEU P 98 3.12 -29.99 38.89
C LEU P 98 2.43 -29.23 40.01
N LEU P 99 2.98 -28.07 40.38
CA LEU P 99 2.40 -27.28 41.46
C LEU P 99 1.04 -26.71 41.06
N LYS P 100 0.88 -26.31 39.80
CA LYS P 100 -0.43 -25.89 39.29
C LYS P 100 -1.44 -27.02 39.42
N MET P 101 -1.05 -28.23 39.00
CA MET P 101 -1.95 -29.38 39.08
C MET P 101 -2.30 -29.70 40.52
N GLN P 102 -1.32 -29.62 41.42
CA GLN P 102 -1.56 -29.89 42.83
C GLN P 102 -2.66 -28.99 43.39
N ASN P 103 -2.63 -27.71 43.02
CA ASN P 103 -3.66 -26.78 43.47
C ASN P 103 -4.98 -27.03 42.77
N GLN P 104 -4.95 -27.39 41.48
CA GLN P 104 -6.17 -27.70 40.75
C GLN P 104 -6.94 -28.85 41.41
N ARG P 105 -6.24 -29.83 41.93
CA ARG P 105 -6.84 -31.02 42.52
C ARG P 105 -7.12 -30.88 44.02
N GLY P 106 -6.85 -29.72 44.60
CA GLY P 106 -7.06 -29.52 46.02
C GLY P 106 -5.98 -30.08 46.90
N GLY P 107 -4.82 -30.43 46.35
CA GLY P 107 -3.69 -30.80 47.16
C GLY P 107 -2.92 -29.59 47.64
N ARG P 108 -1.98 -29.85 48.55
CA ARG P 108 -1.25 -28.79 49.23
C ARG P 108 0.25 -29.01 49.04
N ALA P 109 0.90 -28.02 48.44
CA ALA P 109 2.33 -28.08 48.21
C ALA P 109 3.09 -28.02 49.54
N LEU P 110 4.07 -28.91 49.68
CA LEU P 110 4.95 -28.95 50.84
C LEU P 110 6.38 -28.95 50.31
N PHE P 111 7.07 -27.84 50.54
CA PHE P 111 8.40 -27.64 50.01
C PHE P 111 9.46 -28.07 51.01
N GLN P 112 10.45 -28.81 50.55
CA GLN P 112 11.58 -29.25 51.33
C GLN P 112 12.86 -28.62 50.79
N ASP P 113 13.95 -28.80 51.54
CA ASP P 113 15.24 -28.30 51.13
C ASP P 113 15.66 -28.93 49.81
N ILE P 114 16.27 -28.12 48.94
CA ILE P 114 16.74 -28.57 47.64
C ILE P 114 18.22 -28.90 47.79
N LYS P 115 18.57 -30.17 47.60
CA LYS P 115 19.94 -30.62 47.75
C LYS P 115 20.82 -30.03 46.66
N LYS P 116 22.06 -29.72 47.02
CA LYS P 116 23.01 -29.21 46.06
C LYS P 116 23.35 -30.28 45.02
N PRO P 117 23.89 -29.89 43.88
CA PRO P 117 24.32 -30.90 42.91
C PRO P 117 25.42 -31.79 43.46
N ALA P 118 25.47 -33.01 42.93
CA ALA P 118 26.41 -34.01 43.42
C ALA P 118 27.86 -33.64 43.14
N GLU P 119 28.11 -32.79 42.15
CA GLU P 119 29.45 -32.38 41.76
C GLU P 119 29.52 -30.87 41.65
N ASP P 120 30.70 -30.33 41.97
CA ASP P 120 31.01 -28.93 41.70
C ASP P 120 31.66 -28.76 40.34
N GLU P 121 32.51 -29.71 39.94
CA GLU P 121 33.13 -29.74 38.63
C GLU P 121 32.64 -30.96 37.86
N TRP P 122 32.23 -30.74 36.62
CA TRP P 122 31.56 -31.74 35.81
C TRP P 122 32.44 -32.33 34.70
N GLY P 123 33.74 -32.09 34.74
CA GLY P 123 34.64 -32.70 33.78
C GLY P 123 34.42 -32.20 32.37
N LYS P 124 34.49 -33.13 31.43
CA LYS P 124 34.34 -32.84 30.01
C LYS P 124 32.91 -33.15 29.56
N THR P 125 32.62 -32.75 28.32
CA THR P 125 31.26 -32.88 27.79
C THR P 125 30.72 -34.30 27.84
N PRO P 126 31.48 -35.35 27.52
CA PRO P 126 30.91 -36.71 27.69
C PRO P 126 30.55 -37.04 29.12
N ASP P 127 31.37 -36.62 30.09
CA ASP P 127 31.06 -36.90 31.48
C ASP P 127 29.81 -36.14 31.93
N ALA P 128 29.67 -34.89 31.48
CA ALA P 128 28.50 -34.10 31.84
C ALA P 128 27.23 -34.65 31.21
N MET P 129 27.29 -35.03 29.94
CA MET P 129 26.12 -35.59 29.27
C MET P 129 25.70 -36.90 29.91
N LYS P 130 26.66 -37.71 30.35
CA LYS P 130 26.33 -38.96 31.03
C LYS P 130 25.62 -38.70 32.35
N ALA P 131 26.06 -37.66 33.08
CA ALA P 131 25.39 -37.31 34.33
C ALA P 131 23.99 -36.78 34.08
N ALA P 132 23.81 -35.96 33.04
CA ALA P 132 22.49 -35.49 32.66
C ALA P 132 21.60 -36.63 32.22
N MET P 133 22.17 -37.62 31.52
CA MET P 133 21.43 -38.81 31.13
C MET P 133 20.91 -39.55 32.35
N ALA P 134 21.79 -39.79 33.33
CA ALA P 134 21.40 -40.49 34.55
C ALA P 134 20.34 -39.72 35.32
N LEU P 135 20.42 -38.39 35.31
CA LEU P 135 19.43 -37.58 36.00
C LEU P 135 18.06 -37.71 35.34
N GLU P 136 18.02 -37.62 34.01
CA GLU P 136 16.74 -37.72 33.31
C GLU P 136 16.12 -39.10 33.46
N LYS P 137 16.95 -40.15 33.50
CA LYS P 137 16.43 -41.49 33.73
C LYS P 137 15.84 -41.61 35.14
N LYS P 138 16.48 -40.98 36.13
CA LYS P 138 15.93 -40.97 37.48
C LYS P 138 14.59 -40.24 37.51
N LEU P 139 14.50 -39.10 36.83
CA LEU P 139 13.23 -38.39 36.73
C LEU P 139 12.18 -39.23 36.01
N ASN P 140 12.58 -39.91 34.95
CA ASN P 140 11.65 -40.75 34.20
C ASN P 140 11.13 -41.89 35.08
N GLN P 141 12.01 -42.49 35.88
CA GLN P 141 11.58 -43.58 36.75
C GLN P 141 10.62 -43.08 37.82
N ALA P 142 10.83 -41.87 38.31
CA ALA P 142 9.89 -41.30 39.28
C ALA P 142 8.54 -41.01 38.63
N LEU P 143 8.55 -40.54 37.38
CA LEU P 143 7.30 -40.28 36.67
C LEU P 143 6.53 -41.58 36.46
N LEU P 144 7.22 -42.64 36.04
CA LEU P 144 6.57 -43.91 35.80
C LEU P 144 6.03 -44.51 37.09
N ASP P 145 6.76 -44.33 38.19
CA ASP P 145 6.28 -44.80 39.48
C ASP P 145 5.04 -44.03 39.92
N LEU P 146 5.01 -42.72 39.68
CA LEU P 146 3.83 -41.94 40.03
C LEU P 146 2.63 -42.33 39.18
N HIS P 147 2.86 -42.59 37.89
CA HIS P 147 1.79 -43.09 37.03
C HIS P 147 1.26 -44.41 37.54
N ALA P 148 2.16 -45.31 37.94
CA ALA P 148 1.74 -46.59 38.49
C ALA P 148 0.97 -46.42 39.78
N LEU P 149 1.36 -45.45 40.60
CA LEU P 149 0.62 -45.17 41.82
C LEU P 149 -0.76 -44.61 41.50
N GLY P 150 -0.84 -43.68 40.55
CA GLY P 150 -2.13 -43.13 40.18
C GLY P 150 -3.07 -44.18 39.59
N SER P 151 -2.52 -45.12 38.83
CA SER P 151 -3.33 -46.21 38.30
C SER P 151 -3.84 -47.10 39.41
N ALA P 152 -2.97 -47.43 40.38
CA ALA P 152 -3.40 -48.26 41.51
C ALA P 152 -4.46 -47.56 42.33
N ARG P 153 -4.37 -46.25 42.47
CA ARG P 153 -5.35 -45.45 43.20
C ARG P 153 -6.51 -44.99 42.32
N THR P 154 -6.52 -45.34 41.04
CA THR P 154 -7.60 -44.99 40.12
C THR P 154 -7.75 -43.47 40.03
N ASP P 155 -6.69 -42.82 39.53
CA ASP P 155 -6.62 -41.38 39.36
C ASP P 155 -6.32 -41.09 37.89
N PRO P 156 -7.34 -41.09 37.03
CA PRO P 156 -7.07 -40.92 35.60
C PRO P 156 -6.64 -39.53 35.20
N HIS P 157 -7.06 -38.49 35.90
CA HIS P 157 -6.57 -37.14 35.60
C HIS P 157 -5.07 -37.06 35.78
N LEU P 158 -4.55 -37.61 36.88
CA LEU P 158 -3.11 -37.62 37.10
C LEU P 158 -2.39 -38.37 36.00
N CYS P 159 -2.87 -39.58 35.70
CA CYS P 159 -2.21 -40.43 34.71
C CYS P 159 -2.16 -39.76 33.35
N ASP P 160 -3.26 -39.13 32.92
CA ASP P 160 -3.27 -38.43 31.65
C ASP P 160 -2.45 -37.15 31.71
N PHE P 161 -2.38 -36.52 32.87
CA PHE P 161 -1.58 -35.31 33.04
C PHE P 161 -0.10 -35.61 32.81
N LEU P 162 0.39 -36.71 33.38
CA LEU P 162 1.77 -37.12 33.16
C LEU P 162 2.01 -37.56 31.72
N GLU P 163 1.04 -38.28 31.14
CA GLU P 163 1.17 -38.72 29.76
C GLU P 163 1.24 -37.55 28.80
N THR P 164 0.49 -36.48 29.08
CA THR P 164 0.38 -35.36 28.16
C THR P 164 1.59 -34.45 28.23
N HIS P 165 2.15 -34.25 29.42
CA HIS P 165 3.11 -33.19 29.66
C HIS P 165 4.52 -33.66 30.01
N PHE P 166 4.69 -34.89 30.50
CA PHE P 166 5.95 -35.34 31.07
C PHE P 166 6.56 -36.55 30.37
N LEU P 167 5.78 -37.62 30.15
CA LEU P 167 6.36 -38.90 29.76
C LEU P 167 7.02 -38.83 28.39
N ASP P 168 6.37 -38.22 27.41
CA ASP P 168 6.96 -38.13 26.08
C ASP P 168 8.12 -37.14 26.06
N GLU P 169 8.03 -36.07 26.85
CA GLU P 169 9.13 -35.12 26.95
C GLU P 169 10.40 -35.80 27.42
N GLU P 170 10.30 -36.69 28.41
CA GLU P 170 11.48 -37.37 28.92
C GLU P 170 12.02 -38.38 27.91
N VAL P 171 11.14 -39.11 27.25
CA VAL P 171 11.56 -40.08 26.23
C VAL P 171 12.32 -39.37 25.12
N LYS P 172 11.81 -38.22 24.68
CA LYS P 172 12.47 -37.46 23.62
C LYS P 172 13.83 -36.95 24.08
N LEU P 173 13.90 -36.44 25.30
CA LEU P 173 15.14 -35.88 25.80
C LEU P 173 16.19 -36.94 26.02
N ILE P 174 15.79 -38.10 26.56
CA ILE P 174 16.73 -39.19 26.77
C ILE P 174 17.26 -39.70 25.44
N LYS P 175 16.42 -39.70 24.40
CA LYS P 175 16.86 -40.06 23.06
C LYS P 175 17.91 -39.10 22.54
N LYS P 176 17.67 -37.78 22.70
CA LYS P 176 18.61 -36.78 22.22
C LYS P 176 19.94 -36.88 22.95
N MET P 177 19.91 -37.08 24.26
CA MET P 177 21.15 -37.24 25.01
C MET P 177 21.91 -38.49 24.57
N GLY P 178 21.19 -39.57 24.30
CA GLY P 178 21.83 -40.76 23.79
C GLY P 178 22.47 -40.53 22.44
N ASP P 179 21.82 -39.76 21.58
CA ASP P 179 22.41 -39.40 20.30
C ASP P 179 23.68 -38.57 20.50
N HIS P 180 23.65 -37.62 21.42
CA HIS P 180 24.82 -36.81 21.71
C HIS P 180 25.98 -37.66 22.22
N LEU P 181 25.68 -38.61 23.12
CA LEU P 181 26.72 -39.46 23.67
C LEU P 181 27.35 -40.34 22.60
N THR P 182 26.55 -40.82 21.65
CA THR P 182 27.08 -41.64 20.57
C THR P 182 28.02 -40.84 19.69
N ASN P 183 27.62 -39.62 19.34
CA ASN P 183 28.48 -38.76 18.53
C ASN P 183 29.74 -38.35 19.28
N LEU P 184 29.62 -38.09 20.59
CA LEU P 184 30.79 -37.74 21.39
C LEU P 184 31.76 -38.91 21.47
N HIS P 185 31.23 -40.13 21.59
CA HIS P 185 32.09 -41.31 21.58
C HIS P 185 32.72 -41.51 20.21
N ARG P 186 31.98 -41.22 19.14
CA ARG P 186 32.52 -41.28 17.79
C ARG P 186 33.65 -40.27 17.62
N LEU P 187 33.52 -39.10 18.23
CA LEU P 187 34.52 -38.05 18.17
C LEU P 187 35.59 -38.18 19.25
N GLY P 188 35.67 -39.31 19.93
CA GLY P 188 36.62 -39.52 20.99
C GLY P 188 38.00 -39.86 20.46
N GLY P 189 38.81 -40.46 21.33
CA GLY P 189 40.15 -40.87 20.98
C GLY P 189 41.19 -39.83 21.36
N PRO P 190 42.38 -39.91 20.76
CA PRO P 190 43.41 -38.90 21.07
C PRO P 190 43.08 -37.51 20.54
N GLU P 191 42.13 -37.39 19.61
CA GLU P 191 41.63 -36.10 19.14
C GLU P 191 40.39 -35.65 19.92
N ALA P 192 40.29 -36.02 21.20
CA ALA P 192 39.08 -35.77 21.96
C ALA P 192 38.81 -34.28 22.11
N GLY P 193 39.85 -33.48 22.34
CA GLY P 193 39.66 -32.04 22.44
C GLY P 193 39.14 -31.43 21.15
N LEU P 194 39.71 -31.84 20.03
CA LEU P 194 39.19 -31.44 18.73
C LEU P 194 37.75 -31.89 18.55
N GLY P 195 37.45 -33.14 18.94
CA GLY P 195 36.09 -33.62 18.85
C GLY P 195 35.13 -32.84 19.72
N GLU P 196 35.57 -32.47 20.93
CA GLU P 196 34.73 -31.70 21.83
C GLU P 196 34.40 -30.34 21.24
N TYR P 197 35.39 -29.69 20.63
CA TYR P 197 35.18 -28.40 19.99
C TYR P 197 34.19 -28.51 18.82
N LEU P 198 34.38 -29.51 17.96
CA LEU P 198 33.52 -29.66 16.79
C LEU P 198 32.09 -30.01 17.18
N PHE P 199 31.92 -30.85 18.21
CA PHE P 199 30.57 -31.16 18.68
C PHE P 199 29.84 -29.90 19.12
N GLU P 200 30.51 -29.07 19.93
CA GLU P 200 29.91 -27.84 20.42
C GLU P 200 29.60 -26.88 19.28
N ARG P 201 30.50 -26.81 18.29
CA ARG P 201 30.33 -25.88 17.18
C ARG P 201 29.22 -26.32 16.22
N LEU P 202 29.17 -27.60 15.88
CA LEU P 202 28.36 -28.08 14.77
C LEU P 202 27.09 -28.83 15.16
N THR P 203 26.97 -29.30 16.40
CA THR P 203 25.74 -29.91 16.91
C THR P 203 25.01 -29.02 17.90
N LEU P 204 25.71 -28.46 18.87
CA LEU P 204 25.09 -27.70 19.95
C LEU P 204 25.11 -26.19 19.73
N ARG P 205 25.80 -25.70 18.71
CA ARG P 205 25.98 -24.26 18.51
C ARG P 205 26.69 -23.65 19.71
N SER Q 34 21.75 -53.95 24.38
CA SER Q 34 21.76 -53.17 25.61
C SER Q 34 21.74 -51.68 25.27
N SER Q 35 20.59 -51.22 24.78
CA SER Q 35 20.47 -49.82 24.38
C SER Q 35 20.59 -48.92 25.62
N GLN Q 36 21.41 -47.88 25.49
CA GLN Q 36 21.66 -46.98 26.61
C GLN Q 36 20.40 -46.22 27.03
N ILE Q 37 19.50 -45.94 26.09
CA ILE Q 37 18.30 -45.16 26.38
C ILE Q 37 17.13 -46.00 26.86
N ARG Q 38 17.19 -47.32 26.71
CA ARG Q 38 16.04 -48.17 26.96
C ARG Q 38 15.68 -48.17 28.43
N GLN Q 39 14.41 -47.89 28.71
CA GLN Q 39 13.93 -47.82 30.08
C GLN Q 39 12.49 -48.30 30.12
N ASN Q 40 12.28 -49.46 30.75
CA ASN Q 40 10.96 -50.06 30.91
C ASN Q 40 10.25 -50.25 29.58
N TYR Q 41 10.98 -50.81 28.61
CA TYR Q 41 10.46 -51.13 27.28
C TYR Q 41 10.58 -52.64 27.09
N SER Q 42 9.46 -53.33 27.22
CA SER Q 42 9.42 -54.78 27.14
C SER Q 42 9.81 -55.28 25.75
N THR Q 43 10.52 -56.41 25.72
CA THR Q 43 10.81 -57.08 24.47
C THR Q 43 9.55 -57.59 23.78
N ASP Q 44 8.54 -57.99 24.56
CA ASP Q 44 7.26 -58.37 24.00
C ASP Q 44 6.62 -57.20 23.27
N VAL Q 45 6.68 -56.00 23.86
CA VAL Q 45 6.15 -54.81 23.22
C VAL Q 45 6.97 -54.47 21.98
N GLU Q 46 8.30 -54.56 22.08
CA GLU Q 46 9.18 -54.30 20.95
C GLU Q 46 8.82 -55.19 19.75
N ALA Q 47 8.61 -56.48 20.02
CA ALA Q 47 8.26 -57.40 18.95
C ALA Q 47 6.88 -57.10 18.38
N ALA Q 48 5.91 -56.84 19.25
CA ALA Q 48 4.55 -56.52 18.79
C ALA Q 48 4.51 -55.26 17.96
N VAL Q 49 5.36 -54.27 18.26
CA VAL Q 49 5.43 -53.07 17.47
C VAL Q 49 5.93 -53.39 16.06
N ASN Q 50 6.97 -54.22 15.96
CA ASN Q 50 7.50 -54.59 14.66
C ASN Q 50 6.49 -55.39 13.84
N SER Q 51 5.69 -56.23 14.50
CA SER Q 51 4.63 -56.94 13.80
C SER Q 51 3.56 -55.97 13.30
N LEU Q 52 3.23 -54.96 14.10
CA LEU Q 52 2.28 -53.94 13.67
C LEU Q 52 2.82 -53.09 12.54
N VAL Q 53 4.13 -52.85 12.53
CA VAL Q 53 4.76 -52.16 11.39
C VAL Q 53 4.55 -52.98 10.11
N ASN Q 54 4.70 -54.30 10.20
CA ASN Q 54 4.49 -55.15 9.04
C ASN Q 54 3.05 -55.11 8.57
N LEU Q 55 2.10 -55.16 9.50
CA LEU Q 55 0.69 -55.10 9.16
C LEU Q 55 0.34 -53.79 8.48
N TYR Q 56 0.97 -52.69 8.91
CA TYR Q 56 0.71 -51.39 8.28
C TYR Q 56 1.37 -51.30 6.92
N LEU Q 57 2.57 -51.86 6.77
CA LEU Q 57 3.19 -51.96 5.46
C LEU Q 57 2.32 -52.74 4.49
N GLN Q 58 1.78 -53.87 4.96
CA GLN Q 58 0.87 -54.67 4.15
C GLN Q 58 -0.41 -53.92 3.83
N ALA Q 59 -0.91 -53.13 4.78
CA ALA Q 59 -2.13 -52.36 4.55
C ALA Q 59 -1.92 -51.29 3.49
N SER Q 60 -0.80 -50.56 3.57
CA SER Q 60 -0.47 -49.57 2.56
C SER Q 60 -0.37 -50.21 1.19
N TYR Q 61 0.23 -51.40 1.11
CA TYR Q 61 0.40 -52.08 -0.15
C TYR Q 61 -0.93 -52.53 -0.73
N THR Q 62 -1.85 -52.97 0.12
CA THR Q 62 -3.20 -53.33 -0.33
C THR Q 62 -3.94 -52.12 -0.88
N TYR Q 63 -3.81 -50.96 -0.23
CA TYR Q 63 -4.47 -49.76 -0.71
C TYR Q 63 -3.79 -49.21 -1.97
N LEU Q 64 -2.50 -49.47 -2.15
CA LEU Q 64 -1.85 -49.16 -3.41
C LEU Q 64 -2.52 -49.92 -4.56
N SER Q 65 -2.72 -51.23 -4.38
CA SER Q 65 -3.36 -52.04 -5.40
C SER Q 65 -4.79 -51.61 -5.65
N LEU Q 66 -5.53 -51.30 -4.60
CA LEU Q 66 -6.90 -50.83 -4.74
C LEU Q 66 -6.96 -49.54 -5.54
N GLY Q 67 -6.06 -48.59 -5.24
CA GLY Q 67 -6.08 -47.31 -5.92
C GLY Q 67 -5.81 -47.42 -7.41
N PHE Q 68 -4.88 -48.29 -7.79
CA PHE Q 68 -4.52 -48.45 -9.19
C PHE Q 68 -5.49 -49.35 -9.94
N TYR Q 69 -6.20 -50.23 -9.23
CA TYR Q 69 -7.27 -50.99 -9.85
C TYR Q 69 -8.40 -50.08 -10.32
N PHE Q 70 -8.79 -49.12 -9.48
CA PHE Q 70 -9.85 -48.18 -9.84
C PHE Q 70 -9.37 -47.07 -10.77
N ASP Q 71 -8.07 -47.01 -11.08
CA ASP Q 71 -7.52 -46.18 -12.14
C ASP Q 71 -7.46 -46.91 -13.48
N ARG Q 72 -7.78 -48.21 -13.51
CA ARG Q 72 -7.84 -48.95 -14.77
C ARG Q 72 -8.89 -48.35 -15.69
N ASP Q 73 -8.64 -48.47 -17.00
CA ASP Q 73 -9.55 -47.89 -17.98
C ASP Q 73 -10.91 -48.59 -17.97
N ASP Q 74 -10.94 -49.87 -17.63
CA ASP Q 74 -12.17 -50.64 -17.57
C ASP Q 74 -12.82 -50.65 -16.19
N VAL Q 75 -12.35 -49.79 -15.27
CA VAL Q 75 -13.02 -49.57 -13.99
C VAL Q 75 -13.38 -48.09 -13.93
N ALA Q 76 -12.36 -47.23 -13.97
CA ALA Q 76 -12.51 -45.81 -14.26
C ALA Q 76 -13.43 -45.11 -13.24
N LEU Q 77 -13.00 -45.16 -11.98
CA LEU Q 77 -13.66 -44.46 -10.89
C LEU Q 77 -12.59 -43.66 -10.15
N GLU Q 78 -12.46 -42.40 -10.54
CA GLU Q 78 -11.34 -41.57 -10.13
C GLU Q 78 -11.40 -41.27 -8.64
N GLY Q 79 -12.58 -40.92 -8.13
CA GLY Q 79 -12.71 -40.63 -6.72
C GLY Q 79 -12.42 -41.82 -5.83
N VAL Q 80 -12.76 -43.02 -6.31
CA VAL Q 80 -12.50 -44.23 -5.54
C VAL Q 80 -11.00 -44.50 -5.49
N SER Q 81 -10.30 -44.34 -6.63
CA SER Q 81 -8.86 -44.50 -6.66
C SER Q 81 -8.17 -43.52 -5.71
N HIS Q 82 -8.61 -42.26 -5.73
CA HIS Q 82 -8.01 -41.25 -4.87
C HIS Q 82 -8.28 -41.55 -3.40
N PHE Q 83 -9.46 -42.08 -3.09
CA PHE Q 83 -9.81 -42.44 -1.73
C PHE Q 83 -8.84 -43.48 -1.18
N PHE Q 84 -8.58 -44.53 -1.95
CA PHE Q 84 -7.68 -45.59 -1.51
C PHE Q 84 -6.22 -45.15 -1.58
N ARG Q 85 -5.86 -44.29 -2.52
CA ARG Q 85 -4.49 -43.79 -2.57
C ARG Q 85 -4.18 -42.92 -1.36
N GLU Q 86 -5.14 -42.14 -0.89
CA GLU Q 86 -4.93 -41.35 0.32
C GLU Q 86 -4.76 -42.25 1.53
N LEU Q 87 -5.47 -43.36 1.58
CA LEU Q 87 -5.35 -44.28 2.71
C LEU Q 87 -3.99 -44.96 2.73
N ALA Q 88 -3.43 -45.27 1.56
CA ALA Q 88 -2.09 -45.85 1.52
C ALA Q 88 -1.07 -44.91 2.15
N GLU Q 89 -1.23 -43.60 1.95
CA GLU Q 89 -0.36 -42.63 2.59
C GLU Q 89 -0.59 -42.56 4.08
N GLU Q 90 -1.85 -42.66 4.51
CA GLU Q 90 -2.15 -42.66 5.94
C GLU Q 90 -1.53 -43.86 6.64
N LYS Q 91 -1.59 -45.04 6.00
CA LYS Q 91 -0.93 -46.21 6.57
C LYS Q 91 0.59 -46.04 6.56
N ARG Q 92 1.11 -45.31 5.57
CA ARG Q 92 2.54 -45.07 5.51
C ARG Q 92 3.00 -44.19 6.67
N GLU Q 93 2.27 -43.12 6.94
CA GLU Q 93 2.55 -42.30 8.10
C GLU Q 93 2.37 -43.08 9.40
N GLY Q 94 1.54 -44.12 9.39
CA GLY Q 94 1.39 -45.00 10.52
C GLY Q 94 2.65 -45.73 10.89
N TYR Q 95 3.20 -46.55 9.97
CA TYR Q 95 4.38 -47.33 10.32
C TYR Q 95 5.61 -46.46 10.48
N GLU Q 96 5.64 -45.29 9.85
CA GLU Q 96 6.75 -44.36 10.07
C GLU Q 96 6.71 -43.81 11.50
N ARG Q 97 5.52 -43.48 11.99
CA ARG Q 97 5.38 -43.06 13.38
C ARG Q 97 5.77 -44.18 14.34
N LEU Q 98 5.37 -45.41 14.04
CA LEU Q 98 5.75 -46.56 14.86
C LEU Q 98 7.26 -46.76 14.89
N LEU Q 99 7.92 -46.64 13.73
CA LEU Q 99 9.35 -46.84 13.67
C LEU Q 99 10.10 -45.73 14.40
N LYS Q 100 9.61 -44.48 14.31
CA LYS Q 100 10.17 -43.39 15.09
C LYS Q 100 10.07 -43.69 16.59
N MET Q 101 8.90 -44.14 17.04
CA MET Q 101 8.71 -44.47 18.45
C MET Q 101 9.63 -45.60 18.88
N GLN Q 102 9.77 -46.62 18.04
CA GLN Q 102 10.64 -47.75 18.34
C GLN Q 102 12.05 -47.28 18.62
N ASN Q 103 12.57 -46.35 17.83
CA ASN Q 103 13.91 -45.83 18.05
C ASN Q 103 13.95 -44.92 19.27
N GLN Q 104 12.89 -44.13 19.50
CA GLN Q 104 12.85 -43.27 20.69
C GLN Q 104 12.96 -44.07 21.97
N ARG Q 105 12.37 -45.27 22.01
CA ARG Q 105 12.35 -46.10 23.20
C ARG Q 105 13.53 -47.07 23.28
N GLY Q 106 14.46 -47.01 22.34
CA GLY Q 106 15.58 -47.91 22.34
C GLY Q 106 15.30 -49.30 21.81
N GLY Q 107 14.18 -49.49 21.13
CA GLY Q 107 13.91 -50.73 20.44
C GLY Q 107 14.56 -50.76 19.08
N ARG Q 108 14.53 -51.95 18.48
CA ARG Q 108 15.23 -52.20 17.23
C ARG Q 108 14.26 -52.73 16.19
N ALA Q 109 14.14 -52.01 15.09
CA ALA Q 109 13.26 -52.40 13.99
C ALA Q 109 13.77 -53.66 13.33
N LEU Q 110 12.86 -54.62 13.11
CA LEU Q 110 13.16 -55.85 12.39
C LEU Q 110 12.12 -55.99 11.29
N PHE Q 111 12.57 -55.86 10.05
CA PHE Q 111 11.69 -55.84 8.90
C PHE Q 111 11.59 -57.24 8.31
N GLN Q 112 10.35 -57.64 8.00
CA GLN Q 112 10.04 -58.90 7.36
C GLN Q 112 9.44 -58.64 5.99
N ASP Q 113 9.29 -59.72 5.22
CA ASP Q 113 8.69 -59.63 3.91
C ASP Q 113 7.26 -59.11 4.00
N ILE Q 114 6.89 -58.25 3.06
CA ILE Q 114 5.54 -57.67 3.00
C ILE Q 114 4.72 -58.52 2.04
N LYS Q 115 3.69 -59.16 2.55
CA LYS Q 115 2.85 -60.03 1.75
C LYS Q 115 2.07 -59.22 0.72
N LYS Q 116 1.88 -59.80 -0.45
CA LYS Q 116 1.10 -59.16 -1.48
C LYS Q 116 -0.37 -59.07 -1.05
N PRO Q 117 -1.15 -58.19 -1.69
CA PRO Q 117 -2.57 -58.12 -1.37
C PRO Q 117 -3.28 -59.43 -1.70
N ALA Q 118 -4.36 -59.68 -0.97
CA ALA Q 118 -5.10 -60.93 -1.11
C ALA Q 118 -5.77 -61.07 -2.47
N GLU Q 119 -6.03 -59.96 -3.16
CA GLU Q 119 -6.69 -59.97 -4.45
C GLU Q 119 -5.90 -59.11 -5.43
N ASP Q 120 -5.96 -59.52 -6.70
CA ASP Q 120 -5.46 -58.71 -7.81
C ASP Q 120 -6.55 -57.83 -8.38
N GLU Q 121 -7.77 -58.33 -8.45
CA GLU Q 121 -8.95 -57.58 -8.89
C GLU Q 121 -9.91 -57.45 -7.72
N TRP Q 122 -10.39 -56.22 -7.50
CA TRP Q 122 -11.17 -55.88 -6.31
C TRP Q 122 -12.65 -55.67 -6.61
N GLY Q 123 -13.12 -56.07 -7.79
CA GLY Q 123 -14.54 -55.99 -8.08
C GLY Q 123 -15.04 -54.56 -8.17
N LYS Q 124 -16.23 -54.35 -7.63
CA LYS Q 124 -16.90 -53.06 -7.64
C LYS Q 124 -16.67 -52.34 -6.33
N THR Q 125 -17.09 -51.07 -6.29
CA THR Q 125 -16.84 -50.22 -5.14
C THR Q 125 -17.39 -50.78 -3.83
N PRO Q 126 -18.58 -51.37 -3.76
CA PRO Q 126 -19.00 -51.98 -2.49
C PRO Q 126 -18.09 -53.12 -2.05
N ASP Q 127 -17.63 -53.96 -2.97
CA ASP Q 127 -16.74 -55.06 -2.61
C ASP Q 127 -15.40 -54.53 -2.11
N ALA Q 128 -14.88 -53.48 -2.74
CA ALA Q 128 -13.62 -52.90 -2.34
C ALA Q 128 -13.72 -52.22 -0.98
N MET Q 129 -14.79 -51.47 -0.75
CA MET Q 129 -14.98 -50.81 0.53
C MET Q 129 -15.13 -51.82 1.66
N LYS Q 130 -15.80 -52.94 1.38
CA LYS Q 130 -15.94 -53.99 2.40
C LYS Q 130 -14.59 -54.60 2.74
N ALA Q 131 -13.72 -54.78 1.74
CA ALA Q 131 -12.38 -55.29 2.01
C ALA Q 131 -11.55 -54.30 2.79
N ALA Q 132 -11.65 -53.01 2.45
CA ALA Q 132 -10.96 -51.99 3.22
C ALA Q 132 -11.49 -51.90 4.63
N MET Q 133 -12.80 -52.09 4.82
CA MET Q 133 -13.39 -52.13 6.15
C MET Q 133 -12.79 -53.26 6.97
N ALA Q 134 -12.73 -54.46 6.40
CA ALA Q 134 -12.17 -55.60 7.11
C ALA Q 134 -10.71 -55.40 7.44
N LEU Q 135 -9.97 -54.73 6.55
CA LEU Q 135 -8.56 -54.45 6.81
C LEU Q 135 -8.39 -53.50 7.99
N GLU Q 136 -9.16 -52.42 8.01
CA GLU Q 136 -9.04 -51.45 9.10
C GLU Q 136 -9.47 -52.06 10.43
N LYS Q 137 -10.46 -52.94 10.42
CA LYS Q 137 -10.85 -53.63 11.66
C LYS Q 137 -9.75 -54.54 12.15
N LYS Q 138 -9.04 -55.21 11.23
CA LYS Q 138 -7.89 -56.03 11.61
C LYS Q 138 -6.78 -55.18 12.21
N LEU Q 139 -6.51 -54.02 11.60
CA LEU Q 139 -5.54 -53.09 12.16
C LEU Q 139 -5.97 -52.59 13.53
N ASN Q 140 -7.26 -52.27 13.67
CA ASN Q 140 -7.77 -51.80 14.94
C ASN Q 140 -7.64 -52.85 16.02
N GLN Q 141 -7.90 -54.11 15.68
CA GLN Q 141 -7.78 -55.18 16.66
C GLN Q 141 -6.33 -55.38 17.08
N ALA Q 142 -5.39 -55.21 16.15
CA ALA Q 142 -3.98 -55.29 16.50
C ALA Q 142 -3.56 -54.14 17.40
N LEU Q 143 -4.09 -52.94 17.15
CA LEU Q 143 -3.79 -51.79 17.99
C LEU Q 143 -4.31 -52.01 19.41
N LEU Q 144 -5.55 -52.50 19.53
CA LEU Q 144 -6.14 -52.73 20.84
C LEU Q 144 -5.40 -53.84 21.59
N ASP Q 145 -4.94 -54.85 20.87
CA ASP Q 145 -4.15 -55.90 21.50
C ASP Q 145 -2.80 -55.38 21.98
N LEU Q 146 -2.17 -54.50 21.20
CA LEU Q 146 -0.90 -53.91 21.63
C LEU Q 146 -1.10 -53.01 22.84
N HIS Q 147 -2.19 -52.25 22.87
CA HIS Q 147 -2.52 -51.44 24.03
C HIS Q 147 -2.72 -52.32 25.26
N ALA Q 148 -3.43 -53.44 25.10
CA ALA Q 148 -3.63 -54.36 26.20
C ALA Q 148 -2.32 -54.97 26.66
N LEU Q 149 -1.41 -55.24 25.73
CA LEU Q 149 -0.09 -55.74 26.09
C LEU Q 149 0.70 -54.69 26.86
N GLY Q 150 0.68 -53.45 26.38
CA GLY Q 150 1.39 -52.39 27.06
C GLY Q 150 0.86 -52.13 28.46
N SER Q 151 -0.46 -52.24 28.63
CA SER Q 151 -1.05 -52.09 29.96
C SER Q 151 -0.60 -53.22 30.88
N ALA Q 152 -0.61 -54.46 30.37
CA ALA Q 152 -0.16 -55.60 31.17
C ALA Q 152 1.31 -55.47 31.56
N ARG Q 153 2.13 -54.91 30.67
CA ARG Q 153 3.54 -54.69 30.92
C ARG Q 153 3.82 -53.34 31.56
N THR Q 154 2.79 -52.54 31.84
CA THR Q 154 2.94 -51.24 32.49
C THR Q 154 3.85 -50.32 31.68
N ASP Q 155 3.39 -50.01 30.47
CA ASP Q 155 4.10 -49.15 29.52
C ASP Q 155 3.18 -47.99 29.16
N PRO Q 156 3.13 -46.94 29.99
CA PRO Q 156 2.17 -45.86 29.72
C PRO Q 156 2.52 -45.00 28.52
N HIS Q 157 3.80 -44.83 28.19
CA HIS Q 157 4.16 -44.09 26.99
C HIS Q 157 3.59 -44.75 25.74
N LEU Q 158 3.71 -46.08 25.65
CA LEU Q 158 3.15 -46.79 24.52
C LEU Q 158 1.65 -46.62 24.46
N CYS Q 159 0.97 -46.84 25.58
CA CYS Q 159 -0.49 -46.76 25.62
C CYS Q 159 -0.99 -45.39 25.20
N ASP Q 160 -0.35 -44.32 25.69
CA ASP Q 160 -0.75 -42.98 25.31
C ASP Q 160 -0.37 -42.67 23.88
N PHE Q 161 0.73 -43.26 23.39
CA PHE Q 161 1.15 -43.07 22.01
C PHE Q 161 0.10 -43.61 21.05
N LEU Q 162 -0.42 -44.80 21.33
CA LEU Q 162 -1.47 -45.36 20.50
C LEU Q 162 -2.77 -44.58 20.62
N GLU Q 163 -3.10 -44.14 21.83
CA GLU Q 163 -4.31 -43.36 22.06
C GLU Q 163 -4.26 -42.05 21.30
N THR Q 164 -3.09 -41.43 21.23
CA THR Q 164 -2.97 -40.09 20.66
C THR Q 164 -2.98 -40.13 19.14
N HIS Q 165 -2.37 -41.15 18.55
CA HIS Q 165 -2.06 -41.15 17.12
C HIS Q 165 -2.81 -42.20 16.30
N PHE Q 166 -3.30 -43.27 16.91
CA PHE Q 166 -3.82 -44.42 16.17
C PHE Q 166 -5.27 -44.75 16.47
N LEU Q 167 -5.66 -44.84 17.75
CA LEU Q 167 -6.95 -45.42 18.09
C LEU Q 167 -8.12 -44.59 17.57
N ASP Q 168 -8.06 -43.27 17.74
CA ASP Q 168 -9.15 -42.43 17.26
C ASP Q 168 -9.15 -42.34 15.74
N GLU Q 169 -7.97 -42.35 15.12
CA GLU Q 169 -7.88 -42.36 13.67
C GLU Q 169 -8.61 -43.55 13.07
N GLU Q 170 -8.45 -44.73 13.67
CA GLU Q 170 -9.09 -45.92 13.16
C GLU Q 170 -10.59 -45.89 13.38
N VAL Q 171 -11.03 -45.42 14.54
CA VAL Q 171 -12.45 -45.31 14.84
C VAL Q 171 -13.13 -44.37 13.84
N LYS Q 172 -12.49 -43.24 13.55
CA LYS Q 172 -13.04 -42.29 12.60
C LYS Q 172 -13.11 -42.89 11.20
N LEU Q 173 -12.05 -43.59 10.79
CA LEU Q 173 -12.00 -44.14 9.45
C LEU Q 173 -13.02 -45.27 9.27
N ILE Q 174 -13.15 -46.13 10.28
CA ILE Q 174 -14.12 -47.21 10.21
C ILE Q 174 -15.53 -46.66 10.15
N LYS Q 175 -15.78 -45.54 10.84
CA LYS Q 175 -17.07 -44.88 10.77
C LYS Q 175 -17.35 -44.37 9.36
N LYS Q 176 -16.36 -43.72 8.75
CA LYS Q 176 -16.54 -43.18 7.39
C LYS Q 176 -16.78 -44.29 6.38
N MET Q 177 -16.05 -45.39 6.49
CA MET Q 177 -16.26 -46.52 5.59
C MET Q 177 -17.65 -47.12 5.77
N GLY Q 178 -18.10 -47.21 7.02
CA GLY Q 178 -19.46 -47.68 7.27
C GLY Q 178 -20.50 -46.76 6.67
N ASP Q 179 -20.28 -45.45 6.72
CA ASP Q 179 -21.18 -44.51 6.08
C ASP Q 179 -21.18 -44.72 4.57
N HIS Q 180 -20.01 -44.92 3.97
CA HIS Q 180 -19.91 -45.16 2.54
C HIS Q 180 -20.65 -46.44 2.15
N LEU Q 181 -20.49 -47.50 2.93
CA LEU Q 181 -21.16 -48.76 2.62
C LEU Q 181 -22.67 -48.64 2.72
N THR Q 182 -23.16 -47.86 3.66
CA THR Q 182 -24.61 -47.66 3.79
C THR Q 182 -25.16 -46.92 2.58
N ASN Q 183 -24.48 -45.87 2.14
CA ASN Q 183 -24.91 -45.12 0.97
C ASN Q 183 -24.79 -45.97 -0.29
N LEU Q 184 -23.74 -46.78 -0.40
CA LEU Q 184 -23.60 -47.65 -1.56
C LEU Q 184 -24.70 -48.70 -1.61
N HIS Q 185 -25.09 -49.22 -0.44
CA HIS Q 185 -26.22 -50.15 -0.39
C HIS Q 185 -27.52 -49.45 -0.72
N ARG Q 186 -27.66 -48.20 -0.28
CA ARG Q 186 -28.84 -47.40 -0.62
C ARG Q 186 -28.91 -47.16 -2.13
N LEU Q 187 -27.76 -46.98 -2.77
CA LEU Q 187 -27.67 -46.77 -4.20
C LEU Q 187 -27.57 -48.07 -5.00
N GLY Q 188 -27.85 -49.20 -4.37
CA GLY Q 188 -27.76 -50.49 -5.04
C GLY Q 188 -28.97 -50.78 -5.89
N GLY Q 189 -29.16 -52.06 -6.18
CA GLY Q 189 -30.28 -52.51 -6.97
C GLY Q 189 -29.93 -52.66 -8.43
N PRO Q 190 -30.95 -52.68 -9.31
CA PRO Q 190 -30.65 -52.79 -10.75
C PRO Q 190 -30.03 -51.54 -11.34
N GLU Q 191 -30.08 -50.40 -10.64
CA GLU Q 191 -29.37 -49.19 -11.03
C GLU Q 191 -28.00 -49.08 -10.35
N ALA Q 192 -27.36 -50.22 -10.09
CA ALA Q 192 -26.12 -50.21 -9.31
C ALA Q 192 -25.01 -49.44 -10.03
N GLY Q 193 -24.91 -49.60 -11.35
CA GLY Q 193 -23.90 -48.86 -12.10
C GLY Q 193 -24.11 -47.36 -12.00
N LEU Q 194 -25.35 -46.93 -12.17
CA LEU Q 194 -25.70 -45.53 -11.98
C LEU Q 194 -25.38 -45.08 -10.55
N GLY Q 195 -25.72 -45.90 -9.57
CA GLY Q 195 -25.39 -45.57 -8.19
C GLY Q 195 -23.90 -45.47 -7.95
N GLU Q 196 -23.13 -46.38 -8.55
CA GLU Q 196 -21.68 -46.35 -8.41
C GLU Q 196 -21.09 -45.06 -8.97
N TYR Q 197 -21.58 -44.63 -10.13
CA TYR Q 197 -21.13 -43.38 -10.73
C TYR Q 197 -21.46 -42.17 -9.86
N LEU Q 198 -22.70 -42.12 -9.37
CA LEU Q 198 -23.12 -40.97 -8.56
C LEU Q 198 -22.38 -40.91 -7.24
N PHE Q 199 -22.12 -42.06 -6.61
CA PHE Q 199 -21.34 -42.07 -5.37
C PHE Q 199 -19.96 -41.49 -5.59
N GLU Q 200 -19.28 -41.93 -6.65
CA GLU Q 200 -17.95 -41.43 -6.95
C GLU Q 200 -17.97 -39.95 -7.27
N ARG Q 201 -19.00 -39.49 -7.98
CA ARG Q 201 -19.07 -38.09 -8.39
C ARG Q 201 -19.41 -37.17 -7.23
N LEU Q 202 -20.37 -37.56 -6.38
CA LEU Q 202 -20.96 -36.64 -5.41
C LEU Q 202 -20.54 -36.85 -3.97
N THR Q 203 -19.95 -38.00 -3.63
CA THR Q 203 -19.39 -38.24 -2.29
C THR Q 203 -17.87 -38.26 -2.29
N LEU Q 204 -17.26 -38.98 -3.23
CA LEU Q 204 -15.81 -39.18 -3.25
C LEU Q 204 -15.07 -38.24 -4.19
N ARG Q 205 -15.77 -37.45 -4.99
CA ARG Q 205 -15.14 -36.62 -6.01
C ARG Q 205 -14.35 -37.49 -6.99
N SER R 34 61.30 -14.74 1.50
CA SER R 34 61.01 -15.29 0.18
C SER R 34 59.50 -15.51 0.05
N SER R 35 58.76 -14.41 -0.05
CA SER R 35 57.32 -14.51 -0.16
C SER R 35 56.92 -15.19 -1.46
N GLN R 36 56.01 -16.16 -1.37
CA GLN R 36 55.60 -16.92 -2.54
C GLN R 36 54.89 -16.05 -3.57
N ILE R 37 54.20 -14.99 -3.13
CA ILE R 37 53.42 -14.15 -4.04
C ILE R 37 54.23 -13.00 -4.62
N ARG R 38 55.40 -12.72 -4.09
CA ARG R 38 56.14 -11.52 -4.47
C ARG R 38 56.61 -11.61 -5.91
N GLN R 39 56.30 -10.58 -6.68
CA GLN R 39 56.65 -10.55 -8.10
C GLN R 39 56.93 -9.11 -8.49
N ASN R 40 58.20 -8.83 -8.78
CA ASN R 40 58.65 -7.51 -9.22
C ASN R 40 58.27 -6.42 -8.22
N TYR R 41 58.55 -6.69 -6.95
CA TYR R 41 58.32 -5.75 -5.85
C TYR R 41 59.66 -5.46 -5.20
N SER R 42 60.22 -4.29 -5.52
CA SER R 42 61.53 -3.89 -5.03
C SER R 42 61.56 -3.74 -3.51
N THR R 43 62.68 -4.12 -2.92
CA THR R 43 62.90 -3.88 -1.50
C THR R 43 62.98 -2.39 -1.19
N ASP R 44 63.50 -1.59 -2.11
CA ASP R 44 63.49 -0.15 -1.95
C ASP R 44 62.07 0.39 -1.87
N VAL R 45 61.18 -0.12 -2.72
CA VAL R 45 59.78 0.28 -2.67
C VAL R 45 59.13 -0.20 -1.38
N GLU R 46 59.42 -1.44 -0.98
CA GLU R 46 58.88 -1.99 0.26
C GLU R 46 59.25 -1.11 1.45
N ALA R 47 60.51 -0.69 1.52
CA ALA R 47 60.95 0.16 2.62
C ALA R 47 60.31 1.54 2.55
N ALA R 48 60.24 2.13 1.36
CA ALA R 48 59.62 3.45 1.20
C ALA R 48 58.15 3.43 1.57
N VAL R 49 57.45 2.33 1.31
CA VAL R 49 56.06 2.21 1.70
C VAL R 49 55.94 2.23 3.22
N ASN R 50 56.79 1.48 3.91
CA ASN R 50 56.75 1.46 5.36
C ASN R 50 57.08 2.81 5.96
N SER R 51 57.99 3.56 5.34
CA SER R 51 58.27 4.92 5.80
C SER R 51 57.07 5.83 5.59
N LEU R 52 56.37 5.66 4.47
CA LEU R 52 55.16 6.45 4.21
C LEU R 52 54.04 6.07 5.18
N VAL R 53 53.98 4.80 5.58
CA VAL R 53 53.02 4.39 6.60
C VAL R 53 53.30 5.13 7.90
N ASN R 54 54.57 5.27 8.27
CA ASN R 54 54.93 6.00 9.48
C ASN R 54 54.55 7.47 9.38
N LEU R 55 54.81 8.09 8.23
CA LEU R 55 54.46 9.49 8.02
C LEU R 55 52.96 9.71 8.13
N TYR R 56 52.17 8.75 7.64
CA TYR R 56 50.71 8.87 7.74
C TYR R 56 50.23 8.62 9.16
N LEU R 57 50.85 7.70 9.88
CA LEU R 57 50.55 7.51 11.29
C LEU R 57 50.84 8.78 12.07
N GLN R 58 51.98 9.41 11.79
CA GLN R 58 52.33 10.67 12.43
C GLN R 58 51.36 11.78 12.05
N ALA R 59 50.90 11.80 10.80
CA ALA R 59 49.96 12.81 10.35
C ALA R 59 48.62 12.67 11.05
N SER R 60 48.10 11.44 11.16
CA SER R 60 46.87 11.20 11.90
C SER R 60 46.99 11.64 13.34
N TYR R 61 48.15 11.38 13.96
CA TYR R 61 48.37 11.76 15.35
C TYR R 61 48.41 13.26 15.53
N THR R 62 48.99 13.98 14.57
CA THR R 62 49.01 15.43 14.61
C THR R 62 47.60 16.01 14.49
N TYR R 63 46.78 15.43 13.62
CA TYR R 63 45.42 15.90 13.47
C TYR R 63 44.55 15.51 14.66
N LEU R 64 44.88 14.42 15.36
CA LEU R 64 44.24 14.11 16.62
C LEU R 64 44.45 15.23 17.63
N SER R 65 45.71 15.68 17.77
CA SER R 65 46.03 16.75 18.70
C SER R 65 45.36 18.06 18.30
N LEU R 66 45.35 18.37 17.00
CA LEU R 66 44.70 19.58 16.52
C LEU R 66 43.20 19.56 16.84
N GLY R 67 42.55 18.43 16.61
CA GLY R 67 41.12 18.33 16.84
C GLY R 67 40.73 18.54 18.29
N PHE R 68 41.52 17.98 19.21
CA PHE R 68 41.22 18.10 20.63
C PHE R 68 41.68 19.42 21.22
N TYR R 69 42.66 20.08 20.58
CA TYR R 69 43.02 21.43 20.99
C TYR R 69 41.87 22.41 20.74
N PHE R 70 41.21 22.30 19.59
CA PHE R 70 40.09 23.17 19.27
C PHE R 70 38.79 22.74 19.94
N ASP R 71 38.79 21.60 20.65
CA ASP R 71 37.72 21.20 21.55
C ASP R 71 37.93 21.71 22.97
N ARG R 72 39.08 22.32 23.26
CA ARG R 72 39.32 22.91 24.58
C ARG R 72 38.31 24.01 24.86
N ASP R 73 38.00 24.19 26.15
CA ASP R 73 37.01 25.18 26.54
C ASP R 73 37.49 26.60 26.26
N ASP R 74 38.80 26.83 26.31
CA ASP R 74 39.39 28.13 26.04
C ASP R 74 39.80 28.34 24.59
N VAL R 75 39.38 27.45 23.69
CA VAL R 75 39.54 27.64 22.25
C VAL R 75 38.15 27.61 21.63
N ALA R 76 37.45 26.48 21.79
CA ALA R 76 36.02 26.38 21.58
C ALA R 76 35.61 26.77 20.15
N LEU R 77 36.14 26.02 19.20
CA LEU R 77 35.80 26.15 17.79
C LEU R 77 35.45 24.76 17.28
N GLU R 78 34.16 24.47 17.30
CA GLU R 78 33.66 23.11 17.08
C GLU R 78 33.90 22.66 15.65
N GLY R 79 33.60 23.52 14.68
CA GLY R 79 33.82 23.17 13.29
C GLY R 79 35.27 22.93 12.96
N VAL R 80 36.17 23.66 13.60
CA VAL R 80 37.60 23.47 13.36
C VAL R 80 38.05 22.12 13.92
N SER R 81 37.59 21.77 15.12
CA SER R 81 37.90 20.47 15.71
C SER R 81 37.42 19.34 14.82
N HIS R 82 36.18 19.45 14.32
CA HIS R 82 35.62 18.42 13.46
C HIS R 82 36.38 18.31 12.15
N PHE R 83 36.83 19.44 11.61
CA PHE R 83 37.60 19.46 10.38
C PHE R 83 38.88 18.64 10.53
N PHE R 84 39.62 18.86 11.62
CA PHE R 84 40.86 18.14 11.85
C PHE R 84 40.62 16.71 12.29
N ARG R 85 39.53 16.45 13.00
CA ARG R 85 39.21 15.08 13.39
C ARG R 85 38.87 14.23 12.17
N GLU R 86 38.19 14.81 11.19
CA GLU R 86 37.91 14.08 9.96
C GLU R 86 39.19 13.78 9.19
N LEU R 87 40.15 14.68 9.22
CA LEU R 87 41.41 14.46 8.53
C LEU R 87 42.23 13.35 9.17
N ALA R 88 42.17 13.23 10.50
CA ALA R 88 42.85 12.13 11.19
C ALA R 88 42.33 10.79 10.70
N GLU R 89 41.03 10.69 10.44
CA GLU R 89 40.45 9.47 9.91
C GLU R 89 40.88 9.24 8.46
N GLU R 90 40.97 10.31 7.68
CA GLU R 90 41.43 10.17 6.30
C GLU R 90 42.87 9.68 6.25
N LYS R 91 43.74 10.19 7.12
CA LYS R 91 45.10 9.68 7.19
C LYS R 91 45.13 8.24 7.69
N ARG R 92 44.16 7.86 8.54
CA ARG R 92 44.09 6.49 9.02
C ARG R 92 43.74 5.53 7.90
N GLU R 93 42.75 5.89 7.09
CA GLU R 93 42.43 5.10 5.91
C GLU R 93 43.58 5.07 4.91
N GLY R 94 44.44 6.09 4.94
CA GLY R 94 45.64 6.10 4.14
C GLY R 94 46.61 5.00 4.46
N TYR R 95 47.11 4.94 5.70
CA TYR R 95 48.11 3.92 6.03
C TYR R 95 47.50 2.53 6.07
N GLU R 96 46.20 2.41 6.30
CA GLU R 96 45.55 1.10 6.22
C GLU R 96 45.53 0.60 4.78
N ARG R 97 45.26 1.49 3.82
CA ARG R 97 45.34 1.12 2.41
C ARG R 97 46.76 0.74 2.02
N LEU R 98 47.75 1.49 2.52
CA LEU R 98 49.14 1.17 2.25
C LEU R 98 49.52 -0.20 2.80
N LEU R 99 49.09 -0.49 4.03
CA LEU R 99 49.43 -1.78 4.65
C LEU R 99 48.74 -2.94 3.94
N LYS R 100 47.50 -2.74 3.49
CA LYS R 100 46.83 -3.75 2.66
C LYS R 100 47.61 -4.02 1.38
N MET R 101 48.06 -2.95 0.70
CA MET R 101 48.82 -3.10 -0.53
C MET R 101 50.14 -3.81 -0.26
N GLN R 102 50.80 -3.47 0.84
CA GLN R 102 52.07 -4.10 1.20
C GLN R 102 51.91 -5.62 1.30
N ASN R 103 50.83 -6.08 1.93
CA ASN R 103 50.58 -7.51 2.04
C ASN R 103 50.17 -8.12 0.71
N GLN R 104 49.39 -7.38 -0.10
CA GLN R 104 49.00 -7.88 -1.41
C GLN R 104 50.21 -8.17 -2.29
N ARG R 105 51.26 -7.36 -2.19
CA ARG R 105 52.46 -7.49 -3.01
C ARG R 105 53.52 -8.38 -2.39
N GLY R 106 53.25 -8.99 -1.24
CA GLY R 106 54.22 -9.83 -0.59
C GLY R 106 55.29 -9.08 0.18
N GLY R 107 55.09 -7.80 0.46
CA GLY R 107 55.97 -7.07 1.33
C GLY R 107 55.61 -7.27 2.78
N ARG R 108 56.49 -6.79 3.66
CA ARG R 108 56.38 -7.02 5.09
C ARG R 108 56.39 -5.70 5.82
N ALA R 109 55.31 -5.43 6.56
CA ALA R 109 55.19 -4.21 7.33
C ALA R 109 56.19 -4.19 8.47
N LEU R 110 56.89 -3.07 8.63
CA LEU R 110 57.83 -2.84 9.72
C LEU R 110 57.43 -1.53 10.39
N PHE R 111 56.94 -1.63 11.60
CA PHE R 111 56.41 -0.48 12.32
C PHE R 111 57.48 0.12 13.21
N GLN R 112 57.60 1.44 13.17
CA GLN R 112 58.51 2.21 14.00
C GLN R 112 57.71 3.10 14.94
N ASP R 113 58.43 3.71 15.88
CA ASP R 113 57.81 4.63 16.81
C ASP R 113 57.18 5.81 16.08
N ILE R 114 56.02 6.24 16.54
CA ILE R 114 55.29 7.36 15.96
C ILE R 114 55.64 8.60 16.77
N LYS R 115 56.30 9.56 16.13
CA LYS R 115 56.71 10.78 16.82
C LYS R 115 55.50 11.61 17.21
N LYS R 116 55.62 12.26 18.37
CA LYS R 116 54.56 13.14 18.83
C LYS R 116 54.44 14.35 17.90
N PRO R 117 53.30 15.05 17.94
CA PRO R 117 53.18 16.27 17.13
C PRO R 117 54.19 17.32 17.57
N ALA R 118 54.54 18.18 16.61
CA ALA R 118 55.57 19.19 16.83
C ALA R 118 55.14 20.24 17.85
N GLU R 119 53.84 20.42 18.06
CA GLU R 119 53.31 21.41 18.98
C GLU R 119 52.27 20.77 19.88
N ASP R 120 52.20 21.28 21.11
CA ASP R 120 51.12 20.95 22.04
C ASP R 120 49.97 21.92 21.91
N GLU R 121 50.26 23.20 21.69
CA GLU R 121 49.26 24.23 21.45
C GLU R 121 49.42 24.77 20.03
N TRP R 122 48.31 24.86 19.31
CA TRP R 122 48.31 25.16 17.89
C TRP R 122 47.83 26.57 17.57
N GLY R 123 47.73 27.44 18.57
CA GLY R 123 47.39 28.84 18.32
C GLY R 123 45.96 28.99 17.80
N LYS R 124 45.80 29.89 16.85
CA LYS R 124 44.52 30.21 16.25
C LYS R 124 44.34 29.45 14.95
N THR R 125 43.12 29.54 14.41
CA THR R 125 42.77 28.77 13.22
C THR R 125 43.68 29.03 12.02
N PRO R 126 44.11 30.26 11.72
CA PRO R 126 45.07 30.43 10.62
C PRO R 126 46.39 29.72 10.86
N ASP R 127 46.90 29.75 12.09
CA ASP R 127 48.16 29.07 12.40
C ASP R 127 48.00 27.57 12.27
N ALA R 128 46.88 27.02 12.71
CA ALA R 128 46.63 25.59 12.63
C ALA R 128 46.48 25.15 11.18
N MET R 129 45.71 25.89 10.39
CA MET R 129 45.53 25.54 8.99
C MET R 129 46.83 25.60 8.23
N LYS R 130 47.70 26.56 8.55
CA LYS R 130 49.02 26.64 7.91
C LYS R 130 49.87 25.42 8.25
N ALA R 131 49.79 24.94 9.50
CA ALA R 131 50.53 23.75 9.88
C ALA R 131 49.98 22.52 9.17
N ALA R 132 48.66 22.41 9.08
CA ALA R 132 48.05 21.31 8.34
C ALA R 132 48.41 21.37 6.86
N MET R 133 48.48 22.58 6.30
CA MET R 133 48.91 22.75 4.92
C MET R 133 50.32 22.22 4.72
N ALA R 134 51.25 22.60 5.60
CA ALA R 134 52.63 22.15 5.50
C ALA R 134 52.73 20.64 5.66
N LEU R 135 51.89 20.06 6.50
CA LEU R 135 51.91 18.62 6.70
C LEU R 135 51.45 17.90 5.43
N GLU R 136 50.36 18.35 4.83
CA GLU R 136 49.86 17.71 3.62
C GLU R 136 50.83 17.85 2.45
N LYS R 137 51.53 18.98 2.37
CA LYS R 137 52.55 19.15 1.34
C LYS R 137 53.70 18.19 1.55
N LYS R 138 54.09 17.95 2.80
CA LYS R 138 55.13 16.97 3.10
C LYS R 138 54.68 15.56 2.72
N LEU R 139 53.43 15.23 3.02
CA LEU R 139 52.88 13.94 2.59
C LEU R 139 52.84 13.83 1.08
N ASN R 140 52.44 14.91 0.40
CA ASN R 140 52.38 14.91 -1.05
C ASN R 140 53.75 14.72 -1.66
N GLN R 141 54.77 15.36 -1.08
CA GLN R 141 56.12 15.21 -1.60
C GLN R 141 56.63 13.79 -1.41
N ALA R 142 56.26 13.14 -0.30
CA ALA R 142 56.63 11.75 -0.10
C ALA R 142 55.93 10.83 -1.09
N LEU R 143 54.66 11.12 -1.39
CA LEU R 143 53.93 10.33 -2.37
C LEU R 143 54.56 10.45 -3.75
N LEU R 144 54.90 11.68 -4.15
CA LEU R 144 55.50 11.90 -5.45
C LEU R 144 56.88 11.26 -5.55
N ASP R 145 57.63 11.27 -4.45
CA ASP R 145 58.93 10.60 -4.43
C ASP R 145 58.78 9.08 -4.54
N LEU R 146 57.76 8.52 -3.88
CA LEU R 146 57.53 7.08 -4.00
C LEU R 146 57.08 6.71 -5.41
N HIS R 147 56.25 7.54 -6.02
CA HIS R 147 55.87 7.32 -7.42
C HIS R 147 57.09 7.35 -8.32
N ALA R 148 57.99 8.32 -8.10
CA ALA R 148 59.21 8.40 -8.89
C ALA R 148 60.09 7.19 -8.66
N LEU R 149 60.13 6.68 -7.43
CA LEU R 149 60.89 5.47 -7.16
C LEU R 149 60.27 4.27 -7.86
N GLY R 150 58.95 4.13 -7.79
CA GLY R 150 58.29 3.03 -8.46
C GLY R 150 58.48 3.06 -9.97
N SER R 151 58.47 4.25 -10.55
CA SER R 151 58.73 4.39 -11.98
C SER R 151 60.16 3.98 -12.32
N ALA R 152 61.12 4.41 -11.51
CA ALA R 152 62.52 4.02 -11.74
C ALA R 152 62.71 2.52 -11.61
N ARG R 153 61.99 1.89 -10.69
CA ARG R 153 62.04 0.45 -10.49
C ARG R 153 61.05 -0.31 -11.36
N THR R 154 60.27 0.38 -12.19
CA THR R 154 59.32 -0.25 -13.11
C THR R 154 58.29 -1.07 -12.32
N ASP R 155 57.52 -0.37 -11.49
CA ASP R 155 56.48 -0.95 -10.65
C ASP R 155 55.15 -0.26 -10.98
N PRO R 156 54.47 -0.69 -12.04
CA PRO R 156 53.25 0.02 -12.45
C PRO R 156 52.08 -0.16 -11.52
N HIS R 157 51.97 -1.29 -10.81
CA HIS R 157 50.90 -1.45 -9.83
C HIS R 157 51.01 -0.40 -8.74
N LEU R 158 52.22 -0.18 -8.22
CA LEU R 158 52.42 0.83 -7.20
C LEU R 158 52.06 2.21 -7.72
N CYS R 159 52.57 2.56 -8.90
CA CYS R 159 52.33 3.89 -9.46
C CYS R 159 50.85 4.15 -9.68
N ASP R 160 50.11 3.17 -10.20
CA ASP R 160 48.68 3.35 -10.37
C ASP R 160 47.93 3.33 -9.05
N PHE R 161 48.45 2.59 -8.07
CA PHE R 161 47.84 2.55 -6.75
C PHE R 161 47.87 3.93 -6.10
N LEU R 162 49.01 4.62 -6.18
CA LEU R 162 49.12 5.97 -5.65
C LEU R 162 48.27 6.94 -6.45
N GLU R 163 48.25 6.80 -7.77
CA GLU R 163 47.46 7.68 -8.62
C GLU R 163 45.98 7.55 -8.31
N THR R 164 45.52 6.34 -8.02
CA THR R 164 44.10 6.09 -7.84
C THR R 164 43.60 6.54 -6.48
N HIS R 165 44.41 6.39 -5.44
CA HIS R 165 43.95 6.51 -4.07
C HIS R 165 44.55 7.68 -3.29
N PHE R 166 45.70 8.21 -3.70
CA PHE R 166 46.44 9.17 -2.89
C PHE R 166 46.67 10.51 -3.57
N LEU R 167 47.16 10.52 -4.82
CA LEU R 167 47.66 11.76 -5.41
C LEU R 167 46.56 12.80 -5.59
N ASP R 168 45.40 12.40 -6.10
CA ASP R 168 44.31 13.35 -6.30
C ASP R 168 43.70 13.77 -4.98
N GLU R 169 43.65 12.86 -4.01
CA GLU R 169 43.15 13.19 -2.68
C GLU R 169 43.96 14.31 -2.05
N GLU R 170 45.28 14.26 -2.19
CA GLU R 170 46.14 15.29 -1.61
C GLU R 170 45.99 16.61 -2.35
N VAL R 171 45.91 16.57 -3.69
CA VAL R 171 45.74 17.78 -4.47
C VAL R 171 44.44 18.48 -4.10
N LYS R 172 43.36 17.70 -3.94
CA LYS R 172 42.07 18.28 -3.55
C LYS R 172 42.14 18.88 -2.15
N LEU R 173 42.78 18.18 -1.22
CA LEU R 173 42.82 18.66 0.16
C LEU R 173 43.68 19.90 0.28
N ILE R 174 44.82 19.94 -0.41
CA ILE R 174 45.68 21.11 -0.38
C ILE R 174 44.97 22.31 -0.98
N LYS R 175 44.15 22.09 -2.00
CA LYS R 175 43.35 23.16 -2.59
C LYS R 175 42.35 23.70 -1.57
N LYS R 176 41.65 22.81 -0.87
CA LYS R 176 40.66 23.24 0.11
C LYS R 176 41.30 24.01 1.26
N MET R 177 42.45 23.55 1.74
CA MET R 177 43.17 24.28 2.80
C MET R 177 43.61 25.65 2.31
N GLY R 178 44.08 25.73 1.07
CA GLY R 178 44.43 27.02 0.50
C GLY R 178 43.24 27.96 0.42
N ASP R 179 42.07 27.43 0.06
CA ASP R 179 40.86 28.23 0.05
C ASP R 179 40.53 28.73 1.45
N HIS R 180 40.65 27.85 2.45
CA HIS R 180 40.39 28.24 3.84
C HIS R 180 41.33 29.34 4.29
N LEU R 181 42.62 29.21 3.96
CA LEU R 181 43.60 30.21 4.38
C LEU R 181 43.34 31.56 3.73
N THR R 182 42.88 31.56 2.48
CA THR R 182 42.56 32.81 1.80
C THR R 182 41.38 33.51 2.47
N ASN R 183 40.34 32.75 2.79
CA ASN R 183 39.18 33.32 3.47
C ASN R 183 39.54 33.77 4.89
N LEU R 184 40.39 33.01 5.59
CA LEU R 184 40.81 33.42 6.93
C LEU R 184 41.63 34.70 6.87
N HIS R 185 42.47 34.86 5.86
CA HIS R 185 43.22 36.10 5.69
C HIS R 185 42.29 37.24 5.32
N ARG R 186 41.26 36.96 4.52
CA ARG R 186 40.26 37.95 4.18
C ARG R 186 39.50 38.41 5.43
N LEU R 187 39.25 37.49 6.35
CA LEU R 187 38.56 37.76 7.59
C LEU R 187 39.50 38.20 8.71
N GLY R 188 40.74 38.55 8.40
CA GLY R 188 41.71 38.95 9.38
C GLY R 188 41.53 40.38 9.81
N GLY R 189 42.60 40.94 10.37
CA GLY R 189 42.61 42.32 10.81
C GLY R 189 42.27 42.45 12.28
N PRO R 190 41.86 43.66 12.71
CA PRO R 190 41.49 43.82 14.12
C PRO R 190 40.20 43.12 14.51
N GLU R 191 39.39 42.70 13.53
CA GLU R 191 38.22 41.88 13.77
C GLU R 191 38.52 40.39 13.63
N ALA R 192 39.74 39.97 13.94
CA ALA R 192 40.16 38.60 13.68
C ALA R 192 39.33 37.60 14.49
N GLY R 193 39.03 37.92 15.75
CA GLY R 193 38.20 37.03 16.55
C GLY R 193 36.82 36.85 15.96
N LEU R 194 36.21 37.95 15.55
CA LEU R 194 34.93 37.89 14.85
C LEU R 194 35.05 37.08 13.57
N GLY R 195 36.12 37.30 12.81
CA GLY R 195 36.34 36.52 11.60
C GLY R 195 36.51 35.04 11.88
N GLU R 196 37.23 34.71 12.95
CA GLU R 196 37.43 33.32 13.32
C GLU R 196 36.12 32.64 13.64
N TYR R 197 35.24 33.33 14.38
CA TYR R 197 33.93 32.79 14.72
C TYR R 197 33.09 32.57 13.48
N LEU R 198 33.05 33.56 12.58
CA LEU R 198 32.20 33.45 11.39
C LEU R 198 32.71 32.36 10.45
N PHE R 199 34.02 32.21 10.32
CA PHE R 199 34.57 31.14 9.48
C PHE R 199 34.12 29.78 10.01
N GLU R 200 34.24 29.56 11.32
CA GLU R 200 33.84 28.29 11.90
C GLU R 200 32.34 28.06 11.75
N ARG R 201 31.54 29.11 11.89
CA ARG R 201 30.09 28.98 11.83
C ARG R 201 29.61 28.74 10.40
N LEU R 202 30.14 29.47 9.42
CA LEU R 202 29.56 29.54 8.09
C LEU R 202 30.31 28.77 7.01
N THR R 203 31.57 28.40 7.24
CA THR R 203 32.32 27.54 6.33
C THR R 203 32.53 26.14 6.87
N LEU R 204 32.95 26.00 8.12
CA LEU R 204 33.30 24.71 8.70
C LEU R 204 32.19 24.08 9.51
N ARG R 205 31.09 24.78 9.77
CA ARG R 205 30.04 24.29 10.65
C ARG R 205 30.60 24.05 12.05
N SER S 34 -32.84 53.11 8.95
CA SER S 34 -33.57 52.27 9.89
C SER S 34 -33.33 50.80 9.57
N SER S 35 -32.11 50.34 9.85
CA SER S 35 -31.75 48.96 9.54
C SER S 35 -32.57 48.01 10.40
N GLN S 36 -33.14 46.99 9.77
CA GLN S 36 -33.99 46.04 10.47
C GLN S 36 -33.23 45.25 11.53
N ILE S 37 -31.94 45.00 11.31
CA ILE S 37 -31.15 44.19 12.22
C ILE S 37 -30.50 44.99 13.34
N ARG S 38 -30.48 46.31 13.24
CA ARG S 38 -29.71 47.14 14.17
C ARG S 38 -30.31 47.06 15.57
N GLN S 39 -29.46 46.75 16.54
CA GLN S 39 -29.90 46.60 17.92
C GLN S 39 -28.77 47.06 18.83
N ASN S 40 -28.99 48.19 19.50
CA ASN S 40 -28.05 48.76 20.46
C ASN S 40 -26.68 49.00 19.83
N TYR S 41 -26.70 49.62 18.65
CA TYR S 41 -25.48 49.99 17.91
C TYR S 41 -25.48 51.50 17.74
N SER S 42 -24.69 52.18 18.56
CA SER S 42 -24.62 53.63 18.58
C SER S 42 -24.11 54.19 17.26
N THR S 43 -24.68 55.34 16.87
CA THR S 43 -24.17 56.06 15.71
C THR S 43 -22.76 56.57 15.95
N ASP S 44 -22.44 56.93 17.20
CA ASP S 44 -21.06 57.31 17.53
C ASP S 44 -20.10 56.17 17.27
N VAL S 45 -20.49 54.96 17.66
CA VAL S 45 -19.66 53.78 17.40
C VAL S 45 -19.57 53.51 15.90
N GLU S 46 -20.69 53.62 15.19
CA GLU S 46 -20.71 53.42 13.75
C GLU S 46 -19.74 54.36 13.05
N ALA S 47 -19.74 55.63 13.44
CA ALA S 47 -18.83 56.60 12.84
C ALA S 47 -17.38 56.30 13.20
N ALA S 48 -17.12 55.98 14.47
CA ALA S 48 -15.75 55.67 14.90
C ALA S 48 -15.21 54.44 14.19
N VAL S 49 -16.05 53.47 13.90
CA VAL S 49 -15.61 52.29 13.15
C VAL S 49 -15.18 52.69 11.74
N ASN S 50 -15.97 53.54 11.08
CA ASN S 50 -15.61 53.98 9.73
C ASN S 50 -14.33 54.80 9.73
N SER S 51 -14.09 55.59 10.76
CA SER S 51 -12.83 56.31 10.89
C SER S 51 -11.67 55.35 11.07
N LEU S 52 -11.87 54.29 11.86
CA LEU S 52 -10.83 53.29 12.04
C LEU S 52 -10.58 52.51 10.77
N VAL S 53 -11.61 52.28 9.97
CA VAL S 53 -11.43 51.66 8.66
C VAL S 53 -10.52 52.52 7.80
N ASN S 54 -10.70 53.85 7.83
CA ASN S 54 -9.85 54.75 7.06
C ASN S 54 -8.41 54.71 7.55
N LEU S 55 -8.22 54.69 8.87
CA LEU S 55 -6.88 54.62 9.44
C LEU S 55 -6.17 53.34 9.04
N TYR S 56 -6.92 52.23 8.97
CA TYR S 56 -6.31 50.97 8.55
C TYR S 56 -6.03 50.94 7.07
N LEU S 57 -6.90 51.54 6.26
CA LEU S 57 -6.62 51.70 4.83
C LEU S 57 -5.35 52.52 4.62
N GLN S 58 -5.22 53.61 5.37
CA GLN S 58 -4.02 54.43 5.30
C GLN S 58 -2.78 53.68 5.78
N ALA S 59 -2.94 52.84 6.80
CA ALA S 59 -1.82 52.06 7.32
C ALA S 59 -1.34 51.04 6.29
N SER S 60 -2.27 50.32 5.66
CA SER S 60 -1.92 49.39 4.60
C SER S 60 -1.19 50.09 3.47
N TYR S 61 -1.64 51.29 3.11
CA TYR S 61 -1.03 52.05 2.02
C TYR S 61 0.38 52.49 2.38
N THR S 62 0.61 52.87 3.63
CA THR S 62 1.94 53.23 4.09
C THR S 62 2.89 52.03 4.04
N TYR S 63 2.41 50.86 4.42
CA TYR S 63 3.24 49.67 4.38
C TYR S 63 3.46 49.19 2.95
N LEU S 64 2.53 49.48 2.04
CA LEU S 64 2.77 49.24 0.62
C LEU S 64 3.98 50.03 0.15
N SER S 65 4.01 51.33 0.48
CA SER S 65 5.12 52.18 0.08
C SER S 65 6.42 51.73 0.71
N LEU S 66 6.39 51.37 1.99
CA LEU S 66 7.60 50.88 2.66
C LEU S 66 8.13 49.62 1.99
N GLY S 67 7.25 48.68 1.66
CA GLY S 67 7.68 47.44 1.07
C GLY S 67 8.36 47.62 -0.28
N PHE S 68 7.83 48.52 -1.11
CA PHE S 68 8.38 48.75 -2.43
C PHE S 68 9.59 49.67 -2.40
N TYR S 69 9.72 50.49 -1.37
CA TYR S 69 10.93 51.27 -1.19
C TYR S 69 12.14 50.37 -0.93
N PHE S 70 11.97 49.36 -0.08
CA PHE S 70 13.04 48.42 0.22
C PHE S 70 13.23 47.36 -0.86
N ASP S 71 12.36 47.34 -1.88
CA ASP S 71 12.57 46.57 -3.09
C ASP S 71 13.33 47.36 -4.17
N ARG S 72 13.57 48.65 -3.94
CA ARG S 72 14.36 49.44 -4.88
C ARG S 72 15.77 48.87 -5.02
N ASP S 73 16.35 49.05 -6.20
CA ASP S 73 17.67 48.52 -6.48
C ASP S 73 18.74 49.18 -5.62
N ASP S 74 18.55 50.46 -5.27
CA ASP S 74 19.49 51.20 -4.45
C ASP S 74 19.17 51.13 -2.95
N VAL S 75 18.27 50.25 -2.53
CA VAL S 75 18.04 49.95 -1.12
C VAL S 75 18.31 48.47 -0.92
N ALA S 76 17.54 47.63 -1.61
CA ALA S 76 17.85 46.22 -1.82
C ALA S 76 17.99 45.46 -0.49
N LEU S 77 16.89 45.46 0.26
CA LEU S 77 16.77 44.69 1.50
C LEU S 77 15.49 43.88 1.41
N GLU S 78 15.64 42.64 0.97
CA GLU S 78 14.51 41.81 0.60
C GLU S 78 13.66 41.43 1.80
N GLY S 79 14.31 41.04 2.89
CA GLY S 79 13.57 40.69 4.09
C GLY S 79 12.80 41.85 4.69
N VAL S 80 13.34 43.07 4.56
CA VAL S 80 12.64 44.24 5.06
C VAL S 80 11.41 44.53 4.23
N SER S 81 11.53 44.44 2.90
CA SER S 81 10.40 44.62 2.02
C SER S 81 9.30 43.61 2.31
N HIS S 82 9.67 42.34 2.50
CA HIS S 82 8.70 41.31 2.79
C HIS S 82 8.02 41.53 4.13
N PHE S 83 8.78 42.03 5.12
CA PHE S 83 8.24 42.31 6.44
C PHE S 83 7.12 43.35 6.34
N PHE S 84 7.35 44.44 5.62
CA PHE S 84 6.35 45.48 5.48
C PHE S 84 5.23 45.08 4.53
N ARG S 85 5.53 44.26 3.52
CA ARG S 85 4.46 43.79 2.64
C ARG S 85 3.50 42.88 3.37
N GLU S 86 4.01 42.06 4.30
CA GLU S 86 3.13 41.22 5.10
C GLU S 86 2.24 42.05 6.01
N LEU S 87 2.77 43.16 6.52
CA LEU S 87 1.99 44.03 7.40
C LEU S 87 0.87 44.72 6.63
N ALA S 88 1.11 45.10 5.37
CA ALA S 88 0.06 45.69 4.56
C ALA S 88 -1.12 44.75 4.42
N GLU S 89 -0.85 43.45 4.30
CA GLU S 89 -1.92 42.46 4.23
C GLU S 89 -2.62 42.31 5.57
N GLU S 90 -1.88 42.37 6.67
CA GLU S 90 -2.49 42.31 7.99
C GLU S 90 -3.42 43.48 8.23
N LYS S 91 -3.01 44.69 7.82
CA LYS S 91 -3.90 45.84 7.93
C LYS S 91 -5.09 45.70 7.00
N ARG S 92 -4.92 45.02 5.86
CA ARG S 92 -6.03 44.80 4.95
C ARG S 92 -7.08 43.89 5.56
N GLU S 93 -6.63 42.79 6.16
CA GLU S 93 -7.54 41.92 6.89
C GLU S 93 -8.19 42.63 8.08
N GLY S 94 -7.53 43.66 8.61
CA GLY S 94 -8.10 44.49 9.64
C GLY S 94 -9.34 45.23 9.21
N TYR S 95 -9.25 46.09 8.19
CA TYR S 95 -10.41 46.87 7.80
C TYR S 95 -11.48 46.02 7.15
N GLU S 96 -11.12 44.88 6.57
CA GLU S 96 -12.12 43.96 6.06
C GLU S 96 -12.94 43.34 7.18
N ARG S 97 -12.27 42.97 8.28
CA ARG S 97 -12.98 42.49 9.46
C ARG S 97 -13.89 43.56 10.04
N LEU S 98 -13.40 44.81 10.09
CA LEU S 98 -14.21 45.91 10.58
C LEU S 98 -15.45 46.14 9.71
N LEU S 99 -15.27 46.09 8.38
CA LEU S 99 -16.39 46.31 7.48
C LEU S 99 -17.41 45.17 7.56
N LYS S 100 -16.94 43.93 7.74
CA LYS S 100 -17.85 42.81 7.98
C LYS S 100 -18.67 43.03 9.24
N MET S 101 -18.00 43.45 10.33
CA MET S 101 -18.71 43.71 11.58
C MET S 101 -19.71 44.84 11.44
N GLN S 102 -19.33 45.90 10.72
CA GLN S 102 -20.23 47.02 10.50
C GLN S 102 -21.53 46.57 9.85
N ASN S 103 -21.45 45.68 8.87
CA ASN S 103 -22.64 45.17 8.21
C ASN S 103 -23.40 44.20 9.12
N GLN S 104 -22.68 43.40 9.91
CA GLN S 104 -23.33 42.48 10.84
C GLN S 104 -24.22 43.22 11.84
N ARG S 105 -23.78 44.40 12.27
CA ARG S 105 -24.49 45.18 13.28
C ARG S 105 -25.49 46.16 12.69
N GLY S 106 -25.67 46.16 11.37
CA GLY S 106 -26.59 47.08 10.74
C GLY S 106 -26.06 48.48 10.55
N GLY S 107 -24.76 48.69 10.69
CA GLY S 107 -24.16 49.95 10.35
C GLY S 107 -23.86 50.06 8.87
N ARG S 108 -23.50 51.26 8.47
CA ARG S 108 -23.31 51.59 7.05
C ARG S 108 -21.92 52.16 6.83
N ALA S 109 -21.14 51.48 5.99
CA ALA S 109 -19.80 51.91 5.66
C ALA S 109 -19.82 53.21 4.88
N LEU S 110 -18.98 54.16 5.29
CA LEU S 110 -18.81 55.43 4.61
C LEU S 110 -17.32 55.60 4.35
N PHE S 111 -16.94 55.53 3.08
CA PHE S 111 -15.55 55.56 2.68
C PHE S 111 -15.12 56.97 2.34
N GLN S 112 -13.97 57.36 2.84
CA GLN S 112 -13.35 58.66 2.58
C GLN S 112 -12.05 58.44 1.82
N ASP S 113 -11.48 59.55 1.35
CA ASP S 113 -10.20 59.52 0.66
C ASP S 113 -9.12 58.97 1.56
N ILE S 114 -8.23 58.16 0.99
CA ILE S 114 -7.12 57.55 1.72
C ILE S 114 -5.90 58.44 1.48
N LYS S 115 -5.39 59.04 2.54
CA LYS S 115 -4.24 59.93 2.44
C LYS S 115 -3.00 59.15 2.06
N LYS S 116 -2.15 59.79 1.26
CA LYS S 116 -0.89 59.18 0.87
C LYS S 116 0.03 59.04 2.09
N PRO S 117 1.04 58.18 2.00
CA PRO S 117 1.99 58.08 3.11
C PRO S 117 2.74 59.39 3.32
N ALA S 118 3.16 59.59 4.57
CA ALA S 118 3.82 60.83 4.96
C ALA S 118 5.16 61.03 4.28
N GLU S 119 5.80 59.95 3.83
CA GLU S 119 7.11 59.99 3.19
C GLU S 119 7.08 59.21 1.90
N ASP S 120 7.88 59.67 0.93
CA ASP S 120 8.14 58.92 -0.29
C ASP S 120 9.38 58.04 -0.14
N GLU S 121 10.39 58.53 0.57
CA GLU S 121 11.60 57.78 0.89
C GLU S 121 11.69 57.58 2.39
N TRP S 122 11.95 56.34 2.80
CA TRP S 122 11.88 55.93 4.19
C TRP S 122 13.25 55.71 4.83
N GLY S 123 14.32 56.15 4.20
CA GLY S 123 15.64 56.07 4.80
C GLY S 123 16.11 54.64 4.96
N LYS S 124 16.74 54.39 6.10
CA LYS S 124 17.31 53.09 6.43
C LYS S 124 16.34 52.30 7.32
N THR S 125 16.67 51.03 7.53
CA THR S 125 15.79 50.13 8.27
C THR S 125 15.44 50.63 9.67
N PRO S 126 16.36 51.20 10.46
CA PRO S 126 15.92 51.75 11.75
C PRO S 126 14.91 52.87 11.63
N ASP S 127 15.08 53.76 10.64
CA ASP S 127 14.13 54.84 10.46
C ASP S 127 12.77 54.33 10.03
N ALA S 128 12.75 53.32 9.16
CA ALA S 128 11.50 52.74 8.69
C ALA S 128 10.78 52.00 9.82
N MET S 129 11.51 51.22 10.61
CA MET S 129 10.90 50.49 11.72
C MET S 129 10.34 51.45 12.76
N LYS S 130 11.02 52.57 12.99
CA LYS S 130 10.51 53.57 13.92
C LYS S 130 9.21 54.18 13.42
N ALA S 131 9.11 54.42 12.12
CA ALA S 131 7.87 54.95 11.55
C ALA S 131 6.75 53.93 11.64
N ALA S 132 7.05 52.66 11.37
CA ALA S 132 6.06 51.61 11.52
C ALA S 132 5.63 51.45 12.96
N MET S 133 6.57 51.61 13.89
CA MET S 133 6.25 51.58 15.31
C MET S 133 5.26 52.68 15.67
N ALA S 134 5.54 53.90 15.23
CA ALA S 134 4.65 55.02 15.52
C ALA S 134 3.27 54.83 14.90
N LEU S 135 3.22 54.21 13.72
CA LEU S 135 1.95 53.95 13.07
C LEU S 135 1.12 52.95 13.85
N GLU S 136 1.74 51.85 14.29
CA GLU S 136 1.02 50.84 15.05
C GLU S 136 0.55 51.37 16.39
N LYS S 137 1.33 52.24 17.02
CA LYS S 137 0.90 52.87 18.28
C LYS S 137 -0.30 53.77 18.05
N LYS S 138 -0.33 54.50 16.92
CA LYS S 138 -1.48 55.32 16.58
C LYS S 138 -2.72 54.45 16.35
N LEU S 139 -2.55 53.33 15.65
CA LEU S 139 -3.66 52.39 15.47
C LEU S 139 -4.11 51.82 16.80
N ASN S 140 -3.16 51.47 17.67
CA ASN S 140 -3.51 50.93 18.97
C ASN S 140 -4.28 51.94 19.81
N GLN S 141 -3.88 53.21 19.75
CA GLN S 141 -4.58 54.24 20.51
C GLN S 141 -5.99 54.44 19.99
N ALA S 142 -6.19 54.32 18.68
CA ALA S 142 -7.53 54.41 18.12
C ALA S 142 -8.38 53.23 18.54
N LEU S 143 -7.80 52.04 18.59
CA LEU S 143 -8.53 50.85 19.03
C LEU S 143 -8.96 50.99 20.48
N LEU S 144 -8.05 51.46 21.35
CA LEU S 144 -8.37 51.62 22.75
C LEU S 144 -9.42 52.70 22.97
N ASP S 145 -9.38 53.76 22.16
CA ASP S 145 -10.40 54.80 22.24
C ASP S 145 -11.76 54.27 21.80
N LEU S 146 -11.79 53.43 20.75
CA LEU S 146 -13.04 52.85 20.32
C LEU S 146 -13.60 51.89 21.37
N HIS S 147 -12.73 51.10 21.99
CA HIS S 147 -13.16 50.24 23.09
C HIS S 147 -13.74 51.07 24.23
N ALA S 148 -13.09 52.17 24.58
CA ALA S 148 -13.60 53.04 25.62
C ALA S 148 -14.94 53.64 25.23
N LEU S 149 -15.11 53.98 23.95
CA LEU S 149 -16.40 54.49 23.49
C LEU S 149 -17.47 53.41 23.56
N GLY S 150 -17.14 52.19 23.14
CA GLY S 150 -18.12 51.11 23.21
C GLY S 150 -18.52 50.79 24.64
N SER S 151 -17.57 50.85 25.56
CA SER S 151 -17.88 50.65 26.97
C SER S 151 -18.81 51.74 27.49
N ALA S 152 -18.53 52.99 27.14
CA ALA S 152 -19.38 54.10 27.58
C ALA S 152 -20.78 53.98 27.00
N ARG S 153 -20.89 53.48 25.77
CA ARG S 153 -22.18 53.27 25.12
C ARG S 153 -22.77 51.90 25.41
N THR S 154 -22.10 51.07 26.20
CA THR S 154 -22.59 49.75 26.59
C THR S 154 -22.82 48.88 25.35
N ASP S 155 -21.71 48.61 24.64
CA ASP S 155 -21.70 47.81 23.42
C ASP S 155 -20.73 46.64 23.61
N PRO S 156 -21.18 45.57 24.27
CA PRO S 156 -20.23 44.49 24.57
C PRO S 156 -19.78 43.67 23.37
N HIS S 157 -20.61 43.56 22.33
CA HIS S 157 -20.16 42.87 21.11
C HIS S 157 -18.98 43.58 20.49
N LEU S 158 -19.04 44.91 20.40
CA LEU S 158 -17.91 45.67 19.87
C LEU S 158 -16.66 45.47 20.71
N CYS S 159 -16.80 45.62 22.03
CA CYS S 159 -15.66 45.54 22.92
C CYS S 159 -14.99 44.17 22.84
N ASP S 160 -15.78 43.10 22.79
CA ASP S 160 -15.21 41.77 22.66
C ASP S 160 -14.66 41.52 21.27
N PHE S 161 -15.25 42.15 20.25
CA PHE S 161 -14.76 42.03 18.90
C PHE S 161 -13.35 42.60 18.77
N LEU S 162 -13.11 43.76 19.36
CA LEU S 162 -11.78 44.36 19.35
C LEU S 162 -10.81 43.55 20.20
N GLU S 163 -11.27 43.04 21.35
CA GLU S 163 -10.42 42.24 22.21
C GLU S 163 -9.98 40.96 21.52
N THR S 164 -10.87 40.36 20.74
CA THR S 164 -10.60 39.06 20.14
C THR S 164 -9.69 39.16 18.93
N HIS S 165 -9.83 40.22 18.14
CA HIS S 165 -9.23 40.29 16.81
C HIS S 165 -8.16 41.36 16.65
N PHE S 166 -8.15 42.40 17.48
CA PHE S 166 -7.30 43.57 17.25
C PHE S 166 -6.32 43.86 18.38
N LEU S 167 -6.77 43.89 19.64
CA LEU S 167 -5.96 44.44 20.72
C LEU S 167 -4.70 43.61 20.95
N ASP S 168 -4.82 42.29 21.00
CA ASP S 168 -3.65 41.45 21.23
C ASP S 168 -2.75 41.43 20.01
N GLU S 169 -3.32 41.49 18.81
CA GLU S 169 -2.52 41.56 17.59
C GLU S 169 -1.59 42.77 17.60
N GLU S 170 -2.11 43.92 18.04
CA GLU S 170 -1.30 45.13 18.07
C GLU S 170 -0.22 45.05 19.15
N VAL S 171 -0.57 44.53 20.32
CA VAL S 171 0.40 44.38 21.40
C VAL S 171 1.55 43.48 20.96
N LYS S 172 1.23 42.37 20.29
CA LYS S 172 2.26 41.46 19.82
C LYS S 172 3.14 42.12 18.77
N LEU S 173 2.53 42.86 17.84
CA LEU S 173 3.28 43.47 16.75
C LEU S 173 4.18 44.59 17.28
N ILE S 174 3.67 45.40 18.21
CA ILE S 174 4.47 46.48 18.77
C ILE S 174 5.66 45.90 19.55
N LYS S 175 5.45 44.75 20.21
CA LYS S 175 6.54 44.07 20.89
C LYS S 175 7.61 43.62 19.91
N LYS S 176 7.20 43.02 18.78
CA LYS S 176 8.16 42.54 17.79
C LYS S 176 8.94 43.69 17.17
N MET S 177 8.27 44.80 16.86
CA MET S 177 8.96 45.97 16.33
C MET S 177 9.95 46.53 17.34
N GLY S 178 9.57 46.55 18.61
CA GLY S 178 10.49 46.99 19.64
C GLY S 178 11.71 46.09 19.74
N ASP S 179 11.52 44.78 19.60
CA ASP S 179 12.64 43.86 19.57
C ASP S 179 13.54 44.13 18.38
N HIS S 180 12.96 44.37 17.21
CA HIS S 180 13.74 44.69 16.01
C HIS S 180 14.54 45.96 16.21
N LEU S 181 13.94 46.99 16.78
CA LEU S 181 14.63 48.26 16.99
C LEU S 181 15.79 48.11 17.96
N THR S 182 15.63 47.27 18.99
CA THR S 182 16.71 47.05 19.94
C THR S 182 17.88 46.36 19.27
N ASN S 183 17.62 45.33 18.47
CA ASN S 183 18.67 44.64 17.75
C ASN S 183 19.33 45.55 16.71
N LEU S 184 18.54 46.38 16.03
CA LEU S 184 19.10 47.30 15.05
C LEU S 184 20.00 48.33 15.73
N HIS S 185 19.61 48.80 16.91
CA HIS S 185 20.46 49.71 17.68
C HIS S 185 21.72 49.00 18.16
N ARG S 186 21.59 47.73 18.54
CA ARG S 186 22.75 46.93 18.93
C ARG S 186 23.70 46.76 17.76
N LEU S 187 23.18 46.62 16.55
CA LEU S 187 23.96 46.48 15.34
C LEU S 187 24.34 47.81 14.70
N GLY S 188 24.18 48.92 15.42
CA GLY S 188 24.47 50.23 14.90
C GLY S 188 25.96 50.54 14.95
N GLY S 189 26.26 51.84 14.89
CA GLY S 189 27.62 52.30 14.95
C GLY S 189 28.22 52.51 13.58
N PRO S 190 29.55 52.58 13.49
CA PRO S 190 30.18 52.75 12.16
C PRO S 190 30.04 51.54 11.26
N GLU S 191 29.68 50.37 11.80
CA GLU S 191 29.37 49.18 11.01
C GLU S 191 27.87 49.07 10.73
N ALA S 192 27.17 50.20 10.61
CA ALA S 192 25.72 50.17 10.48
C ALA S 192 25.28 49.46 9.21
N GLY S 193 25.98 49.68 8.10
CA GLY S 193 25.63 48.98 6.87
C GLY S 193 25.77 47.48 6.99
N LEU S 194 26.87 47.03 7.59
CA LEU S 194 27.06 45.62 7.88
C LEU S 194 25.95 45.12 8.81
N GLY S 195 25.62 45.89 9.83
CA GLY S 195 24.54 45.51 10.73
C GLY S 195 23.20 45.41 10.02
N GLU S 196 22.93 46.36 9.12
CA GLU S 196 21.68 46.34 8.37
C GLU S 196 21.57 45.09 7.52
N TYR S 197 22.67 44.71 6.86
CA TYR S 197 22.68 43.49 6.04
C TYR S 197 22.44 42.25 6.89
N LEU S 198 23.13 42.14 8.03
CA LEU S 198 23.01 40.96 8.86
C LEU S 198 21.62 40.84 9.48
N PHE S 199 21.03 41.97 9.87
CA PHE S 199 19.67 41.94 10.41
C PHE S 199 18.69 41.39 9.37
N GLU S 200 18.79 41.88 8.13
CA GLU S 200 17.90 41.43 7.08
C GLU S 200 18.13 39.96 6.76
N ARG S 201 19.38 39.52 6.79
CA ARG S 201 19.72 38.14 6.44
C ARG S 201 19.30 37.16 7.54
N LEU S 202 19.55 37.49 8.80
CA LEU S 202 19.47 36.53 9.90
C LEU S 202 18.25 36.67 10.81
N THR S 203 17.56 37.82 10.79
CA THR S 203 16.32 37.99 11.51
C THR S 203 15.10 38.05 10.61
N LEU S 204 15.15 38.81 9.52
CA LEU S 204 14.00 39.04 8.65
C LEU S 204 13.99 38.15 7.42
N ARG S 205 15.04 37.39 7.16
CA ARG S 205 15.16 36.62 5.93
C ARG S 205 15.11 37.55 4.71
N SER T 34 -50.20 15.59 -34.82
CA SER T 34 -49.18 16.19 -35.68
C SER T 34 -47.90 16.40 -34.88
N SER T 35 -47.23 15.29 -34.56
CA SER T 35 -46.01 15.37 -33.77
C SER T 35 -44.93 16.10 -34.55
N GLN T 36 -44.27 17.05 -33.88
CA GLN T 36 -43.25 17.86 -34.54
C GLN T 36 -42.05 17.03 -34.98
N ILE T 37 -41.74 15.94 -34.26
CA ILE T 37 -40.57 15.14 -34.57
C ILE T 37 -40.84 14.02 -35.57
N ARG T 38 -42.10 13.73 -35.86
CA ARG T 38 -42.45 12.56 -36.65
C ARG T 38 -41.96 12.72 -38.08
N GLN T 39 -41.23 11.73 -38.56
CA GLN T 39 -40.66 11.77 -39.90
C GLN T 39 -40.65 10.35 -40.46
N ASN T 40 -41.49 10.10 -41.46
CA ASN T 40 -41.56 8.82 -42.15
C ASN T 40 -41.83 7.68 -41.17
N TYR T 41 -42.82 7.89 -40.31
CA TYR T 41 -43.27 6.89 -39.33
C TYR T 41 -44.74 6.59 -39.62
N SER T 42 -44.98 5.45 -40.27
CA SER T 42 -46.32 5.05 -40.68
C SER T 42 -47.24 4.84 -39.48
N THR T 43 -48.51 5.21 -39.66
CA THR T 43 -49.52 4.91 -38.67
C THR T 43 -49.75 3.41 -38.54
N ASP T 44 -49.61 2.66 -39.63
CA ASP T 44 -49.68 1.20 -39.57
C ASP T 44 -48.58 0.65 -38.66
N VAL T 45 -47.37 1.17 -38.80
CA VAL T 45 -46.27 0.75 -37.94
C VAL T 45 -46.53 1.16 -36.49
N GLU T 46 -47.02 2.38 -36.29
CA GLU T 46 -47.34 2.87 -34.95
C GLU T 46 -48.33 1.95 -34.26
N ALA T 47 -49.37 1.54 -34.97
CA ALA T 47 -50.37 0.65 -34.40
C ALA T 47 -49.80 -0.73 -34.13
N ALA T 48 -49.03 -1.27 -35.07
CA ALA T 48 -48.42 -2.59 -34.89
C ALA T 48 -47.45 -2.61 -33.71
N VAL T 49 -46.75 -1.51 -33.46
CA VAL T 49 -45.87 -1.44 -32.30
C VAL T 49 -46.68 -1.52 -31.01
N ASN T 50 -47.79 -0.79 -30.94
CA ASN T 50 -48.63 -0.84 -29.75
C ASN T 50 -49.23 -2.21 -29.53
N SER T 51 -49.58 -2.91 -30.60
CA SER T 51 -50.06 -4.29 -30.47
C SER T 51 -48.95 -5.21 -29.96
N LEU T 52 -47.72 -5.00 -30.43
CA LEU T 52 -46.59 -5.79 -29.95
C LEU T 52 -46.28 -5.48 -28.48
N VAL T 53 -46.49 -4.23 -28.07
CA VAL T 53 -46.34 -3.88 -26.66
C VAL T 53 -47.33 -4.67 -25.82
N ASN T 54 -48.57 -4.82 -26.30
CA ASN T 54 -49.57 -5.58 -25.58
C ASN T 54 -49.19 -7.06 -25.50
N LEU T 55 -48.69 -7.62 -26.60
CA LEU T 55 -48.27 -9.01 -26.62
C LEU T 55 -47.12 -9.26 -25.64
N TYR T 56 -46.22 -8.30 -25.52
CA TYR T 56 -45.10 -8.43 -24.58
C TYR T 56 -45.57 -8.26 -23.14
N LEU T 57 -46.51 -7.36 -22.90
CA LEU T 57 -47.12 -7.24 -21.58
C LEU T 57 -47.80 -8.55 -21.18
N GLN T 58 -48.54 -9.14 -22.12
CA GLN T 58 -49.18 -10.43 -21.88
C GLN T 58 -48.16 -11.54 -21.65
N ALA T 59 -47.04 -11.50 -22.38
CA ALA T 59 -46.01 -12.51 -22.22
C ALA T 59 -45.36 -12.42 -20.85
N SER T 60 -45.03 -11.21 -20.39
CA SER T 60 -44.48 -11.01 -19.06
C SER T 60 -45.44 -11.53 -18.00
N TYR T 61 -46.73 -11.27 -18.18
CA TYR T 61 -47.74 -11.71 -17.22
C TYR T 61 -47.86 -13.22 -17.17
N THR T 62 -47.75 -13.87 -18.32
CA THR T 62 -47.75 -15.34 -18.37
C THR T 62 -46.55 -15.92 -17.64
N TYR T 63 -45.37 -15.31 -17.82
CA TYR T 63 -44.19 -15.81 -17.14
C TYR T 63 -44.21 -15.49 -15.65
N LEU T 64 -44.91 -14.42 -15.25
CA LEU T 64 -45.15 -14.18 -13.84
C LEU T 64 -45.92 -15.35 -13.21
N SER T 65 -46.99 -15.77 -13.87
CA SER T 65 -47.79 -16.89 -13.37
C SER T 65 -47.00 -18.18 -13.35
N LEU T 66 -46.21 -18.43 -14.39
CA LEU T 66 -45.39 -19.63 -14.44
C LEU T 66 -44.38 -19.64 -13.30
N GLY T 67 -43.73 -18.51 -13.04
CA GLY T 67 -42.73 -18.46 -11.99
C GLY T 67 -43.28 -18.74 -10.61
N PHE T 68 -44.47 -18.21 -10.32
CA PHE T 68 -45.08 -18.39 -9.01
C PHE T 68 -45.78 -19.74 -8.87
N TYR T 69 -46.17 -20.35 -10.00
CA TYR T 69 -46.68 -21.71 -9.95
C TYR T 69 -45.61 -22.70 -9.50
N PHE T 70 -44.39 -22.54 -10.03
CA PHE T 70 -43.28 -23.41 -9.65
C PHE T 70 -42.65 -23.03 -8.32
N ASP T 71 -43.09 -21.93 -7.71
CA ASP T 71 -42.77 -21.60 -6.32
C ASP T 71 -43.79 -22.16 -5.33
N ARG T 72 -44.88 -22.76 -5.81
CA ARG T 72 -45.85 -23.40 -4.93
C ARG T 72 -45.19 -24.54 -4.15
N ASP T 73 -45.71 -24.77 -2.95
CA ASP T 73 -45.14 -25.80 -2.09
C ASP T 73 -45.33 -27.20 -2.66
N ASP T 74 -46.41 -27.41 -3.42
CA ASP T 74 -46.71 -28.70 -4.03
C ASP T 74 -46.15 -28.82 -5.45
N VAL T 75 -45.30 -27.90 -5.88
CA VAL T 75 -44.56 -28.03 -7.14
C VAL T 75 -43.08 -27.99 -6.81
N ALA T 76 -42.63 -26.88 -6.21
CA ALA T 76 -41.35 -26.78 -5.51
C ALA T 76 -40.17 -27.12 -6.43
N LEU T 77 -40.05 -26.31 -7.48
CA LEU T 77 -38.91 -26.39 -8.41
C LEU T 77 -38.35 -24.98 -8.54
N GLU T 78 -37.33 -24.71 -7.74
CA GLU T 78 -36.83 -23.35 -7.56
C GLU T 78 -36.17 -22.84 -8.82
N GLY T 79 -35.34 -23.66 -9.46
CA GLY T 79 -34.68 -23.24 -10.68
C GLY T 79 -35.65 -22.97 -11.81
N VAL T 80 -36.75 -23.70 -11.86
CA VAL T 80 -37.75 -23.48 -12.90
C VAL T 80 -38.47 -22.16 -12.66
N SER T 81 -38.83 -21.87 -11.41
CA SER T 81 -39.44 -20.60 -11.08
C SER T 81 -38.54 -19.42 -11.43
N HIS T 82 -37.25 -19.54 -11.10
CA HIS T 82 -36.30 -18.48 -11.40
C HIS T 82 -36.13 -18.30 -12.90
N PHE T 83 -36.14 -19.40 -13.65
CA PHE T 83 -36.03 -19.34 -15.11
C PHE T 83 -37.15 -18.51 -15.71
N PHE T 84 -38.39 -18.77 -15.30
CA PHE T 84 -39.54 -18.05 -15.82
C PHE T 84 -39.63 -16.63 -15.25
N ARG T 85 -39.19 -16.43 -14.02
CA ARG T 85 -39.18 -15.08 -13.45
C ARG T 85 -38.20 -14.18 -14.19
N GLU T 86 -37.05 -14.73 -14.60
CA GLU T 86 -36.09 -13.96 -15.38
C GLU T 86 -36.66 -13.59 -16.74
N LEU T 87 -37.45 -14.48 -17.33
CA LEU T 87 -38.05 -14.21 -18.64
C LEU T 87 -39.10 -13.10 -18.55
N ALA T 88 -39.86 -13.06 -17.45
CA ALA T 88 -40.82 -11.98 -17.27
C ALA T 88 -40.14 -10.62 -17.27
N GLU T 89 -38.93 -10.54 -16.70
CA GLU T 89 -38.18 -9.30 -16.72
C GLU T 89 -37.65 -9.00 -18.12
N GLU T 90 -37.24 -10.02 -18.87
CA GLU T 90 -36.79 -9.82 -20.24
C GLU T 90 -37.91 -9.30 -21.12
N LYS T 91 -39.12 -9.84 -20.95
CA LYS T 91 -40.27 -9.31 -21.70
C LYS T 91 -40.60 -7.90 -21.25
N ARG T 92 -40.35 -7.58 -19.98
CA ARG T 92 -40.61 -6.23 -19.48
C ARG T 92 -39.67 -5.23 -20.13
N GLU T 93 -38.38 -5.55 -20.20
CA GLU T 93 -37.43 -4.73 -20.91
C GLU T 93 -37.76 -4.64 -22.39
N GLY T 94 -38.44 -5.64 -22.94
CA GLY T 94 -38.93 -5.60 -24.30
C GLY T 94 -39.92 -4.48 -24.57
N TYR T 95 -41.06 -4.48 -23.88
CA TYR T 95 -42.06 -3.47 -24.16
C TYR T 95 -41.63 -2.08 -23.71
N GLU T 96 -40.73 -2.00 -22.73
CA GLU T 96 -40.18 -0.70 -22.35
C GLU T 96 -39.31 -0.13 -23.47
N ARG T 97 -38.51 -0.98 -24.11
CA ARG T 97 -37.72 -0.54 -25.26
C ARG T 97 -38.64 -0.12 -26.41
N LEU T 98 -39.71 -0.87 -26.65
CA LEU T 98 -40.67 -0.52 -27.68
C LEU T 98 -41.33 0.83 -27.40
N LEU T 99 -41.72 1.06 -26.15
CA LEU T 99 -42.39 2.31 -25.80
C LEU T 99 -41.42 3.49 -25.89
N LYS T 100 -40.16 3.30 -25.53
CA LYS T 100 -39.13 4.33 -25.74
C LYS T 100 -39.01 4.67 -27.22
N MET T 101 -38.93 3.64 -28.07
CA MET T 101 -38.83 3.87 -29.51
C MET T 101 -40.05 4.59 -30.05
N GLN T 102 -41.23 4.20 -29.59
CA GLN T 102 -42.47 4.84 -30.03
C GLN T 102 -42.43 6.34 -29.78
N ASN T 103 -41.94 6.75 -28.62
CA ASN T 103 -41.83 8.18 -28.31
C ASN T 103 -40.71 8.84 -29.10
N GLN T 104 -39.60 8.13 -29.32
CA GLN T 104 -38.50 8.67 -30.11
C GLN T 104 -38.96 9.03 -31.52
N ARG T 105 -39.84 8.23 -32.11
CA ARG T 105 -40.30 8.41 -33.47
C ARG T 105 -41.54 9.30 -33.57
N GLY T 106 -42.03 9.84 -32.47
CA GLY T 106 -43.22 10.66 -32.49
C GLY T 106 -44.52 9.91 -32.54
N GLY T 107 -44.50 8.61 -32.27
CA GLY T 107 -45.72 7.86 -32.12
C GLY T 107 -46.29 7.98 -30.73
N ARG T 108 -47.52 7.47 -30.58
CA ARG T 108 -48.29 7.63 -29.36
C ARG T 108 -48.72 6.28 -28.84
N ALA T 109 -48.29 5.96 -27.62
CA ALA T 109 -48.64 4.71 -26.99
C ALA T 109 -50.13 4.66 -26.67
N LEU T 110 -50.76 3.54 -27.01
CA LEU T 110 -52.16 3.29 -26.71
C LEU T 110 -52.23 1.94 -26.00
N PHE T 111 -52.56 1.97 -24.73
CA PHE T 111 -52.55 0.78 -23.89
C PHE T 111 -53.93 0.15 -23.85
N GLN T 112 -53.98 -1.16 -24.01
CA GLN T 112 -55.20 -1.95 -23.93
C GLN T 112 -55.11 -2.90 -22.74
N ASP T 113 -56.23 -3.53 -22.45
CA ASP T 113 -56.29 -4.51 -21.36
C ASP T 113 -55.32 -5.66 -21.64
N ILE T 114 -54.66 -6.13 -20.59
CA ILE T 114 -53.71 -7.24 -20.67
C ILE T 114 -54.47 -8.51 -20.28
N LYS T 115 -54.58 -9.42 -21.23
CA LYS T 115 -55.31 -10.66 -20.98
C LYS T 115 -54.58 -11.53 -19.98
N LYS T 116 -55.34 -12.23 -19.16
CA LYS T 116 -54.76 -13.14 -18.21
C LYS T 116 -54.09 -14.31 -18.92
N PRO T 117 -53.19 -15.04 -18.25
CA PRO T 117 -52.60 -16.22 -18.87
C PRO T 117 -53.64 -17.28 -19.18
N ALA T 118 -53.35 -18.08 -20.20
CA ALA T 118 -54.29 -19.09 -20.68
C ALA T 118 -54.54 -20.18 -19.65
N GLU T 119 -53.61 -20.40 -18.73
CA GLU T 119 -53.72 -21.43 -17.71
C GLU T 119 -53.45 -20.85 -16.33
N ASP T 120 -54.12 -21.42 -15.34
CA ASP T 120 -53.81 -21.15 -13.93
C ASP T 120 -52.79 -22.13 -13.38
N GLU T 121 -52.88 -23.39 -13.80
CA GLU T 121 -51.92 -24.43 -13.45
C GLU T 121 -51.20 -24.89 -14.70
N TRP T 122 -49.87 -24.97 -14.62
CA TRP T 122 -49.01 -25.22 -15.76
C TRP T 122 -48.42 -26.62 -15.80
N GLY T 123 -48.92 -27.54 -14.97
CA GLY T 123 -48.48 -28.91 -15.03
C GLY T 123 -47.03 -29.07 -14.61
N LYS T 124 -46.32 -29.93 -15.32
CA LYS T 124 -44.92 -30.25 -15.03
C LYS T 124 -44.01 -29.43 -15.94
N THR T 125 -42.71 -29.51 -15.65
CA THR T 125 -41.72 -28.70 -16.35
C THR T 125 -41.74 -28.88 -17.86
N PRO T 126 -41.88 -30.11 -18.42
CA PRO T 126 -41.99 -30.20 -19.89
C PRO T 126 -43.21 -29.47 -20.44
N ASP T 127 -44.35 -29.55 -19.76
CA ASP T 127 -45.55 -28.87 -20.25
C ASP T 127 -45.37 -27.36 -20.19
N ALA T 128 -44.76 -26.86 -19.13
CA ALA T 128 -44.52 -25.43 -18.99
C ALA T 128 -43.54 -24.92 -20.03
N MET T 129 -42.44 -25.65 -20.25
CA MET T 129 -41.46 -25.23 -21.24
C MET T 129 -42.05 -25.24 -22.64
N LYS T 130 -42.92 -26.19 -22.93
CA LYS T 130 -43.59 -26.22 -24.24
C LYS T 130 -44.49 -25.00 -24.42
N ALA T 131 -45.19 -24.59 -23.36
CA ALA T 131 -46.03 -23.41 -23.44
C ALA T 131 -45.19 -22.15 -23.61
N ALA T 132 -44.06 -22.05 -22.90
CA ALA T 132 -43.15 -20.94 -23.07
C ALA T 132 -42.55 -20.92 -24.48
N MET T 133 -42.26 -22.10 -25.02
CA MET T 133 -41.78 -22.20 -26.39
C MET T 133 -42.79 -21.64 -27.37
N ALA T 134 -44.06 -22.05 -27.23
CA ALA T 134 -45.11 -21.57 -28.12
C ALA T 134 -45.31 -20.07 -27.99
N LEU T 135 -45.15 -19.54 -26.78
CA LEU T 135 -45.29 -18.11 -26.57
C LEU T 135 -44.19 -17.34 -27.28
N GLU T 136 -42.94 -17.78 -27.13
CA GLU T 136 -41.83 -17.10 -27.76
C GLU T 136 -41.91 -17.17 -29.28
N LYS T 137 -42.40 -18.29 -29.83
CA LYS T 137 -42.60 -18.39 -31.27
C LYS T 137 -43.66 -17.42 -31.74
N LYS T 138 -44.73 -17.23 -30.96
CA LYS T 138 -45.75 -16.26 -31.29
C LYS T 138 -45.18 -14.84 -31.28
N LEU T 139 -44.37 -14.53 -30.27
CA LEU T 139 -43.69 -13.23 -30.22
C LEU T 139 -42.75 -13.06 -31.40
N ASN T 140 -42.00 -14.12 -31.75
CA ASN T 140 -41.09 -14.05 -32.88
C ASN T 140 -41.83 -13.81 -34.19
N GLN T 141 -42.99 -14.45 -34.35
CA GLN T 141 -43.76 -14.26 -35.58
C GLN T 141 -44.31 -12.84 -35.66
N ALA T 142 -44.67 -12.26 -34.52
CA ALA T 142 -45.11 -10.87 -34.52
C ALA T 142 -43.97 -9.92 -34.85
N LEU T 143 -42.78 -10.20 -34.34
CA LEU T 143 -41.61 -9.39 -34.66
C LEU T 143 -41.29 -9.44 -36.15
N LEU T 144 -41.31 -10.64 -36.73
CA LEU T 144 -41.02 -10.80 -38.14
C LEU T 144 -42.07 -10.12 -39.01
N ASP T 145 -43.33 -10.18 -38.59
CA ASP T 145 -44.39 -9.49 -39.31
C ASP T 145 -44.21 -7.97 -39.23
N LEU T 146 -43.81 -7.45 -38.07
CA LEU T 146 -43.57 -6.03 -37.96
C LEU T 146 -42.39 -5.59 -38.81
N HIS T 147 -41.33 -6.40 -38.83
CA HIS T 147 -40.20 -6.11 -39.72
C HIS T 147 -40.64 -6.09 -41.17
N ALA T 148 -41.46 -7.06 -41.57
CA ALA T 148 -41.97 -7.09 -42.93
C ALA T 148 -42.83 -5.87 -43.23
N LEU T 149 -43.61 -5.42 -42.25
CA LEU T 149 -44.40 -4.21 -42.42
C LEU T 149 -43.51 -2.99 -42.56
N GLY T 150 -42.48 -2.88 -41.71
CA GLY T 150 -41.57 -1.75 -41.81
C GLY T 150 -40.82 -1.71 -43.12
N SER T 151 -40.44 -2.88 -43.64
CA SER T 151 -39.80 -2.95 -44.94
C SER T 151 -40.75 -2.49 -46.05
N ALA T 152 -42.00 -2.94 -46.00
CA ALA T 152 -42.97 -2.53 -47.00
C ALA T 152 -43.23 -1.03 -46.94
N ARG T 153 -43.22 -0.46 -45.74
CA ARG T 153 -43.40 0.97 -45.55
C ARG T 153 -42.10 1.76 -45.62
N THR T 154 -40.96 1.09 -45.85
CA THR T 154 -39.66 1.75 -45.98
C THR T 154 -39.32 2.52 -44.71
N ASP T 155 -39.19 1.76 -43.61
CA ASP T 155 -38.87 2.28 -42.29
C ASP T 155 -37.60 1.59 -41.79
N PRO T 156 -36.42 2.06 -42.22
CA PRO T 156 -35.20 1.35 -41.85
C PRO T 156 -34.80 1.47 -40.38
N HIS T 157 -35.16 2.57 -39.71
CA HIS T 157 -34.90 2.66 -38.28
C HIS T 157 -35.62 1.58 -37.50
N LEU T 158 -36.90 1.35 -37.84
CA LEU T 158 -37.66 0.29 -37.18
C LEU T 158 -37.03 -1.07 -37.45
N CYS T 159 -36.73 -1.36 -38.71
CA CYS T 159 -36.19 -2.66 -39.09
C CYS T 159 -34.87 -2.94 -38.37
N ASP T 160 -33.98 -1.95 -38.30
CA ASP T 160 -32.72 -2.13 -37.60
C ASP T 160 -32.92 -2.19 -36.10
N PHE T 161 -33.93 -1.49 -35.59
CA PHE T 161 -34.23 -1.52 -34.16
C PHE T 161 -34.62 -2.92 -33.72
N LEU T 162 -35.48 -3.58 -34.50
CA LEU T 162 -35.87 -4.96 -34.20
C LEU T 162 -34.69 -5.92 -34.38
N GLU T 163 -33.89 -5.71 -35.42
CA GLU T 163 -32.73 -6.56 -35.66
C GLU T 163 -31.73 -6.47 -34.53
N THR T 164 -31.57 -5.28 -33.96
CA THR T 164 -30.52 -5.05 -32.96
C THR T 164 -30.93 -5.58 -31.59
N HIS T 165 -32.21 -5.46 -31.24
CA HIS T 165 -32.67 -5.65 -29.87
C HIS T 165 -33.58 -6.84 -29.66
N PHE T 166 -34.25 -7.34 -30.70
CA PHE T 166 -35.32 -8.32 -30.54
C PHE T 166 -35.08 -9.64 -31.28
N LEU T 167 -34.72 -9.58 -32.57
CA LEU T 167 -34.75 -10.78 -33.40
C LEU T 167 -33.75 -11.83 -32.93
N ASP T 168 -32.52 -11.42 -32.64
CA ASP T 168 -31.52 -12.37 -32.18
C ASP T 168 -31.81 -12.87 -30.77
N GLU T 169 -32.36 -12.00 -29.93
CA GLU T 169 -32.75 -12.40 -28.59
C GLU T 169 -33.76 -13.54 -28.63
N GLU T 170 -34.73 -13.46 -29.53
CA GLU T 170 -35.75 -14.50 -29.62
C GLU T 170 -35.18 -15.79 -30.18
N VAL T 171 -34.32 -15.69 -31.20
CA VAL T 171 -33.69 -16.87 -31.78
C VAL T 171 -32.86 -17.60 -30.73
N LYS T 172 -32.11 -16.85 -29.92
CA LYS T 172 -31.29 -17.46 -28.87
C LYS T 172 -32.17 -18.13 -27.82
N LEU T 173 -33.25 -17.46 -27.42
CA LEU T 173 -34.10 -18.00 -26.37
C LEU T 173 -34.86 -19.23 -26.85
N ILE T 174 -35.35 -19.22 -28.08
CA ILE T 174 -36.05 -20.38 -28.62
C ILE T 174 -35.09 -21.57 -28.72
N LYS T 175 -33.83 -21.31 -29.05
CA LYS T 175 -32.82 -22.36 -29.09
C LYS T 175 -32.62 -22.97 -27.70
N LYS T 176 -32.50 -22.11 -26.67
CA LYS T 176 -32.28 -22.61 -25.32
C LYS T 176 -33.47 -23.43 -24.83
N MET T 177 -34.69 -22.96 -25.11
CA MET T 177 -35.88 -23.72 -24.72
C MET T 177 -35.93 -25.07 -25.43
N GLY T 178 -35.55 -25.09 -26.71
CA GLY T 178 -35.48 -26.34 -27.44
C GLY T 178 -34.47 -27.30 -26.84
N ASP T 179 -33.32 -26.76 -26.40
CA ASP T 179 -32.33 -27.58 -25.71
C ASP T 179 -32.90 -28.15 -24.42
N HIS T 180 -33.60 -27.32 -23.65
CA HIS T 180 -34.22 -27.78 -22.40
C HIS T 180 -35.23 -28.88 -22.66
N LEU T 181 -36.07 -28.70 -23.69
CA LEU T 181 -37.08 -29.71 -23.99
C LEU T 181 -36.47 -31.03 -24.42
N THR T 182 -35.35 -30.99 -25.14
CA THR T 182 -34.68 -32.22 -25.55
C THR T 182 -34.12 -32.95 -24.34
N ASN T 183 -33.49 -32.23 -23.42
CA ASN T 183 -32.96 -32.85 -22.21
C ASN T 183 -34.09 -33.36 -21.31
N LEU T 184 -35.19 -32.62 -21.23
CA LEU T 184 -36.33 -33.08 -20.43
C LEU T 184 -36.94 -34.35 -21.01
N HIS T 185 -37.00 -34.44 -22.34
CA HIS T 185 -37.48 -35.66 -22.98
C HIS T 185 -36.50 -36.80 -22.77
N ARG T 186 -35.20 -36.50 -22.78
CA ARG T 186 -34.18 -37.50 -22.50
C ARG T 186 -34.31 -38.02 -21.07
N LEU T 187 -34.67 -37.14 -20.14
CA LEU T 187 -34.86 -37.49 -18.74
C LEU T 187 -36.28 -37.96 -18.43
N GLY T 188 -37.08 -38.27 -19.45
CA GLY T 188 -38.44 -38.70 -19.25
C GLY T 188 -38.53 -40.16 -18.87
N GLY T 189 -39.72 -40.72 -19.08
CA GLY T 189 -39.96 -42.12 -18.80
C GLY T 189 -40.57 -42.33 -17.42
N PRO T 190 -40.49 -43.55 -16.89
CA PRO T 190 -41.04 -43.79 -15.55
C PRO T 190 -40.25 -43.12 -14.44
N GLU T 191 -39.01 -42.68 -14.71
CA GLU T 191 -38.23 -41.88 -13.78
C GLU T 191 -38.40 -40.38 -14.01
N ALA T 192 -39.58 -39.97 -14.47
CA ALA T 192 -39.78 -38.56 -14.86
C ALA T 192 -39.61 -37.62 -13.68
N GLY T 193 -40.11 -38.00 -12.51
CA GLY T 193 -39.94 -37.16 -11.34
C GLY T 193 -38.48 -36.98 -10.96
N LEU T 194 -37.73 -38.08 -10.98
CA LEU T 194 -36.29 -38.01 -10.77
C LEU T 194 -35.63 -37.12 -11.83
N GLY T 195 -36.04 -37.30 -13.09
CA GLY T 195 -35.50 -36.46 -14.15
C GLY T 195 -35.83 -35.00 -13.96
N GLU T 196 -37.05 -34.70 -13.53
CA GLU T 196 -37.45 -33.32 -13.29
C GLU T 196 -36.59 -32.68 -12.21
N TYR T 197 -36.34 -33.42 -11.13
CA TYR T 197 -35.50 -32.92 -10.05
C TYR T 197 -34.07 -32.65 -10.53
N LEU T 198 -33.50 -33.60 -11.26
CA LEU T 198 -32.11 -33.45 -11.72
C LEU T 198 -31.97 -32.31 -12.72
N PHE T 199 -32.95 -32.14 -13.60
CA PHE T 199 -32.89 -31.02 -14.54
C PHE T 199 -32.86 -29.69 -13.80
N GLU T 200 -33.74 -29.53 -12.81
CA GLU T 200 -33.80 -28.29 -12.04
C GLU T 200 -32.51 -28.08 -11.26
N ARG T 201 -31.94 -29.16 -10.71
CA ARG T 201 -30.74 -29.04 -9.89
C ARG T 201 -29.50 -28.74 -10.73
N LEU T 202 -29.33 -29.42 -11.87
CA LEU T 202 -28.06 -29.43 -12.59
C LEU T 202 -28.04 -28.61 -13.86
N THR T 203 -29.19 -28.22 -14.42
CA THR T 203 -29.25 -27.32 -15.57
C THR T 203 -29.76 -25.93 -15.19
N LEU T 204 -30.85 -25.85 -14.44
CA LEU T 204 -31.50 -24.59 -14.12
C LEU T 204 -31.11 -24.00 -12.77
N ARG T 205 -30.37 -24.73 -11.95
CA ARG T 205 -30.06 -24.31 -10.59
C ARG T 205 -31.36 -24.12 -9.79
N SER U 34 -37.72 -32.00 -39.14
CA SER U 34 -38.74 -31.16 -38.53
C SER U 34 -38.23 -30.61 -37.21
N SER U 35 -37.28 -29.68 -37.30
CA SER U 35 -36.69 -29.10 -36.10
C SER U 35 -37.74 -28.31 -35.33
N GLN U 36 -37.81 -28.54 -34.02
CA GLN U 36 -38.81 -27.88 -33.19
C GLN U 36 -38.61 -26.37 -33.14
N ILE U 37 -37.37 -25.90 -33.25
CA ILE U 37 -37.08 -24.47 -33.14
C ILE U 37 -37.17 -23.73 -34.46
N ARG U 38 -37.23 -24.44 -35.58
CA ARG U 38 -37.12 -23.80 -36.88
C ARG U 38 -38.33 -22.93 -37.15
N GLN U 39 -38.07 -21.68 -37.52
CA GLN U 39 -39.13 -20.71 -37.77
C GLN U 39 -38.67 -19.76 -38.87
N ASN U 40 -39.32 -19.88 -40.03
CA ASN U 40 -39.05 -19.02 -41.19
C ASN U 40 -37.57 -19.08 -41.60
N TYR U 41 -37.04 -20.30 -41.69
CA TYR U 41 -35.68 -20.56 -42.12
C TYR U 41 -35.73 -21.42 -43.38
N SER U 42 -35.52 -20.78 -44.52
CA SER U 42 -35.62 -21.44 -45.82
C SER U 42 -34.56 -22.53 -45.98
N THR U 43 -34.96 -23.62 -46.64
CA THR U 43 -34.01 -24.66 -47.01
C THR U 43 -32.98 -24.15 -47.99
N ASP U 44 -33.36 -23.22 -48.87
CA ASP U 44 -32.38 -22.59 -49.77
C ASP U 44 -31.32 -21.84 -48.98
N VAL U 45 -31.74 -21.12 -47.94
CA VAL U 45 -30.78 -20.42 -47.09
C VAL U 45 -29.92 -21.41 -46.32
N GLU U 46 -30.53 -22.47 -45.80
CA GLU U 46 -29.80 -23.50 -45.07
C GLU U 46 -28.70 -24.10 -45.94
N ALA U 47 -29.02 -24.41 -47.20
CA ALA U 47 -28.03 -24.97 -48.10
C ALA U 47 -26.95 -23.97 -48.44
N ALA U 48 -27.32 -22.72 -48.72
CA ALA U 48 -26.35 -21.68 -49.04
C ALA U 48 -25.41 -21.41 -47.88
N VAL U 49 -25.89 -21.51 -46.65
CA VAL U 49 -25.02 -21.35 -45.49
C VAL U 49 -23.97 -22.46 -45.45
N ASN U 50 -24.38 -23.71 -45.69
CA ASN U 50 -23.45 -24.81 -45.68
C ASN U 50 -22.42 -24.70 -46.80
N SER U 51 -22.82 -24.17 -47.95
CA SER U 51 -21.87 -23.92 -49.02
C SER U 51 -20.88 -22.83 -48.63
N LEU U 52 -21.36 -21.80 -47.94
CA LEU U 52 -20.46 -20.74 -47.47
C LEU U 52 -19.52 -21.25 -46.39
N VAL U 53 -19.98 -22.19 -45.57
CA VAL U 53 -19.10 -22.83 -44.59
C VAL U 53 -17.95 -23.55 -45.31
N ASN U 54 -18.26 -24.23 -46.42
CA ASN U 54 -17.23 -24.91 -47.19
C ASN U 54 -16.24 -23.93 -47.79
N LEU U 55 -16.74 -22.82 -48.33
CA LEU U 55 -15.88 -21.81 -48.92
C LEU U 55 -14.95 -21.21 -47.87
N TYR U 56 -15.44 -21.04 -46.64
CA TYR U 56 -14.60 -20.50 -45.58
C TYR U 56 -13.59 -21.53 -45.09
N LEU U 57 -13.99 -22.80 -45.03
CA LEU U 57 -13.04 -23.86 -44.72
C LEU U 57 -11.93 -23.91 -45.77
N GLN U 58 -12.30 -23.80 -47.04
CA GLN U 58 -11.32 -23.76 -48.11
C GLN U 58 -10.42 -22.52 -48.03
N ALA U 59 -11.00 -21.39 -47.63
CA ALA U 59 -10.22 -20.16 -47.50
C ALA U 59 -9.20 -20.27 -46.38
N SER U 60 -9.60 -20.80 -45.22
CA SER U 60 -8.67 -21.02 -44.13
C SER U 60 -7.54 -21.94 -44.54
N TYR U 61 -7.86 -22.98 -45.31
CA TYR U 61 -6.86 -23.94 -45.76
C TYR U 61 -5.87 -23.31 -46.72
N THR U 62 -6.36 -22.43 -47.60
CA THR U 62 -5.48 -21.70 -48.51
C THR U 62 -4.53 -20.79 -47.75
N TYR U 63 -5.02 -20.11 -46.71
CA TYR U 63 -4.18 -19.23 -45.93
C TYR U 63 -3.21 -20.02 -45.05
N LEU U 64 -3.58 -21.24 -44.66
CA LEU U 64 -2.62 -22.13 -44.00
C LEU U 64 -1.43 -22.39 -44.89
N SER U 65 -1.69 -22.74 -46.16
CA SER U 65 -0.62 -23.01 -47.11
C SER U 65 0.22 -21.78 -47.37
N LEU U 66 -0.42 -20.62 -47.52
CA LEU U 66 0.31 -19.38 -47.73
C LEU U 66 1.24 -19.07 -46.56
N GLY U 67 0.73 -19.23 -45.33
CA GLY U 67 1.52 -18.91 -44.16
C GLY U 67 2.77 -19.78 -44.03
N PHE U 68 2.65 -21.07 -44.34
CA PHE U 68 3.77 -21.98 -44.22
C PHE U 68 4.70 -21.92 -45.42
N TYR U 69 4.21 -21.46 -46.56
CA TYR U 69 5.09 -21.20 -47.69
C TYR U 69 6.07 -20.07 -47.39
N PHE U 70 5.59 -19.00 -46.77
CA PHE U 70 6.45 -17.88 -46.41
C PHE U 70 7.26 -18.12 -45.14
N ASP U 71 7.04 -19.25 -44.46
CA ASP U 71 7.91 -19.74 -43.41
C ASP U 71 9.02 -20.65 -43.93
N ARG U 72 9.00 -21.00 -45.22
CA ARG U 72 10.07 -21.79 -45.81
C ARG U 72 11.40 -21.04 -45.70
N ASP U 73 12.48 -21.82 -45.61
CA ASP U 73 13.80 -21.24 -45.46
C ASP U 73 14.22 -20.46 -46.70
N ASP U 74 13.76 -20.88 -47.88
CA ASP U 74 14.07 -20.22 -49.14
C ASP U 74 13.06 -19.16 -49.53
N VAL U 75 12.15 -18.77 -48.63
CA VAL U 75 11.27 -17.62 -48.83
C VAL U 75 11.54 -16.64 -47.70
N ALA U 76 11.31 -17.08 -46.47
CA ALA U 76 11.81 -16.44 -45.26
C ALA U 76 11.33 -14.99 -45.14
N LEU U 77 10.00 -14.85 -45.07
CA LEU U 77 9.35 -13.56 -44.83
C LEU U 77 8.38 -13.77 -43.68
N GLU U 78 8.84 -13.45 -42.48
CA GLU U 78 8.15 -13.80 -41.26
C GLU U 78 6.85 -13.03 -41.11
N GLY U 79 6.88 -11.72 -41.40
CA GLY U 79 5.68 -10.92 -41.29
C GLY U 79 4.60 -11.34 -42.28
N VAL U 80 5.01 -11.80 -43.46
CA VAL U 80 4.05 -12.26 -44.46
C VAL U 80 3.39 -13.55 -43.99
N SER U 81 4.18 -14.49 -43.46
CA SER U 81 3.63 -15.73 -42.93
C SER U 81 2.64 -15.45 -41.80
N HIS U 82 2.99 -14.54 -40.89
CA HIS U 82 2.10 -14.21 -39.79
C HIS U 82 0.83 -13.55 -40.28
N PHE U 83 0.93 -12.72 -41.31
CA PHE U 83 -0.24 -12.06 -41.88
C PHE U 83 -1.25 -13.08 -42.39
N PHE U 84 -0.78 -14.08 -43.15
CA PHE U 84 -1.67 -15.09 -43.68
C PHE U 84 -2.11 -16.09 -42.62
N ARG U 85 -1.27 -16.36 -41.63
CA ARG U 85 -1.68 -17.25 -40.55
C ARG U 85 -2.80 -16.62 -39.72
N GLU U 86 -2.75 -15.31 -39.51
CA GLU U 86 -3.83 -14.64 -38.80
C GLU U 86 -5.13 -14.70 -39.58
N LEU U 87 -5.04 -14.62 -40.91
CA LEU U 87 -6.24 -14.68 -41.74
C LEU U 87 -6.88 -16.06 -41.71
N ALA U 88 -6.06 -17.12 -41.64
CA ALA U 88 -6.61 -18.46 -41.52
C ALA U 88 -7.46 -18.60 -40.27
N GLU U 89 -7.04 -17.96 -39.17
CA GLU U 89 -7.84 -17.97 -37.95
C GLU U 89 -9.11 -17.14 -38.10
N GLU U 90 -9.02 -16.01 -38.80
CA GLU U 90 -10.22 -15.20 -39.04
C GLU U 90 -11.24 -15.97 -39.87
N LYS U 91 -10.80 -16.70 -40.89
CA LYS U 91 -11.73 -17.53 -41.65
C LYS U 91 -12.27 -18.67 -40.80
N ARG U 92 -11.47 -19.15 -39.83
CA ARG U 92 -11.95 -20.22 -38.95
C ARG U 92 -13.06 -19.72 -38.05
N GLU U 93 -12.88 -18.54 -37.46
CA GLU U 93 -13.95 -17.92 -36.68
C GLU U 93 -15.17 -17.61 -37.55
N GLY U 94 -14.97 -17.43 -38.85
CA GLY U 94 -16.06 -17.26 -39.77
C GLY U 94 -16.98 -18.45 -39.87
N TYR U 95 -16.46 -19.62 -40.26
CA TYR U 95 -17.34 -20.77 -40.42
C TYR U 95 -17.84 -21.30 -39.10
N GLU U 96 -17.13 -21.05 -38.00
CA GLU U 96 -17.63 -21.42 -36.69
C GLU U 96 -18.85 -20.58 -36.32
N ARG U 97 -18.80 -19.28 -36.61
CA ARG U 97 -19.96 -18.41 -36.41
C ARG U 97 -21.13 -18.85 -37.27
N LEU U 98 -20.86 -19.22 -38.53
CA LEU U 98 -21.91 -19.71 -39.42
C LEU U 98 -22.54 -20.99 -38.89
N LEU U 99 -21.72 -21.92 -38.41
CA LEU U 99 -22.23 -23.18 -37.91
C LEU U 99 -23.04 -22.98 -36.62
N LYS U 100 -22.62 -22.06 -35.76
CA LYS U 100 -23.41 -21.70 -34.58
C LYS U 100 -24.77 -21.16 -34.99
N MET U 101 -24.79 -20.25 -35.98
CA MET U 101 -26.06 -19.68 -36.44
C MET U 101 -26.95 -20.75 -37.05
N GLN U 102 -26.36 -21.67 -37.83
CA GLN U 102 -27.13 -22.74 -38.44
C GLN U 102 -27.87 -23.55 -37.39
N ASN U 103 -27.21 -23.85 -36.27
CA ASN U 103 -27.86 -24.60 -35.20
C ASN U 103 -28.88 -23.74 -34.45
N GLN U 104 -28.58 -22.45 -34.28
CA GLN U 104 -29.52 -21.55 -33.62
C GLN U 104 -30.86 -21.49 -34.36
N ARG U 105 -30.82 -21.54 -35.68
CA ARG U 105 -32.01 -21.42 -36.52
C ARG U 105 -32.66 -22.77 -36.83
N GLY U 106 -32.14 -23.86 -36.28
CA GLY U 106 -32.70 -25.17 -36.55
C GLY U 106 -32.28 -25.78 -37.86
N GLY U 107 -31.25 -25.24 -38.52
CA GLY U 107 -30.69 -25.86 -39.68
C GLY U 107 -29.70 -26.94 -39.32
N ARG U 108 -29.29 -27.70 -40.33
CA ARG U 108 -28.45 -28.87 -40.14
C ARG U 108 -27.20 -28.75 -41.00
N ALA U 109 -26.05 -28.77 -40.33
CA ALA U 109 -24.76 -28.68 -41.02
C ALA U 109 -24.51 -29.92 -41.85
N LEU U 110 -24.09 -29.72 -43.10
CA LEU U 110 -23.71 -30.80 -44.00
C LEU U 110 -22.33 -30.47 -44.53
N PHE U 111 -21.36 -31.27 -44.12
CA PHE U 111 -19.96 -31.03 -44.44
C PHE U 111 -19.56 -31.79 -45.68
N GLN U 112 -18.86 -31.12 -46.57
CA GLN U 112 -18.32 -31.70 -47.79
C GLN U 112 -16.80 -31.66 -47.74
N ASP U 113 -16.18 -32.32 -48.71
CA ASP U 113 -14.74 -32.33 -48.83
C ASP U 113 -14.21 -30.92 -49.04
N ILE U 114 -13.09 -30.61 -48.40
CA ILE U 114 -12.44 -29.31 -48.50
C ILE U 114 -11.36 -29.42 -49.57
N LYS U 115 -11.52 -28.68 -50.66
CA LYS U 115 -10.57 -28.72 -51.75
C LYS U 115 -9.23 -28.14 -51.32
N LYS U 116 -8.16 -28.73 -51.86
CA LYS U 116 -6.83 -28.22 -51.58
C LYS U 116 -6.66 -26.84 -52.21
N PRO U 117 -5.66 -26.07 -51.75
CA PRO U 117 -5.40 -24.78 -52.38
C PRO U 117 -4.99 -24.94 -53.84
N ALA U 118 -5.28 -23.90 -54.61
CA ALA U 118 -5.03 -23.93 -56.05
C ALA U 118 -3.56 -24.00 -56.39
N GLU U 119 -2.68 -23.57 -55.49
CA GLU U 119 -1.25 -23.57 -55.71
C GLU U 119 -0.53 -24.21 -54.53
N ASP U 120 0.60 -24.84 -54.82
CA ASP U 120 1.51 -25.32 -53.80
C ASP U 120 2.58 -24.28 -53.48
N GLU U 121 3.04 -23.55 -54.49
CA GLU U 121 3.98 -22.45 -54.34
C GLU U 121 3.32 -21.16 -54.76
N TRP U 122 3.46 -20.14 -53.92
CA TRP U 122 2.73 -18.88 -54.06
C TRP U 122 3.59 -17.73 -54.54
N GLY U 123 4.80 -18.00 -55.03
CA GLY U 123 5.61 -16.96 -55.61
C GLY U 123 6.07 -15.95 -54.58
N LYS U 124 6.06 -14.68 -54.98
CA LYS U 124 6.50 -13.58 -54.15
C LYS U 124 5.31 -12.90 -53.49
N THR U 125 5.60 -11.99 -52.58
CA THR U 125 4.56 -11.34 -51.78
C THR U 125 3.50 -10.63 -52.63
N PRO U 126 3.83 -9.92 -53.72
CA PRO U 126 2.74 -9.36 -54.54
C PRO U 126 1.83 -10.42 -55.15
N ASP U 127 2.40 -11.53 -55.60
CA ASP U 127 1.57 -12.59 -56.19
C ASP U 127 0.67 -13.22 -55.13
N ALA U 128 1.19 -13.42 -53.92
CA ALA U 128 0.42 -14.01 -52.85
C ALA U 128 -0.70 -13.07 -52.39
N MET U 129 -0.40 -11.78 -52.24
CA MET U 129 -1.42 -10.82 -51.83
C MET U 129 -2.52 -10.70 -52.87
N LYS U 130 -2.16 -10.78 -54.16
CA LYS U 130 -3.16 -10.75 -55.21
C LYS U 130 -4.08 -11.96 -55.14
N ALA U 131 -3.53 -13.14 -54.83
CA ALA U 131 -4.35 -14.33 -54.69
C ALA U 131 -5.26 -14.23 -53.48
N ALA U 132 -4.74 -13.70 -52.36
CA ALA U 132 -5.56 -13.48 -51.19
C ALA U 132 -6.65 -12.46 -51.46
N MET U 133 -6.33 -11.43 -52.24
CA MET U 133 -7.33 -10.44 -52.64
C MET U 133 -8.46 -11.10 -53.42
N ALA U 134 -8.12 -11.92 -54.41
CA ALA U 134 -9.13 -12.60 -55.22
C ALA U 134 -9.97 -13.54 -54.37
N LEU U 135 -9.36 -14.18 -53.37
CA LEU U 135 -10.10 -15.08 -52.50
C LEU U 135 -11.10 -14.32 -51.66
N GLU U 136 -10.69 -13.20 -51.06
CA GLU U 136 -11.61 -12.42 -50.24
C GLU U 136 -12.74 -11.83 -51.05
N LYS U 137 -12.47 -11.43 -52.29
CA LYS U 137 -13.52 -10.94 -53.17
C LYS U 137 -14.53 -12.04 -53.49
N LYS U 138 -14.05 -13.28 -53.69
CA LYS U 138 -14.95 -14.41 -53.91
C LYS U 138 -15.81 -14.66 -52.67
N LEU U 139 -15.20 -14.60 -51.49
CA LEU U 139 -15.97 -14.74 -50.25
C LEU U 139 -16.98 -13.62 -50.11
N ASN U 140 -16.58 -12.39 -50.44
CA ASN U 140 -17.48 -11.25 -50.34
C ASN U 140 -18.66 -11.41 -51.29
N GLN U 141 -18.41 -11.91 -52.50
CA GLN U 141 -19.50 -12.09 -53.46
C GLN U 141 -20.46 -13.17 -52.98
N ALA U 142 -19.94 -14.21 -52.33
CA ALA U 142 -20.82 -15.24 -51.77
C ALA U 142 -21.64 -14.68 -50.62
N LEU U 143 -21.06 -13.83 -49.79
CA LEU U 143 -21.80 -13.21 -48.69
C LEU U 143 -22.91 -12.32 -49.23
N LEU U 144 -22.62 -11.51 -50.24
CA LEU U 144 -23.62 -10.63 -50.81
C LEU U 144 -24.74 -11.41 -51.49
N ASP U 145 -24.39 -12.53 -52.13
CA ASP U 145 -25.41 -13.38 -52.73
C ASP U 145 -26.29 -14.02 -51.68
N LEU U 146 -25.71 -14.44 -50.55
CA LEU U 146 -26.50 -15.01 -49.47
C LEU U 146 -27.42 -13.97 -48.85
N HIS U 147 -26.92 -12.74 -48.69
CA HIS U 147 -27.77 -11.65 -48.21
C HIS U 147 -28.92 -11.40 -49.16
N ALA U 148 -28.65 -11.40 -50.46
CA ALA U 148 -29.70 -11.22 -51.45
C ALA U 148 -30.71 -12.36 -51.41
N LEU U 149 -30.24 -13.58 -51.16
CA LEU U 149 -31.14 -14.71 -51.02
C LEU U 149 -32.00 -14.56 -49.77
N GLY U 150 -31.39 -14.17 -48.65
CA GLY U 150 -32.15 -13.99 -47.44
C GLY U 150 -33.19 -12.89 -47.55
N SER U 151 -32.86 -11.82 -48.26
CA SER U 151 -33.83 -10.76 -48.51
C SER U 151 -34.98 -11.25 -49.36
N ALA U 152 -34.69 -12.01 -50.41
CA ALA U 152 -35.74 -12.56 -51.27
C ALA U 152 -36.63 -13.51 -50.50
N ARG U 153 -36.06 -14.28 -49.57
CA ARG U 153 -36.81 -15.20 -48.73
C ARG U 153 -37.33 -14.55 -47.45
N THR U 154 -37.08 -13.26 -47.24
CA THR U 154 -37.57 -12.53 -46.08
C THR U 154 -37.06 -13.16 -44.79
N ASP U 155 -35.73 -13.14 -44.64
CA ASP U 155 -35.02 -13.70 -43.49
C ASP U 155 -34.18 -12.58 -42.86
N PRO U 156 -34.78 -11.74 -42.02
CA PRO U 156 -34.02 -10.60 -41.50
C PRO U 156 -32.96 -10.96 -40.48
N HIS U 157 -33.12 -12.04 -39.73
CA HIS U 157 -32.06 -12.47 -38.82
C HIS U 157 -30.79 -12.81 -39.59
N LEU U 158 -30.93 -13.55 -40.69
CA LEU U 158 -29.77 -13.88 -41.51
C LEU U 158 -29.11 -12.62 -42.05
N CYS U 159 -29.91 -11.73 -42.63
CA CYS U 159 -29.37 -10.52 -43.25
C CYS U 159 -28.63 -9.66 -42.24
N ASP U 160 -29.18 -9.50 -41.04
CA ASP U 160 -28.50 -8.73 -40.01
C ASP U 160 -27.29 -9.47 -39.45
N PHE U 161 -27.34 -10.80 -39.44
CA PHE U 161 -26.23 -11.60 -38.97
C PHE U 161 -25.01 -11.39 -39.87
N LEU U 162 -25.22 -11.40 -41.18
CA LEU U 162 -24.13 -11.15 -42.12
C LEU U 162 -23.65 -9.71 -42.04
N GLU U 163 -24.58 -8.76 -41.90
CA GLU U 163 -24.21 -7.36 -41.78
C GLU U 163 -23.37 -7.10 -40.55
N THR U 164 -23.67 -7.78 -39.45
CA THR U 164 -23.02 -7.51 -38.18
C THR U 164 -21.63 -8.12 -38.10
N HIS U 165 -21.45 -9.31 -38.69
CA HIS U 165 -20.27 -10.13 -38.44
C HIS U 165 -19.37 -10.33 -39.65
N PHE U 166 -19.88 -10.18 -40.87
CA PHE U 166 -19.16 -10.59 -42.08
C PHE U 166 -18.91 -9.45 -43.06
N LEU U 167 -19.94 -8.67 -43.42
CA LEU U 167 -19.84 -7.77 -44.56
C LEU U 167 -18.81 -6.67 -44.33
N ASP U 168 -18.81 -6.05 -43.15
CA ASP U 168 -17.84 -4.99 -42.88
C ASP U 168 -16.44 -5.56 -42.70
N GLU U 169 -16.33 -6.75 -42.13
CA GLU U 169 -15.04 -7.41 -41.98
C GLU U 169 -14.37 -7.61 -43.33
N GLU U 170 -15.14 -8.03 -44.33
CA GLU U 170 -14.57 -8.27 -45.66
C GLU U 170 -14.20 -6.95 -46.33
N VAL U 171 -15.03 -5.93 -46.21
CA VAL U 171 -14.74 -4.62 -46.79
C VAL U 171 -13.45 -4.07 -46.21
N LYS U 172 -13.28 -4.19 -44.89
CA LYS U 172 -12.07 -3.69 -44.25
C LYS U 172 -10.85 -4.47 -44.71
N LEU U 173 -10.96 -5.79 -44.81
CA LEU U 173 -9.82 -6.62 -45.19
C LEU U 173 -9.43 -6.39 -46.63
N ILE U 174 -10.42 -6.27 -47.53
CA ILE U 174 -10.12 -6.02 -48.93
C ILE U 174 -9.45 -4.66 -49.09
N LYS U 175 -9.84 -3.68 -48.27
CA LYS U 175 -9.19 -2.37 -48.28
C LYS U 175 -7.73 -2.48 -47.87
N LYS U 176 -7.46 -3.23 -46.79
CA LYS U 176 -6.09 -3.39 -46.31
C LYS U 176 -5.22 -4.10 -47.33
N MET U 177 -5.74 -5.15 -47.96
CA MET U 177 -4.99 -5.84 -49.00
C MET U 177 -4.70 -4.93 -50.19
N GLY U 178 -5.68 -4.10 -50.56
CA GLY U 178 -5.45 -3.14 -51.62
C GLY U 178 -4.37 -2.14 -51.26
N ASP U 179 -4.34 -1.70 -50.01
CA ASP U 179 -3.28 -0.82 -49.55
C ASP U 179 -1.93 -1.51 -49.63
N HIS U 180 -1.86 -2.77 -49.22
CA HIS U 180 -0.61 -3.53 -49.29
C HIS U 180 -0.14 -3.67 -50.72
N LEU U 181 -1.06 -3.97 -51.65
CA LEU U 181 -0.69 -4.13 -53.05
C LEU U 181 -0.17 -2.83 -53.65
N THR U 182 -0.74 -1.70 -53.26
CA THR U 182 -0.28 -0.41 -53.77
C THR U 182 1.13 -0.13 -53.29
N ASN U 183 1.40 -0.37 -52.01
CA ASN U 183 2.74 -0.16 -51.47
C ASN U 183 3.75 -1.14 -52.08
N LEU U 184 3.33 -2.38 -52.30
CA LEU U 184 4.22 -3.36 -52.92
C LEU U 184 4.55 -2.96 -54.35
N HIS U 185 3.57 -2.43 -55.08
CA HIS U 185 3.82 -1.93 -56.43
C HIS U 185 4.72 -0.70 -56.39
N ARG U 186 4.55 0.15 -55.38
CA ARG U 186 5.41 1.31 -55.20
C ARG U 186 6.84 0.87 -54.93
N LEU U 187 7.01 -0.22 -54.18
CA LEU U 187 8.32 -0.77 -53.86
C LEU U 187 8.83 -1.75 -54.90
N GLY U 188 8.23 -1.79 -56.07
CA GLY U 188 8.62 -2.71 -57.12
C GLY U 188 9.83 -2.22 -57.88
N GLY U 189 10.00 -2.76 -59.08
CA GLY U 189 11.09 -2.39 -59.94
C GLY U 189 12.28 -3.31 -59.81
N PRO U 190 13.47 -2.87 -60.25
CA PRO U 190 14.66 -3.73 -60.11
C PRO U 190 15.11 -3.90 -58.67
N GLU U 191 14.64 -3.06 -57.75
CA GLU U 191 14.88 -3.23 -56.31
C GLU U 191 13.76 -4.00 -55.63
N ALA U 192 13.12 -4.93 -56.34
CA ALA U 192 11.94 -5.60 -55.81
C ALA U 192 12.27 -6.42 -54.57
N GLY U 193 13.41 -7.11 -54.57
CA GLY U 193 13.80 -7.87 -53.39
C GLY U 193 14.00 -6.99 -52.18
N LEU U 194 14.69 -5.86 -52.36
CA LEU U 194 14.82 -4.88 -51.30
C LEU U 194 13.46 -4.37 -50.86
N GLY U 195 12.58 -4.08 -51.81
CA GLY U 195 11.24 -3.64 -51.47
C GLY U 195 10.47 -4.69 -50.70
N GLU U 196 10.60 -5.95 -51.09
CA GLU U 196 9.91 -7.03 -50.40
C GLU U 196 10.36 -7.14 -48.95
N TYR U 197 11.68 -7.02 -48.72
CA TYR U 197 12.22 -7.06 -47.36
C TYR U 197 11.70 -5.90 -46.53
N LEU U 198 11.73 -4.69 -47.08
CA LEU U 198 11.31 -3.52 -46.32
C LEU U 198 9.82 -3.55 -46.01
N PHE U 199 9.01 -4.03 -46.95
CA PHE U 199 7.57 -4.15 -46.69
C PHE U 199 7.31 -5.08 -45.51
N GLU U 200 7.97 -6.24 -45.51
CA GLU U 200 7.80 -7.20 -44.43
C GLU U 200 8.29 -6.64 -43.11
N ARG U 201 9.40 -5.91 -43.13
CA ARG U 201 9.98 -5.37 -41.91
C ARG U 201 9.16 -4.22 -41.33
N LEU U 202 8.71 -3.30 -42.17
CA LEU U 202 8.17 -2.02 -41.72
C LEU U 202 6.66 -1.88 -41.80
N THR U 203 5.97 -2.72 -42.56
CA THR U 203 4.51 -2.76 -42.61
C THR U 203 3.92 -3.97 -41.92
N LEU U 204 4.45 -5.16 -42.20
CA LEU U 204 3.89 -6.41 -41.70
C LEU U 204 4.58 -6.95 -40.46
N ARG U 205 5.69 -6.35 -40.04
CA ARG U 205 6.49 -6.89 -38.94
C ARG U 205 6.97 -8.31 -39.27
N SER V 34 -26.82 -54.95 15.45
CA SER V 34 -25.57 -55.50 14.92
C SER V 34 -24.91 -54.45 14.03
N SER V 35 -24.39 -53.40 14.66
CA SER V 35 -23.75 -52.33 13.91
C SER V 35 -22.49 -52.85 13.22
N GLN V 36 -22.35 -52.52 11.94
CA GLN V 36 -21.22 -53.00 11.15
C GLN V 36 -19.89 -52.45 11.66
N ILE V 37 -19.89 -51.25 12.23
CA ILE V 37 -18.65 -50.62 12.68
C ILE V 37 -18.27 -50.98 14.10
N ARG V 38 -19.18 -51.57 14.87
CA ARG V 38 -18.96 -51.76 16.30
C ARG V 38 -17.84 -52.75 16.53
N GLN V 39 -16.88 -52.35 17.36
CA GLN V 39 -15.71 -53.18 17.64
C GLN V 39 -15.27 -52.92 19.07
N ASN V 40 -15.46 -53.92 19.93
CA ASN V 40 -15.05 -53.86 21.33
C ASN V 40 -15.68 -52.66 22.05
N TYR V 41 -16.98 -52.49 21.85
CA TYR V 41 -17.76 -51.44 22.51
C TYR V 41 -18.84 -52.11 23.34
N SER V 42 -18.62 -52.17 24.65
CA SER V 42 -19.51 -52.84 25.58
C SER V 42 -20.89 -52.17 25.62
N THR V 43 -21.92 -53.01 25.76
CA THR V 43 -23.26 -52.51 25.98
C THR V 43 -23.38 -51.77 27.31
N ASP V 44 -22.63 -52.20 28.33
CA ASP V 44 -22.58 -51.47 29.59
C ASP V 44 -22.05 -50.07 29.39
N VAL V 45 -21.00 -49.93 28.58
CA VAL V 45 -20.45 -48.61 28.28
C VAL V 45 -21.45 -47.80 27.47
N GLU V 46 -22.08 -48.42 26.48
CA GLU V 46 -23.08 -47.74 25.66
C GLU V 46 -24.20 -47.17 26.52
N ALA V 47 -24.69 -47.96 27.48
CA ALA V 47 -25.75 -47.49 28.36
C ALA V 47 -25.26 -46.37 29.27
N ALA V 48 -24.07 -46.53 29.85
CA ALA V 48 -23.52 -45.51 30.73
C ALA V 48 -23.29 -44.19 30.01
N VAL V 49 -22.92 -44.25 28.73
CA VAL V 49 -22.76 -43.02 27.95
C VAL V 49 -24.09 -42.31 27.80
N ASN V 50 -25.16 -43.06 27.50
CA ASN V 50 -26.48 -42.45 27.35
C ASN V 50 -26.98 -41.87 28.66
N SER V 51 -26.66 -42.50 29.79
CA SER V 51 -27.00 -41.92 31.09
C SER V 51 -26.24 -40.64 31.35
N LEU V 52 -24.96 -40.60 30.95
CA LEU V 52 -24.17 -39.39 31.10
C LEU V 52 -24.66 -38.27 30.17
N VAL V 53 -25.17 -38.63 28.99
CA VAL V 53 -25.79 -37.66 28.11
C VAL V 53 -27.00 -37.02 28.81
N ASN V 54 -27.80 -37.83 29.51
CA ASN V 54 -28.95 -37.30 30.23
C ASN V 54 -28.52 -36.37 31.36
N LEU V 55 -27.48 -36.76 32.11
CA LEU V 55 -26.97 -35.93 33.19
C LEU V 55 -26.47 -34.59 32.68
N TYR V 56 -25.84 -34.58 31.50
CA TYR V 56 -25.36 -33.34 30.92
C TYR V 56 -26.50 -32.49 30.38
N LEU V 57 -27.52 -33.13 29.79
CA LEU V 57 -28.72 -32.40 29.40
C LEU V 57 -29.38 -31.75 30.60
N GLN V 58 -29.47 -32.49 31.71
CA GLN V 58 -30.03 -31.94 32.94
C GLN V 58 -29.16 -30.81 33.49
N ALA V 59 -27.84 -30.94 33.37
CA ALA V 59 -26.94 -29.91 33.86
C ALA V 59 -27.08 -28.62 33.07
N SER V 60 -27.15 -28.73 31.74
CA SER V 60 -27.38 -27.56 30.89
C SER V 60 -28.69 -26.88 31.25
N TYR V 61 -29.73 -27.66 31.52
CA TYR V 61 -31.03 -27.11 31.84
C TYR V 61 -31.02 -26.40 33.19
N THR V 62 -30.27 -26.93 34.16
CA THR V 62 -30.12 -26.26 35.45
C THR V 62 -29.40 -24.93 35.30
N TYR V 63 -28.36 -24.89 34.46
CA TYR V 63 -27.64 -23.64 34.25
C TYR V 63 -28.45 -22.65 33.43
N LEU V 64 -29.35 -23.14 32.58
CA LEU V 64 -30.31 -22.26 31.91
C LEU V 64 -31.16 -21.52 32.94
N SER V 65 -31.72 -22.26 33.89
CA SER V 65 -32.55 -21.66 34.94
C SER V 65 -31.75 -20.69 35.80
N LEU V 66 -30.51 -21.07 36.16
CA LEU V 66 -29.67 -20.19 36.95
C LEU V 66 -29.39 -18.88 36.22
N GLY V 67 -29.08 -18.97 34.93
CA GLY V 67 -28.75 -17.77 34.17
C GLY V 67 -29.91 -16.79 34.07
N PHE V 68 -31.13 -17.30 33.89
CA PHE V 68 -32.29 -16.44 33.75
C PHE V 68 -32.84 -15.98 35.09
N TYR V 69 -32.53 -16.71 36.17
CA TYR V 69 -32.87 -16.23 37.50
C TYR V 69 -32.07 -14.98 37.85
N PHE V 70 -30.78 -14.95 37.53
CA PHE V 70 -29.94 -13.79 37.79
C PHE V 70 -30.12 -12.69 36.75
N ASP V 71 -30.90 -12.92 35.71
CA ASP V 71 -31.37 -11.88 34.80
C ASP V 71 -32.70 -11.26 35.25
N ARG V 72 -33.33 -11.78 36.30
CA ARG V 72 -34.53 -11.18 36.83
C ARG V 72 -34.27 -9.76 37.32
N ASP V 73 -35.30 -8.92 37.25
CA ASP V 73 -35.15 -7.52 37.63
C ASP V 73 -34.88 -7.39 39.12
N ASP V 74 -35.41 -8.29 39.94
CA ASP V 74 -35.22 -8.29 41.38
C ASP V 74 -34.02 -9.09 41.84
N VAL V 75 -33.15 -9.53 40.93
CA VAL V 75 -31.88 -10.14 41.27
C VAL V 75 -30.78 -9.29 40.65
N ALA V 76 -30.80 -9.18 39.32
CA ALA V 76 -30.07 -8.17 38.56
C ALA V 76 -28.57 -8.24 38.82
N LEU V 77 -28.00 -9.39 38.47
CA LEU V 77 -26.55 -9.62 38.53
C LEU V 77 -26.14 -10.17 37.16
N GLU V 78 -25.69 -9.26 36.30
CA GLU V 78 -25.49 -9.58 34.90
C GLU V 78 -24.33 -10.54 34.70
N GLY V 79 -23.22 -10.29 35.40
CA GLY V 79 -22.07 -11.17 35.28
C GLY V 79 -22.35 -12.58 35.77
N VAL V 80 -23.20 -12.71 36.79
CA VAL V 80 -23.55 -14.03 37.30
C VAL V 80 -24.41 -14.78 36.29
N SER V 81 -25.38 -14.09 35.68
CA SER V 81 -26.20 -14.70 34.64
C SER V 81 -25.35 -15.16 33.47
N HIS V 82 -24.41 -14.33 33.03
CA HIS V 82 -23.55 -14.69 31.92
C HIS V 82 -22.66 -15.88 32.27
N PHE V 83 -22.19 -15.93 33.51
CA PHE V 83 -21.35 -17.04 33.96
C PHE V 83 -22.09 -18.37 33.83
N PHE V 84 -23.33 -18.42 34.30
CA PHE V 84 -24.11 -19.64 34.22
C PHE V 84 -24.62 -19.93 32.81
N ARG V 85 -24.89 -18.89 32.02
CA ARG V 85 -25.30 -19.10 30.65
C ARG V 85 -24.17 -19.70 29.83
N GLU V 86 -22.93 -19.30 30.09
CA GLU V 86 -21.79 -19.87 29.40
C GLU V 86 -21.61 -21.34 29.77
N LEU V 87 -21.91 -21.70 31.02
CA LEU V 87 -21.78 -23.08 31.46
C LEU V 87 -22.83 -23.97 30.81
N ALA V 88 -24.03 -23.44 30.60
CA ALA V 88 -25.06 -24.22 29.90
C ALA V 88 -24.60 -24.60 28.49
N GLU V 89 -23.87 -23.70 27.83
CA GLU V 89 -23.33 -24.02 26.52
C GLU V 89 -22.20 -25.03 26.61
N GLU V 90 -21.37 -24.95 27.65
CA GLU V 90 -20.31 -25.92 27.84
C GLU V 90 -20.88 -27.31 28.07
N LYS V 91 -21.94 -27.42 28.87
CA LYS V 91 -22.59 -28.71 29.06
C LYS V 91 -23.25 -29.18 27.76
N ARG V 92 -23.71 -28.26 26.93
CA ARG V 92 -24.31 -28.62 25.65
C ARG V 92 -23.27 -29.23 24.72
N GLU V 93 -22.11 -28.60 24.61
CA GLU V 93 -21.00 -29.17 23.86
C GLU V 93 -20.54 -30.49 24.44
N GLY V 94 -20.75 -30.71 25.74
CA GLY V 94 -20.49 -31.98 26.36
C GLY V 94 -21.30 -33.13 25.81
N TYR V 95 -22.63 -33.05 25.92
CA TYR V 95 -23.44 -34.17 25.46
C TYR V 95 -23.43 -34.32 23.94
N GLU V 96 -23.17 -33.23 23.22
CA GLU V 96 -23.01 -33.34 21.77
C GLU V 96 -21.76 -34.13 21.42
N ARG V 97 -20.66 -33.89 22.14
CA ARG V 97 -19.45 -34.69 21.94
C ARG V 97 -19.69 -36.15 22.30
N LEU V 98 -20.42 -36.40 23.38
CA LEU V 98 -20.74 -37.77 23.77
C LEU V 98 -21.58 -38.46 22.70
N LEU V 99 -22.57 -37.77 22.15
CA LEU V 99 -23.44 -38.36 21.14
C LEU V 99 -22.68 -38.62 19.85
N LYS V 100 -21.76 -37.73 19.47
CA LYS V 100 -20.89 -37.98 18.33
C LYS V 100 -20.05 -39.23 18.55
N MET V 101 -19.46 -39.37 19.73
CA MET V 101 -18.65 -40.55 20.04
C MET V 101 -19.49 -41.82 20.00
N GLN V 102 -20.71 -41.75 20.55
CA GLN V 102 -21.60 -42.90 20.56
C GLN V 102 -21.84 -43.42 19.14
N ASN V 103 -22.04 -42.51 18.19
CA ASN V 103 -22.25 -42.91 16.80
C ASN V 103 -20.95 -43.39 16.17
N GLN V 104 -19.82 -42.77 16.51
CA GLN V 104 -18.53 -43.20 15.98
C GLN V 104 -18.24 -44.65 16.34
N ARG V 105 -18.63 -45.08 17.54
CA ARG V 105 -18.34 -46.42 18.03
C ARG V 105 -19.44 -47.42 17.71
N GLY V 106 -20.47 -47.03 16.96
CA GLY V 106 -21.55 -47.92 16.63
C GLY V 106 -22.57 -48.13 17.73
N GLY V 107 -22.57 -47.29 18.76
CA GLY V 107 -23.61 -47.30 19.75
C GLY V 107 -24.82 -46.51 19.30
N ARG V 108 -25.90 -46.65 20.08
CA ARG V 108 -27.19 -46.09 19.73
C ARG V 108 -27.69 -45.21 20.85
N ALA V 109 -27.92 -43.95 20.53
CA ALA V 109 -28.43 -42.98 21.49
C ALA V 109 -29.85 -43.32 21.90
N LEU V 110 -30.11 -43.31 23.20
CA LEU V 110 -31.43 -43.51 23.76
C LEU V 110 -31.73 -42.35 24.69
N PHE V 111 -32.65 -41.50 24.29
CA PHE V 111 -32.96 -40.28 25.01
C PHE V 111 -34.11 -40.51 25.98
N GLN V 112 -33.94 -40.01 27.20
CA GLN V 112 -34.95 -40.06 28.24
C GLN V 112 -35.38 -38.65 28.60
N ASP V 113 -36.44 -38.57 29.41
CA ASP V 113 -36.93 -37.28 29.87
C ASP V 113 -35.86 -36.54 30.66
N ILE V 114 -35.78 -35.23 30.46
CA ILE V 114 -34.83 -34.38 31.16
C ILE V 114 -35.55 -33.78 32.36
N LYS V 115 -35.08 -34.12 33.55
CA LYS V 115 -35.71 -33.63 34.76
C LYS V 115 -35.50 -32.13 34.91
N LYS V 116 -36.51 -31.47 35.46
CA LYS V 116 -36.41 -30.04 35.71
C LYS V 116 -35.35 -29.77 36.78
N PRO V 117 -34.87 -28.53 36.88
CA PRO V 117 -33.92 -28.21 37.95
C PRO V 117 -34.56 -28.36 39.33
N ALA V 118 -33.72 -28.64 40.31
CA ALA V 118 -34.18 -28.91 41.66
C ALA V 118 -34.81 -27.69 42.32
N GLU V 119 -34.47 -26.49 41.85
CA GLU V 119 -34.98 -25.24 42.42
C GLU V 119 -35.50 -24.35 41.30
N ASP V 120 -36.51 -23.56 41.64
CA ASP V 120 -37.00 -22.49 40.78
C ASP V 120 -36.31 -21.17 41.11
N GLU V 121 -36.05 -20.92 42.38
CA GLU V 121 -35.32 -19.76 42.85
C GLU V 121 -34.02 -20.21 43.50
N TRP V 122 -32.92 -19.57 43.11
CA TRP V 122 -31.57 -19.99 43.48
C TRP V 122 -30.91 -19.09 44.52
N GLY V 123 -31.68 -18.22 45.17
CA GLY V 123 -31.12 -17.42 46.25
C GLY V 123 -30.09 -16.42 45.77
N LYS V 124 -29.04 -16.29 46.55
CA LYS V 124 -27.96 -15.34 46.28
C LYS V 124 -26.80 -16.06 45.62
N THR V 125 -25.83 -15.27 45.16
CA THR V 125 -24.70 -15.81 44.39
C THR V 125 -23.93 -16.90 45.14
N PRO V 126 -23.65 -16.80 46.44
CA PRO V 126 -23.00 -17.94 47.11
C PRO V 126 -23.82 -19.21 47.09
N ASP V 127 -25.13 -19.11 47.26
CA ASP V 127 -25.98 -20.30 47.24
C ASP V 127 -26.01 -20.91 45.84
N ALA V 128 -26.05 -20.08 44.80
CA ALA V 128 -26.07 -20.56 43.44
C ALA V 128 -24.74 -21.22 43.06
N MET V 129 -23.63 -20.59 43.42
CA MET V 129 -22.33 -21.16 43.13
C MET V 129 -22.12 -22.49 43.84
N LYS V 130 -22.63 -22.62 45.07
CA LYS V 130 -22.53 -23.88 45.78
C LYS V 130 -23.33 -24.97 45.09
N ALA V 131 -24.49 -24.63 44.55
CA ALA V 131 -25.29 -25.61 43.81
C ALA V 131 -24.60 -26.01 42.52
N ALA V 132 -24.01 -25.05 41.81
CA ALA V 132 -23.26 -25.35 40.61
C ALA V 132 -22.03 -26.20 40.93
N MET V 133 -21.40 -25.94 42.07
CA MET V 133 -20.27 -26.75 42.52
C MET V 133 -20.70 -28.20 42.72
N ALA V 134 -21.81 -28.41 43.43
CA ALA V 134 -22.30 -29.75 43.67
C ALA V 134 -22.69 -30.46 42.39
N LEU V 135 -23.21 -29.72 41.42
CA LEU V 135 -23.59 -30.30 40.13
C LEU V 135 -22.35 -30.77 39.37
N GLU V 136 -21.32 -29.93 39.32
CA GLU V 136 -20.10 -30.30 38.59
C GLU V 136 -19.39 -31.48 39.26
N LYS V 137 -19.43 -31.56 40.59
CA LYS V 137 -18.86 -32.70 41.29
C LYS V 137 -19.63 -33.98 40.96
N LYS V 138 -20.95 -33.90 40.84
CA LYS V 138 -21.75 -35.05 40.43
C LYS V 138 -21.41 -35.47 39.02
N LEU V 139 -21.25 -34.51 38.11
CA LEU V 139 -20.82 -34.83 36.75
C LEU V 139 -19.43 -35.44 36.75
N ASN V 140 -18.52 -34.91 37.56
CA ASN V 140 -17.17 -35.44 37.63
C ASN V 140 -17.17 -36.88 38.14
N GLN V 141 -18.00 -37.17 39.14
CA GLN V 141 -18.06 -38.51 39.66
C GLN V 141 -18.62 -39.49 38.64
N ALA V 142 -19.57 -39.03 37.82
CA ALA V 142 -20.09 -39.89 36.75
C ALA V 142 -19.03 -40.13 35.69
N LEU V 143 -18.23 -39.12 35.36
CA LEU V 143 -17.15 -39.29 34.40
C LEU V 143 -16.12 -40.28 34.90
N LEU V 144 -15.73 -40.16 36.17
CA LEU V 144 -14.73 -41.07 36.73
C LEU V 144 -15.27 -42.49 36.81
N ASP V 145 -16.56 -42.64 37.10
CA ASP V 145 -17.16 -43.97 37.12
C ASP V 145 -17.19 -44.57 35.71
N LEU V 146 -17.49 -43.76 34.69
CA LEU V 146 -17.48 -44.26 33.32
C LEU V 146 -16.07 -44.65 32.89
N HIS V 147 -15.08 -43.85 33.27
CA HIS V 147 -13.69 -44.21 32.99
C HIS V 147 -13.33 -45.53 33.65
N ALA V 148 -13.74 -45.72 34.91
CA ALA V 148 -13.48 -46.96 35.61
C ALA V 148 -14.19 -48.13 34.93
N LEU V 149 -15.39 -47.90 34.41
CA LEU V 149 -16.09 -48.94 33.69
C LEU V 149 -15.38 -49.27 32.39
N GLY V 150 -14.94 -48.25 31.64
CA GLY V 150 -14.22 -48.50 30.41
C GLY V 150 -12.91 -49.23 30.63
N SER V 151 -12.22 -48.92 31.72
CA SER V 151 -11.00 -49.64 32.05
C SER V 151 -11.29 -51.09 32.38
N ALA V 152 -12.34 -51.35 33.15
CA ALA V 152 -12.72 -52.73 33.48
C ALA V 152 -13.10 -53.50 32.23
N ARG V 153 -13.76 -52.85 31.28
CA ARG V 153 -14.15 -53.46 30.02
C ARG V 153 -13.07 -53.36 28.95
N THR V 154 -11.92 -52.77 29.25
CA THR V 154 -10.81 -52.65 28.32
C THR V 154 -11.23 -51.89 27.06
N ASP V 155 -11.60 -50.63 27.26
CA ASP V 155 -12.05 -49.73 26.21
C ASP V 155 -11.15 -48.49 26.22
N PRO V 156 -9.97 -48.57 25.60
CA PRO V 156 -9.04 -47.43 25.69
C PRO V 156 -9.47 -46.20 24.91
N HIS V 157 -10.21 -46.35 23.82
CA HIS V 157 -10.73 -45.17 23.11
C HIS V 157 -11.63 -44.35 24.01
N LEU V 158 -12.54 -45.01 24.73
CA LEU V 158 -13.41 -44.31 25.65
C LEU V 158 -12.61 -43.59 26.74
N CYS V 159 -11.69 -44.32 27.36
CA CYS V 159 -10.91 -43.75 28.46
C CYS V 159 -10.12 -42.54 28.02
N ASP V 160 -9.49 -42.60 26.85
CA ASP V 160 -8.75 -41.45 26.35
C ASP V 160 -9.67 -40.34 25.89
N PHE V 161 -10.86 -40.69 25.41
CA PHE V 161 -11.84 -39.69 25.01
C PHE V 161 -12.27 -38.83 26.19
N LEU V 162 -12.54 -39.47 27.33
CA LEU V 162 -12.89 -38.73 28.54
C LEU V 162 -11.72 -37.93 29.07
N GLU V 163 -10.51 -38.51 29.01
CA GLU V 163 -9.32 -37.82 29.48
C GLU V 163 -9.05 -36.57 28.65
N THR V 164 -9.30 -36.64 27.35
CA THR V 164 -8.94 -35.56 26.46
C THR V 164 -9.92 -34.40 26.53
N HIS V 165 -11.22 -34.71 26.70
CA HIS V 165 -12.29 -33.73 26.50
C HIS V 165 -13.06 -33.37 27.75
N PHE V 166 -13.06 -34.21 28.79
CA PHE V 166 -13.96 -34.05 29.93
C PHE V 166 -13.25 -33.89 31.26
N LEU V 167 -12.30 -34.77 31.59
CA LEU V 167 -11.79 -34.85 32.95
C LEU V 167 -11.07 -33.58 33.37
N ASP V 168 -10.21 -33.04 32.51
CA ASP V 168 -9.48 -31.82 32.85
C ASP V 168 -10.41 -30.61 32.85
N GLU V 169 -11.39 -30.59 31.94
CA GLU V 169 -12.36 -29.51 31.92
C GLU V 169 -13.09 -29.40 33.25
N GLU V 170 -13.49 -30.55 33.83
CA GLU V 170 -14.20 -30.52 35.09
C GLU V 170 -13.31 -30.10 36.24
N VAL V 171 -12.07 -30.59 36.26
CA VAL V 171 -11.12 -30.21 37.30
C VAL V 171 -10.88 -28.72 37.29
N LYS V 172 -10.71 -28.14 36.09
CA LYS V 172 -10.49 -26.71 35.97
C LYS V 172 -11.70 -25.92 36.44
N LEU V 173 -12.90 -26.37 36.05
CA LEU V 173 -14.12 -25.65 36.39
C LEU V 173 -14.39 -25.73 37.89
N ILE V 174 -14.20 -26.89 38.49
CA ILE V 174 -14.41 -27.04 39.93
C ILE V 174 -13.43 -26.16 40.70
N LYS V 175 -12.19 -26.02 40.19
CA LYS V 175 -11.22 -25.13 40.80
C LYS V 175 -11.69 -23.68 40.75
N LYS V 176 -12.19 -23.25 39.58
CA LYS V 176 -12.65 -21.87 39.43
C LYS V 176 -13.84 -21.58 40.34
N MET V 177 -14.78 -22.51 40.44
CA MET V 177 -15.92 -22.33 41.33
C MET V 177 -15.48 -22.25 42.78
N GLY V 178 -14.50 -23.08 43.16
CA GLY V 178 -13.95 -23.01 44.50
C GLY V 178 -13.30 -21.67 44.79
N ASP V 179 -12.59 -21.13 43.79
CA ASP V 179 -12.01 -19.79 43.94
C ASP V 179 -13.10 -18.75 44.12
N HIS V 180 -14.17 -18.83 43.34
CA HIS V 180 -15.29 -17.90 43.45
C HIS V 180 -15.92 -17.98 44.84
N LEU V 181 -16.13 -19.20 45.34
CA LEU V 181 -16.75 -19.37 46.65
C LEU V 181 -15.88 -18.80 47.77
N THR V 182 -14.56 -18.93 47.64
CA THR V 182 -13.66 -18.38 48.65
C THR V 182 -13.73 -16.86 48.67
N ASN V 183 -13.72 -16.24 47.49
CA ASN V 183 -13.83 -14.79 47.41
C ASN V 183 -15.20 -14.30 47.88
N LEU V 184 -16.26 -15.04 47.56
CA LEU V 184 -17.59 -14.67 48.02
C LEU V 184 -17.69 -14.75 49.53
N HIS V 185 -17.07 -15.77 50.13
CA HIS V 185 -17.03 -15.87 51.58
C HIS V 185 -16.18 -14.75 52.19
N ARG V 186 -15.10 -14.38 51.51
CA ARG V 186 -14.27 -13.26 51.95
C ARG V 186 -15.07 -11.96 51.91
N LEU V 187 -15.94 -11.81 50.91
CA LEU V 187 -16.77 -10.64 50.75
C LEU V 187 -18.10 -10.75 51.50
N GLY V 188 -18.23 -11.70 52.40
CA GLY V 188 -19.46 -11.90 53.15
C GLY V 188 -19.59 -10.94 54.30
N GLY V 189 -20.44 -11.31 55.25
CA GLY V 189 -20.66 -10.52 56.44
C GLY V 189 -21.86 -9.60 56.30
N PRO V 190 -21.95 -8.56 57.14
CA PRO V 190 -23.07 -7.63 57.02
C PRO V 190 -23.02 -6.77 55.77
N GLU V 191 -21.87 -6.70 55.09
CA GLU V 191 -21.75 -6.04 53.80
C GLU V 191 -21.92 -7.01 52.63
N ALA V 192 -22.73 -8.05 52.81
CA ALA V 192 -22.84 -9.10 51.81
C ALA V 192 -23.39 -8.57 50.49
N GLY V 193 -24.38 -7.69 50.54
CA GLY V 193 -24.91 -7.11 49.32
C GLY V 193 -23.87 -6.31 48.56
N LEU V 194 -23.11 -5.49 49.28
CA LEU V 194 -21.99 -4.78 48.68
C LEU V 194 -20.97 -5.75 48.10
N GLY V 195 -20.66 -6.82 48.85
CA GLY V 195 -19.75 -7.83 48.35
C GLY V 195 -20.26 -8.52 47.11
N GLU V 196 -21.56 -8.82 47.08
CA GLU V 196 -22.15 -9.47 45.92
C GLU V 196 -22.03 -8.58 44.67
N TYR V 197 -22.29 -7.29 44.83
CA TYR V 197 -22.17 -6.35 43.72
C TYR V 197 -20.73 -6.27 43.21
N LEU V 198 -19.77 -6.15 44.14
CA LEU V 198 -18.37 -6.01 43.73
C LEU V 198 -17.85 -7.28 43.07
N PHE V 199 -18.25 -8.45 43.56
CA PHE V 199 -17.83 -9.69 42.92
C PHE V 199 -18.31 -9.75 41.48
N GLU V 200 -19.58 -9.42 41.25
CA GLU V 200 -20.14 -9.44 39.90
C GLU V 200 -19.45 -8.41 39.01
N ARG V 201 -19.15 -7.24 39.56
CA ARG V 201 -18.54 -6.17 38.77
C ARG V 201 -17.08 -6.46 38.42
N LEU V 202 -16.30 -6.94 39.40
CA LEU V 202 -14.84 -6.98 39.27
C LEU V 202 -14.26 -8.37 39.02
N THR V 203 -14.99 -9.44 39.26
CA THR V 203 -14.55 -10.80 38.92
C THR V 203 -15.31 -11.39 37.74
N LEU V 204 -16.65 -11.28 37.73
CA LEU V 204 -17.48 -11.91 36.72
C LEU V 204 -17.88 -10.98 35.58
N ARG V 205 -17.59 -9.69 35.67
CA ARG V 205 -18.07 -8.72 34.70
C ARG V 205 -19.59 -8.71 34.65
N SER W 34 11.39 53.76 30.93
CA SER W 34 10.70 54.35 29.79
C SER W 34 10.71 53.36 28.63
N SER W 35 9.93 52.30 28.77
CA SER W 35 9.89 51.27 27.74
C SER W 35 9.29 51.83 26.46
N GLN W 36 9.96 51.57 25.34
CA GLN W 36 9.51 52.09 24.05
C GLN W 36 8.15 51.55 23.64
N ILE W 37 7.82 50.32 24.04
CA ILE W 37 6.58 49.69 23.63
C ILE W 37 5.41 49.99 24.55
N ARG W 38 5.68 50.53 25.74
CA ARG W 38 4.64 50.66 26.76
C ARG W 38 3.58 51.66 26.32
N GLN W 39 2.33 51.24 26.37
CA GLN W 39 1.21 52.07 25.95
C GLN W 39 0.01 51.74 26.82
N ASN W 40 -0.37 52.70 27.66
CA ASN W 40 -1.54 52.59 28.54
C ASN W 40 -1.45 51.35 29.43
N TYR W 41 -0.29 51.17 30.05
CA TYR W 41 -0.03 50.07 30.99
C TYR W 41 0.33 50.69 32.34
N SER W 42 -0.64 50.69 33.25
CA SER W 42 -0.49 51.30 34.56
C SER W 42 0.60 50.62 35.39
N THR W 43 1.32 51.44 36.15
CA THR W 43 2.28 50.90 37.11
C THR W 43 1.59 50.10 38.20
N ASP W 44 0.37 50.50 38.59
CA ASP W 44 -0.41 49.71 39.54
C ASP W 44 -0.69 48.32 39.00
N VAL W 45 -1.06 48.24 37.72
CA VAL W 45 -1.29 46.94 37.09
C VAL W 45 0.01 46.15 36.99
N GLU W 46 1.10 46.81 36.62
CA GLU W 46 2.40 46.15 36.52
C GLU W 46 2.78 45.53 37.86
N ALA W 47 2.60 46.26 38.95
CA ALA W 47 2.92 45.73 40.27
C ALA W 47 2.01 44.59 40.66
N ALA W 48 0.69 44.74 40.41
CA ALA W 48 -0.26 43.68 40.74
C ALA W 48 0.02 42.41 39.96
N VAL W 49 0.48 42.52 38.73
CA VAL W 49 0.84 41.35 37.95
C VAL W 49 2.02 40.62 38.60
N ASN W 50 3.03 41.36 39.03
CA ASN W 50 4.19 40.74 39.67
C ASN W 50 3.81 40.09 40.99
N SER W 51 2.87 40.68 41.73
CA SER W 51 2.37 40.04 42.95
C SER W 51 1.62 38.75 42.63
N LEU W 52 0.84 38.75 41.55
CA LEU W 52 0.14 37.55 41.13
C LEU W 52 1.11 36.48 40.65
N VAL W 53 2.21 36.87 40.02
CA VAL W 53 3.26 35.93 39.65
C VAL W 53 3.81 35.24 40.90
N ASN W 54 4.02 36.00 41.97
CA ASN W 54 4.51 35.43 43.22
C ASN W 54 3.50 34.46 43.82
N LEU W 55 2.23 34.83 43.80
CA LEU W 55 1.18 33.95 44.34
C LEU W 55 1.11 32.65 43.55
N TYR W 56 1.31 32.70 42.24
CA TYR W 56 1.29 31.50 41.43
C TYR W 56 2.54 30.65 41.64
N LEU W 57 3.70 31.30 41.82
CA LEU W 57 4.91 30.57 42.18
C LEU W 57 4.72 29.86 43.51
N GLN W 58 4.12 30.54 44.49
CA GLN W 58 3.84 29.94 45.78
C GLN W 58 2.83 28.80 45.65
N ALA W 59 1.85 28.96 44.77
CA ALA W 59 0.85 27.91 44.58
C ALA W 59 1.46 26.65 43.97
N SER W 60 2.31 26.83 42.95
CA SER W 60 3.01 25.70 42.35
C SER W 60 3.87 24.97 43.40
N TYR W 61 4.52 25.73 44.27
CA TYR W 61 5.37 25.15 45.29
C TYR W 61 4.57 24.37 46.32
N THR W 62 3.39 24.87 46.67
CA THR W 62 2.49 24.15 47.58
C THR W 62 2.04 22.83 46.97
N TYR W 63 1.71 22.84 45.68
CA TYR W 63 1.26 21.62 45.02
C TYR W 63 2.43 20.66 44.81
N LEU W 64 3.66 21.17 44.69
CA LEU W 64 4.83 20.30 44.69
C LEU W 64 4.91 19.51 45.98
N SER W 65 4.76 20.19 47.11
CA SER W 65 4.81 19.54 48.42
C SER W 65 3.68 18.54 48.58
N LEU W 66 2.47 18.91 48.15
CA LEU W 66 1.34 18.01 48.24
C LEU W 66 1.57 16.75 47.42
N GLY W 67 2.09 16.90 46.21
CA GLY W 67 2.30 15.75 45.35
C GLY W 67 3.30 14.75 45.92
N PHE W 68 4.38 15.25 46.53
CA PHE W 68 5.40 14.38 47.08
C PHE W 68 5.04 13.85 48.45
N TYR W 69 4.15 14.53 49.16
CA TYR W 69 3.62 13.99 50.41
C TYR W 69 2.80 12.73 50.16
N PHE W 70 1.96 12.74 49.13
CA PHE W 70 1.14 11.59 48.78
C PHE W 70 1.93 10.52 48.02
N ASP W 71 3.18 10.79 47.65
CA ASP W 71 4.11 9.79 47.15
C ASP W 71 4.91 9.13 48.28
N ARG W 72 4.77 9.59 49.52
CA ARG W 72 5.44 8.95 50.64
C ARG W 72 4.95 7.52 50.81
N ASP W 73 5.83 6.66 51.32
CA ASP W 73 5.50 5.26 51.47
C ASP W 73 4.40 5.04 52.51
N ASP W 74 4.32 5.91 53.51
CA ASP W 74 3.31 5.84 54.56
C ASP W 74 2.06 6.65 54.24
N VAL W 75 1.90 7.13 53.01
CA VAL W 75 0.66 7.75 52.55
C VAL W 75 0.18 6.94 51.36
N ALA W 76 0.99 6.90 50.30
CA ALA W 76 0.87 5.93 49.21
C ALA W 76 -0.49 6.02 48.52
N LEU W 77 -0.76 7.19 47.95
CA LEU W 77 -1.94 7.44 47.15
C LEU W 77 -1.47 8.06 45.83
N GLU W 78 -1.30 7.19 44.84
CA GLU W 78 -0.62 7.57 43.60
C GLU W 78 -1.45 8.56 42.80
N GLY W 79 -2.75 8.31 42.68
CA GLY W 79 -3.62 9.21 41.94
C GLY W 79 -3.71 10.58 42.56
N VAL W 80 -3.64 10.65 43.89
CA VAL W 80 -3.68 11.95 44.57
C VAL W 80 -2.40 12.73 44.31
N SER W 81 -1.25 12.05 44.37
CA SER W 81 0.02 12.69 44.07
C SER W 81 0.03 13.23 42.64
N HIS W 82 -0.44 12.42 41.69
CA HIS W 82 -0.47 12.85 40.30
C HIS W 82 -1.42 14.04 40.10
N PHE W 83 -2.54 14.04 40.81
CA PHE W 83 -3.49 15.14 40.73
C PHE W 83 -2.84 16.46 41.12
N PHE W 84 -2.13 16.47 42.24
CA PHE W 84 -1.48 17.68 42.70
C PHE W 84 -0.23 18.02 41.89
N ARG W 85 0.47 17.01 41.38
CA ARG W 85 1.62 17.29 40.53
C ARG W 85 1.20 17.95 39.22
N GLU W 86 0.06 17.54 38.67
CA GLU W 86 -0.46 18.17 37.47
C GLU W 86 -0.84 19.62 37.72
N LEU W 87 -1.36 19.91 38.92
CA LEU W 87 -1.74 21.28 39.26
C LEU W 87 -0.52 22.18 39.40
N ALA W 88 0.58 21.65 39.93
CA ALA W 88 1.80 22.43 40.02
C ALA W 88 2.27 22.89 38.64
N GLU W 89 2.09 22.03 37.63
CA GLU W 89 2.44 22.42 36.27
C GLU W 89 1.47 23.44 35.72
N GLU W 90 0.18 23.32 36.05
CA GLU W 90 -0.80 24.30 35.61
C GLU W 90 -0.50 25.68 36.20
N LYS W 91 -0.13 25.73 37.48
CA LYS W 91 0.26 27.00 38.08
C LYS W 91 1.55 27.52 37.46
N ARG W 92 2.44 26.62 37.02
CA ARG W 92 3.67 27.05 36.38
C ARG W 92 3.39 27.71 35.04
N GLU W 93 2.53 27.10 34.23
CA GLU W 93 2.09 27.71 32.99
C GLU W 93 1.35 29.02 33.24
N GLY W 94 0.74 29.18 34.41
CA GLY W 94 0.13 30.43 34.81
C GLY W 94 1.10 31.58 34.91
N TYR W 95 2.10 31.48 35.79
CA TYR W 95 3.01 32.61 35.96
C TYR W 95 3.91 32.82 34.75
N GLU W 96 4.14 31.78 33.96
CA GLU W 96 4.89 31.95 32.71
C GLU W 96 4.08 32.78 31.72
N ARG W 97 2.78 32.52 31.62
CA ARG W 97 1.92 33.34 30.78
C ARG W 97 1.87 34.78 31.27
N LEU W 98 1.80 34.97 32.58
CA LEU W 98 1.81 36.31 33.16
C LEU W 98 3.10 37.05 32.83
N LEU W 99 4.24 36.36 32.96
CA LEU W 99 5.53 36.99 32.69
C LEU W 99 5.70 37.32 31.22
N LYS W 100 5.20 36.46 30.33
CA LYS W 100 5.18 36.77 28.90
C LYS W 100 4.36 38.03 28.63
N MET W 101 3.17 38.12 29.23
CA MET W 101 2.32 39.29 29.05
C MET W 101 3.00 40.55 29.58
N GLN W 102 3.64 40.44 30.74
CA GLN W 102 4.34 41.57 31.33
C GLN W 102 5.37 42.15 30.37
N ASN W 103 6.12 41.29 29.69
CA ASN W 103 7.11 41.75 28.72
C ASN W 103 6.44 42.28 27.46
N GLN W 104 5.35 41.66 27.03
CA GLN W 104 4.62 42.13 25.85
C GLN W 104 4.14 43.57 26.03
N ARG W 105 3.74 43.94 27.24
CA ARG W 105 3.19 45.26 27.53
C ARG W 105 4.24 46.26 27.97
N GLY W 106 5.52 45.88 27.97
CA GLY W 106 6.56 46.78 28.40
C GLY W 106 6.73 46.91 29.89
N GLY W 107 6.13 46.02 30.68
CA GLY W 107 6.37 45.98 32.10
C GLY W 107 7.62 45.19 32.43
N ARG W 108 8.01 45.28 33.69
CA ARG W 108 9.28 44.72 34.16
C ARG W 108 9.01 43.78 35.32
N ALA W 109 9.41 42.52 35.15
CA ALA W 109 9.24 41.51 36.17
C ALA W 109 10.14 41.81 37.37
N LEU W 110 9.57 41.73 38.56
CA LEU W 110 10.28 41.89 39.81
C LEU W 110 9.98 40.68 40.68
N PHE W 111 10.98 39.84 40.88
CA PHE W 111 10.81 38.58 41.58
C PHE W 111 11.15 38.75 43.05
N GLN W 112 10.28 38.20 43.90
CA GLN W 112 10.46 38.19 45.34
C GLN W 112 10.64 36.75 45.82
N ASP W 113 10.98 36.62 47.10
CA ASP W 113 11.13 35.30 47.70
C ASP W 113 9.80 34.55 47.66
N ILE W 114 9.88 33.25 47.39
CA ILE W 114 8.72 32.38 47.34
C ILE W 114 8.59 31.71 48.70
N LYS W 115 7.49 32.01 49.39
CA LYS W 115 7.27 31.45 50.72
C LYS W 115 7.04 29.95 50.64
N LYS W 116 7.53 29.25 51.65
CA LYS W 116 7.33 27.81 51.73
C LYS W 116 5.84 27.50 51.94
N PRO W 117 5.42 26.27 51.68
CA PRO W 117 4.02 25.92 51.95
C PRO W 117 3.71 26.00 53.43
N ALA W 118 2.43 26.25 53.73
CA ALA W 118 1.99 26.44 55.11
C ALA W 118 2.13 25.18 55.94
N GLU W 119 2.15 24.01 55.32
CA GLU W 119 2.24 22.74 56.01
C GLU W 119 3.34 21.88 55.39
N ASP W 120 3.97 21.07 56.24
CA ASP W 120 4.87 20.03 55.80
C ASP W 120 4.15 18.71 55.58
N GLU W 121 3.18 18.40 56.43
CA GLU W 121 2.33 17.23 56.31
C GLU W 121 0.89 17.67 56.08
N TRP W 122 0.25 17.07 55.08
CA TRP W 122 -1.04 17.49 54.58
C TRP W 122 -2.18 16.57 54.98
N GLY W 123 -1.96 15.65 55.92
CA GLY W 123 -3.02 14.81 56.42
C GLY W 123 -3.54 13.84 55.37
N LYS W 124 -4.86 13.69 55.36
CA LYS W 124 -5.55 12.77 54.45
C LYS W 124 -6.10 13.54 53.26
N THR W 125 -6.59 12.79 52.27
CA THR W 125 -7.04 13.38 51.02
C THR W 125 -8.11 14.44 51.20
N PRO W 126 -9.12 14.29 52.07
CA PRO W 126 -10.07 15.41 52.27
C PRO W 126 -9.40 16.67 52.80
N ASP W 127 -8.45 16.54 53.72
CA ASP W 127 -7.78 17.72 54.26
C ASP W 127 -6.94 18.39 53.19
N ALA W 128 -6.26 17.60 52.35
CA ALA W 128 -5.44 18.16 51.28
C ALA W 128 -6.29 18.85 50.22
N MET W 129 -7.39 18.22 49.81
CA MET W 129 -8.26 18.82 48.82
C MET W 129 -8.87 20.12 49.33
N LYS W 130 -9.20 20.17 50.62
CA LYS W 130 -9.73 21.41 51.19
C LYS W 130 -8.68 22.52 51.17
N ALA W 131 -7.42 22.19 51.42
CA ALA W 131 -6.36 23.19 51.35
C ALA W 131 -6.15 23.65 49.92
N ALA W 132 -6.18 22.73 48.96
CA ALA W 132 -6.08 23.10 47.56
C ALA W 132 -7.26 23.95 47.13
N MET W 133 -8.44 23.65 47.64
CA MET W 133 -9.62 24.46 47.37
C MET W 133 -9.43 25.89 47.85
N ALA W 134 -8.96 26.05 49.09
CA ALA W 134 -8.74 27.38 49.64
C ALA W 134 -7.68 28.14 48.88
N LEU W 135 -6.66 27.42 48.38
CA LEU W 135 -5.60 28.07 47.60
C LEU W 135 -6.14 28.58 46.28
N GLU W 136 -6.93 27.77 45.57
CA GLU W 136 -7.47 28.19 44.29
C GLU W 136 -8.45 29.35 44.45
N LYS W 137 -9.22 29.36 45.54
CA LYS W 137 -10.10 30.49 45.81
C LYS W 137 -9.32 31.77 46.06
N LYS W 138 -8.19 31.66 46.76
CA LYS W 138 -7.32 32.82 46.96
C LYS W 138 -6.76 33.32 45.64
N LEU W 139 -6.33 32.41 44.77
CA LEU W 139 -5.86 32.79 43.45
C LEU W 139 -6.98 33.43 42.64
N ASN W 140 -8.18 32.86 42.72
CA ASN W 140 -9.32 33.41 41.99
C ASN W 140 -9.64 34.82 42.47
N GLN W 141 -9.58 35.05 43.78
CA GLN W 141 -9.86 36.37 44.30
C GLN W 141 -8.82 37.39 43.86
N ALA W 142 -7.56 36.97 43.75
CA ALA W 142 -6.52 37.84 43.25
C ALA W 142 -6.73 38.16 41.77
N LEU W 143 -7.16 37.17 40.99
CA LEU W 143 -7.45 37.40 39.58
C LEU W 143 -8.60 38.38 39.41
N LEU W 144 -9.66 38.22 40.19
CA LEU W 144 -10.81 39.10 40.08
C LEU W 144 -10.46 40.52 40.53
N ASP W 145 -9.59 40.64 41.54
CA ASP W 145 -9.15 41.96 41.96
C ASP W 145 -8.29 42.62 40.89
N LEU W 146 -7.44 41.85 40.22
CA LEU W 146 -6.62 42.42 39.14
C LEU W 146 -7.49 42.84 37.97
N HIS W 147 -8.51 42.05 37.64
CA HIS W 147 -9.46 42.44 36.61
C HIS W 147 -10.17 43.73 36.97
N ALA W 148 -10.59 43.85 38.24
CA ALA W 148 -11.23 45.07 38.69
C ALA W 148 -10.28 46.25 38.63
N LEU W 149 -9.00 46.03 38.93
CA LEU W 149 -8.02 47.09 38.82
C LEU W 149 -7.83 47.50 37.35
N GLY W 150 -7.71 46.52 36.46
CA GLY W 150 -7.56 46.83 35.05
C GLY W 150 -8.74 47.57 34.48
N SER W 151 -9.95 47.22 34.92
CA SER W 151 -11.13 47.94 34.49
C SER W 151 -11.13 49.38 34.99
N ALA W 152 -10.74 49.59 36.26
CA ALA W 152 -10.66 50.93 36.80
C ALA W 152 -9.61 51.77 36.08
N ARG W 153 -8.51 51.14 35.67
CA ARG W 153 -7.45 51.80 34.93
C ARG W 153 -7.67 51.77 33.42
N THR W 154 -8.77 51.18 32.95
CA THR W 154 -9.10 51.12 31.53
C THR W 154 -8.00 50.42 30.74
N ASP W 155 -7.80 49.14 31.07
CA ASP W 155 -6.79 48.28 30.45
C ASP W 155 -7.50 47.05 29.87
N PRO W 156 -8.08 47.18 28.67
CA PRO W 156 -8.86 46.06 28.13
C PRO W 156 -8.03 44.86 27.71
N HIS W 157 -6.79 45.04 27.29
CA HIS W 157 -5.94 43.90 26.97
C HIS W 157 -5.73 43.02 28.20
N LEU W 158 -5.46 43.64 29.35
CA LEU W 158 -5.29 42.87 30.58
C LEU W 158 -6.57 42.13 30.92
N CYS W 159 -7.69 42.83 30.91
CA CYS W 159 -8.97 42.23 31.29
C CYS W 159 -9.32 41.05 30.41
N ASP W 160 -9.12 41.17 29.10
CA ASP W 160 -9.40 40.07 28.21
C ASP W 160 -8.37 38.96 28.34
N PHE W 161 -7.13 39.31 28.69
CA PHE W 161 -6.09 38.31 28.90
C PHE W 161 -6.45 37.40 30.07
N LEU W 162 -6.92 37.98 31.17
CA LEU W 162 -7.34 37.18 32.32
C LEU W 162 -8.60 36.38 31.99
N GLU W 163 -9.53 36.97 31.26
CA GLU W 163 -10.76 36.28 30.88
C GLU W 163 -10.47 35.08 30.00
N THR W 164 -9.49 35.20 29.12
CA THR W 164 -9.22 34.16 28.14
C THR W 164 -8.45 32.99 28.73
N HIS W 165 -7.52 33.27 29.66
CA HIS W 165 -6.54 32.29 30.09
C HIS W 165 -6.66 31.86 31.55
N PHE W 166 -7.29 32.65 32.41
CA PHE W 166 -7.25 32.42 33.85
C PHE W 166 -8.62 32.22 34.49
N LEU W 167 -9.59 33.09 34.22
CA LEU W 167 -10.82 33.12 35.00
C LEU W 167 -11.63 31.84 34.85
N ASP W 168 -11.79 31.35 33.62
CA ASP W 168 -12.56 30.14 33.41
C ASP W 168 -11.80 28.91 33.90
N GLU W 169 -10.48 28.92 33.77
CA GLU W 169 -9.66 27.83 34.28
C GLU W 169 -9.87 27.64 35.78
N GLU W 170 -9.92 28.75 36.53
CA GLU W 170 -10.09 28.66 37.97
C GLU W 170 -11.50 28.20 38.33
N VAL W 171 -12.51 28.71 37.63
CA VAL W 171 -13.89 28.30 37.87
C VAL W 171 -14.05 26.81 37.65
N LYS W 172 -13.45 26.29 36.56
CA LYS W 172 -13.54 24.87 36.27
C LYS W 172 -12.83 24.04 37.34
N LEU W 173 -11.65 24.49 37.76
CA LEU W 173 -10.88 23.74 38.74
C LEU W 173 -11.55 23.73 40.10
N ILE W 174 -12.09 24.88 40.51
CA ILE W 174 -12.78 24.96 41.79
C ILE W 174 -14.01 24.06 41.78
N LYS W 175 -14.69 23.96 40.64
CA LYS W 175 -15.82 23.05 40.50
C LYS W 175 -15.39 21.60 40.67
N LYS W 176 -14.29 21.22 40.01
CA LYS W 176 -13.81 19.84 40.11
C LYS W 176 -13.40 19.49 41.53
N MET W 177 -12.72 20.41 42.22
CA MET W 177 -12.33 20.17 43.60
C MET W 177 -13.56 20.03 44.50
N GLY W 178 -14.58 20.85 44.25
CA GLY W 178 -15.82 20.72 45.00
C GLY W 178 -16.49 19.39 44.77
N ASP W 179 -16.45 18.90 43.53
CA ASP W 179 -16.99 17.58 43.23
C ASP W 179 -16.22 16.50 43.99
N HIS W 180 -14.88 16.61 44.00
CA HIS W 180 -14.05 15.65 44.73
C HIS W 180 -14.37 15.66 46.22
N LEU W 181 -14.52 16.85 46.80
CA LEU W 181 -14.81 16.94 48.22
C LEU W 181 -16.17 16.35 48.58
N THR W 182 -17.15 16.49 47.69
CA THR W 182 -18.47 15.93 47.93
C THR W 182 -18.40 14.40 47.91
N ASN W 183 -17.69 13.83 46.94
CA ASN W 183 -17.54 12.39 46.87
C ASN W 183 -16.71 11.87 48.04
N LEU W 184 -15.68 12.60 48.45
CA LEU W 184 -14.88 12.18 49.60
C LEU W 184 -15.71 12.19 50.88
N HIS W 185 -16.58 13.19 51.02
CA HIS W 185 -17.48 13.23 52.17
C HIS W 185 -18.50 12.10 52.11
N ARG W 186 -18.97 11.78 50.90
CA ARG W 186 -19.87 10.66 50.70
C ARG W 186 -19.20 9.34 51.08
N LEU W 187 -17.90 9.22 50.80
CA LEU W 187 -17.12 8.04 51.12
C LEU W 187 -16.50 8.09 52.51
N GLY W 188 -16.96 9.01 53.37
CA GLY W 188 -16.41 9.15 54.70
C GLY W 188 -16.99 8.14 55.65
N GLY W 189 -16.88 8.46 56.94
CA GLY W 189 -17.40 7.61 57.99
C GLY W 189 -16.35 6.67 58.55
N PRO W 190 -16.77 5.60 59.22
CA PRO W 190 -15.77 4.65 59.76
C PRO W 190 -15.06 3.85 58.69
N GLU W 191 -15.56 3.82 57.46
CA GLU W 191 -14.88 3.23 56.32
C GLU W 191 -14.07 4.25 55.54
N ALA W 192 -13.53 5.27 56.22
CA ALA W 192 -12.87 6.37 55.53
C ALA W 192 -11.63 5.89 54.77
N GLY W 193 -10.86 4.99 55.38
CA GLY W 193 -9.68 4.46 54.69
C GLY W 193 -10.05 3.71 53.42
N LEU W 194 -11.08 2.88 53.50
CA LEU W 194 -11.60 2.21 52.32
C LEU W 194 -12.09 3.23 51.29
N GLY W 195 -12.80 4.26 51.75
CA GLY W 195 -13.26 5.30 50.84
C GLY W 195 -12.11 6.04 50.19
N GLU W 196 -11.06 6.33 50.96
CA GLU W 196 -9.89 7.01 50.42
C GLU W 196 -9.23 6.19 49.32
N TYR W 197 -9.10 4.88 49.53
CA TYR W 197 -8.52 4.00 48.53
C TYR W 197 -9.37 3.97 47.25
N LEU W 198 -10.68 3.81 47.41
CA LEU W 198 -11.56 3.72 46.24
C LEU W 198 -11.61 5.02 45.46
N PHE W 199 -11.59 6.16 46.15
CA PHE W 199 -11.56 7.44 45.45
C PHE W 199 -10.31 7.55 44.59
N GLU W 200 -9.16 7.21 45.15
CA GLU W 200 -7.91 7.29 44.40
C GLU W 200 -7.90 6.32 43.24
N ARG W 201 -8.47 5.12 43.43
CA ARG W 201 -8.45 4.10 42.39
C ARG W 201 -9.43 4.43 41.26
N LEU W 202 -10.64 4.88 41.58
CA LEU W 202 -11.73 4.95 40.61
C LEU W 202 -12.07 6.35 40.12
N THR W 203 -11.63 7.40 40.81
CA THR W 203 -11.81 8.77 40.33
C THR W 203 -10.50 9.41 39.87
N LEU W 204 -9.43 9.28 40.65
CA LEU W 204 -8.17 9.95 40.37
C LEU W 204 -7.15 9.07 39.67
N ARG W 205 -7.41 7.77 39.51
CA ARG W 205 -6.44 6.84 38.96
C ARG W 205 -5.19 6.81 39.83
N SER X 34 53.15 33.18 -7.25
CA SER X 34 53.62 32.30 -6.19
C SER X 34 52.42 31.69 -5.47
N SER X 35 51.73 30.78 -6.15
CA SER X 35 50.55 30.17 -5.57
C SER X 35 50.95 29.31 -4.36
N GLN X 36 50.20 29.49 -3.27
CA GLN X 36 50.52 28.78 -2.03
C GLN X 36 50.35 27.27 -2.18
N ILE X 37 49.43 26.82 -3.03
CA ILE X 37 49.16 25.40 -3.18
C ILE X 37 50.03 24.71 -4.22
N ARG X 38 50.74 25.47 -5.05
CA ARG X 38 51.45 24.90 -6.19
C ARG X 38 52.59 24.01 -5.71
N GLN X 39 52.62 22.79 -6.22
CA GLN X 39 53.63 21.82 -5.83
C GLN X 39 53.94 20.94 -7.03
N ASN X 40 55.15 21.09 -7.57
CA ASN X 40 55.64 20.30 -8.69
C ASN X 40 54.70 20.39 -9.90
N TYR X 41 54.31 21.62 -10.23
CA TYR X 41 53.47 21.92 -11.39
C TYR X 41 54.25 22.84 -12.32
N SER X 42 54.78 22.26 -13.39
CA SER X 42 55.62 22.98 -14.34
C SER X 42 54.86 24.09 -15.04
N THR X 43 55.56 25.19 -15.29
CA THR X 43 55.00 26.27 -16.10
C THR X 43 54.76 25.82 -17.53
N ASP X 44 55.62 24.93 -18.05
CA ASP X 44 55.38 24.35 -19.38
C ASP X 44 54.07 23.59 -19.42
N VAL X 45 53.79 22.81 -18.37
CA VAL X 45 52.53 22.08 -18.30
C VAL X 45 51.36 23.06 -18.15
N GLU X 46 51.53 24.08 -17.31
CA GLU X 46 50.48 25.09 -17.13
C GLU X 46 50.11 25.74 -18.46
N ALA X 47 51.12 26.10 -19.25
CA ALA X 47 50.87 26.72 -20.54
C ALA X 47 50.20 25.75 -21.51
N ALA X 48 50.71 24.51 -21.56
CA ALA X 48 50.14 23.51 -22.45
C ALA X 48 48.68 23.19 -22.10
N VAL X 49 48.33 23.24 -20.82
CA VAL X 49 46.94 23.03 -20.43
C VAL X 49 46.06 24.15 -20.96
N ASN X 50 46.52 25.40 -20.85
CA ASN X 50 45.75 26.53 -21.36
C ASN X 50 45.60 26.47 -22.87
N SER X 51 46.62 25.99 -23.58
CA SER X 51 46.50 25.81 -25.01
C SER X 51 45.49 24.71 -25.35
N LEU X 52 45.47 23.65 -24.56
CA LEU X 52 44.49 22.58 -24.76
C LEU X 52 43.08 23.05 -24.44
N VAL X 53 42.94 23.95 -23.46
CA VAL X 53 41.65 24.56 -23.18
C VAL X 53 41.14 25.32 -24.40
N ASN X 54 42.04 26.05 -25.08
CA ASN X 54 41.67 26.79 -26.28
C ASN X 54 41.26 25.85 -27.40
N LEU X 55 42.00 24.75 -27.58
CA LEU X 55 41.67 23.78 -28.61
C LEU X 55 40.30 23.15 -28.37
N TYR X 56 39.96 22.91 -27.09
CA TYR X 56 38.67 22.34 -26.77
C TYR X 56 37.55 23.36 -26.94
N LEU X 57 37.81 24.62 -26.60
CA LEU X 57 36.85 25.69 -26.87
C LEU X 57 36.58 25.80 -28.37
N GLN X 58 37.64 25.73 -29.16
CA GLN X 58 37.50 25.77 -30.61
C GLN X 58 36.76 24.55 -31.13
N ALA X 59 37.00 23.37 -30.52
CA ALA X 59 36.31 22.16 -30.94
C ALA X 59 34.82 22.23 -30.65
N SER X 60 34.45 22.69 -29.46
CA SER X 60 33.05 22.88 -29.13
C SER X 60 32.37 23.84 -30.10
N TYR X 61 33.07 24.91 -30.48
CA TYR X 61 32.51 25.90 -31.39
C TYR X 61 32.32 25.33 -32.78
N THR X 62 33.24 24.48 -33.23
CA THR X 62 33.10 23.81 -34.52
C THR X 62 31.90 22.88 -34.52
N TYR X 63 31.68 22.14 -33.43
CA TYR X 63 30.54 21.25 -33.35
C TYR X 63 29.23 22.01 -33.18
N LEU X 64 29.28 23.20 -32.60
CA LEU X 64 28.11 24.07 -32.60
C LEU X 64 27.68 24.39 -34.02
N SER X 65 28.63 24.81 -34.86
CA SER X 65 28.34 25.14 -36.25
C SER X 65 27.84 23.93 -37.01
N LEU X 66 28.46 22.77 -36.80
CA LEU X 66 28.03 21.54 -37.47
C LEU X 66 26.60 21.20 -37.10
N GLY X 67 26.26 21.29 -35.80
CA GLY X 67 24.92 20.94 -35.36
C GLY X 67 23.85 21.82 -35.96
N PHE X 68 24.10 23.11 -36.08
CA PHE X 68 23.11 24.04 -36.61
C PHE X 68 23.09 24.05 -38.13
N TYR X 69 24.17 23.62 -38.77
CA TYR X 69 24.15 23.44 -40.21
C TYR X 69 23.20 22.31 -40.61
N PHE X 70 23.24 21.20 -39.88
CA PHE X 70 22.35 20.08 -40.15
C PHE X 70 20.94 20.29 -39.61
N ASP X 71 20.69 21.37 -38.89
CA ASP X 71 19.35 21.83 -38.54
C ASP X 71 18.76 22.78 -39.59
N ARG X 72 19.54 23.18 -40.58
CA ARG X 72 19.03 24.01 -41.66
C ARG X 72 17.91 23.29 -42.41
N ASP X 73 16.97 24.08 -42.94
CA ASP X 73 15.84 23.50 -43.64
C ASP X 73 16.25 22.79 -44.92
N ASP X 74 17.32 23.25 -45.57
CA ASP X 74 17.83 22.66 -46.79
C ASP X 74 18.90 21.60 -46.55
N VAL X 75 19.09 21.16 -45.31
CA VAL X 75 19.94 20.01 -44.99
C VAL X 75 19.05 18.98 -44.29
N ALA X 76 18.50 19.37 -43.15
CA ALA X 76 17.38 18.67 -42.51
C ALA X 76 17.72 17.21 -42.20
N LEU X 77 18.74 17.04 -41.36
CA LEU X 77 19.14 15.75 -40.82
C LEU X 77 19.23 15.88 -39.31
N GLU X 78 18.14 15.52 -38.65
CA GLU X 78 17.96 15.80 -37.24
C GLU X 78 18.93 14.99 -36.38
N GLY X 79 19.09 13.71 -36.68
CA GLY X 79 20.01 12.89 -35.92
C GLY X 79 21.45 13.33 -36.05
N VAL X 80 21.83 13.85 -37.21
CA VAL X 80 23.19 14.34 -37.41
C VAL X 80 23.41 15.60 -36.59
N SER X 81 22.45 16.52 -36.59
CA SER X 81 22.55 17.73 -35.78
C SER X 81 22.68 17.39 -34.30
N HIS X 82 21.87 16.44 -33.82
CA HIS X 82 21.92 16.05 -32.43
C HIS X 82 23.25 15.39 -32.09
N PHE X 83 23.80 14.61 -33.01
CA PHE X 83 25.09 13.96 -32.80
C PHE X 83 26.18 14.99 -32.55
N PHE X 84 26.24 16.03 -33.39
CA PHE X 84 27.25 17.05 -33.24
C PHE X 84 26.96 17.99 -32.08
N ARG X 85 25.69 18.23 -31.78
CA ARG X 85 25.35 19.07 -30.63
C ARG X 85 25.77 18.39 -29.33
N GLU X 86 25.63 17.06 -29.25
CA GLU X 86 26.07 16.35 -28.07
C GLU X 86 27.58 16.41 -27.91
N LEU X 87 28.31 16.40 -29.03
CA LEU X 87 29.77 16.47 -28.97
C LEU X 87 30.23 17.85 -28.50
N ALA X 88 29.53 18.91 -28.88
CA ALA X 88 29.87 20.24 -28.40
C ALA X 88 29.79 20.31 -26.88
N GLU X 89 28.82 19.62 -26.29
CA GLU X 89 28.72 19.57 -24.84
C GLU X 89 29.83 18.73 -24.23
N GLU X 90 30.21 17.63 -24.89
CA GLU X 90 31.32 16.82 -24.41
C GLU X 90 32.63 17.61 -24.42
N LYS X 91 32.87 18.39 -25.47
CA LYS X 91 34.05 19.24 -25.48
C LYS X 91 33.97 20.33 -24.43
N ARG X 92 32.75 20.79 -24.11
CA ARG X 92 32.57 21.80 -23.08
C ARG X 92 32.94 21.24 -21.70
N GLU X 93 32.45 20.04 -21.40
CA GLU X 93 32.86 19.37 -20.16
C GLU X 93 34.35 19.08 -20.14
N GLY X 94 34.98 18.95 -21.30
CA GLY X 94 36.41 18.82 -21.40
C GLY X 94 37.18 20.01 -20.87
N TYR X 95 36.99 21.19 -21.44
CA TYR X 95 37.77 22.33 -21.00
C TYR X 95 37.37 22.79 -19.61
N GLU X 96 36.14 22.51 -19.17
CA GLU X 96 35.76 22.81 -17.81
C GLU X 96 36.52 21.93 -16.81
N ARG X 97 36.68 20.64 -17.14
CA ARG X 97 37.50 19.76 -16.32
C ARG X 97 38.95 20.22 -16.29
N LEU X 98 39.48 20.64 -17.44
CA LEU X 98 40.85 21.15 -17.50
C LEU X 98 41.02 22.40 -16.65
N LEU X 99 40.06 23.32 -16.71
CA LEU X 99 40.15 24.55 -15.94
C LEU X 99 40.03 24.29 -14.44
N LYS X 100 39.18 23.33 -14.05
CA LYS X 100 39.11 22.90 -12.65
C LYS X 100 40.47 22.36 -12.19
N MET X 101 41.09 21.49 -13.00
CA MET X 101 42.38 20.93 -12.65
C MET X 101 43.45 22.02 -12.55
N GLN X 102 43.42 22.98 -13.48
CA GLN X 102 44.38 24.07 -13.46
C GLN X 102 44.34 24.82 -12.14
N ASN X 103 43.14 25.08 -11.62
CA ASN X 103 43.00 25.76 -10.34
C ASN X 103 43.39 24.85 -9.17
N GLN X 104 43.06 23.56 -9.27
CA GLN X 104 43.44 22.61 -8.22
C GLN X 104 44.95 22.57 -8.02
N ARG X 105 45.71 22.68 -9.10
CA ARG X 105 47.17 22.59 -9.06
C ARG X 105 47.86 23.93 -8.86
N GLY X 106 47.10 25.01 -8.67
CA GLY X 106 47.69 26.32 -8.50
C GLY X 106 48.13 26.99 -9.77
N GLY X 107 47.70 26.50 -10.93
CA GLY X 107 47.94 27.19 -12.17
C GLY X 107 46.91 28.26 -12.43
N ARG X 108 47.18 29.06 -13.45
CA ARG X 108 46.38 30.24 -13.75
C ARG X 108 45.88 30.18 -15.19
N ALA X 109 44.56 30.18 -15.34
CA ALA X 109 43.95 30.14 -16.66
C ALA X 109 44.23 31.44 -17.42
N LEU X 110 44.64 31.29 -18.68
CA LEU X 110 44.87 32.41 -19.58
C LEU X 110 44.07 32.14 -20.85
N PHE X 111 43.03 32.93 -21.06
CA PHE X 111 42.11 32.72 -22.16
C PHE X 111 42.53 33.56 -23.37
N GLN X 112 42.51 32.93 -24.52
CA GLN X 112 42.80 33.57 -25.79
C GLN X 112 41.55 33.55 -26.67
N ASP X 113 41.64 34.28 -27.79
CA ASP X 113 40.54 34.31 -28.74
C ASP X 113 40.27 32.91 -29.29
N ILE X 114 38.99 32.59 -29.47
CA ILE X 114 38.55 31.31 -30.00
C ILE X 114 38.32 31.49 -31.49
N LYS X 115 39.12 30.79 -32.30
CA LYS X 115 39.01 30.90 -33.74
C LYS X 115 37.69 30.32 -34.23
N LYS X 116 37.14 30.94 -35.27
CA LYS X 116 35.92 30.45 -35.87
C LYS X 116 36.17 29.10 -36.53
N PRO X 117 35.11 28.33 -36.80
CA PRO X 117 35.31 27.07 -37.52
C PRO X 117 35.85 27.30 -38.92
N ALA X 118 36.55 26.29 -39.42
CA ALA X 118 37.22 26.39 -40.71
C ALA X 118 36.24 26.51 -41.87
N GLU X 119 35.01 26.04 -41.69
CA GLU X 119 33.99 26.08 -42.73
C GLU X 119 32.70 26.66 -42.18
N ASP X 120 31.97 27.33 -43.06
CA ASP X 120 30.61 27.78 -42.77
C ASP X 120 29.59 26.74 -43.20
N GLU X 121 29.82 26.07 -44.32
CA GLU X 121 28.99 24.98 -44.81
C GLU X 121 29.81 23.69 -44.81
N TRP X 122 29.21 22.64 -44.27
CA TRP X 122 29.89 21.38 -44.00
C TRP X 122 29.51 20.26 -44.95
N GLY X 123 28.83 20.57 -46.06
CA GLY X 123 28.54 19.57 -47.05
C GLY X 123 27.57 18.52 -46.55
N LYS X 124 27.83 17.28 -46.93
CA LYS X 124 27.00 16.13 -46.58
C LYS X 124 27.58 15.41 -45.36
N THR X 125 26.80 14.46 -44.85
CA THR X 125 27.18 13.77 -43.62
C THR X 125 28.55 13.08 -43.70
N PRO X 126 28.95 12.43 -44.79
CA PRO X 126 30.31 11.89 -44.83
C PRO X 126 31.38 12.96 -44.73
N ASP X 127 31.20 14.10 -45.37
CA ASP X 127 32.18 15.18 -45.30
C ASP X 127 32.26 15.74 -43.89
N ALA X 128 31.12 15.89 -43.22
CA ALA X 128 31.09 16.41 -41.87
C ALA X 128 31.73 15.44 -40.88
N MET X 129 31.41 14.16 -41.00
CA MET X 129 31.99 13.16 -40.10
C MET X 129 33.50 13.08 -40.29
N LYS X 130 33.98 13.22 -41.53
CA LYS X 130 35.42 13.21 -41.76
C LYS X 130 36.10 14.41 -41.11
N ALA X 131 35.45 15.58 -41.14
CA ALA X 131 36.00 16.75 -40.48
C ALA X 131 36.01 16.58 -38.96
N ALA X 132 34.93 16.02 -38.41
CA ALA X 132 34.89 15.73 -36.98
C ALA X 132 35.94 14.69 -36.60
N MET X 133 36.17 13.71 -37.46
CA MET X 133 37.23 12.73 -37.23
C MET X 133 38.58 13.41 -37.14
N ALA X 134 38.90 14.28 -38.10
CA ALA X 134 40.17 14.98 -38.12
C ALA X 134 40.33 15.87 -36.89
N LEU X 135 39.23 16.46 -36.43
CA LEU X 135 39.28 17.32 -35.25
C LEU X 135 39.60 16.50 -34.01
N GLU X 136 38.93 15.36 -33.83
CA GLU X 136 39.18 14.54 -32.66
C GLU X 136 40.59 13.96 -32.66
N LYS X 137 41.12 13.62 -33.84
CA LYS X 137 42.50 13.16 -33.92
C LYS X 137 43.47 14.26 -33.52
N LYS X 138 43.19 15.50 -33.91
CA LYS X 138 44.03 16.63 -33.50
C LYS X 138 43.96 16.82 -31.99
N LEU X 139 42.77 16.71 -31.41
CA LEU X 139 42.65 16.78 -29.95
C LEU X 139 43.39 15.64 -29.28
N ASN X 140 43.28 14.43 -29.84
CA ASN X 140 43.96 13.27 -29.28
C ASN X 140 45.48 13.46 -29.32
N GLN X 141 46.00 14.01 -30.41
CA GLN X 141 47.43 14.23 -30.52
C GLN X 141 47.91 15.27 -29.52
N ALA X 142 47.09 16.29 -29.25
CA ALA X 142 47.43 17.28 -28.24
C ALA X 142 47.42 16.66 -26.85
N LEU X 143 46.46 15.77 -26.58
CA LEU X 143 46.41 15.09 -25.28
C LEU X 143 47.64 14.21 -25.09
N LEU X 144 48.02 13.47 -26.11
CA LEU X 144 49.18 12.58 -26.01
C LEU X 144 50.46 13.38 -25.85
N ASP X 145 50.55 14.53 -26.52
CA ASP X 145 51.72 15.39 -26.35
C ASP X 145 51.77 15.97 -24.94
N LEU X 146 50.63 16.34 -24.37
CA LEU X 146 50.62 16.86 -23.01
C LEU X 146 51.00 15.77 -22.01
N HIS X 147 50.52 14.55 -22.23
CA HIS X 147 50.92 13.42 -21.39
C HIS X 147 52.43 13.19 -21.48
N ALA X 148 52.98 13.26 -22.68
CA ALA X 148 54.42 13.11 -22.85
C ALA X 148 55.18 14.23 -22.17
N LEU X 149 54.63 15.45 -22.19
CA LEU X 149 55.26 16.55 -21.48
C LEU X 149 55.21 16.33 -19.98
N GLY X 150 54.06 15.91 -19.46
CA GLY X 150 53.93 15.65 -18.04
C GLY X 150 54.85 14.55 -17.57
N SER X 151 55.03 13.52 -18.39
CA SER X 151 55.96 12.45 -18.05
C SER X 151 57.40 12.96 -18.02
N ALA X 152 57.78 13.77 -19.01
CA ALA X 152 59.12 14.35 -19.03
C ALA X 152 59.36 15.26 -17.83
N ARG X 153 58.33 15.98 -17.40
CA ARG X 153 58.42 16.85 -16.24
C ARG X 153 58.08 16.14 -14.94
N THR X 154 57.78 14.84 -14.97
CA THR X 154 57.48 14.05 -13.79
C THR X 154 56.28 14.63 -13.03
N ASP X 155 55.14 14.62 -13.71
CA ASP X 155 53.87 15.14 -13.19
C ASP X 155 52.83 14.01 -13.24
N PRO X 156 52.83 13.12 -12.25
CA PRO X 156 51.93 11.96 -12.33
C PRO X 156 50.46 12.30 -12.14
N HIS X 157 50.12 13.34 -11.39
CA HIS X 157 48.73 13.75 -11.28
C HIS X 157 48.17 14.15 -12.63
N LEU X 158 48.92 14.92 -13.41
CA LEU X 158 48.47 15.31 -14.74
C LEU X 158 48.30 14.09 -15.62
N CYS X 159 49.29 13.22 -15.65
CA CYS X 159 49.26 12.04 -16.52
C CYS X 159 48.07 11.16 -16.20
N ASP X 160 47.79 10.92 -14.92
CA ASP X 160 46.65 10.11 -14.54
C ASP X 160 45.33 10.85 -14.79
N PHE X 161 45.35 12.17 -14.67
CA PHE X 161 44.16 12.97 -14.93
C PHE X 161 43.73 12.82 -16.39
N LEU X 162 44.67 12.89 -17.32
CA LEU X 162 44.37 12.70 -18.73
C LEU X 162 43.96 11.26 -19.02
N GLU X 163 44.63 10.30 -18.39
CA GLU X 163 44.29 8.90 -18.58
C GLU X 163 42.88 8.59 -18.12
N THR X 164 42.45 9.22 -17.02
CA THR X 164 41.18 8.89 -16.41
C THR X 164 40.01 9.53 -17.16
N HIS X 165 40.19 10.75 -17.67
CA HIS X 165 39.09 11.57 -18.14
C HIS X 165 39.10 11.84 -19.64
N PHE X 166 40.24 11.75 -20.32
CA PHE X 166 40.37 12.21 -21.70
C PHE X 166 40.78 11.12 -22.68
N LEU X 167 41.83 10.35 -22.38
CA LEU X 167 42.44 9.50 -23.40
C LEU X 167 41.49 8.41 -23.89
N ASP X 168 40.80 7.74 -22.97
CA ASP X 168 39.88 6.68 -23.38
C ASP X 168 38.64 7.26 -24.05
N GLU X 169 38.19 8.43 -23.60
CA GLU X 169 37.06 9.10 -24.23
C GLU X 169 37.34 9.37 -25.70
N GLU X 170 38.54 9.82 -26.02
CA GLU X 170 38.88 10.12 -27.41
C GLU X 170 39.00 8.86 -28.23
N VAL X 171 39.61 7.81 -27.68
CA VAL X 171 39.75 6.55 -28.38
C VAL X 171 38.38 5.97 -28.72
N LYS X 172 37.45 6.03 -27.76
CA LYS X 172 36.10 5.53 -27.99
C LYS X 172 35.38 6.35 -29.06
N LEU X 173 35.52 7.67 -29.00
CA LEU X 173 34.82 8.53 -29.95
C LEU X 173 35.37 8.38 -31.35
N ILE X 174 36.69 8.28 -31.48
CA ILE X 174 37.31 8.09 -32.79
C ILE X 174 36.88 6.76 -33.39
N LYS X 175 36.72 5.74 -32.54
CA LYS X 175 36.23 4.44 -33.00
C LYS X 175 34.81 4.56 -33.55
N LYS X 176 33.94 5.26 -32.80
CA LYS X 176 32.55 5.41 -33.23
C LYS X 176 32.45 6.19 -34.54
N MET X 177 33.23 7.25 -34.69
CA MET X 177 33.23 8.01 -35.93
C MET X 177 33.73 7.15 -37.09
N GLY X 178 34.75 6.33 -36.85
CA GLY X 178 35.22 5.42 -37.88
C GLY X 178 34.16 4.42 -38.28
N ASP X 179 33.39 3.92 -37.31
CA ASP X 179 32.28 3.03 -37.62
C ASP X 179 31.23 3.75 -38.47
N HIS X 180 30.91 4.99 -38.12
CA HIS X 180 29.95 5.78 -38.88
C HIS X 180 30.42 5.99 -40.31
N LEU X 181 31.71 6.32 -40.49
CA LEU X 181 32.24 6.55 -41.82
C LEU X 181 32.22 5.29 -42.67
N THR X 182 32.46 4.12 -42.07
CA THR X 182 32.41 2.87 -42.81
C THR X 182 31.00 2.58 -43.29
N ASN X 183 30.01 2.77 -42.41
CA ASN X 183 28.62 2.55 -42.80
C ASN X 183 28.17 3.58 -43.83
N LEU X 184 28.61 4.83 -43.71
CA LEU X 184 28.25 5.84 -44.70
C LEU X 184 28.85 5.51 -46.05
N HIS X 185 30.08 5.00 -46.07
CA HIS X 185 30.69 4.57 -47.32
C HIS X 185 29.96 3.35 -47.89
N ARG X 186 29.52 2.45 -47.02
CA ARG X 186 28.73 1.31 -47.45
C ARG X 186 27.42 1.75 -48.06
N LEU X 187 26.82 2.81 -47.52
CA LEU X 187 25.57 3.36 -48.01
C LEU X 187 25.77 4.40 -49.11
N GLY X 188 26.96 4.48 -49.68
CA GLY X 188 27.25 5.46 -50.71
C GLY X 188 26.74 5.02 -52.07
N GLY X 189 27.31 5.62 -53.11
CA GLY X 189 26.97 5.30 -54.46
C GLY X 189 25.92 6.23 -55.03
N PRO X 190 25.24 5.84 -56.11
CA PRO X 190 24.19 6.70 -56.67
C PRO X 190 22.95 6.82 -55.78
N GLU X 191 22.80 5.93 -54.80
CA GLU X 191 21.74 6.04 -53.79
C GLU X 191 22.22 6.76 -52.54
N ALA X 192 23.15 7.70 -52.68
CA ALA X 192 23.77 8.33 -51.52
C ALA X 192 22.75 9.10 -50.69
N GLY X 193 21.82 9.80 -51.34
CA GLY X 193 20.79 10.51 -50.60
C GLY X 193 19.92 9.58 -49.79
N LEU X 194 19.49 8.48 -50.40
CA LEU X 194 18.77 7.46 -49.68
C LEU X 194 19.60 6.90 -48.53
N GLY X 195 20.88 6.64 -48.78
CA GLY X 195 21.76 6.16 -47.72
C GLY X 195 21.90 7.16 -46.60
N GLU X 196 22.01 8.45 -46.93
CA GLU X 196 22.13 9.49 -45.91
C GLU X 196 20.89 9.54 -45.03
N TYR X 197 19.70 9.42 -45.63
CA TYR X 197 18.47 9.41 -44.87
C TYR X 197 18.39 8.20 -43.94
N LEU X 198 18.71 7.02 -44.45
CA LEU X 198 18.62 5.80 -43.65
C LEU X 198 19.63 5.80 -42.51
N PHE X 199 20.84 6.31 -42.75
CA PHE X 199 21.82 6.40 -41.68
C PHE X 199 21.31 7.28 -40.54
N GLU X 200 20.76 8.44 -40.88
CA GLU X 200 20.25 9.35 -39.87
C GLU X 200 19.06 8.74 -39.13
N ARG X 201 18.21 8.01 -39.84
CA ARG X 201 17.01 7.44 -39.24
C ARG X 201 17.34 6.25 -38.34
N LEU X 202 18.22 5.35 -38.79
CA LEU X 202 18.39 4.05 -38.16
C LEU X 202 19.66 3.89 -37.33
N THR X 203 20.66 4.76 -37.49
CA THR X 203 21.85 4.77 -36.65
C THR X 203 21.89 5.95 -35.69
N LEU X 204 21.62 7.16 -36.18
CA LEU X 204 21.75 8.37 -35.38
C LEU X 204 20.45 8.86 -34.78
N ARG X 205 19.31 8.27 -35.14
CA ARG X 205 18.01 8.76 -34.71
C ARG X 205 17.80 10.20 -35.20
#